data_8SNH
#
_entry.id   8SNH
#
_cell.length_a   1.00
_cell.length_b   1.00
_cell.length_c   1.00
_cell.angle_alpha   90.00
_cell.angle_beta   90.00
_cell.angle_gamma   90.00
#
_symmetry.space_group_name_H-M   'P 1'
#
loop_
_entity.id
_entity.type
_entity.pdbx_description
1 polymer 'cytochrome-c oxidase'
2 polymer 'Ubiquinol-cytochrome c reductase iron-sulfur subunit'
3 polymer 'Cytochrome b'
4 polymer 'Cytochrome c1'
5 polymer 'Cytochrome c4'
6 polymer 'Cytochrome C5'
7 polymer 'Cbb3-type Cytochrome C oxidase subunit II'
8 polymer 'Cbb3-type cytochrome c oxidase subunit'
9 non-polymer 'COPPER (II) ION'
10 non-polymer 'CALCIUM ION'
11 non-polymer 'PROTOPORPHYRIN IX CONTAINING FE'
12 non-polymer 'FE2/S2 (INORGANIC) CLUSTER'
13 non-polymer '(2R)-2-(methoxymethyl)-4-{[(25R)-spirost-5-en-3beta-yl]oxy}butyl 4-O-alpha-D-glucopyranosyl-beta-D-glucopyranoside'
14 non-polymer UBIQUINONE-10
15 non-polymer 'HEME C'
#
loop_
_entity_poly.entity_id
_entity_poly.type
_entity_poly.pdbx_seq_one_letter_code
_entity_poly.pdbx_strand_id
1 'polypeptide(L)'
;PAYNYKVVRQFAIMTVVWGVIGMGLGVLIASQLVWPQMNFDLPWTSFGRLRPLHTNLVIFAFGGCALFATSYYTVQRTCQ
VRLFSDTLAAFTFWGWQAVAVILLVSLPLGNTTTKEYAEIEFTGAIWLAIVWVAYAVVFFGTLIKRKVKHIYVGNWFFGS
FILTTAMLHIVNHMSLPVSWFKSYSMYSGATDAMVQWWYGHNAVGFFLTTGFLGMMYYFVPKQAGRPVYSYRLSIVHFWA
LITLYIWAGPHHLHYTALPDWAQSLGMVMSLILLAPSWGGMINGMMTLSGAWHKLRDDPILRFLVVSLAFYGMSTFEGPM
MAIKTVNALSHYTDWTIGHVHAGALGWVAMITIGSLYHLIPKVYGVEKMHSVGLINAHFWLATIGTVLYIASLWVNGITQ
GLMWRAVNEDGTLTYSFVESLVASHPGFIVRLVGGGFFLTGMLLMSYNTWRTVRQARPEGILAAARMA
;
E
2 'polypeptide(L)'
;NDGVNAGRRRFLVAATSVVGAAGAVGAAVPFVGSWFPSAKAKAAGAPVQVNVGKIDPGQQIIAEWRGKPVFIVHRTKEML
DALPSLEGQLADPDSKASEQPEYVDPKLRSIKPELAVIVGICTHLGCSPTFRPEVAPADLGPDWKGGYFCPCHGSHYDLA
GRVYKGQPAPLNLPIPPYTFDADDVITIGVDQEK
;
C,Z
3 'polypeptide(L)'
;MNKFMAWVDARFPATKMWEDHLSKYYAPKNFNFWYFFGSLALLVLVNQILTGIWLTMSFTPSAEEAFASVEYIMRDVDYG
WIIRYMHSTGASAFFIVVYLHMFRGLLYGSYQKPRELVWIFGMLIYLALMAEAFMGYLLPWGQMSYWGAQVIISLFGAIP
VVGEDLAQWIRGDFLISGITLNRFFALHVIALPIVLLGLVVLHILALHEVGSNNPDGVDIKKKKDENGVPLDGIAFHPYY
TVKDIVGVVVFLFIFCTVIFFFPEMGGYFLEKPNFEMANQFKTPEHIAPVWYFTPFYAILRAVPDKLMGVVAMGAAIAVL
FVLPWLDRSPVRSIRYKGWLSKLWLVIFAVSFVILGYYGAQAPSPLGTTLSRVCTVLYFAFFILMPFYTRMEKTKPVPER
VTG
;
I,D
4 'polypeptide(L)'
;PQLDHVDIDLTDKAAMQDGARTFANYCMGCHSAKFQRYERVATDLGIPADLMMEKLVFTGAKIGDHMDIGMKPADAKTWF
GAAPPDLTLVARVRGTDWLYSYLRSFYEDPKRPWGVNNVIFPNVGMPNVLAPLQGRQVIGCKQVQVVEDGKKQFDPLTGT
PLTHEACDQLTVVPKTGELNEAQFDEKVKNLVTFLAYSANPNKLASERIGTYVLLYLAFFFVFAYLLKREYWK
;
J,M
5 'polypeptide(L)'
;AGDAAAGQAKAAVCGACHGADGNSPAPNFPKLAGQGERYLLKQMHDIKDGKRTVLEMTGLLTNLSDQDLADIAAYFASQK
MSVGMADPNLVAQGEALFRGGKIAEGMPACTGCHSPSGVGIATAGFPHLGGQHATYVAKQLTDFREGTRTNDGDTKIMQS
IAAKLSNKDIAAISSYIQGLH
;
K,N
6 'polypeptide(L)'
;MLAAQAAVLALWAVSAQATTTDDAIAKRLEPVGKVCVQGKECEGVGAVAAAAGGGGARSGEDIVGKTCNTCHGTGLLGAP
KVGDKAEWGKRAKEQGGLDGLLAKAISGINAMPPKGTCADCSDDELKAAIKHMSGL
;
L,O
7 'polypeptide(L)'
;MKNHEILEKNVGLLAIFMVIAVSIGGLTQIVPLFFQDVTNTPVEGMKPRTALELEGRDIYIREGCVGCHSQMVRPFRAET
ERYGHYSVAGESVWDHPFLWGSKRTGPDLARVGGRYSDDWHRAHLYNPRNVVPESKMPAYPWLVENKLDGKDTATKMEVL
RKLGVPYTDEDIAGAREAVKGKTEMDALVAFLQGLGTSIK
;
F
8 'polypeptide(L)'
;MTTFWSLYITALTVGTLIALLWLVFATRKGEAKGTTEKTMGHSYDGIEEYDNPLPKWWFMLYIGTIVFSVGYLVLYPGLG
NWKGVLPGYEGGWTQDKQWEREMNIAQEKYGPIFAKYAAMPIEEVAKDEHAMKMGSRMFATYCSICHGSDAKGALGFPNL
ADNEWRWGGDPQSIETTILGGRHAIMAAWGDILGEDGVKNVAAYVRTELAGLKLPEGTKADVEAGKQIFSVNCVACHGPE
GKGTALVGAPNLTNPGAFIYGSSYAQLQQTIRHGRQGQMPAQEPYLGKEKVHILAAYIYNLSHN
;
G
#
# COMPACT_ATOMS: atom_id res chain seq x y z
N PRO A 1 -50.10 23.91 8.08
CA PRO A 1 -49.07 24.96 7.99
C PRO A 1 -48.49 25.30 9.37
N ALA A 2 -47.18 25.43 9.43
CA ALA A 2 -46.64 25.90 10.70
C ALA A 2 -45.30 26.52 10.44
N TYR A 3 -44.62 26.77 11.53
CA TYR A 3 -43.25 27.25 11.48
C TYR A 3 -42.26 26.11 11.68
N ASN A 4 -41.09 26.25 11.05
CA ASN A 4 -40.00 25.30 11.24
C ASN A 4 -39.31 25.57 12.57
N TYR A 5 -40.02 25.20 13.64
CA TYR A 5 -39.50 25.42 14.99
C TYR A 5 -38.44 24.39 15.38
N LYS A 6 -38.24 23.34 14.59
CA LYS A 6 -37.22 22.36 14.91
C LYS A 6 -35.84 23.00 14.94
N VAL A 7 -35.52 23.79 13.91
CA VAL A 7 -34.20 24.40 13.82
C VAL A 7 -34.01 25.45 14.91
N VAL A 8 -35.04 26.26 15.17
CA VAL A 8 -34.95 27.26 16.23
C VAL A 8 -34.72 26.58 17.58
N ARG A 9 -35.42 25.48 17.87
CA ARG A 9 -35.21 24.86 19.20
C ARG A 9 -33.87 24.14 19.25
N GLN A 10 -33.41 23.55 18.16
CA GLN A 10 -32.06 23.00 18.19
C GLN A 10 -31.05 24.09 18.47
N PHE A 11 -31.21 25.24 17.81
CA PHE A 11 -30.28 26.35 17.99
C PHE A 11 -30.32 26.88 19.41
N ALA A 12 -31.51 26.95 20.01
CA ALA A 12 -31.59 27.43 21.39
C ALA A 12 -30.91 26.48 22.36
N ILE A 13 -31.16 25.17 22.21
CA ILE A 13 -30.52 24.20 23.10
C ILE A 13 -29.01 24.28 22.95
N MET A 14 -28.53 24.29 21.70
CA MET A 14 -27.09 24.39 21.48
C MET A 14 -26.53 25.74 21.91
N THR A 15 -27.35 26.80 21.90
CA THR A 15 -26.90 28.08 22.41
C THR A 15 -26.62 28.00 23.90
N VAL A 16 -27.52 27.39 24.65
CA VAL A 16 -27.27 27.21 26.08
C VAL A 16 -26.03 26.35 26.29
N VAL A 17 -25.93 25.24 25.57
CA VAL A 17 -24.80 24.32 25.75
C VAL A 17 -23.48 25.02 25.45
N TRP A 18 -23.41 25.74 24.32
CA TRP A 18 -22.19 26.42 23.92
C TRP A 18 -21.85 27.61 24.81
N GLY A 19 -22.86 28.35 25.28
CA GLY A 19 -22.58 29.42 26.22
C GLY A 19 -21.96 28.90 27.50
N VAL A 20 -22.51 27.80 28.03
CA VAL A 20 -21.94 27.23 29.25
C VAL A 20 -20.47 26.88 29.04
N ILE A 21 -20.18 26.17 27.94
CA ILE A 21 -18.82 25.71 27.69
C ILE A 21 -17.89 26.90 27.49
N GLY A 22 -18.30 27.87 26.68
CA GLY A 22 -17.44 29.00 26.38
C GLY A 22 -17.15 29.84 27.62
N MET A 23 -18.17 30.06 28.45
CA MET A 23 -17.97 30.86 29.65
C MET A 23 -17.17 30.11 30.71
N GLY A 24 -17.34 28.79 30.81
CA GLY A 24 -16.47 28.02 31.68
C GLY A 24 -15.04 28.05 31.23
N LEU A 25 -14.80 27.98 29.92
CA LEU A 25 -13.44 28.09 29.40
C LEU A 25 -12.86 29.48 29.64
N GLY A 26 -13.69 30.52 29.52
CA GLY A 26 -13.24 31.86 29.88
C GLY A 26 -12.85 31.96 31.34
N VAL A 27 -13.63 31.34 32.23
CA VAL A 27 -13.28 31.31 33.64
C VAL A 27 -11.97 30.57 33.84
N LEU A 28 -11.78 29.48 33.09
CA LEU A 28 -10.54 28.71 33.20
C LEU A 28 -9.33 29.55 32.82
N ILE A 29 -9.43 30.31 31.72
CA ILE A 29 -8.30 31.14 31.31
C ILE A 29 -8.09 32.30 32.31
N ALA A 30 -9.18 32.83 32.87
CA ALA A 30 -9.02 33.86 33.90
C ALA A 30 -8.28 33.31 35.11
N SER A 31 -8.65 32.10 35.54
CA SER A 31 -7.92 31.47 36.65
C SER A 31 -6.46 31.25 36.29
N GLN A 32 -6.19 30.81 35.05
CA GLN A 32 -4.80 30.69 34.61
C GLN A 32 -4.07 32.01 34.75
N LEU A 33 -4.69 33.11 34.34
CA LEU A 33 -4.08 34.43 34.55
C LEU A 33 -3.88 34.73 36.02
N VAL A 34 -4.74 34.21 36.90
CA VAL A 34 -4.54 34.39 38.34
C VAL A 34 -3.46 33.45 38.85
N TRP A 35 -3.53 32.17 38.50
CA TRP A 35 -2.57 31.15 38.92
C TRP A 35 -1.98 30.49 37.68
N PRO A 36 -0.73 30.78 37.33
CA PRO A 36 -0.15 30.12 36.14
C PRO A 36 -0.17 28.61 36.23
N GLN A 37 -0.10 28.04 37.43
CA GLN A 37 -0.06 26.58 37.56
C GLN A 37 -1.34 25.92 37.04
N MET A 38 -2.38 26.70 36.73
CA MET A 38 -3.58 26.14 36.13
C MET A 38 -3.35 25.74 34.67
N ASN A 39 -2.19 26.05 34.10
CA ASN A 39 -1.85 25.53 32.78
C ASN A 39 -1.46 24.06 32.82
N PHE A 40 -1.00 23.56 33.97
CA PHE A 40 -0.56 22.18 34.12
C PHE A 40 0.51 21.80 33.10
N ASP A 41 1.21 22.80 32.56
CA ASP A 41 2.34 22.57 31.66
C ASP A 41 1.97 21.67 30.48
N LEU A 42 0.70 21.66 30.09
CA LEU A 42 0.31 20.89 28.90
C LEU A 42 0.20 21.81 27.69
N PRO A 43 0.71 21.39 26.52
CA PRO A 43 0.66 22.30 25.35
C PRO A 43 -0.75 22.73 24.98
N TRP A 44 -1.73 21.85 25.11
CA TRP A 44 -3.06 22.09 24.55
C TRP A 44 -4.01 22.80 25.50
N THR A 45 -3.58 23.08 26.74
CA THR A 45 -4.43 23.78 27.71
C THR A 45 -3.76 25.05 28.22
N SER A 46 -2.74 25.54 27.53
CA SER A 46 -2.09 26.77 27.93
C SER A 46 -2.98 27.97 27.64
N PHE A 47 -2.69 29.09 28.30
CA PHE A 47 -3.50 30.29 28.13
C PHE A 47 -3.48 30.79 26.69
N GLY A 48 -2.31 30.81 26.06
CA GLY A 48 -2.22 31.33 24.71
C GLY A 48 -3.08 30.59 23.71
N ARG A 49 -3.20 29.27 23.88
CA ARG A 49 -4.01 28.47 22.98
C ARG A 49 -5.49 28.51 23.34
N LEU A 50 -5.82 28.47 24.62
CA LEU A 50 -7.21 28.40 25.04
C LEU A 50 -7.93 29.74 24.93
N ARG A 51 -7.22 30.85 25.11
CA ARG A 51 -7.87 32.16 25.02
C ARG A 51 -8.52 32.38 23.66
N PRO A 52 -7.84 32.14 22.53
CA PRO A 52 -8.54 32.23 21.24
C PRO A 52 -9.77 31.36 21.18
N LEU A 53 -9.71 30.16 21.76
CA LEU A 53 -10.89 29.30 21.78
C LEU A 53 -12.03 29.96 22.54
N HIS A 54 -11.73 30.59 23.67
CA HIS A 54 -12.76 31.30 24.43
C HIS A 54 -13.38 32.40 23.58
N THR A 55 -12.54 33.26 22.99
CA THR A 55 -13.07 34.41 22.26
C THR A 55 -13.74 34.03 20.95
N ASN A 56 -13.46 32.86 20.40
CA ASN A 56 -14.14 32.41 19.20
C ASN A 56 -15.34 31.54 19.48
N LEU A 57 -15.45 30.97 20.69
CA LEU A 57 -16.62 30.19 21.05
C LEU A 57 -17.72 31.09 21.59
N VAL A 58 -17.37 32.05 22.43
CA VAL A 58 -18.38 32.95 23.00
C VAL A 58 -19.02 33.78 21.89
N ILE A 59 -18.23 34.19 20.90
CA ILE A 59 -18.74 35.06 19.85
C ILE A 59 -19.51 34.25 18.81
N PHE A 60 -18.92 33.15 18.34
CA PHE A 60 -19.49 32.43 17.20
C PHE A 60 -20.35 31.24 17.61
N ALA A 61 -20.01 30.55 18.69
CA ALA A 61 -20.78 29.39 19.12
C ALA A 61 -21.95 29.81 20.01
N PHE A 62 -21.68 30.64 21.02
CA PHE A 62 -22.76 31.11 21.88
C PHE A 62 -23.57 32.21 21.19
N GLY A 63 -22.91 33.33 20.86
CA GLY A 63 -23.61 34.41 20.20
C GLY A 63 -24.14 34.02 18.84
N GLY A 64 -23.36 33.26 18.07
CA GLY A 64 -23.81 32.86 16.76
C GLY A 64 -25.03 31.98 16.81
N CYS A 65 -25.01 30.97 17.69
CA CYS A 65 -26.19 30.11 17.83
C CYS A 65 -27.39 30.90 18.35
N ALA A 66 -27.17 31.82 19.29
CA ALA A 66 -28.27 32.64 19.77
C ALA A 66 -28.90 33.44 18.64
N LEU A 67 -28.06 34.05 17.79
CA LEU A 67 -28.59 34.86 16.71
C LEU A 67 -29.28 34.00 15.66
N PHE A 68 -28.75 32.81 15.39
CA PHE A 68 -29.46 31.88 14.50
C PHE A 68 -30.83 31.55 15.06
N ALA A 69 -30.90 31.24 16.36
CA ALA A 69 -32.16 30.87 16.98
C ALA A 69 -33.17 32.01 16.88
N THR A 70 -32.75 33.22 17.22
CA THR A 70 -33.66 34.36 17.26
C THR A 70 -33.94 34.96 15.89
N SER A 71 -33.17 34.60 14.87
CA SER A 71 -33.46 34.98 13.50
C SER A 71 -34.41 33.99 12.81
N TYR A 72 -34.11 32.69 12.90
CA TYR A 72 -35.04 31.70 12.37
C TYR A 72 -36.37 31.72 13.08
N TYR A 73 -36.44 32.31 14.28
CA TYR A 73 -37.69 32.44 15.01
C TYR A 73 -38.38 33.76 14.71
N THR A 74 -37.64 34.87 14.78
CA THR A 74 -38.22 36.18 14.54
C THR A 74 -38.64 36.35 13.08
N VAL A 75 -37.84 35.84 12.14
CA VAL A 75 -38.12 36.07 10.72
C VAL A 75 -39.46 35.42 10.36
N GLN A 76 -39.67 34.18 10.78
CA GLN A 76 -40.92 33.49 10.46
C GLN A 76 -42.10 34.19 11.11
N ARG A 77 -42.01 34.47 12.41
CA ARG A 77 -43.15 35.03 13.12
C ARG A 77 -43.53 36.40 12.58
N THR A 78 -42.54 37.25 12.29
CA THR A 78 -42.81 38.57 11.76
C THR A 78 -43.20 38.54 10.28
N CYS A 79 -42.83 37.47 9.56
CA CYS A 79 -43.22 37.33 8.16
C CYS A 79 -44.43 36.42 7.97
N GLN A 80 -44.77 35.61 8.97
CA GLN A 80 -45.93 34.72 8.88
C GLN A 80 -45.73 33.65 7.81
N VAL A 81 -44.48 33.20 7.66
CA VAL A 81 -44.14 32.17 6.69
C VAL A 81 -43.14 31.22 7.33
N ARG A 82 -43.18 29.96 6.90
CA ARG A 82 -42.15 29.01 7.28
C ARG A 82 -40.82 29.41 6.63
N LEU A 83 -39.73 28.95 7.24
CA LEU A 83 -38.41 29.24 6.69
C LEU A 83 -38.36 28.83 5.23
N PHE A 84 -37.46 29.46 4.47
CA PHE A 84 -37.38 29.21 3.03
C PHE A 84 -37.29 27.71 2.77
N SER A 85 -36.25 27.06 3.27
CA SER A 85 -36.04 25.63 3.07
C SER A 85 -35.65 24.99 4.40
N ASP A 86 -36.36 23.93 4.76
CA ASP A 86 -35.95 23.15 5.92
C ASP A 86 -34.63 22.43 5.67
N THR A 87 -34.33 22.09 4.41
CA THR A 87 -33.05 21.46 4.10
C THR A 87 -31.90 22.33 4.59
N LEU A 88 -31.78 23.52 4.02
CA LEU A 88 -30.74 24.46 4.38
C LEU A 88 -30.90 24.99 5.80
N ALA A 89 -32.12 25.04 6.32
CA ALA A 89 -32.30 25.44 7.71
C ALA A 89 -31.63 24.46 8.66
N ALA A 90 -31.83 23.16 8.46
CA ALA A 90 -31.15 22.16 9.27
C ALA A 90 -29.66 22.10 8.97
N PHE A 91 -29.28 22.33 7.71
CA PHE A 91 -27.86 22.35 7.37
C PHE A 91 -27.14 23.48 8.09
N THR A 92 -27.77 24.65 8.19
CA THR A 92 -27.14 25.77 8.88
C THR A 92 -26.98 25.53 10.37
N PHE A 93 -27.72 24.58 10.94
CA PHE A 93 -27.52 24.17 12.32
C PHE A 93 -26.40 23.16 12.43
N TRP A 94 -26.46 22.10 11.62
CA TRP A 94 -25.46 21.05 11.74
C TRP A 94 -24.07 21.53 11.32
N GLY A 95 -24.00 22.33 10.25
CA GLY A 95 -22.73 22.92 9.85
C GLY A 95 -22.19 23.93 10.85
N TRP A 96 -23.04 24.70 11.51
CA TRP A 96 -22.56 25.59 12.56
C TRP A 96 -22.01 24.80 13.74
N GLN A 97 -22.67 23.69 14.10
CA GLN A 97 -22.13 22.82 15.13
C GLN A 97 -20.80 22.22 14.68
N ALA A 98 -20.69 21.90 13.39
CA ALA A 98 -19.41 21.42 12.87
C ALA A 98 -18.33 22.49 12.99
N VAL A 99 -18.68 23.74 12.72
CA VAL A 99 -17.72 24.84 12.86
C VAL A 99 -17.27 24.96 14.31
N ALA A 100 -18.22 24.87 15.24
CA ALA A 100 -17.86 24.92 16.67
C ALA A 100 -16.95 23.76 17.04
N VAL A 101 -17.24 22.56 16.53
CA VAL A 101 -16.40 21.41 16.83
C VAL A 101 -15.02 21.58 16.22
N ILE A 102 -14.93 22.20 15.04
CA ILE A 102 -13.63 22.48 14.44
C ILE A 102 -12.85 23.44 15.33
N LEU A 103 -13.51 24.46 15.85
CA LEU A 103 -12.85 25.36 16.80
C LEU A 103 -12.35 24.60 18.02
N LEU A 104 -13.18 23.71 18.56
CA LEU A 104 -12.76 22.91 19.71
C LEU A 104 -11.54 22.05 19.40
N VAL A 105 -11.54 21.39 18.24
CA VAL A 105 -10.49 20.41 17.92
C VAL A 105 -9.21 21.05 17.41
N SER A 106 -9.28 22.27 16.88
CA SER A 106 -8.14 22.87 16.21
C SER A 106 -7.39 23.90 17.04
N LEU A 107 -8.09 24.86 17.64
CA LEU A 107 -7.42 25.95 18.34
C LEU A 107 -6.54 25.43 19.47
N PRO A 108 -7.02 24.49 20.29
CA PRO A 108 -6.11 23.89 21.29
C PRO A 108 -4.90 23.24 20.67
N LEU A 109 -5.02 22.66 19.47
CA LEU A 109 -3.90 22.07 18.78
C LEU A 109 -2.93 23.12 18.23
N GLY A 110 -3.31 24.40 18.27
CA GLY A 110 -2.43 25.47 17.81
C GLY A 110 -2.67 25.91 16.39
N ASN A 111 -3.66 25.37 15.69
CA ASN A 111 -3.95 25.75 14.31
C ASN A 111 -4.80 27.03 14.33
N THR A 112 -4.11 28.17 14.29
CA THR A 112 -4.74 29.47 14.40
C THR A 112 -4.12 30.45 13.41
N THR A 113 -4.91 31.44 13.01
CA THR A 113 -4.46 32.48 12.08
C THR A 113 -3.99 33.75 12.78
N THR A 114 -4.05 33.79 14.11
CA THR A 114 -3.61 34.95 14.89
C THR A 114 -4.51 36.16 14.71
N LYS A 115 -5.50 36.07 13.83
CA LYS A 115 -6.43 37.17 13.60
C LYS A 115 -7.51 37.11 14.66
N GLU A 116 -7.58 38.15 15.49
CA GLU A 116 -8.28 38.07 16.78
C GLU A 116 -9.59 37.28 16.69
N TYR A 117 -10.42 37.58 15.69
CA TYR A 117 -11.72 36.93 15.54
C TYR A 117 -11.86 36.24 14.20
N ALA A 118 -10.73 35.90 13.58
CA ALA A 118 -10.66 35.06 12.40
C ALA A 118 -9.65 33.95 12.61
N GLU A 119 -9.61 33.44 13.85
CA GLU A 119 -8.57 32.47 14.22
C GLU A 119 -8.76 31.15 13.49
N ILE A 120 -10.00 30.81 13.11
CA ILE A 120 -10.23 29.58 12.36
C ILE A 120 -9.44 29.63 11.07
N GLU A 121 -8.71 28.56 10.77
CA GLU A 121 -7.74 28.54 9.69
C GLU A 121 -8.40 28.11 8.39
N PHE A 122 -7.58 27.95 7.35
CA PHE A 122 -8.04 27.45 6.06
C PHE A 122 -8.74 26.10 6.27
N THR A 123 -9.66 25.78 5.35
CA THR A 123 -10.58 24.64 5.32
C THR A 123 -11.49 24.62 6.55
N GLY A 124 -11.37 25.57 7.47
CA GLY A 124 -12.32 25.76 8.53
C GLY A 124 -13.05 27.07 8.33
N ALA A 125 -12.34 28.04 7.75
CA ALA A 125 -12.94 29.30 7.34
C ALA A 125 -13.66 29.20 6.00
N ILE A 126 -13.41 28.12 5.23
CA ILE A 126 -14.16 27.88 4.01
C ILE A 126 -15.49 27.21 4.28
N TRP A 127 -15.58 26.35 5.30
CA TRP A 127 -16.86 25.77 5.70
C TRP A 127 -17.76 26.76 6.42
N LEU A 128 -17.19 27.67 7.22
CA LEU A 128 -17.97 28.71 7.86
C LEU A 128 -18.59 29.67 6.86
N ALA A 129 -18.00 29.81 5.66
CA ALA A 129 -18.61 30.58 4.60
C ALA A 129 -19.63 29.77 3.82
N ILE A 130 -19.37 28.48 3.62
CA ILE A 130 -20.35 27.61 2.97
C ILE A 130 -21.64 27.56 3.79
N VAL A 131 -21.51 27.49 5.12
CA VAL A 131 -22.68 27.43 5.99
C VAL A 131 -23.27 28.79 6.30
N TRP A 132 -22.57 29.87 5.93
CA TRP A 132 -23.11 31.22 6.07
C TRP A 132 -23.85 31.69 4.84
N VAL A 133 -23.39 31.29 3.64
CA VAL A 133 -24.16 31.53 2.44
C VAL A 133 -25.50 30.81 2.52
N ALA A 134 -25.53 29.60 3.05
CA ALA A 134 -26.78 28.89 3.25
C ALA A 134 -27.67 29.62 4.24
N TYR A 135 -27.09 30.16 5.32
CA TYR A 135 -27.88 30.94 6.26
C TYR A 135 -28.48 32.17 5.61
N ALA A 136 -27.68 32.88 4.81
CA ALA A 136 -28.19 34.05 4.10
C ALA A 136 -29.31 33.65 3.15
N VAL A 137 -29.16 32.53 2.45
CA VAL A 137 -30.23 32.04 1.59
C VAL A 137 -31.48 31.78 2.40
N VAL A 138 -31.35 31.07 3.52
CA VAL A 138 -32.52 30.70 4.31
C VAL A 138 -33.24 31.94 4.81
N PHE A 139 -32.51 32.97 5.22
CA PHE A 139 -33.13 34.17 5.79
C PHE A 139 -33.74 35.04 4.70
N PHE A 140 -32.98 35.33 3.64
CA PHE A 140 -33.45 36.25 2.62
C PHE A 140 -34.51 35.64 1.73
N GLY A 141 -34.48 34.32 1.51
CA GLY A 141 -35.58 33.68 0.80
C GLY A 141 -36.86 33.72 1.60
N THR A 142 -36.76 33.52 2.91
CA THR A 142 -37.94 33.68 3.77
C THR A 142 -38.47 35.10 3.68
N LEU A 143 -37.58 36.09 3.72
CA LEU A 143 -38.00 37.47 3.49
C LEU A 143 -38.56 37.67 2.09
N ILE A 144 -38.21 36.79 1.14
CA ILE A 144 -38.71 36.90 -0.21
C ILE A 144 -40.09 36.26 -0.34
N LYS A 145 -40.34 35.16 0.39
CA LYS A 145 -41.61 34.45 0.34
C LYS A 145 -42.59 34.95 1.39
N ARG A 146 -42.48 36.22 1.76
CA ARG A 146 -43.31 36.77 2.83
C ARG A 146 -44.79 36.61 2.51
N LYS A 147 -45.59 36.66 3.58
CA LYS A 147 -47.04 36.78 3.47
C LYS A 147 -47.53 38.09 4.09
N VAL A 148 -46.62 39.05 4.29
CA VAL A 148 -46.96 40.38 4.79
C VAL A 148 -46.31 41.41 3.89
N LYS A 149 -46.83 42.64 3.96
CA LYS A 149 -46.52 43.64 2.95
C LYS A 149 -45.16 44.31 3.21
N HIS A 150 -44.82 44.56 4.47
CA HIS A 150 -43.55 45.19 4.83
C HIS A 150 -42.56 44.19 5.42
N ILE A 151 -41.39 44.71 5.74
CA ILE A 151 -40.33 43.98 6.43
C ILE A 151 -40.03 44.72 7.74
N TYR A 152 -39.96 43.97 8.84
CA TYR A 152 -39.77 44.57 10.15
C TYR A 152 -38.34 45.08 10.32
N VAL A 153 -38.17 46.02 11.25
CA VAL A 153 -36.85 46.61 11.50
C VAL A 153 -35.87 45.53 11.92
N GLY A 154 -36.29 44.63 12.81
CA GLY A 154 -35.41 43.55 13.22
C GLY A 154 -34.94 42.73 12.05
N ASN A 155 -35.82 42.52 11.06
CA ASN A 155 -35.41 41.81 9.85
C ASN A 155 -34.32 42.57 9.11
N TRP A 156 -34.43 43.91 9.06
CA TRP A 156 -33.38 44.70 8.43
C TRP A 156 -32.06 44.50 9.15
N PHE A 157 -32.10 44.54 10.48
CA PHE A 157 -30.86 44.37 11.25
C PHE A 157 -30.26 42.99 11.00
N PHE A 158 -31.10 41.94 11.02
CA PHE A 158 -30.59 40.59 10.80
C PHE A 158 -30.00 40.44 9.40
N GLY A 159 -30.66 41.00 8.39
CA GLY A 159 -30.14 40.88 7.03
C GLY A 159 -28.84 41.63 6.84
N SER A 160 -28.75 42.84 7.39
CA SER A 160 -27.50 43.59 7.33
C SER A 160 -26.38 42.83 8.02
N PHE A 161 -26.67 42.28 9.21
CA PHE A 161 -25.69 41.45 9.90
C PHE A 161 -25.23 40.30 9.02
N ILE A 162 -26.18 39.60 8.39
CA ILE A 162 -25.84 38.41 7.63
C ILE A 162 -24.94 38.76 6.45
N LEU A 163 -25.30 39.82 5.71
CA LEU A 163 -24.51 40.20 4.55
C LEU A 163 -23.13 40.71 4.96
N THR A 164 -23.07 41.54 6.00
CA THR A 164 -21.79 42.10 6.40
C THR A 164 -20.86 41.03 6.95
N THR A 165 -21.39 40.10 7.74
CA THR A 165 -20.57 38.96 8.19
C THR A 165 -20.67 37.81 7.21
N ALA A 166 -20.58 38.15 5.95
CA ALA A 166 -20.09 37.32 4.86
C ALA A 166 -19.06 38.08 4.05
N MET A 167 -19.29 39.37 3.81
CA MET A 167 -18.26 40.17 3.16
C MET A 167 -17.01 40.21 4.01
N LEU A 168 -17.15 40.49 5.31
CA LEU A 168 -15.99 40.52 6.19
C LEU A 168 -15.30 39.17 6.25
N HIS A 169 -16.08 38.09 6.33
CA HIS A 169 -15.48 36.77 6.43
C HIS A 169 -14.65 36.44 5.21
N ILE A 170 -15.18 36.70 4.01
CA ILE A 170 -14.41 36.39 2.81
C ILE A 170 -13.20 37.32 2.67
N VAL A 171 -13.35 38.59 3.02
CA VAL A 171 -12.24 39.53 2.85
C VAL A 171 -11.10 39.27 3.84
N ASN A 172 -11.41 39.08 5.11
CA ASN A 172 -10.38 38.93 6.14
C ASN A 172 -9.68 37.58 6.10
N HIS A 173 -10.32 36.55 5.53
CA HIS A 173 -9.72 35.23 5.42
C HIS A 173 -9.07 35.00 4.07
N MET A 174 -8.91 36.07 3.27
CA MET A 174 -8.26 35.96 1.97
C MET A 174 -6.77 35.69 2.22
N SER A 175 -6.40 34.43 2.10
CA SER A 175 -5.06 33.96 2.43
C SER A 175 -4.61 32.89 1.45
N LEU A 176 -3.39 32.42 1.68
CA LEU A 176 -2.82 31.31 0.91
C LEU A 176 -2.57 30.12 1.83
N PRO A 177 -2.90 28.90 1.40
CA PRO A 177 -2.74 27.74 2.29
C PRO A 177 -1.38 27.07 2.12
N VAL A 178 -0.83 26.64 3.26
CA VAL A 178 0.40 25.85 3.27
C VAL A 178 0.01 24.39 3.46
N SER A 179 -1.13 24.17 4.11
CA SER A 179 -1.66 22.83 4.37
C SER A 179 -3.07 23.02 4.89
N TRP A 180 -3.70 21.91 5.28
CA TRP A 180 -4.99 22.00 5.94
C TRP A 180 -4.81 22.63 7.31
N PHE A 181 -5.61 23.65 7.60
CA PHE A 181 -5.54 24.37 8.87
C PHE A 181 -4.19 25.05 9.07
N LYS A 182 -3.55 25.47 7.98
CA LYS A 182 -2.32 26.26 8.04
C LYS A 182 -2.33 27.24 6.89
N SER A 183 -2.28 28.54 7.21
CA SER A 183 -2.52 29.58 6.23
C SER A 183 -1.67 30.79 6.51
N TYR A 184 -1.47 31.62 5.48
CA TYR A 184 -0.79 32.90 5.61
C TYR A 184 -1.64 33.97 4.96
N SER A 185 -1.91 35.06 5.69
CA SER A 185 -2.74 36.13 5.17
C SER A 185 -2.08 36.80 3.98
N MET A 186 -2.90 37.23 3.02
CA MET A 186 -2.39 37.91 1.84
C MET A 186 -2.03 39.37 2.11
N TYR A 187 -2.44 39.92 3.24
CA TYR A 187 -2.12 41.29 3.62
C TYR A 187 -0.92 41.30 4.55
N SER A 188 -0.19 42.41 4.55
CA SER A 188 1.04 42.53 5.31
C SER A 188 1.08 43.83 6.10
N GLY A 189 1.55 43.73 7.35
CA GLY A 189 1.84 44.92 8.12
C GLY A 189 0.64 45.83 8.29
N ALA A 190 0.82 47.11 7.98
CA ALA A 190 -0.23 48.09 8.20
C ALA A 190 -1.50 47.72 7.43
N THR A 191 -1.34 47.23 6.20
CA THR A 191 -2.51 46.77 5.44
C THR A 191 -3.20 45.61 6.16
N ASP A 192 -2.40 44.66 6.64
CA ASP A 192 -2.98 43.51 7.32
C ASP A 192 -3.65 43.95 8.62
N ALA A 193 -3.03 44.87 9.35
CA ALA A 193 -3.65 45.38 10.57
C ALA A 193 -4.97 46.07 10.26
N MET A 194 -5.00 46.90 9.23
CA MET A 194 -6.23 47.62 8.88
C MET A 194 -7.33 46.65 8.49
N VAL A 195 -7.01 45.65 7.66
CA VAL A 195 -8.03 44.67 7.27
C VAL A 195 -8.48 43.88 8.50
N GLN A 196 -7.53 43.45 9.33
CA GLN A 196 -7.87 42.66 10.50
C GLN A 196 -8.83 43.40 11.41
N TRP A 197 -8.59 44.69 11.64
CA TRP A 197 -9.44 45.42 12.57
C TRP A 197 -10.71 45.95 11.91
N TRP A 198 -10.70 46.21 10.61
CA TRP A 198 -11.96 46.45 9.90
C TRP A 198 -12.85 45.22 9.91
N TYR A 199 -12.27 44.02 10.06
CA TYR A 199 -13.07 42.83 10.29
C TYR A 199 -13.44 42.64 11.76
N GLY A 200 -12.52 42.99 12.67
CA GLY A 200 -12.73 42.70 14.07
C GLY A 200 -13.71 43.64 14.74
N HIS A 201 -13.73 44.91 14.30
CA HIS A 201 -14.71 45.84 14.83
C HIS A 201 -16.10 45.58 14.27
N ASN A 202 -16.20 44.78 13.21
CA ASN A 202 -17.49 44.35 12.68
C ASN A 202 -17.89 42.97 13.19
N ALA A 203 -16.93 42.16 13.65
CA ALA A 203 -17.27 41.00 14.45
C ALA A 203 -18.02 41.40 15.71
N VAL A 204 -17.79 42.62 16.18
CA VAL A 204 -18.72 43.31 17.06
C VAL A 204 -19.41 44.39 16.22
N GLY A 205 -20.48 44.95 16.76
CA GLY A 205 -21.20 45.97 16.01
C GLY A 205 -22.16 45.39 15.00
N PHE A 206 -21.76 44.30 14.32
CA PHE A 206 -22.65 43.61 13.40
C PHE A 206 -23.00 42.20 13.87
N PHE A 207 -21.99 41.41 14.25
CA PHE A 207 -22.26 40.10 14.82
C PHE A 207 -22.80 40.20 16.25
N LEU A 208 -22.45 41.27 16.96
CA LEU A 208 -22.81 41.41 18.37
C LEU A 208 -23.70 42.60 18.66
N THR A 209 -23.89 43.52 17.73
CA THR A 209 -24.76 44.66 17.99
C THR A 209 -25.92 44.76 17.01
N THR A 210 -25.66 44.59 15.71
CA THR A 210 -26.75 44.70 14.73
C THR A 210 -27.69 43.50 14.82
N GLY A 211 -27.14 42.29 14.70
CA GLY A 211 -27.96 41.10 14.84
C GLY A 211 -28.67 41.05 16.19
N PHE A 212 -27.96 41.42 17.26
CA PHE A 212 -28.58 41.48 18.58
C PHE A 212 -29.49 42.69 18.73
N LEU A 213 -29.26 43.77 17.98
CA LEU A 213 -30.24 44.85 17.95
C LEU A 213 -31.56 44.39 17.36
N GLY A 214 -31.51 43.52 16.34
CA GLY A 214 -32.75 42.93 15.84
C GLY A 214 -33.43 42.04 16.87
N MET A 215 -32.65 41.22 17.57
CA MET A 215 -33.20 40.43 18.66
C MET A 215 -33.90 41.32 19.68
N MET A 216 -33.26 42.43 20.04
CA MET A 216 -33.89 43.40 20.93
C MET A 216 -35.19 43.92 20.33
N TYR A 217 -35.13 44.41 19.09
CA TYR A 217 -36.31 45.02 18.48
C TYR A 217 -37.50 44.07 18.49
N TYR A 218 -37.24 42.76 18.37
CA TYR A 218 -38.36 41.83 18.46
C TYR A 218 -38.77 41.58 19.92
N PHE A 219 -37.82 41.14 20.75
CA PHE A 219 -38.16 40.58 22.06
C PHE A 219 -38.48 41.61 23.12
N VAL A 220 -38.09 42.87 22.94
CA VAL A 220 -38.39 43.91 23.93
C VAL A 220 -39.87 44.26 23.84
N PRO A 221 -40.37 44.74 22.69
CA PRO A 221 -41.81 45.02 22.60
C PRO A 221 -42.68 43.79 22.80
N LYS A 222 -42.21 42.61 22.36
CA LYS A 222 -42.99 41.40 22.55
C LYS A 222 -43.08 41.03 24.02
N GLN A 223 -41.93 41.00 24.71
CA GLN A 223 -41.93 40.63 26.12
C GLN A 223 -42.70 41.65 26.95
N ALA A 224 -42.50 42.94 26.68
CA ALA A 224 -43.22 43.98 27.40
C ALA A 224 -44.64 44.17 26.88
N GLY A 225 -44.94 43.63 25.70
CA GLY A 225 -46.26 43.80 25.13
C GLY A 225 -46.63 45.24 24.87
N ARG A 226 -45.68 46.04 24.41
CA ARG A 226 -45.93 47.44 24.09
C ARG A 226 -45.31 47.78 22.75
N PRO A 227 -45.85 48.78 22.05
CA PRO A 227 -45.31 49.11 20.72
C PRO A 227 -43.92 49.73 20.80
N VAL A 228 -43.18 49.60 19.71
CA VAL A 228 -41.87 50.22 19.63
C VAL A 228 -42.00 51.74 19.75
N TYR A 229 -40.97 52.37 20.32
CA TYR A 229 -41.10 53.78 20.69
C TYR A 229 -41.22 54.68 19.47
N SER A 230 -40.43 54.44 18.43
CA SER A 230 -40.39 55.35 17.29
C SER A 230 -39.97 54.61 16.04
N TYR A 231 -40.73 54.78 14.96
CA TYR A 231 -40.38 54.18 13.68
C TYR A 231 -39.28 54.97 12.98
N ARG A 232 -39.35 56.29 13.03
CA ARG A 232 -38.33 57.13 12.41
C ARG A 232 -36.99 56.95 13.10
N LEU A 233 -37.00 56.87 14.44
CA LEU A 233 -35.77 56.62 15.17
C LEU A 233 -35.18 55.27 14.78
N SER A 234 -36.02 54.25 14.59
CA SER A 234 -35.52 52.96 14.14
C SER A 234 -34.83 53.09 12.79
N ILE A 235 -35.46 53.82 11.86
CA ILE A 235 -34.86 53.97 10.53
C ILE A 235 -33.50 54.64 10.62
N VAL A 236 -33.43 55.78 11.33
CA VAL A 236 -32.18 56.52 11.41
C VAL A 236 -31.12 55.68 12.10
N HIS A 237 -31.48 55.05 13.22
CA HIS A 237 -30.55 54.20 13.94
C HIS A 237 -29.98 53.13 13.01
N PHE A 238 -30.84 52.37 12.35
CA PHE A 238 -30.37 51.30 11.48
C PHE A 238 -29.41 51.84 10.43
N TRP A 239 -29.83 52.86 9.69
CA TRP A 239 -29.04 53.31 8.55
C TRP A 239 -27.71 53.89 8.98
N ALA A 240 -27.74 54.82 9.95
CA ALA A 240 -26.48 55.42 10.40
C ALA A 240 -25.57 54.37 11.03
N LEU A 241 -26.13 53.45 11.81
CA LEU A 241 -25.32 52.42 12.45
C LEU A 241 -24.59 51.56 11.42
N ILE A 242 -25.32 51.09 10.41
CA ILE A 242 -24.66 50.23 9.43
C ILE A 242 -23.70 51.04 8.56
N THR A 243 -23.94 52.33 8.40
CA THR A 243 -23.03 53.15 7.55
C THR A 243 -21.82 53.62 8.34
N LEU A 244 -21.83 53.51 9.68
CA LEU A 244 -20.69 54.01 10.45
C LEU A 244 -19.90 52.91 11.17
N TYR A 245 -20.49 51.74 11.41
CA TYR A 245 -19.71 50.65 12.02
C TYR A 245 -18.55 50.19 11.14
N ILE A 246 -18.70 50.26 9.82
CA ILE A 246 -17.56 49.93 8.95
C ILE A 246 -16.49 50.99 9.07
N TRP A 247 -16.90 52.26 9.08
CA TRP A 247 -15.94 53.36 9.13
C TRP A 247 -15.16 53.37 10.43
N ALA A 248 -15.83 53.09 11.55
CA ALA A 248 -15.20 53.25 12.86
C ALA A 248 -14.12 52.20 13.16
N GLY A 249 -13.72 51.32 12.23
CA GLY A 249 -12.76 50.29 12.51
C GLY A 249 -11.37 50.76 12.94
N PRO A 250 -10.81 51.78 12.31
CA PRO A 250 -9.41 52.13 12.57
C PRO A 250 -9.11 52.60 13.99
N HIS A 251 -10.09 52.65 14.89
CA HIS A 251 -9.81 53.10 16.25
C HIS A 251 -9.09 52.03 17.07
N HIS A 252 -8.95 50.81 16.56
CA HIS A 252 -8.18 49.77 17.23
C HIS A 252 -6.70 49.87 16.96
N LEU A 253 -6.28 50.74 16.04
CA LEU A 253 -4.88 50.95 15.68
C LEU A 253 -4.53 52.42 15.83
N HIS A 254 -4.90 52.99 16.99
CA HIS A 254 -4.97 54.45 17.10
C HIS A 254 -3.59 55.10 17.02
N TYR A 255 -2.57 54.50 17.63
CA TYR A 255 -1.23 55.09 17.66
C TYR A 255 -0.20 54.11 17.13
N THR A 256 -0.62 53.11 16.38
CA THR A 256 0.29 52.13 15.81
C THR A 256 0.94 52.72 14.56
N ALA A 257 1.63 51.87 13.80
CA ALA A 257 2.28 52.30 12.57
C ALA A 257 1.30 52.67 11.47
N LEU A 258 0.02 52.40 11.67
CA LEU A 258 -0.97 52.72 10.64
C LEU A 258 -0.94 54.21 10.34
N PRO A 259 -1.13 54.61 9.08
CA PRO A 259 -1.09 56.04 8.74
C PRO A 259 -2.07 56.84 9.58
N ASP A 260 -1.65 58.06 9.95
CA ASP A 260 -2.41 58.83 10.93
C ASP A 260 -3.75 59.29 10.38
N TRP A 261 -3.87 59.46 9.06
CA TRP A 261 -5.16 59.85 8.51
C TRP A 261 -6.21 58.77 8.76
N ALA A 262 -5.82 57.50 8.63
CA ALA A 262 -6.75 56.42 8.93
C ALA A 262 -7.17 56.44 10.40
N GLN A 263 -6.22 56.70 11.30
CA GLN A 263 -6.52 56.76 12.72
C GLN A 263 -7.51 57.88 13.02
N SER A 264 -7.27 59.06 12.45
CA SER A 264 -8.18 60.18 12.65
C SER A 264 -9.56 59.87 12.10
N LEU A 265 -9.63 59.28 10.91
CA LEU A 265 -10.91 58.88 10.35
C LEU A 265 -11.63 57.92 11.28
N GLY A 266 -10.91 56.92 11.80
CA GLY A 266 -11.54 55.96 12.68
C GLY A 266 -12.09 56.60 13.94
N MET A 267 -11.31 57.48 14.57
CA MET A 267 -11.77 58.12 15.80
C MET A 267 -13.01 58.97 15.52
N VAL A 268 -12.95 59.79 14.46
CA VAL A 268 -14.06 60.69 14.16
C VAL A 268 -15.32 59.89 13.83
N MET A 269 -15.17 58.82 13.06
CA MET A 269 -16.30 57.97 12.72
C MET A 269 -16.88 57.27 13.95
N SER A 270 -16.03 56.85 14.89
CA SER A 270 -16.55 56.26 16.13
C SER A 270 -17.31 57.29 16.94
N LEU A 271 -16.80 58.51 17.03
CA LEU A 271 -17.50 59.56 17.76
C LEU A 271 -18.85 59.85 17.13
N ILE A 272 -18.91 59.84 15.80
CA ILE A 272 -20.20 59.95 15.11
C ILE A 272 -21.09 58.77 15.48
N LEU A 273 -20.53 57.55 15.40
CA LEU A 273 -21.28 56.32 15.62
C LEU A 273 -21.86 56.24 17.03
N LEU A 274 -21.32 57.02 17.96
CA LEU A 274 -21.93 57.11 19.29
C LEU A 274 -23.43 57.37 19.17
N ALA A 275 -23.82 58.30 18.31
CA ALA A 275 -25.21 58.73 18.27
C ALA A 275 -26.18 57.62 17.87
N PRO A 276 -26.00 56.93 16.74
CA PRO A 276 -27.00 55.89 16.37
C PRO A 276 -27.12 54.77 17.39
N SER A 277 -26.01 54.38 18.03
CA SER A 277 -26.09 53.34 19.05
C SER A 277 -26.96 53.79 20.21
N TRP A 278 -26.77 55.03 20.66
CA TRP A 278 -27.63 55.56 21.71
C TRP A 278 -29.06 55.73 21.23
N GLY A 279 -29.27 55.97 19.94
CA GLY A 279 -30.63 55.99 19.42
C GLY A 279 -31.30 54.64 19.53
N GLY A 280 -30.57 53.58 19.18
CA GLY A 280 -31.11 52.24 19.38
C GLY A 280 -31.40 51.95 20.83
N MET A 281 -30.49 52.34 21.72
CA MET A 281 -30.73 52.13 23.15
C MET A 281 -31.95 52.90 23.62
N ILE A 282 -32.12 54.13 23.14
CA ILE A 282 -33.28 54.94 23.50
C ILE A 282 -34.56 54.26 23.04
N ASN A 283 -34.56 53.79 21.79
CA ASN A 283 -35.74 53.09 21.28
C ASN A 283 -36.06 51.89 22.18
N GLY A 284 -35.05 51.08 22.48
CA GLY A 284 -35.30 49.90 23.30
C GLY A 284 -35.84 50.25 24.67
N MET A 285 -35.24 51.23 25.33
CA MET A 285 -35.63 51.56 26.70
C MET A 285 -37.00 52.22 26.74
N MET A 286 -37.25 53.17 25.83
CA MET A 286 -38.52 53.88 25.82
C MET A 286 -39.65 53.05 25.24
N THR A 287 -39.35 51.92 24.60
CA THR A 287 -40.41 50.97 24.26
C THR A 287 -41.13 50.47 25.50
N LEU A 288 -40.50 50.60 26.67
CA LEU A 288 -41.08 50.18 27.95
C LEU A 288 -41.91 51.26 28.61
N SER A 289 -42.13 52.40 27.95
CA SER A 289 -42.93 53.45 28.56
C SER A 289 -44.29 52.92 28.94
N GLY A 290 -44.69 53.15 30.19
CA GLY A 290 -45.95 52.65 30.70
C GLY A 290 -45.93 51.21 31.16
N ALA A 291 -44.77 50.52 31.08
CA ALA A 291 -44.68 49.12 31.46
C ALA A 291 -43.49 48.83 32.36
N TRP A 292 -42.88 49.87 32.96
CA TRP A 292 -41.75 49.65 33.85
C TRP A 292 -42.13 48.77 35.04
N HIS A 293 -43.37 48.87 35.53
CA HIS A 293 -43.78 48.08 36.68
C HIS A 293 -43.68 46.58 36.44
N LYS A 294 -43.66 46.15 35.18
CA LYS A 294 -43.50 44.73 34.86
C LYS A 294 -42.11 44.21 35.20
N LEU A 295 -41.14 45.10 35.45
CA LEU A 295 -39.82 44.64 35.83
C LEU A 295 -39.80 43.99 37.21
N ARG A 296 -40.82 44.24 38.03
CA ARG A 296 -40.88 43.63 39.35
C ARG A 296 -41.43 42.20 39.28
N ASP A 297 -42.21 41.89 38.24
CA ASP A 297 -42.88 40.59 38.13
C ASP A 297 -42.14 39.66 37.16
N ASP A 298 -41.60 40.20 36.07
CA ASP A 298 -41.04 39.37 35.02
C ASP A 298 -39.53 39.56 34.97
N PRO A 299 -38.74 38.61 35.47
CA PRO A 299 -37.27 38.74 35.35
C PRO A 299 -36.75 38.78 33.91
N ILE A 300 -37.47 38.22 32.94
CA ILE A 300 -37.01 38.27 31.57
C ILE A 300 -36.95 39.72 31.08
N LEU A 301 -37.97 40.50 31.40
CA LEU A 301 -37.95 41.91 31.02
C LEU A 301 -36.82 42.65 31.72
N ARG A 302 -36.50 42.25 32.96
CA ARG A 302 -35.33 42.80 33.63
C ARG A 302 -34.06 42.47 32.87
N PHE A 303 -33.94 41.23 32.40
CA PHE A 303 -32.81 40.84 31.56
C PHE A 303 -32.69 41.78 30.38
N LEU A 304 -33.78 41.97 29.64
CA LEU A 304 -33.72 42.79 28.44
C LEU A 304 -33.37 44.24 28.76
N VAL A 305 -33.98 44.80 29.81
CA VAL A 305 -33.76 46.20 30.15
C VAL A 305 -32.32 46.42 30.60
N VAL A 306 -31.80 45.52 31.44
CA VAL A 306 -30.42 45.66 31.89
C VAL A 306 -29.46 45.44 30.73
N SER A 307 -29.81 44.58 29.78
CA SER A 307 -29.00 44.45 28.57
C SER A 307 -28.93 45.77 27.82
N LEU A 308 -30.08 46.45 27.69
CA LEU A 308 -30.08 47.75 27.03
C LEU A 308 -29.26 48.78 27.80
N ALA A 309 -29.34 48.75 29.13
CA ALA A 309 -28.57 49.69 29.94
C ALA A 309 -27.07 49.47 29.75
N PHE A 310 -26.63 48.20 29.81
CA PHE A 310 -25.23 47.93 29.57
C PHE A 310 -24.82 48.23 28.14
N TYR A 311 -25.75 48.10 27.18
CA TYR A 311 -25.46 48.49 25.81
C TYR A 311 -25.17 49.98 25.72
N GLY A 312 -26.00 50.79 26.38
CA GLY A 312 -25.73 52.22 26.42
C GLY A 312 -24.40 52.52 27.09
N MET A 313 -24.11 51.86 28.21
CA MET A 313 -22.83 52.05 28.88
C MET A 313 -21.66 51.73 27.96
N SER A 314 -21.73 50.60 27.25
CA SER A 314 -20.63 50.18 26.40
C SER A 314 -20.48 51.10 25.20
N THR A 315 -21.59 51.51 24.60
CA THR A 315 -21.54 52.39 23.43
C THR A 315 -21.23 53.83 23.80
N PHE A 316 -21.24 54.16 25.10
CA PHE A 316 -20.66 55.42 25.55
C PHE A 316 -19.18 55.28 25.86
N GLU A 317 -18.77 54.17 26.46
CA GLU A 317 -17.36 53.94 26.76
C GLU A 317 -16.53 53.85 25.49
N GLY A 318 -17.02 53.10 24.50
CA GLY A 318 -16.24 52.80 23.32
C GLY A 318 -15.82 54.02 22.55
N PRO A 319 -16.76 54.92 22.26
CA PRO A 319 -16.39 56.19 21.61
C PRO A 319 -15.40 57.00 22.42
N MET A 320 -15.49 56.95 23.76
CA MET A 320 -14.52 57.65 24.59
C MET A 320 -13.12 57.07 24.41
N MET A 321 -13.01 55.74 24.39
CA MET A 321 -11.74 55.10 24.13
C MET A 321 -11.31 55.23 22.67
N ALA A 322 -12.21 55.66 21.78
CA ALA A 322 -11.82 55.94 20.40
C ALA A 322 -11.08 57.27 20.31
N ILE A 323 -11.17 58.12 21.34
CA ILE A 323 -10.41 59.35 21.36
C ILE A 323 -8.95 59.02 21.61
N LYS A 324 -8.06 59.55 20.77
CA LYS A 324 -6.65 59.16 20.84
C LYS A 324 -6.04 59.56 22.17
N THR A 325 -6.48 60.68 22.74
CA THR A 325 -5.98 61.07 24.05
C THR A 325 -6.34 60.03 25.10
N VAL A 326 -7.59 59.57 25.09
CA VAL A 326 -8.00 58.49 25.99
C VAL A 326 -7.36 57.17 25.57
N ASN A 327 -7.34 56.89 24.27
CA ASN A 327 -6.82 55.62 23.79
C ASN A 327 -5.34 55.44 24.16
N ALA A 328 -4.61 56.54 24.31
CA ALA A 328 -3.21 56.44 24.71
C ALA A 328 -3.09 55.81 26.09
N LEU A 329 -3.94 56.23 27.03
CA LEU A 329 -3.93 55.61 28.35
C LEU A 329 -4.30 54.14 28.28
N SER A 330 -5.31 53.80 27.48
CA SER A 330 -5.87 52.44 27.44
C SER A 330 -5.95 51.97 25.99
N HIS A 331 -4.90 51.31 25.54
CA HIS A 331 -4.90 50.56 24.29
C HIS A 331 -4.47 49.12 24.48
N TYR A 332 -3.53 48.86 25.38
CA TYR A 332 -3.10 47.51 25.71
C TYR A 332 -3.38 47.14 27.16
N THR A 333 -4.21 47.91 27.85
CA THR A 333 -4.52 47.68 29.25
C THR A 333 -5.75 46.79 29.37
N ASP A 334 -6.08 46.39 30.61
CA ASP A 334 -7.28 45.61 30.86
C ASP A 334 -8.55 46.41 30.64
N TRP A 335 -8.47 47.73 30.51
CA TRP A 335 -9.66 48.53 30.26
C TRP A 335 -10.31 48.12 28.94
N THR A 336 -9.51 47.76 27.95
CA THR A 336 -10.08 47.23 26.71
C THR A 336 -10.89 45.97 26.99
N ILE A 337 -10.36 45.07 27.81
CA ILE A 337 -11.08 43.85 28.15
C ILE A 337 -12.31 44.19 28.98
N GLY A 338 -12.21 45.19 29.85
CA GLY A 338 -13.37 45.62 30.62
C GLY A 338 -14.49 46.12 29.72
N HIS A 339 -14.15 46.91 28.70
CA HIS A 339 -15.14 47.36 27.73
C HIS A 339 -15.70 46.18 26.95
N VAL A 340 -14.85 45.23 26.57
CA VAL A 340 -15.30 44.07 25.82
C VAL A 340 -16.36 43.31 26.60
N HIS A 341 -16.10 43.05 27.89
CA HIS A 341 -17.04 42.32 28.71
C HIS A 341 -18.20 43.16 29.22
N ALA A 342 -18.09 44.48 29.16
CA ALA A 342 -19.26 45.33 29.37
C ALA A 342 -20.22 45.21 28.19
N GLY A 343 -19.68 45.16 26.98
CA GLY A 343 -20.49 44.96 25.80
C GLY A 343 -20.90 43.52 25.53
N ALA A 344 -20.26 42.56 26.20
CA ALA A 344 -20.54 41.15 25.98
C ALA A 344 -21.38 40.56 27.11
N LEU A 345 -20.89 40.62 28.35
CA LEU A 345 -21.68 40.14 29.48
C LEU A 345 -22.88 41.05 29.73
N GLY A 346 -22.65 42.36 29.78
CA GLY A 346 -23.73 43.28 30.07
C GLY A 346 -24.77 43.33 28.96
N TRP A 347 -24.31 43.40 27.71
CA TRP A 347 -25.19 43.65 26.58
C TRP A 347 -25.55 42.37 25.81
N VAL A 348 -24.54 41.67 25.27
CA VAL A 348 -24.83 40.51 24.44
C VAL A 348 -25.36 39.36 25.28
N ALA A 349 -24.67 39.04 26.38
CA ALA A 349 -25.07 37.89 27.19
C ALA A 349 -26.45 38.12 27.79
N MET A 350 -26.73 39.34 28.25
CA MET A 350 -28.00 39.59 28.92
C MET A 350 -29.16 39.58 27.94
N ILE A 351 -28.98 40.20 26.76
CA ILE A 351 -30.04 40.16 25.77
C ILE A 351 -30.27 38.73 25.32
N THR A 352 -29.20 37.95 25.17
CA THR A 352 -29.34 36.54 24.84
C THR A 352 -30.13 35.79 25.90
N ILE A 353 -29.80 36.02 27.17
CA ILE A 353 -30.50 35.32 28.25
C ILE A 353 -31.98 35.67 28.22
N GLY A 354 -32.30 36.96 28.12
CA GLY A 354 -33.68 37.37 28.09
C GLY A 354 -34.44 36.83 26.90
N SER A 355 -33.79 36.81 25.73
CA SER A 355 -34.44 36.33 24.52
C SER A 355 -34.69 34.83 24.56
N LEU A 356 -33.73 34.04 25.06
CA LEU A 356 -33.96 32.60 25.16
C LEU A 356 -34.97 32.26 26.24
N TYR A 357 -34.94 32.96 27.37
CA TYR A 357 -35.94 32.67 28.39
C TYR A 357 -37.35 32.95 27.90
N HIS A 358 -37.51 33.72 26.84
CA HIS A 358 -38.81 33.96 26.21
C HIS A 358 -39.07 32.98 25.08
N LEU A 359 -38.05 32.68 24.29
CA LEU A 359 -38.22 31.82 23.12
C LEU A 359 -38.42 30.37 23.51
N ILE A 360 -37.63 29.87 24.45
CA ILE A 360 -37.65 28.44 24.76
C ILE A 360 -39.04 27.97 25.17
N PRO A 361 -39.78 28.68 26.02
CA PRO A 361 -41.16 28.28 26.28
C PRO A 361 -42.12 28.84 25.24
N LYS A 362 -41.71 28.85 23.98
CA LYS A 362 -42.60 29.06 22.85
C LYS A 362 -42.36 28.10 21.70
N VAL A 363 -41.15 27.55 21.57
CA VAL A 363 -40.85 26.54 20.56
C VAL A 363 -40.99 25.14 21.11
N TYR A 364 -41.14 24.97 22.42
CA TYR A 364 -41.32 23.68 23.04
C TYR A 364 -42.76 23.38 23.44
N GLY A 365 -43.66 24.36 23.35
CA GLY A 365 -45.05 24.18 23.69
C GLY A 365 -45.36 24.42 25.16
N VAL A 366 -44.35 24.47 26.02
CA VAL A 366 -44.58 24.74 27.43
C VAL A 366 -44.84 26.24 27.61
N GLU A 367 -45.83 26.57 28.43
CA GLU A 367 -46.25 27.95 28.59
C GLU A 367 -45.23 28.79 29.35
N LYS A 368 -44.41 28.17 30.20
CA LYS A 368 -43.57 28.91 31.13
C LYS A 368 -42.29 28.13 31.39
N MET A 369 -41.26 28.83 31.84
CA MET A 369 -40.03 28.16 32.24
C MET A 369 -40.27 27.36 33.52
N HIS A 370 -39.45 26.32 33.72
CA HIS A 370 -39.68 25.41 34.84
C HIS A 370 -39.72 26.17 36.16
N SER A 371 -38.86 27.17 36.33
CA SER A 371 -38.76 27.90 37.58
C SER A 371 -38.45 29.36 37.29
N VAL A 372 -39.43 30.24 37.50
CA VAL A 372 -39.19 31.67 37.34
C VAL A 372 -38.26 32.17 38.44
N GLY A 373 -38.35 31.60 39.64
CA GLY A 373 -37.42 31.96 40.68
C GLY A 373 -35.98 31.72 40.27
N LEU A 374 -35.74 30.62 39.56
CA LEU A 374 -34.42 30.40 38.99
C LEU A 374 -34.05 31.49 37.99
N ILE A 375 -35.03 32.01 37.25
CA ILE A 375 -34.75 33.11 36.32
C ILE A 375 -34.29 34.33 37.10
N ASN A 376 -34.98 34.67 38.18
CA ASN A 376 -34.59 35.82 38.99
C ASN A 376 -33.21 35.62 39.60
N ALA A 377 -32.94 34.42 40.10
CA ALA A 377 -31.63 34.12 40.66
C ALA A 377 -30.54 34.27 39.61
N HIS A 378 -30.79 33.77 38.39
CA HIS A 378 -29.82 33.90 37.33
C HIS A 378 -29.60 35.36 36.97
N PHE A 379 -30.66 36.16 36.95
CA PHE A 379 -30.51 37.59 36.67
C PHE A 379 -29.61 38.24 37.71
N TRP A 380 -29.85 37.94 38.99
CA TRP A 380 -29.04 38.56 40.02
C TRP A 380 -27.59 38.09 39.95
N LEU A 381 -27.36 36.80 39.71
CA LEU A 381 -26.01 36.30 39.57
C LEU A 381 -25.28 36.93 38.40
N ALA A 382 -25.96 37.08 37.27
CA ALA A 382 -25.33 37.68 36.10
C ALA A 382 -25.01 39.15 36.34
N THR A 383 -25.94 39.88 36.95
CA THR A 383 -25.68 41.30 37.23
C THR A 383 -24.51 41.46 38.20
N ILE A 384 -24.52 40.70 39.29
CA ILE A 384 -23.41 40.67 40.23
C ILE A 384 -22.43 39.63 39.71
N GLY A 385 -21.47 40.07 38.92
CA GLY A 385 -20.61 39.17 38.17
C GLY A 385 -20.28 39.78 36.82
N THR A 386 -21.20 40.56 36.27
CA THR A 386 -20.84 41.49 35.21
C THR A 386 -20.40 42.84 35.78
N VAL A 387 -21.07 43.32 36.83
CA VAL A 387 -20.62 44.54 37.49
C VAL A 387 -19.24 44.34 38.11
N LEU A 388 -19.04 43.19 38.77
CA LEU A 388 -17.74 42.90 39.37
C LEU A 388 -16.65 42.84 38.29
N TYR A 389 -16.93 42.14 37.19
CA TYR A 389 -15.99 42.06 36.09
C TYR A 389 -15.65 43.46 35.57
N ILE A 390 -16.67 44.27 35.33
CA ILE A 390 -16.47 45.61 34.79
C ILE A 390 -15.59 46.43 35.71
N ALA A 391 -15.94 46.46 37.00
CA ALA A 391 -15.21 47.31 37.94
C ALA A 391 -13.77 46.84 38.10
N SER A 392 -13.58 45.53 38.28
CA SER A 392 -12.22 45.01 38.47
C SER A 392 -11.37 45.31 37.26
N LEU A 393 -11.90 45.09 36.06
CA LEU A 393 -11.08 45.32 34.87
C LEU A 393 -10.84 46.80 34.62
N TRP A 394 -11.82 47.66 34.95
CA TRP A 394 -11.58 49.10 34.87
C TRP A 394 -10.43 49.51 35.76
N VAL A 395 -10.47 49.10 37.03
CA VAL A 395 -9.41 49.45 37.96
C VAL A 395 -8.08 48.91 37.46
N ASN A 396 -8.08 47.64 37.02
CA ASN A 396 -6.84 47.02 36.55
C ASN A 396 -6.24 47.78 35.38
N GLY A 397 -7.06 48.06 34.37
CA GLY A 397 -6.55 48.72 33.18
C GLY A 397 -6.07 50.13 33.45
N ILE A 398 -6.81 50.88 34.26
CA ILE A 398 -6.35 52.21 34.62
C ILE A 398 -5.01 52.13 35.34
N THR A 399 -4.88 51.14 36.25
CA THR A 399 -3.62 50.98 36.98
C THR A 399 -2.47 50.69 36.01
N GLN A 400 -2.67 49.75 35.08
CA GLN A 400 -1.59 49.42 34.16
C GLN A 400 -1.24 50.59 33.27
N GLY A 401 -2.25 51.30 32.75
CA GLY A 401 -1.97 52.46 31.91
C GLY A 401 -1.16 53.50 32.65
N LEU A 402 -1.58 53.83 33.88
CA LEU A 402 -0.87 54.84 34.65
C LEU A 402 0.55 54.38 34.98
N MET A 403 0.71 53.12 35.38
CA MET A 403 2.03 52.63 35.76
C MET A 403 2.98 52.59 34.58
N TRP A 404 2.54 52.07 33.43
CA TRP A 404 3.38 52.07 32.25
C TRP A 404 3.72 53.50 31.84
N ARG A 405 2.73 54.39 31.84
CA ARG A 405 2.96 55.78 31.48
C ARG A 405 3.56 56.60 32.62
N ALA A 406 3.49 56.12 33.86
CA ALA A 406 4.03 56.86 34.98
C ALA A 406 5.51 57.13 34.78
N VAL A 407 5.91 58.38 34.97
CA VAL A 407 7.31 58.79 34.84
C VAL A 407 7.67 59.70 36.00
N ASN A 408 8.82 59.43 36.61
CA ASN A 408 9.34 60.20 37.73
C ASN A 408 9.84 61.56 37.25
N GLU A 409 9.94 62.51 38.18
CA GLU A 409 10.36 63.85 37.77
C GLU A 409 11.75 63.85 37.15
N ASP A 410 12.58 62.86 37.45
CA ASP A 410 13.88 62.71 36.81
C ASP A 410 13.78 62.29 35.35
N GLY A 411 12.59 61.87 34.90
CA GLY A 411 12.42 61.32 33.57
C GLY A 411 12.52 59.81 33.50
N THR A 412 13.01 59.16 34.54
CA THR A 412 13.05 57.71 34.59
C THR A 412 11.65 57.16 34.85
N LEU A 413 11.42 55.93 34.38
CA LEU A 413 10.12 55.29 34.56
C LEU A 413 9.94 54.92 36.03
N THR A 414 8.78 55.30 36.59
CA THR A 414 8.55 55.07 38.01
C THR A 414 8.45 53.59 38.32
N TYR A 415 7.79 52.82 37.46
CA TYR A 415 7.47 51.42 37.72
C TYR A 415 7.99 50.53 36.61
N SER A 416 8.29 49.28 36.95
CA SER A 416 8.57 48.25 35.96
C SER A 416 7.27 47.57 35.54
N PHE A 417 7.37 46.64 34.60
CA PHE A 417 6.16 45.96 34.12
C PHE A 417 5.71 44.89 35.11
N VAL A 418 6.64 44.20 35.76
CA VAL A 418 6.26 43.21 36.76
C VAL A 418 5.51 43.87 37.90
N GLU A 419 5.84 45.12 38.22
CA GLU A 419 5.08 45.85 39.22
C GLU A 419 3.64 46.04 38.77
N SER A 420 3.43 46.36 37.49
CA SER A 420 2.07 46.46 36.97
C SER A 420 1.35 45.13 37.06
N LEU A 421 2.04 44.03 36.75
CA LEU A 421 1.42 42.71 36.83
C LEU A 421 0.96 42.39 38.25
N VAL A 422 1.83 42.62 39.23
CA VAL A 422 1.48 42.33 40.61
C VAL A 422 0.37 43.26 41.09
N ALA A 423 0.39 44.52 40.63
CA ALA A 423 -0.70 45.44 40.97
C ALA A 423 -2.01 44.99 40.34
N SER A 424 -1.96 44.34 39.19
CA SER A 424 -3.16 43.87 38.51
C SER A 424 -3.70 42.57 39.10
N HIS A 425 -2.85 41.79 39.77
CA HIS A 425 -3.30 40.50 40.31
C HIS A 425 -4.59 40.59 41.12
N PRO A 426 -4.78 41.54 42.03
CA PRO A 426 -6.10 41.67 42.68
C PRO A 426 -7.25 41.86 41.71
N GLY A 427 -7.02 42.65 40.65
CA GLY A 427 -8.04 42.76 39.62
C GLY A 427 -8.31 41.42 38.97
N PHE A 428 -7.27 40.60 38.79
CA PHE A 428 -7.46 39.29 38.19
C PHE A 428 -8.32 38.40 39.08
N ILE A 429 -8.08 38.40 40.39
CA ILE A 429 -8.89 37.56 41.27
C ILE A 429 -10.34 38.03 41.28
N VAL A 430 -10.56 39.35 41.31
CA VAL A 430 -11.93 39.85 41.30
C VAL A 430 -12.62 39.51 39.99
N ARG A 431 -11.89 39.60 38.88
CA ARG A 431 -12.45 39.19 37.59
C ARG A 431 -12.83 37.71 37.61
N LEU A 432 -11.97 36.88 38.20
CA LEU A 432 -12.27 35.46 38.31
C LEU A 432 -13.56 35.25 39.09
N VAL A 433 -13.73 35.97 40.19
CA VAL A 433 -14.93 35.81 41.01
C VAL A 433 -16.17 36.23 40.24
N GLY A 434 -16.11 37.36 39.53
CA GLY A 434 -17.25 37.79 38.72
C GLY A 434 -17.58 36.81 37.61
N GLY A 435 -16.56 36.29 36.93
CA GLY A 435 -16.80 35.26 35.94
C GLY A 435 -17.41 34.01 36.53
N GLY A 436 -16.99 33.63 37.74
CA GLY A 436 -17.63 32.50 38.40
C GLY A 436 -19.09 32.75 38.70
N PHE A 437 -19.42 33.97 39.11
CA PHE A 437 -20.83 34.33 39.32
C PHE A 437 -21.63 34.18 38.02
N PHE A 438 -21.09 34.72 36.93
CA PHE A 438 -21.82 34.64 35.66
C PHE A 438 -21.94 33.19 35.20
N LEU A 439 -20.89 32.39 35.40
CA LEU A 439 -20.95 30.98 35.02
C LEU A 439 -21.96 30.22 35.87
N THR A 440 -22.09 30.60 37.14
CA THR A 440 -23.13 29.99 37.98
C THR A 440 -24.52 30.35 37.46
N GLY A 441 -24.71 31.60 37.04
CA GLY A 441 -25.97 31.96 36.40
C GLY A 441 -26.23 31.14 35.14
N MET A 442 -25.20 30.95 34.33
CA MET A 442 -25.32 30.11 33.14
C MET A 442 -25.70 28.68 33.51
N LEU A 443 -25.09 28.13 34.56
CA LEU A 443 -25.42 26.78 34.99
C LEU A 443 -26.88 26.70 35.45
N LEU A 444 -27.33 27.74 36.16
CA LEU A 444 -28.74 27.78 36.55
C LEU A 444 -29.66 27.80 35.35
N MET A 445 -29.32 28.58 34.32
CA MET A 445 -30.15 28.57 33.12
C MET A 445 -30.11 27.22 32.45
N SER A 446 -28.96 26.55 32.44
CA SER A 446 -28.88 25.24 31.81
C SER A 446 -29.79 24.24 32.54
N TYR A 447 -29.79 24.29 33.87
CA TYR A 447 -30.69 23.43 34.63
C TYR A 447 -32.16 23.77 34.33
N ASN A 448 -32.49 25.05 34.30
CA ASN A 448 -33.86 25.45 34.00
C ASN A 448 -34.28 24.97 32.63
N THR A 449 -33.40 25.13 31.63
CA THR A 449 -33.70 24.69 30.28
C THR A 449 -33.80 23.18 30.19
N TRP A 450 -32.99 22.44 30.94
CA TRP A 450 -33.10 20.99 30.91
C TRP A 450 -34.42 20.53 31.51
N ARG A 451 -34.84 21.16 32.61
CA ARG A 451 -36.10 20.77 33.24
C ARG A 451 -37.32 21.25 32.47
N THR A 452 -37.19 22.33 31.69
CA THR A 452 -38.28 22.78 30.83
C THR A 452 -38.36 21.99 29.53
N VAL A 453 -37.21 21.56 29.01
CA VAL A 453 -37.18 20.75 27.80
C VAL A 453 -37.86 19.42 28.04
N ARG A 454 -37.46 18.73 29.11
CA ARG A 454 -38.19 17.56 29.55
C ARG A 454 -39.53 17.99 30.15
N GLN A 455 -40.51 17.09 30.07
CA GLN A 455 -41.90 17.34 30.49
C GLN A 455 -42.68 18.12 29.44
N ALA A 456 -42.10 18.31 28.25
CA ALA A 456 -42.78 18.93 27.11
C ALA A 456 -43.20 17.80 26.17
N ARG A 457 -44.48 17.47 26.20
CA ARG A 457 -44.96 16.31 25.47
C ARG A 457 -44.91 16.58 23.96
N PRO A 458 -44.84 15.53 23.08
CA PRO A 458 -44.76 15.62 21.55
C PRO A 458 -45.74 16.66 21.02
N GLU A 459 -47.02 16.54 21.38
CA GLU A 459 -48.07 17.44 20.84
C GLU A 459 -47.85 18.89 21.26
N GLY A 460 -47.41 19.12 22.50
CA GLY A 460 -47.27 20.50 22.97
C GLY A 460 -46.28 21.20 22.07
N ILE A 461 -45.21 20.51 21.71
CA ILE A 461 -44.21 21.09 20.78
C ILE A 461 -44.93 21.33 19.44
N LEU A 462 -45.72 20.35 18.96
CA LEU A 462 -46.33 20.44 17.61
C LEU A 462 -47.34 21.58 17.46
N ALA A 463 -48.24 21.77 18.42
CA ALA A 463 -49.28 22.82 18.33
C ALA A 463 -48.65 24.22 18.36
N ALA A 464 -47.56 24.41 19.10
CA ALA A 464 -47.00 25.77 19.25
C ALA A 464 -46.62 26.35 17.88
N ALA A 465 -46.06 25.54 17.00
CA ALA A 465 -45.62 26.00 15.67
C ALA A 465 -46.78 26.47 14.80
N ARG A 466 -47.94 25.83 14.88
CA ARG A 466 -49.08 26.11 13.96
C ARG A 466 -49.09 27.54 13.42
N MET A 467 -48.77 27.72 12.13
CA MET A 467 -48.66 29.07 11.60
C MET A 467 -49.93 29.85 11.84
N ALA A 468 -49.78 31.17 11.87
CA ALA A 468 -50.91 32.08 12.11
C ALA A 468 -50.83 33.28 11.19
N VAL B 4 -52.51 -47.06 -14.14
CA VAL B 4 -51.06 -47.13 -14.02
C VAL B 4 -50.67 -48.24 -13.06
N ASN B 5 -49.61 -48.96 -13.40
CA ASN B 5 -49.08 -50.02 -12.53
C ASN B 5 -48.23 -49.38 -11.45
N ALA B 6 -48.84 -49.13 -10.29
CA ALA B 6 -48.15 -48.41 -9.23
C ALA B 6 -46.93 -49.18 -8.74
N GLY B 7 -47.05 -50.51 -8.62
CA GLY B 7 -45.93 -51.29 -8.12
C GLY B 7 -44.72 -51.20 -9.03
N ARG B 8 -44.92 -51.42 -10.33
CA ARG B 8 -43.81 -51.34 -11.27
C ARG B 8 -43.25 -49.92 -11.33
N ARG B 9 -44.12 -48.92 -11.32
CA ARG B 9 -43.66 -47.54 -11.36
C ARG B 9 -42.77 -47.24 -10.15
N ARG B 10 -43.21 -47.63 -8.96
CA ARG B 10 -42.43 -47.37 -7.75
C ARG B 10 -41.12 -48.14 -7.78
N PHE B 11 -41.16 -49.40 -8.20
CA PHE B 11 -39.91 -50.17 -8.25
C PHE B 11 -38.93 -49.55 -9.23
N LEU B 12 -39.41 -49.15 -10.42
CA LEU B 12 -38.52 -48.56 -11.40
C LEU B 12 -37.96 -47.23 -10.92
N VAL B 13 -38.78 -46.41 -10.27
CA VAL B 13 -38.28 -45.15 -9.75
C VAL B 13 -37.21 -45.39 -8.70
N ALA B 14 -37.48 -46.32 -7.77
CA ALA B 14 -36.50 -46.60 -6.71
C ALA B 14 -35.21 -47.17 -7.29
N ALA B 15 -35.32 -48.10 -8.25
CA ALA B 15 -34.14 -48.71 -8.83
C ALA B 15 -33.32 -47.69 -9.62
N THR B 16 -34.00 -46.85 -10.41
CA THR B 16 -33.29 -45.82 -11.15
C THR B 16 -32.61 -44.84 -10.20
N SER B 17 -33.28 -44.48 -9.10
CA SER B 17 -32.68 -43.58 -8.13
C SER B 17 -31.45 -44.22 -7.47
N VAL B 18 -31.54 -45.49 -7.11
CA VAL B 18 -30.42 -46.17 -6.46
C VAL B 18 -29.25 -46.29 -7.41
N VAL B 19 -29.50 -46.68 -8.66
CA VAL B 19 -28.43 -46.82 -9.63
C VAL B 19 -27.82 -45.46 -9.94
N GLY B 20 -28.65 -44.41 -10.02
CA GLY B 20 -28.12 -43.08 -10.25
C GLY B 20 -27.30 -42.57 -9.08
N ALA B 21 -27.70 -42.92 -7.85
CA ALA B 21 -26.90 -42.55 -6.68
C ALA B 21 -25.55 -43.27 -6.69
N ALA B 22 -25.54 -44.55 -7.08
CA ALA B 22 -24.28 -45.27 -7.22
C ALA B 22 -23.41 -44.61 -8.27
N GLY B 23 -24.01 -44.21 -9.40
CA GLY B 23 -23.25 -43.50 -10.42
C GLY B 23 -22.74 -42.16 -9.95
N ALA B 24 -23.52 -41.47 -9.12
CA ALA B 24 -23.07 -40.20 -8.56
C ALA B 24 -21.87 -40.40 -7.66
N VAL B 25 -21.89 -41.46 -6.85
CA VAL B 25 -20.74 -41.76 -6.01
C VAL B 25 -19.53 -42.08 -6.88
N GLY B 26 -19.73 -42.89 -7.94
CA GLY B 26 -18.63 -43.20 -8.83
C GLY B 26 -18.06 -41.98 -9.52
N ALA B 27 -18.93 -41.05 -9.91
CA ALA B 27 -18.48 -39.83 -10.58
C ALA B 27 -17.83 -38.87 -9.59
N ALA B 28 -18.20 -38.95 -8.32
CA ALA B 28 -17.53 -38.15 -7.30
C ALA B 28 -16.16 -38.74 -6.95
N VAL B 29 -15.98 -40.03 -7.20
CA VAL B 29 -14.70 -40.67 -6.86
C VAL B 29 -13.52 -39.90 -7.46
N PRO B 30 -13.51 -39.52 -8.74
CA PRO B 30 -12.39 -38.70 -9.22
C PRO B 30 -12.20 -37.42 -8.43
N PHE B 31 -13.28 -36.68 -8.16
CA PHE B 31 -13.16 -35.39 -7.51
C PHE B 31 -12.66 -35.53 -6.08
N VAL B 32 -13.22 -36.49 -5.33
CA VAL B 32 -12.78 -36.69 -3.96
C VAL B 32 -11.37 -37.24 -3.91
N GLY B 33 -11.05 -38.18 -4.82
CA GLY B 33 -9.75 -38.81 -4.79
C GLY B 33 -8.61 -37.91 -5.23
N SER B 34 -8.91 -36.92 -6.07
CA SER B 34 -7.86 -35.99 -6.49
C SER B 34 -7.34 -35.17 -5.33
N TRP B 35 -8.07 -35.10 -4.21
CA TRP B 35 -7.65 -34.30 -3.08
C TRP B 35 -6.59 -34.99 -2.22
N PHE B 36 -6.42 -36.29 -2.37
CA PHE B 36 -5.38 -36.99 -1.65
C PHE B 36 -4.00 -36.57 -2.17
N PRO B 37 -2.97 -36.69 -1.35
CA PRO B 37 -1.64 -36.22 -1.77
C PRO B 37 -1.25 -36.75 -3.14
N SER B 38 -0.88 -35.83 -4.02
CA SER B 38 -0.52 -36.18 -5.38
C SER B 38 0.93 -36.68 -5.43
N ALA B 39 1.40 -37.01 -6.62
CA ALA B 39 2.78 -37.43 -6.78
C ALA B 39 3.74 -36.30 -6.42
N LYS B 40 3.34 -35.05 -6.67
CA LYS B 40 4.17 -33.92 -6.26
C LYS B 40 4.32 -33.88 -4.75
N ALA B 41 3.23 -34.06 -4.02
CA ALA B 41 3.30 -34.06 -2.56
C ALA B 41 4.13 -35.23 -2.06
N LYS B 42 3.93 -36.42 -2.64
CA LYS B 42 4.67 -37.60 -2.19
C LYS B 42 6.16 -37.46 -2.52
N ALA B 43 6.50 -36.75 -3.59
CA ALA B 43 7.90 -36.51 -3.89
C ALA B 43 8.49 -35.48 -2.95
N ALA B 44 7.74 -34.44 -2.62
CA ALA B 44 8.22 -33.44 -1.67
C ALA B 44 8.53 -34.07 -0.32
N GLY B 45 7.57 -34.80 0.24
CA GLY B 45 7.81 -35.59 1.43
C GLY B 45 7.95 -37.05 1.10
N ALA B 46 9.19 -37.53 1.08
CA ALA B 46 9.49 -38.92 0.73
C ALA B 46 10.45 -39.51 1.75
N PRO B 47 10.38 -40.82 1.99
CA PRO B 47 11.33 -41.43 2.91
C PRO B 47 12.75 -41.20 2.44
N VAL B 48 13.64 -40.93 3.39
CA VAL B 48 15.05 -40.66 3.11
C VAL B 48 15.86 -41.83 3.63
N GLN B 49 16.64 -42.45 2.73
CA GLN B 49 17.49 -43.58 3.08
C GLN B 49 18.85 -43.03 3.46
N VAL B 50 19.23 -43.20 4.74
CA VAL B 50 20.45 -42.64 5.28
C VAL B 50 21.32 -43.78 5.78
N ASN B 51 22.57 -43.83 5.34
CA ASN B 51 23.54 -44.82 5.80
C ASN B 51 24.22 -44.26 7.05
N VAL B 52 24.06 -44.96 8.18
CA VAL B 52 24.39 -44.43 9.49
C VAL B 52 25.52 -45.17 10.17
N GLY B 53 26.00 -46.27 9.61
CA GLY B 53 27.08 -47.01 10.24
C GLY B 53 28.44 -46.37 10.14
N LYS B 54 28.56 -45.28 9.38
CA LYS B 54 29.83 -44.60 9.17
C LYS B 54 29.98 -43.36 10.05
N ILE B 55 29.06 -43.15 10.99
CA ILE B 55 29.13 -42.03 11.91
C ILE B 55 29.99 -42.46 13.08
N ASP B 56 31.18 -41.88 13.21
CA ASP B 56 32.09 -42.27 14.27
C ASP B 56 31.53 -41.81 15.62
N PRO B 57 31.96 -42.45 16.71
CA PRO B 57 31.41 -42.10 18.03
C PRO B 57 31.50 -40.61 18.31
N GLY B 58 30.40 -40.04 18.79
CA GLY B 58 30.37 -38.64 19.19
C GLY B 58 30.24 -37.65 18.06
N GLN B 59 29.66 -38.06 16.92
CA GLN B 59 29.46 -37.17 15.79
C GLN B 59 28.09 -37.44 15.20
N GLN B 60 27.52 -36.43 14.54
CA GLN B 60 26.21 -36.55 13.91
C GLN B 60 26.29 -36.08 12.47
N ILE B 61 25.38 -36.61 11.65
CA ILE B 61 25.18 -36.13 10.29
C ILE B 61 23.80 -35.49 10.23
N ILE B 62 23.57 -34.73 9.16
CA ILE B 62 22.31 -34.03 8.95
C ILE B 62 21.71 -34.51 7.64
N ALA B 63 20.63 -35.28 7.74
CA ALA B 63 19.84 -35.65 6.57
C ALA B 63 18.74 -34.61 6.37
N GLU B 64 18.14 -34.63 5.18
CA GLU B 64 17.06 -33.73 4.83
C GLU B 64 15.84 -34.58 4.52
N TRP B 65 14.79 -34.46 5.33
CA TRP B 65 13.56 -35.23 5.16
C TRP B 65 12.37 -34.30 5.26
N ARG B 66 11.52 -34.30 4.23
CA ARG B 66 10.30 -33.52 4.24
C ARG B 66 10.60 -32.03 4.33
N GLY B 67 11.78 -31.63 3.87
CA GLY B 67 12.25 -30.25 3.99
C GLY B 67 12.88 -29.92 5.31
N LYS B 68 12.78 -30.79 6.30
CA LYS B 68 13.26 -30.56 7.64
C LYS B 68 14.63 -31.21 7.84
N PRO B 69 15.50 -30.61 8.68
CA PRO B 69 16.79 -31.24 8.94
C PRO B 69 16.72 -32.25 10.07
N VAL B 70 17.13 -33.48 9.78
CA VAL B 70 17.11 -34.57 10.76
C VAL B 70 18.54 -34.85 11.18
N PHE B 71 18.83 -34.63 12.46
CA PHE B 71 20.13 -34.97 13.02
C PHE B 71 20.15 -36.45 13.35
N ILE B 72 21.13 -37.16 12.79
CA ILE B 72 21.36 -38.57 13.07
C ILE B 72 22.66 -38.63 13.84
N VAL B 73 22.59 -39.00 15.12
CA VAL B 73 23.71 -38.93 16.05
C VAL B 73 24.08 -40.35 16.45
N HIS B 74 25.37 -40.66 16.37
CA HIS B 74 25.90 -41.93 16.86
C HIS B 74 26.24 -41.74 18.34
N ARG B 75 25.29 -42.06 19.21
CA ARG B 75 25.46 -41.80 20.63
C ARG B 75 26.36 -42.85 21.26
N THR B 76 27.50 -42.39 21.79
CA THR B 76 28.48 -43.27 22.41
C THR B 76 27.96 -43.71 23.78
N LYS B 77 28.82 -44.38 24.55
CA LYS B 77 28.39 -44.93 25.83
C LYS B 77 28.19 -43.82 26.86
N GLU B 78 29.24 -43.05 27.14
CA GLU B 78 29.19 -42.12 28.26
C GLU B 78 27.97 -41.20 28.18
N MET B 79 27.57 -40.79 26.98
CA MET B 79 26.37 -39.97 26.85
C MET B 79 25.12 -40.73 27.27
N LEU B 80 25.00 -41.99 26.84
CA LEU B 80 23.85 -42.79 27.26
C LEU B 80 23.90 -43.13 28.75
N ASP B 81 25.08 -43.08 29.35
CA ASP B 81 25.19 -43.25 30.80
C ASP B 81 24.75 -41.98 31.53
N ALA B 82 25.05 -40.82 30.94
CA ALA B 82 24.66 -39.56 31.56
C ALA B 82 23.17 -39.28 31.42
N LEU B 83 22.56 -39.65 30.30
CA LEU B 83 21.15 -39.33 30.09
C LEU B 83 20.25 -39.83 31.21
N PRO B 84 20.39 -41.05 31.73
CA PRO B 84 19.57 -41.46 32.87
C PRO B 84 19.72 -40.56 34.09
N SER B 85 20.71 -39.68 34.12
CA SER B 85 20.92 -38.77 35.24
C SER B 85 20.40 -37.36 34.96
N LEU B 86 19.71 -37.14 33.85
CA LEU B 86 19.26 -35.80 33.46
C LEU B 86 17.77 -35.59 33.67
N GLU B 87 17.07 -36.54 34.29
CA GLU B 87 15.62 -36.43 34.45
C GLU B 87 15.21 -35.28 35.36
N GLY B 88 16.14 -34.72 36.13
CA GLY B 88 15.81 -33.64 37.04
C GLY B 88 15.75 -32.26 36.44
N GLN B 89 15.97 -32.13 35.12
CA GLN B 89 16.01 -30.83 34.47
C GLN B 89 15.17 -30.79 33.18
N LEU B 90 14.34 -31.80 32.93
CA LEU B 90 13.55 -31.88 31.71
C LEU B 90 12.08 -31.64 32.03
N ALA B 91 11.44 -30.80 31.21
CA ALA B 91 10.02 -30.56 31.36
C ALA B 91 9.18 -31.75 30.93
N ASP B 92 9.63 -32.47 29.90
CA ASP B 92 8.92 -33.65 29.38
C ASP B 92 9.89 -34.82 29.26
N PRO B 93 10.41 -35.30 30.39
CA PRO B 93 11.40 -36.38 30.34
C PRO B 93 10.87 -37.66 29.72
N ASP B 94 9.57 -37.94 29.84
CA ASP B 94 8.97 -39.13 29.25
C ASP B 94 8.32 -38.86 27.90
N SER B 95 8.46 -37.64 27.36
CA SER B 95 7.91 -37.29 26.05
C SER B 95 6.42 -37.58 25.99
N LYS B 96 5.72 -37.35 27.11
CA LYS B 96 4.29 -37.59 27.15
C LYS B 96 3.55 -36.67 26.19
N ALA B 97 3.90 -35.39 26.17
CA ALA B 97 3.25 -34.41 25.31
C ALA B 97 4.01 -34.15 24.02
N SER B 98 5.18 -34.76 23.83
CA SER B 98 5.96 -34.53 22.62
C SER B 98 5.41 -35.37 21.47
N GLU B 99 6.15 -35.39 20.37
CA GLU B 99 5.76 -36.12 19.17
C GLU B 99 6.87 -37.10 18.83
N GLN B 100 6.53 -38.39 18.81
CA GLN B 100 7.48 -39.45 18.53
C GLN B 100 6.71 -40.72 18.20
N PRO B 101 7.33 -41.69 17.54
CA PRO B 101 6.66 -42.95 17.23
C PRO B 101 6.40 -43.77 18.48
N GLU B 102 5.52 -44.75 18.35
CA GLU B 102 5.19 -45.64 19.45
C GLU B 102 6.21 -46.76 19.63
N TYR B 103 7.17 -46.91 18.73
CA TYR B 103 8.13 -47.99 18.79
C TYR B 103 9.51 -47.55 19.28
N VAL B 104 9.69 -46.27 19.61
CA VAL B 104 10.95 -45.79 20.16
C VAL B 104 10.83 -45.83 21.68
N ASP B 105 11.97 -46.01 22.35
CA ASP B 105 11.96 -46.08 23.79
C ASP B 105 11.54 -44.73 24.37
N PRO B 106 10.68 -44.70 25.40
CA PRO B 106 10.22 -43.41 25.91
C PRO B 106 11.34 -42.53 26.44
N LYS B 107 12.42 -43.12 26.94
CA LYS B 107 13.51 -42.35 27.53
C LYS B 107 14.57 -41.96 26.51
N LEU B 108 15.11 -42.94 25.79
CA LEU B 108 16.08 -42.63 24.74
C LEU B 108 15.42 -42.01 23.52
N ARG B 109 14.12 -42.23 23.34
CA ARG B 109 13.36 -41.64 22.24
C ARG B 109 13.90 -42.08 20.88
N SER B 110 14.61 -43.20 20.83
CA SER B 110 15.16 -43.74 19.60
C SER B 110 14.91 -45.23 19.54
N ILE B 111 14.92 -45.77 18.32
CA ILE B 111 14.68 -47.19 18.14
C ILE B 111 15.75 -48.00 18.87
N LYS B 112 17.01 -47.58 18.77
CA LYS B 112 18.09 -48.16 19.54
C LYS B 112 18.90 -47.05 20.18
N PRO B 113 19.45 -47.28 21.37
CA PRO B 113 20.16 -46.19 22.07
C PRO B 113 21.35 -45.65 21.31
N GLU B 114 22.04 -46.51 20.55
CA GLU B 114 23.23 -46.06 19.82
C GLU B 114 22.91 -44.92 18.88
N LEU B 115 21.81 -45.05 18.13
CA LEU B 115 21.43 -44.06 17.13
C LEU B 115 20.32 -43.16 17.66
N ALA B 116 20.47 -41.85 17.44
CA ALA B 116 19.48 -40.86 17.84
C ALA B 116 19.07 -40.09 16.61
N VAL B 117 17.82 -40.26 16.18
CA VAL B 117 17.27 -39.58 15.01
C VAL B 117 16.30 -38.53 15.53
N ILE B 118 16.65 -37.26 15.39
CA ILE B 118 15.85 -36.16 15.93
C ILE B 118 15.72 -35.08 14.87
N VAL B 119 14.48 -34.71 14.55
CA VAL B 119 14.27 -33.61 13.61
C VAL B 119 14.78 -32.33 14.27
N GLY B 120 15.86 -31.78 13.73
CA GLY B 120 16.51 -30.63 14.36
C GLY B 120 15.74 -29.34 14.17
N ILE B 121 14.53 -29.28 14.74
CA ILE B 121 13.68 -28.11 14.67
C ILE B 121 13.24 -27.79 16.09
N CYS B 122 13.81 -26.73 16.67
CA CYS B 122 13.45 -26.34 18.02
C CYS B 122 11.95 -26.10 18.12
N THR B 123 11.32 -26.67 19.15
CA THR B 123 9.88 -26.54 19.29
C THR B 123 9.46 -25.08 19.34
N HIS B 124 10.23 -24.24 20.02
CA HIS B 124 9.91 -22.82 20.16
C HIS B 124 10.39 -22.10 18.92
N LEU B 125 9.44 -21.78 18.02
CA LEU B 125 9.66 -20.97 16.81
C LEU B 125 10.43 -21.72 15.73
N GLY B 126 10.63 -23.03 15.89
CA GLY B 126 11.11 -23.86 14.78
C GLY B 126 12.50 -23.54 14.28
N CYS B 127 13.39 -23.13 15.18
CA CYS B 127 14.78 -22.89 14.82
C CYS B 127 15.61 -24.14 15.04
N SER B 128 16.70 -24.26 14.28
CA SER B 128 17.51 -25.48 14.31
C SER B 128 18.47 -25.45 15.48
N PRO B 129 18.38 -26.38 16.43
CA PRO B 129 19.31 -26.38 17.57
C PRO B 129 20.74 -26.67 17.13
N THR B 130 21.69 -26.15 17.91
CA THR B 130 23.10 -26.42 17.70
C THR B 130 23.50 -27.66 18.49
N PHE B 131 24.21 -28.58 17.82
CA PHE B 131 24.67 -29.81 18.44
C PHE B 131 25.89 -29.52 19.29
N ARG B 132 25.81 -29.80 20.60
CA ARG B 132 26.90 -29.54 21.54
C ARG B 132 27.15 -30.82 22.32
N PRO B 133 27.96 -31.73 21.78
CA PRO B 133 28.28 -32.98 22.51
C PRO B 133 29.32 -32.81 23.61
N GLU B 134 29.81 -31.59 23.83
CA GLU B 134 30.85 -31.39 24.82
C GLU B 134 30.28 -31.58 26.23
N VAL B 135 31.14 -32.01 27.15
CA VAL B 135 30.68 -32.41 28.48
C VAL B 135 30.19 -31.19 29.25
N ALA B 136 31.08 -30.25 29.54
CA ALA B 136 30.78 -29.08 30.35
C ALA B 136 31.30 -27.83 29.66
N PRO B 137 30.60 -27.37 28.62
CA PRO B 137 31.03 -26.12 27.97
C PRO B 137 30.93 -24.94 28.92
N ALA B 138 31.81 -23.96 28.71
CA ALA B 138 31.82 -22.80 29.59
C ALA B 138 30.49 -22.05 29.57
N ASP B 139 29.91 -21.87 28.38
CA ASP B 139 28.67 -21.12 28.24
C ASP B 139 27.41 -21.98 28.39
N LEU B 140 27.54 -23.30 28.47
CA LEU B 140 26.41 -24.17 28.77
C LEU B 140 26.28 -24.47 30.26
N GLY B 141 27.23 -24.03 31.08
CA GLY B 141 27.21 -24.33 32.49
C GLY B 141 27.89 -25.65 32.79
N PRO B 142 28.13 -25.92 34.08
CA PRO B 142 28.80 -27.18 34.46
C PRO B 142 27.89 -28.39 34.45
N ASP B 143 26.57 -28.20 34.56
CA ASP B 143 25.65 -29.32 34.58
C ASP B 143 25.41 -29.92 33.20
N TRP B 144 25.94 -29.29 32.15
CA TRP B 144 25.75 -29.82 30.80
C TRP B 144 26.33 -31.22 30.70
N LYS B 145 25.67 -32.06 29.91
CA LYS B 145 26.15 -33.41 29.60
C LYS B 145 25.94 -33.72 28.13
N GLY B 146 26.15 -32.72 27.28
CA GLY B 146 25.91 -32.86 25.86
C GLY B 146 24.44 -32.68 25.52
N GLY B 147 24.14 -32.28 24.30
CA GLY B 147 22.76 -32.13 23.89
C GLY B 147 22.64 -31.13 22.75
N TYR B 148 21.55 -30.36 22.79
CA TYR B 148 21.23 -29.40 21.75
C TYR B 148 20.89 -28.07 22.39
N PHE B 149 21.60 -27.03 21.97
CA PHE B 149 21.42 -25.67 22.48
C PHE B 149 20.84 -24.81 21.37
N CYS B 150 19.62 -24.33 21.56
CA CYS B 150 19.00 -23.46 20.58
C CYS B 150 19.60 -22.06 20.68
N PRO B 151 20.11 -21.48 19.59
CA PRO B 151 20.81 -20.20 19.71
C PRO B 151 19.89 -18.98 19.63
N CYS B 152 18.67 -19.12 19.09
CA CYS B 152 17.83 -17.95 18.87
C CYS B 152 17.31 -17.38 20.19
N HIS B 153 16.80 -18.24 21.08
CA HIS B 153 16.26 -17.79 22.35
C HIS B 153 16.73 -18.65 23.52
N GLY B 154 17.83 -19.38 23.34
CA GLY B 154 18.41 -20.15 24.43
C GLY B 154 17.54 -21.28 24.94
N SER B 155 16.96 -22.08 24.05
CA SER B 155 16.28 -23.30 24.44
C SER B 155 17.25 -24.47 24.45
N HIS B 156 17.14 -25.33 25.46
CA HIS B 156 18.07 -26.43 25.66
C HIS B 156 17.34 -27.75 25.58
N TYR B 157 18.02 -28.76 25.02
CA TYR B 157 17.53 -30.12 24.99
C TYR B 157 18.70 -31.06 25.28
N ASP B 158 18.38 -32.26 25.79
CA ASP B 158 19.39 -33.26 26.03
C ASP B 158 19.72 -33.98 24.72
N LEU B 159 20.67 -34.91 24.78
CA LEU B 159 21.05 -35.67 23.60
C LEU B 159 19.93 -36.59 23.11
N ALA B 160 18.91 -36.82 23.92
CA ALA B 160 17.74 -37.58 23.51
C ALA B 160 16.65 -36.69 22.93
N GLY B 161 16.92 -35.39 22.77
CA GLY B 161 15.93 -34.47 22.25
C GLY B 161 14.91 -33.99 23.26
N ARG B 162 15.03 -34.38 24.52
CA ARG B 162 14.06 -34.00 25.54
C ARG B 162 14.39 -32.60 26.04
N VAL B 163 13.41 -31.70 25.94
CA VAL B 163 13.63 -30.30 26.28
C VAL B 163 13.93 -30.17 27.77
N TYR B 164 14.79 -29.19 28.09
CA TYR B 164 15.07 -28.87 29.48
C TYR B 164 13.90 -28.10 30.09
N LYS B 165 13.86 -28.10 31.42
CA LYS B 165 12.77 -27.45 32.14
C LYS B 165 12.93 -25.94 32.12
N GLY B 166 11.81 -25.25 31.97
CA GLY B 166 11.80 -23.80 32.02
C GLY B 166 12.56 -23.12 30.91
N GLN B 167 12.35 -23.56 29.67
CA GLN B 167 12.96 -22.96 28.49
C GLN B 167 11.87 -22.57 27.49
N PRO B 168 12.19 -21.69 26.54
CA PRO B 168 11.17 -21.29 25.55
C PRO B 168 10.56 -22.48 24.82
N ALA B 169 11.35 -23.51 24.53
CA ALA B 169 10.83 -24.70 23.89
C ALA B 169 9.84 -25.38 24.83
N PRO B 170 8.57 -25.53 24.46
CA PRO B 170 7.60 -26.13 25.38
C PRO B 170 7.58 -27.65 25.33
N LEU B 171 7.94 -28.22 24.19
CA LEU B 171 7.93 -29.66 23.98
C LEU B 171 9.32 -30.14 23.61
N ASN B 172 9.50 -31.46 23.63
CA ASN B 172 10.75 -32.05 23.21
C ASN B 172 10.91 -31.95 21.69
N LEU B 173 12.13 -32.15 21.23
CA LEU B 173 12.40 -32.13 19.81
C LEU B 173 11.68 -33.31 19.14
N PRO B 174 11.12 -33.11 17.95
CA PRO B 174 10.37 -34.21 17.31
C PRO B 174 11.26 -35.41 17.01
N ILE B 175 10.67 -36.59 17.14
CA ILE B 175 11.29 -37.83 16.69
C ILE B 175 10.57 -38.26 15.40
N PRO B 176 11.22 -38.19 14.24
CA PRO B 176 10.52 -38.51 13.00
C PRO B 176 10.24 -39.99 12.91
N PRO B 177 9.22 -40.40 12.13
CA PRO B 177 8.99 -41.83 11.93
C PRO B 177 10.04 -42.46 11.03
N TYR B 178 10.94 -43.24 11.62
CA TYR B 178 12.01 -43.89 10.88
C TYR B 178 12.13 -45.34 11.31
N THR B 179 12.81 -46.14 10.49
CA THR B 179 12.96 -47.56 10.72
C THR B 179 14.40 -47.96 10.39
N PHE B 180 14.75 -49.19 10.75
CA PHE B 180 16.06 -49.76 10.48
C PHE B 180 15.90 -50.83 9.40
N ASP B 181 16.15 -50.44 8.15
CA ASP B 181 16.19 -51.43 7.08
C ASP B 181 17.35 -52.39 7.28
N ALA B 182 18.50 -51.87 7.70
CA ALA B 182 19.66 -52.68 8.03
C ALA B 182 20.38 -52.04 9.20
N ASP B 183 21.33 -52.77 9.77
CA ASP B 183 22.06 -52.28 10.94
C ASP B 183 22.80 -50.98 10.65
N ASP B 184 23.11 -50.70 9.38
CA ASP B 184 23.88 -49.53 9.01
C ASP B 184 23.08 -48.50 8.23
N VAL B 185 21.81 -48.77 7.93
CA VAL B 185 20.99 -47.87 7.14
C VAL B 185 19.60 -47.75 7.78
N ILE B 186 19.03 -46.55 7.72
CA ILE B 186 17.69 -46.28 8.23
C ILE B 186 16.91 -45.54 7.16
N THR B 187 15.58 -45.62 7.29
CA THR B 187 14.66 -44.90 6.40
C THR B 187 13.83 -43.95 7.24
N ILE B 188 13.99 -42.65 6.99
CA ILE B 188 13.25 -41.62 7.69
C ILE B 188 12.01 -41.32 6.86
N GLY B 189 10.86 -41.85 7.29
CA GLY B 189 9.62 -41.59 6.58
C GLY B 189 8.67 -42.76 6.56
N VAL B 190 9.13 -43.96 6.94
CA VAL B 190 8.31 -45.15 7.01
C VAL B 190 8.44 -45.75 8.40
N ASP B 191 7.30 -46.05 9.02
CA ASP B 191 7.30 -46.53 10.40
C ASP B 191 7.95 -47.91 10.49
N GLN B 192 8.58 -48.16 11.64
CA GLN B 192 9.09 -49.49 11.93
C GLN B 192 7.94 -50.49 12.01
N GLU B 193 8.14 -51.66 11.45
CA GLU B 193 7.13 -52.71 11.45
C GLU B 193 6.84 -53.17 12.88
N MET C 1 -38.93 3.05 -22.19
CA MET C 1 -39.99 3.27 -23.21
C MET C 1 -41.21 2.40 -22.91
N ASN C 2 -42.40 2.93 -23.20
CA ASN C 2 -43.62 2.18 -22.93
C ASN C 2 -43.75 1.00 -23.88
N LYS C 3 -43.52 1.22 -25.17
CA LYS C 3 -43.68 0.13 -26.13
C LYS C 3 -42.65 -0.97 -25.88
N PHE C 4 -41.41 -0.59 -25.59
CA PHE C 4 -40.37 -1.58 -25.32
C PHE C 4 -40.71 -2.40 -24.09
N MET C 5 -41.19 -1.75 -23.03
CA MET C 5 -41.54 -2.48 -21.82
C MET C 5 -42.77 -3.36 -22.04
N ALA C 6 -43.71 -2.93 -22.88
CA ALA C 6 -44.83 -3.79 -23.22
C ALA C 6 -44.35 -5.02 -23.99
N TRP C 7 -43.42 -4.84 -24.92
CA TRP C 7 -42.85 -5.96 -25.65
C TRP C 7 -42.14 -6.93 -24.71
N VAL C 8 -41.35 -6.40 -23.78
CA VAL C 8 -40.62 -7.23 -22.85
C VAL C 8 -41.57 -7.98 -21.92
N ASP C 9 -42.60 -7.30 -21.43
CA ASP C 9 -43.50 -7.89 -20.45
C ASP C 9 -44.27 -9.07 -21.02
N ALA C 10 -44.59 -9.03 -22.31
CA ALA C 10 -45.21 -10.17 -22.95
C ALA C 10 -44.28 -11.38 -22.98
N ARG C 11 -42.97 -11.15 -22.92
CA ARG C 11 -41.98 -12.20 -23.07
C ARG C 11 -41.12 -12.44 -21.83
N PHE C 12 -41.12 -11.51 -20.87
CA PHE C 12 -40.32 -11.66 -19.67
C PHE C 12 -41.06 -10.93 -18.56
N PRO C 13 -41.22 -11.55 -17.39
CA PRO C 13 -41.92 -10.86 -16.29
C PRO C 13 -41.06 -9.82 -15.61
N ALA C 14 -40.51 -8.89 -16.41
CA ALA C 14 -39.66 -7.84 -15.86
C ALA C 14 -40.47 -6.89 -14.97
N THR C 15 -41.58 -6.39 -15.48
CA THR C 15 -42.43 -5.52 -14.68
C THR C 15 -43.01 -6.27 -13.49
N LYS C 16 -43.36 -7.53 -13.69
CA LYS C 16 -43.92 -8.32 -12.59
C LYS C 16 -42.91 -8.49 -11.47
N MET C 17 -41.67 -8.86 -11.81
CA MET C 17 -40.64 -8.97 -10.78
C MET C 17 -40.38 -7.62 -10.11
N TRP C 18 -40.31 -6.55 -10.91
CA TRP C 18 -40.03 -5.24 -10.35
C TRP C 18 -41.11 -4.81 -9.36
N GLU C 19 -42.37 -5.09 -9.68
CA GLU C 19 -43.49 -4.76 -8.81
C GLU C 19 -43.68 -5.77 -7.69
N ASP C 20 -43.08 -6.95 -7.78
CA ASP C 20 -43.21 -7.93 -6.70
C ASP C 20 -42.11 -7.81 -5.67
N HIS C 21 -40.92 -7.35 -6.06
CA HIS C 21 -39.75 -7.36 -5.19
C HIS C 21 -39.31 -6.00 -4.71
N LEU C 22 -39.35 -4.96 -5.56
CA LEU C 22 -38.86 -3.64 -5.17
C LEU C 22 -39.98 -2.61 -5.11
N SER C 23 -40.66 -2.37 -6.21
CA SER C 23 -41.84 -1.50 -6.21
C SER C 23 -43.05 -2.34 -5.87
N LYS C 24 -44.04 -1.72 -5.26
CA LYS C 24 -45.23 -2.42 -4.77
C LYS C 24 -44.88 -3.52 -3.77
N TYR C 25 -43.64 -3.56 -3.29
CA TYR C 25 -43.23 -4.44 -2.20
C TYR C 25 -43.11 -3.58 -0.96
N TYR C 26 -44.05 -3.74 -0.03
CA TYR C 26 -44.23 -2.81 1.07
C TYR C 26 -43.50 -3.33 2.30
N ALA C 27 -42.40 -2.69 2.64
CA ALA C 27 -41.63 -2.99 3.84
C ALA C 27 -42.04 -2.05 4.97
N PRO C 28 -41.80 -2.44 6.22
CA PRO C 28 -42.13 -1.55 7.33
C PRO C 28 -41.42 -0.21 7.17
N LYS C 29 -42.13 0.87 7.51
CA LYS C 29 -41.63 2.21 7.30
C LYS C 29 -40.70 2.67 8.40
N ASN C 30 -40.47 1.86 9.43
CA ASN C 30 -39.68 2.27 10.60
C ASN C 30 -38.32 1.57 10.64
N PHE C 31 -37.77 1.22 9.48
CA PHE C 31 -36.39 0.75 9.45
C PHE C 31 -35.47 1.84 9.97
N ASN C 32 -34.41 1.41 10.65
CA ASN C 32 -33.45 2.35 11.22
C ASN C 32 -32.02 1.96 10.81
N PHE C 33 -31.03 2.59 11.45
CA PHE C 33 -29.63 2.36 11.15
C PHE C 33 -29.32 0.88 10.95
N TRP C 34 -30.00 0.01 11.69
CA TRP C 34 -29.68 -1.40 11.67
C TRP C 34 -30.17 -2.13 10.42
N TYR C 35 -30.96 -1.49 9.57
CA TYR C 35 -31.47 -2.12 8.36
C TYR C 35 -30.71 -1.69 7.11
N PHE C 36 -29.62 -0.94 7.28
CA PHE C 36 -28.76 -0.60 6.15
C PHE C 36 -27.84 -1.74 5.74
N PHE C 37 -27.71 -2.77 6.57
CA PHE C 37 -26.58 -3.69 6.45
C PHE C 37 -26.84 -4.85 5.51
N GLY C 38 -28.08 -5.14 5.15
CA GLY C 38 -28.31 -6.12 4.10
C GLY C 38 -27.88 -5.61 2.74
N SER C 39 -28.28 -4.38 2.41
CA SER C 39 -27.84 -3.78 1.15
C SER C 39 -26.34 -3.53 1.17
N LEU C 40 -25.78 -3.17 2.32
CA LEU C 40 -24.33 -3.00 2.41
C LEU C 40 -23.61 -4.34 2.26
N ALA C 41 -24.20 -5.42 2.78
CA ALA C 41 -23.63 -6.74 2.56
C ALA C 41 -23.65 -7.09 1.08
N LEU C 42 -24.74 -6.75 0.39
CA LEU C 42 -24.78 -6.98 -1.05
C LEU C 42 -23.70 -6.16 -1.76
N LEU C 43 -23.54 -4.89 -1.37
CA LEU C 43 -22.51 -4.05 -1.99
C LEU C 43 -21.13 -4.63 -1.74
N VAL C 44 -20.85 -5.09 -0.52
CA VAL C 44 -19.53 -5.64 -0.23
C VAL C 44 -19.32 -6.95 -0.96
N LEU C 45 -20.38 -7.75 -1.15
CA LEU C 45 -20.24 -8.97 -1.92
C LEU C 45 -19.91 -8.65 -3.38
N VAL C 46 -20.58 -7.65 -3.95
CA VAL C 46 -20.26 -7.24 -5.32
C VAL C 46 -18.84 -6.72 -5.41
N ASN C 47 -18.43 -5.93 -4.42
CA ASN C 47 -17.06 -5.42 -4.38
C ASN C 47 -16.05 -6.56 -4.33
N GLN C 48 -16.30 -7.54 -3.46
CA GLN C 48 -15.41 -8.68 -3.36
C GLN C 48 -15.36 -9.45 -4.67
N ILE C 49 -16.50 -9.64 -5.32
CA ILE C 49 -16.50 -10.40 -6.56
C ILE C 49 -15.71 -9.67 -7.64
N LEU C 50 -15.96 -8.38 -7.80
CA LEU C 50 -15.28 -7.62 -8.84
C LEU C 50 -13.78 -7.53 -8.57
N THR C 51 -13.40 -7.09 -7.36
CA THR C 51 -11.99 -6.94 -7.04
C THR C 51 -11.28 -8.28 -7.03
N GLY C 52 -11.96 -9.36 -6.64
CA GLY C 52 -11.35 -10.67 -6.69
C GLY C 52 -11.13 -11.15 -8.11
N ILE C 53 -12.10 -10.89 -8.99
CA ILE C 53 -11.90 -11.22 -10.39
C ILE C 53 -10.69 -10.49 -10.93
N TRP C 54 -10.52 -9.22 -10.56
CA TRP C 54 -9.38 -8.46 -11.08
C TRP C 54 -8.07 -8.90 -10.45
N LEU C 55 -8.08 -9.23 -9.16
CA LEU C 55 -6.88 -9.78 -8.53
C LEU C 55 -6.49 -11.10 -9.19
N THR C 56 -7.47 -11.93 -9.51
CA THR C 56 -7.20 -13.21 -10.16
C THR C 56 -6.53 -13.02 -11.51
N MET C 57 -6.76 -11.88 -12.16
CA MET C 57 -6.10 -11.60 -13.43
C MET C 57 -4.59 -11.52 -13.27
N SER C 58 -4.11 -11.25 -12.06
CA SER C 58 -2.69 -11.08 -11.80
C SER C 58 -2.13 -12.01 -10.73
N PHE C 59 -2.98 -12.65 -9.94
CA PHE C 59 -2.52 -13.50 -8.86
C PHE C 59 -2.07 -14.86 -9.39
N THR C 60 -1.05 -15.41 -8.74
CA THR C 60 -0.52 -16.73 -9.08
C THR C 60 -0.72 -17.66 -7.89
N PRO C 61 -1.60 -18.66 -7.97
CA PRO C 61 -1.87 -19.53 -6.82
C PRO C 61 -0.86 -20.66 -6.67
N SER C 62 0.41 -20.30 -6.55
CA SER C 62 1.48 -21.26 -6.29
C SER C 62 2.31 -20.74 -5.13
N ALA C 63 2.82 -21.67 -4.32
CA ALA C 63 3.62 -21.29 -3.16
C ALA C 63 4.88 -20.56 -3.56
N GLU C 64 5.35 -20.74 -4.79
CA GLU C 64 6.56 -20.05 -5.25
C GLU C 64 6.28 -18.63 -5.70
N GLU C 65 5.04 -18.29 -6.07
CA GLU C 65 4.75 -17.02 -6.69
C GLU C 65 3.56 -16.28 -6.09
N ALA C 66 2.83 -16.88 -5.14
CA ALA C 66 1.64 -16.22 -4.60
C ALA C 66 2.01 -14.88 -3.96
N PHE C 67 2.98 -14.88 -3.05
CA PHE C 67 3.39 -13.65 -2.40
C PHE C 67 3.98 -12.67 -3.41
N ALA C 68 4.81 -13.17 -4.32
CA ALA C 68 5.38 -12.31 -5.36
C ALA C 68 4.30 -11.77 -6.28
N SER C 69 3.28 -12.58 -6.57
CA SER C 69 2.18 -12.10 -7.41
C SER C 69 1.37 -11.03 -6.69
N VAL C 70 1.19 -11.17 -5.37
CA VAL C 70 0.49 -10.13 -4.61
C VAL C 70 1.27 -8.83 -4.65
N GLU C 71 2.60 -8.91 -4.50
CA GLU C 71 3.41 -7.69 -4.61
C GLU C 71 3.39 -7.14 -6.03
N TYR C 72 3.32 -8.02 -7.04
CA TYR C 72 3.17 -7.56 -8.42
C TYR C 72 1.89 -6.77 -8.59
N ILE C 73 0.80 -7.24 -7.99
CA ILE C 73 -0.45 -6.48 -7.98
C ILE C 73 -0.25 -5.15 -7.26
N MET C 74 0.44 -5.17 -6.13
CA MET C 74 0.59 -3.99 -5.30
C MET C 74 1.44 -2.92 -5.96
N ARG C 75 2.37 -3.30 -6.83
CA ARG C 75 3.35 -2.36 -7.36
C ARG C 75 3.36 -2.26 -8.87
N ASP C 76 3.24 -3.37 -9.59
CA ASP C 76 3.41 -3.35 -11.03
C ASP C 76 2.11 -3.11 -11.79
N VAL C 77 1.00 -3.65 -11.29
CA VAL C 77 -0.27 -3.49 -11.98
C VAL C 77 -0.80 -2.09 -11.74
N ASP C 78 -1.21 -1.42 -12.81
CA ASP C 78 -1.74 -0.07 -12.69
C ASP C 78 -3.00 -0.07 -11.83
N TYR C 79 -2.96 0.69 -10.73
CA TYR C 79 -4.03 0.74 -9.75
C TYR C 79 -4.29 -0.61 -9.09
N GLY C 80 -3.38 -1.57 -9.26
CA GLY C 80 -3.57 -2.87 -8.63
C GLY C 80 -3.59 -2.80 -7.12
N TRP C 81 -2.82 -1.87 -6.55
CA TRP C 81 -2.86 -1.68 -5.11
C TRP C 81 -4.24 -1.24 -4.65
N ILE C 82 -4.90 -0.39 -5.44
CA ILE C 82 -6.26 0.02 -5.11
C ILE C 82 -7.18 -1.19 -5.06
N ILE C 83 -7.11 -2.05 -6.08
CA ILE C 83 -7.98 -3.21 -6.12
C ILE C 83 -7.69 -4.15 -4.96
N ARG C 84 -6.41 -4.37 -4.65
CA ARG C 84 -6.07 -5.24 -3.54
C ARG C 84 -6.59 -4.70 -2.22
N TYR C 85 -6.41 -3.39 -1.99
CA TYR C 85 -6.92 -2.82 -0.75
C TYR C 85 -8.44 -2.84 -0.71
N MET C 86 -9.08 -2.60 -1.85
CA MET C 86 -10.54 -2.78 -1.90
C MET C 86 -10.92 -4.18 -1.46
N HIS C 87 -10.17 -5.18 -1.91
CA HIS C 87 -10.53 -6.56 -1.57
C HIS C 87 -10.30 -6.85 -0.09
N SER C 88 -9.15 -6.46 0.46
CA SER C 88 -8.87 -6.73 1.86
C SER C 88 -9.81 -5.95 2.78
N THR C 89 -9.90 -4.64 2.56
CA THR C 89 -10.84 -3.82 3.30
C THR C 89 -12.26 -4.30 3.11
N GLY C 90 -12.57 -4.88 1.95
CA GLY C 90 -13.91 -5.37 1.70
C GLY C 90 -14.21 -6.66 2.41
N ALA C 91 -13.21 -7.52 2.59
CA ALA C 91 -13.40 -8.68 3.45
C ALA C 91 -13.66 -8.24 4.88
N SER C 92 -12.83 -7.32 5.39
CA SER C 92 -13.04 -6.85 6.75
C SER C 92 -14.39 -6.16 6.90
N ALA C 93 -14.77 -5.34 5.92
CA ALA C 93 -16.05 -4.65 5.96
C ALA C 93 -17.21 -5.61 5.75
N PHE C 94 -17.01 -6.68 4.98
CA PHE C 94 -18.02 -7.71 4.86
C PHE C 94 -18.32 -8.30 6.22
N PHE C 95 -17.28 -8.60 6.99
CA PHE C 95 -17.52 -9.16 8.31
C PHE C 95 -18.10 -8.13 9.26
N ILE C 96 -17.67 -6.88 9.18
CA ILE C 96 -18.26 -5.83 10.01
C ILE C 96 -19.75 -5.72 9.73
N VAL C 97 -20.10 -5.58 8.45
CA VAL C 97 -21.49 -5.38 8.04
C VAL C 97 -22.32 -6.62 8.39
N VAL C 98 -21.76 -7.80 8.20
CA VAL C 98 -22.50 -9.03 8.47
C VAL C 98 -22.71 -9.22 9.96
N TYR C 99 -21.71 -8.87 10.78
CA TYR C 99 -21.90 -8.96 12.22
C TYR C 99 -22.94 -7.97 12.70
N LEU C 100 -22.94 -6.75 12.16
CA LEU C 100 -24.00 -5.80 12.51
C LEU C 100 -25.35 -6.26 12.01
N HIS C 101 -25.37 -6.95 10.86
CA HIS C 101 -26.60 -7.52 10.32
C HIS C 101 -27.16 -8.59 11.25
N MET C 102 -26.30 -9.51 11.68
CA MET C 102 -26.70 -10.55 12.62
C MET C 102 -27.13 -9.95 13.95
N PHE C 103 -26.44 -8.90 14.40
CA PHE C 103 -26.83 -8.28 15.66
C PHE C 103 -28.15 -7.55 15.53
N ARG C 104 -28.47 -7.01 14.36
CA ARG C 104 -29.82 -6.51 14.12
C ARG C 104 -30.82 -7.65 14.25
N GLY C 105 -30.51 -8.80 13.66
CA GLY C 105 -31.38 -9.96 13.80
C GLY C 105 -31.61 -10.32 15.26
N LEU C 106 -30.55 -10.25 16.06
CA LEU C 106 -30.68 -10.51 17.49
C LEU C 106 -31.53 -9.44 18.19
N LEU C 107 -31.29 -8.17 17.84
CA LEU C 107 -31.92 -7.07 18.56
C LEU C 107 -33.43 -7.11 18.43
N TYR C 108 -33.93 -7.34 17.20
CA TYR C 108 -35.34 -7.21 16.91
C TYR C 108 -36.03 -8.55 16.74
N GLY C 109 -35.37 -9.63 17.16
CA GLY C 109 -35.97 -10.95 17.04
C GLY C 109 -36.35 -11.30 15.62
N SER C 110 -35.55 -10.88 14.66
CA SER C 110 -35.89 -11.06 13.25
C SER C 110 -35.68 -12.50 12.80
N TYR C 111 -35.08 -13.34 13.65
CA TYR C 111 -34.96 -14.77 13.36
C TYR C 111 -36.22 -15.54 13.72
N GLN C 112 -37.12 -14.96 14.50
CA GLN C 112 -38.30 -15.67 14.96
C GLN C 112 -39.28 -15.88 13.81
N LYS C 113 -40.30 -16.69 14.08
CA LYS C 113 -41.36 -16.98 13.13
C LYS C 113 -41.87 -15.68 12.52
N PRO C 114 -42.05 -15.59 11.20
CA PRO C 114 -41.87 -16.62 10.16
C PRO C 114 -40.47 -16.62 9.54
N ARG C 115 -39.52 -15.87 10.09
CA ARG C 115 -38.23 -15.67 9.45
C ARG C 115 -37.19 -16.70 9.88
N GLU C 116 -37.62 -17.88 10.32
CA GLU C 116 -36.64 -18.91 10.71
C GLU C 116 -35.80 -19.34 9.51
N LEU C 117 -36.44 -19.54 8.35
CA LEU C 117 -35.69 -19.92 7.17
C LEU C 117 -34.80 -18.80 6.68
N VAL C 118 -35.24 -17.55 6.81
CA VAL C 118 -34.37 -16.41 6.51
C VAL C 118 -33.12 -16.49 7.38
N TRP C 119 -33.30 -16.72 8.67
CA TRP C 119 -32.16 -16.79 9.58
C TRP C 119 -31.25 -17.96 9.24
N ILE C 120 -31.83 -19.10 8.86
CA ILE C 120 -31.00 -20.27 8.56
C ILE C 120 -30.21 -20.04 7.28
N PHE C 121 -30.83 -19.45 6.26
CA PHE C 121 -30.09 -19.11 5.05
C PHE C 121 -29.01 -18.09 5.35
N GLY C 122 -29.29 -17.12 6.23
CA GLY C 122 -28.28 -16.16 6.63
C GLY C 122 -27.12 -16.82 7.34
N MET C 123 -27.40 -17.80 8.18
CA MET C 123 -26.33 -18.53 8.85
C MET C 123 -25.52 -19.38 7.88
N LEU C 124 -26.18 -19.99 6.90
CA LEU C 124 -25.44 -20.68 5.86
C LEU C 124 -24.54 -19.70 5.10
N ILE C 125 -25.05 -18.50 4.85
CA ILE C 125 -24.24 -17.46 4.24
C ILE C 125 -23.04 -17.15 5.12
N TYR C 126 -23.25 -17.07 6.43
CA TYR C 126 -22.15 -16.77 7.34
C TYR C 126 -21.10 -17.87 7.33
N LEU C 127 -21.54 -19.13 7.31
CA LEU C 127 -20.60 -20.25 7.22
C LEU C 127 -19.79 -20.18 5.93
N ALA C 128 -20.48 -19.91 4.81
CA ALA C 128 -19.80 -19.78 3.54
C ALA C 128 -18.82 -18.61 3.57
N LEU C 129 -19.20 -17.50 4.20
CA LEU C 129 -18.33 -16.34 4.29
C LEU C 129 -17.09 -16.65 5.12
N MET C 130 -17.26 -17.36 6.23
CA MET C 130 -16.11 -17.72 7.05
C MET C 130 -15.17 -18.62 6.27
N ALA C 131 -15.71 -19.62 5.58
CA ALA C 131 -14.87 -20.48 4.77
C ALA C 131 -14.15 -19.68 3.69
N GLU C 132 -14.87 -18.75 3.04
CA GLU C 132 -14.29 -17.95 1.97
C GLU C 132 -13.17 -17.08 2.48
N ALA C 133 -13.38 -16.39 3.60
CA ALA C 133 -12.36 -15.52 4.14
C ALA C 133 -11.15 -16.31 4.62
N PHE C 134 -11.39 -17.46 5.27
CA PHE C 134 -10.28 -18.29 5.70
C PHE C 134 -9.45 -18.76 4.51
N MET C 135 -10.11 -19.17 3.43
CA MET C 135 -9.35 -19.67 2.29
C MET C 135 -8.69 -18.53 1.53
N GLY C 136 -9.28 -17.34 1.55
CA GLY C 136 -8.63 -16.19 0.94
C GLY C 136 -7.39 -15.76 1.70
N TYR C 137 -7.44 -15.78 3.03
CA TYR C 137 -6.30 -15.34 3.82
C TYR C 137 -5.07 -16.21 3.58
N LEU C 138 -5.25 -17.45 3.11
CA LEU C 138 -4.10 -18.27 2.76
C LEU C 138 -3.48 -17.82 1.45
N LEU C 139 -4.26 -17.19 0.57
CA LEU C 139 -3.77 -16.88 -0.77
C LEU C 139 -2.55 -15.96 -0.77
N PRO C 140 -2.48 -14.90 0.04
CA PRO C 140 -1.27 -14.06 0.02
C PRO C 140 -0.01 -14.86 0.30
N TRP C 141 -0.11 -15.97 1.04
CA TRP C 141 1.03 -16.82 1.33
C TRP C 141 2.08 -16.09 2.16
N GLY C 142 1.62 -15.25 3.08
CA GLY C 142 2.49 -14.67 4.08
C GLY C 142 2.62 -15.59 5.28
N GLN C 143 3.39 -15.11 6.27
CA GLN C 143 3.59 -15.91 7.48
C GLN C 143 2.26 -16.18 8.18
N MET C 144 1.46 -15.13 8.38
CA MET C 144 0.15 -15.30 9.01
C MET C 144 -0.72 -16.22 8.18
N SER C 145 -0.77 -16.00 6.86
CA SER C 145 -1.53 -16.88 5.99
C SER C 145 -1.18 -18.34 6.25
N TYR C 146 0.09 -18.68 6.04
CA TYR C 146 0.52 -20.07 6.12
C TYR C 146 0.25 -20.67 7.48
N TRP C 147 0.63 -19.96 8.55
CA TRP C 147 0.54 -20.57 9.87
C TRP C 147 -0.88 -20.61 10.41
N GLY C 148 -1.70 -19.60 10.12
CA GLY C 148 -3.10 -19.70 10.46
C GLY C 148 -3.78 -20.85 9.74
N ALA C 149 -3.49 -21.03 8.45
CA ALA C 149 -4.03 -22.19 7.75
C ALA C 149 -3.53 -23.48 8.38
N GLN C 150 -2.25 -23.54 8.74
CA GLN C 150 -1.70 -24.74 9.36
C GLN C 150 -2.46 -25.10 10.63
N VAL C 151 -2.66 -24.13 11.51
CA VAL C 151 -3.35 -24.41 12.77
C VAL C 151 -4.81 -24.75 12.53
N ILE C 152 -5.48 -24.01 11.65
CA ILE C 152 -6.90 -24.23 11.43
C ILE C 152 -7.14 -25.61 10.83
N ILE C 153 -6.22 -26.09 9.99
CA ILE C 153 -6.38 -27.41 9.41
C ILE C 153 -5.87 -28.50 10.34
N SER C 154 -4.94 -28.18 11.24
CA SER C 154 -4.57 -29.13 12.28
C SER C 154 -5.73 -29.36 13.23
N LEU C 155 -6.62 -28.37 13.37
CA LEU C 155 -7.85 -28.59 14.13
C LEU C 155 -8.57 -29.83 13.64
N PHE C 156 -8.63 -30.04 12.32
CA PHE C 156 -9.23 -31.24 11.78
C PHE C 156 -8.47 -32.49 12.20
N GLY C 157 -7.24 -32.34 12.69
CA GLY C 157 -6.53 -33.46 13.28
C GLY C 157 -6.99 -33.81 14.68
N ALA C 158 -7.87 -32.99 15.27
CA ALA C 158 -8.39 -33.26 16.60
C ALA C 158 -9.55 -34.25 16.59
N ILE C 159 -10.14 -34.53 15.44
CA ILE C 159 -11.19 -35.56 15.39
C ILE C 159 -10.60 -36.89 15.83
N PRO C 160 -11.21 -37.60 16.77
CA PRO C 160 -10.48 -38.69 17.46
C PRO C 160 -9.90 -39.75 16.54
N VAL C 161 -10.63 -40.15 15.49
CA VAL C 161 -10.27 -41.32 14.69
C VAL C 161 -9.79 -40.90 13.30
N VAL C 162 -10.62 -40.19 12.54
CA VAL C 162 -10.33 -39.88 11.14
C VAL C 162 -9.69 -38.51 11.04
N GLY C 163 -9.32 -37.92 12.19
CA GLY C 163 -8.86 -36.54 12.19
C GLY C 163 -7.64 -36.31 11.33
N GLU C 164 -6.61 -37.14 11.51
CA GLU C 164 -5.37 -36.93 10.78
C GLU C 164 -5.56 -37.18 9.28
N ASP C 165 -6.27 -38.26 8.93
CA ASP C 165 -6.53 -38.55 7.53
C ASP C 165 -7.35 -37.43 6.89
N LEU C 166 -8.36 -36.94 7.60
CA LEU C 166 -9.18 -35.85 7.07
C LEU C 166 -8.36 -34.59 6.88
N ALA C 167 -7.48 -34.27 7.84
CA ALA C 167 -6.64 -33.09 7.70
C ALA C 167 -5.69 -33.23 6.51
N GLN C 168 -5.10 -34.40 6.33
CA GLN C 168 -4.21 -34.60 5.19
C GLN C 168 -4.98 -34.49 3.88
N TRP C 169 -6.19 -35.05 3.83
CA TRP C 169 -6.99 -34.98 2.62
C TRP C 169 -7.37 -33.53 2.30
N ILE C 170 -7.70 -32.75 3.32
CA ILE C 170 -8.01 -31.33 3.10
C ILE C 170 -6.78 -30.59 2.60
N ARG C 171 -5.62 -30.85 3.21
CA ARG C 171 -4.41 -30.16 2.80
C ARG C 171 -3.98 -30.54 1.39
N GLY C 172 -4.20 -31.80 1.00
CA GLY C 172 -3.66 -32.29 -0.24
C GLY C 172 -2.18 -32.60 -0.17
N ASP C 173 -1.59 -32.55 1.03
CA ASP C 173 -0.16 -32.74 1.20
C ASP C 173 0.06 -33.09 2.67
N PHE C 174 1.30 -33.50 2.98
CA PHE C 174 1.65 -33.83 4.34
C PHE C 174 1.81 -32.59 5.21
N LEU C 175 1.77 -31.40 4.62
CA LEU C 175 1.80 -30.13 5.34
C LEU C 175 1.09 -29.11 4.46
N ILE C 176 0.98 -27.89 4.96
CA ILE C 176 0.46 -26.80 4.14
C ILE C 176 1.52 -26.46 3.10
N SER C 177 1.13 -26.46 1.83
CA SER C 177 2.07 -26.27 0.73
C SER C 177 1.36 -25.55 -0.40
N GLY C 178 2.02 -25.52 -1.56
CA GLY C 178 1.41 -24.92 -2.73
C GLY C 178 0.20 -25.68 -3.22
N ILE C 179 0.12 -26.97 -2.91
CA ILE C 179 -1.08 -27.74 -3.26
C ILE C 179 -2.28 -27.20 -2.48
N THR C 180 -2.11 -27.00 -1.17
CA THR C 180 -3.17 -26.41 -0.37
C THR C 180 -3.49 -25.00 -0.86
N LEU C 181 -2.46 -24.25 -1.25
CA LEU C 181 -2.68 -22.90 -1.75
C LEU C 181 -3.55 -22.90 -3.00
N ASN C 182 -3.20 -23.73 -3.99
CA ASN C 182 -3.95 -23.79 -5.23
C ASN C 182 -5.37 -24.30 -5.00
N ARG C 183 -5.52 -25.30 -4.13
CA ARG C 183 -6.83 -25.83 -3.83
C ARG C 183 -7.72 -24.79 -3.18
N PHE C 184 -7.21 -24.11 -2.15
CA PHE C 184 -7.97 -23.07 -1.48
C PHE C 184 -8.25 -21.91 -2.42
N PHE C 185 -7.34 -21.63 -3.36
CA PHE C 185 -7.57 -20.59 -4.35
C PHE C 185 -8.75 -20.94 -5.24
N ALA C 186 -8.79 -22.19 -5.72
CA ALA C 186 -9.91 -22.61 -6.55
C ALA C 186 -11.22 -22.55 -5.78
N LEU C 187 -11.22 -23.02 -4.52
CA LEU C 187 -12.44 -22.95 -3.73
C LEU C 187 -12.86 -21.51 -3.49
N HIS C 188 -11.90 -20.64 -3.21
CA HIS C 188 -12.18 -19.26 -2.84
C HIS C 188 -12.61 -18.43 -4.03
N VAL C 189 -12.19 -18.80 -5.22
CA VAL C 189 -12.35 -17.94 -6.39
C VAL C 189 -13.62 -18.30 -7.16
N ILE C 190 -14.03 -19.56 -7.13
CA ILE C 190 -15.21 -20.00 -7.86
C ILE C 190 -16.23 -20.66 -6.93
N ALA C 191 -15.85 -21.78 -6.34
CA ALA C 191 -16.82 -22.65 -5.68
C ALA C 191 -17.58 -21.90 -4.58
N LEU C 192 -16.86 -21.29 -3.66
CA LEU C 192 -17.52 -20.63 -2.55
C LEU C 192 -18.21 -19.35 -3.00
N PRO C 193 -17.65 -18.59 -3.94
CA PRO C 193 -18.44 -17.48 -4.50
C PRO C 193 -19.76 -17.92 -5.11
N ILE C 194 -19.77 -19.04 -5.83
CA ILE C 194 -21.03 -19.54 -6.39
C ILE C 194 -21.98 -19.94 -5.26
N VAL C 195 -21.47 -20.65 -4.25
CA VAL C 195 -22.31 -21.07 -3.13
C VAL C 195 -22.87 -19.85 -2.42
N LEU C 196 -22.03 -18.82 -2.21
CA LEU C 196 -22.47 -17.62 -1.53
C LEU C 196 -23.54 -16.88 -2.33
N LEU C 197 -23.36 -16.78 -3.64
CA LEU C 197 -24.36 -16.12 -4.46
C LEU C 197 -25.68 -16.86 -4.41
N GLY C 198 -25.64 -18.20 -4.52
CA GLY C 198 -26.86 -18.97 -4.40
C GLY C 198 -27.52 -18.82 -3.05
N LEU C 199 -26.71 -18.81 -1.99
CA LEU C 199 -27.26 -18.68 -0.64
C LEU C 199 -27.86 -17.30 -0.42
N VAL C 200 -27.24 -16.26 -0.98
CA VAL C 200 -27.79 -14.91 -0.88
C VAL C 200 -29.11 -14.84 -1.64
N VAL C 201 -29.18 -15.47 -2.81
CA VAL C 201 -30.44 -15.53 -3.56
C VAL C 201 -31.52 -16.19 -2.73
N LEU C 202 -31.21 -17.35 -2.14
CA LEU C 202 -32.18 -18.06 -1.32
C LEU C 202 -32.58 -17.22 -0.11
N HIS C 203 -31.62 -16.54 0.50
CA HIS C 203 -31.88 -15.72 1.68
C HIS C 203 -32.86 -14.60 1.35
N ILE C 204 -32.60 -13.87 0.27
CA ILE C 204 -33.47 -12.76 -0.10
C ILE C 204 -34.84 -13.28 -0.53
N LEU C 205 -34.87 -14.42 -1.23
CA LEU C 205 -36.14 -15.01 -1.63
C LEU C 205 -36.98 -15.39 -0.43
N ALA C 206 -36.37 -16.04 0.56
CA ALA C 206 -37.10 -16.39 1.78
C ALA C 206 -37.62 -15.14 2.49
N LEU C 207 -36.77 -14.12 2.61
CA LEU C 207 -37.20 -12.88 3.24
C LEU C 207 -38.41 -12.30 2.52
N HIS C 208 -38.33 -12.18 1.20
CA HIS C 208 -39.43 -11.60 0.45
C HIS C 208 -40.67 -12.49 0.51
N GLU C 209 -40.48 -13.78 0.75
CA GLU C 209 -41.63 -14.66 0.98
C GLU C 209 -42.33 -14.31 2.29
N VAL C 210 -41.56 -14.11 3.37
CA VAL C 210 -42.16 -13.88 4.68
C VAL C 210 -42.23 -12.41 5.07
N GLY C 211 -41.53 -11.54 4.36
CA GLY C 211 -41.54 -10.12 4.68
C GLY C 211 -40.56 -9.76 5.78
N SER C 212 -40.21 -8.48 5.80
CA SER C 212 -39.20 -7.99 6.73
C SER C 212 -39.77 -7.79 8.12
N ASN C 213 -38.93 -8.02 9.13
CA ASN C 213 -39.20 -7.57 10.48
C ASN C 213 -38.98 -6.06 10.56
N ASN C 214 -39.20 -5.48 11.74
CA ASN C 214 -38.95 -4.06 11.94
C ASN C 214 -38.50 -3.86 13.37
N PRO C 215 -37.91 -2.70 13.69
CA PRO C 215 -37.38 -2.50 15.05
C PRO C 215 -38.41 -2.69 16.15
N ASP C 216 -39.68 -2.39 15.89
CA ASP C 216 -40.71 -2.57 16.90
C ASP C 216 -41.23 -3.99 16.97
N GLY C 217 -40.82 -4.88 16.05
CA GLY C 217 -41.37 -6.21 16.00
C GLY C 217 -42.83 -6.27 15.65
N VAL C 218 -43.40 -5.18 15.15
CA VAL C 218 -44.81 -5.13 14.83
C VAL C 218 -45.04 -5.81 13.48
N ASP C 219 -45.98 -6.75 13.45
CA ASP C 219 -46.38 -7.40 12.21
C ASP C 219 -47.27 -6.43 11.44
N ILE C 220 -46.65 -5.64 10.57
CA ILE C 220 -47.38 -4.59 9.86
C ILE C 220 -48.44 -5.17 8.94
N LYS C 221 -48.29 -6.42 8.51
CA LYS C 221 -49.26 -7.02 7.60
C LYS C 221 -50.63 -7.18 8.23
N LYS C 222 -50.73 -7.13 9.56
CA LYS C 222 -52.02 -7.32 10.22
C LYS C 222 -52.98 -6.18 9.86
N LYS C 223 -52.48 -4.95 9.79
CA LYS C 223 -53.29 -3.77 9.52
C LYS C 223 -53.03 -3.31 8.10
N LYS C 224 -54.05 -3.39 7.25
CA LYS C 224 -53.94 -3.02 5.85
C LYS C 224 -55.05 -2.05 5.48
N ASP C 225 -54.77 -1.18 4.51
CA ASP C 225 -55.74 -0.23 4.04
C ASP C 225 -56.67 -0.88 3.02
N GLU C 226 -57.58 -0.08 2.45
CA GLU C 226 -58.54 -0.60 1.49
C GLU C 226 -57.88 -1.12 0.22
N ASN C 227 -56.66 -0.67 -0.09
CA ASN C 227 -55.91 -1.17 -1.24
C ASN C 227 -55.10 -2.42 -0.92
N GLY C 228 -55.11 -2.87 0.33
CA GLY C 228 -54.32 -4.01 0.73
C GLY C 228 -52.90 -3.69 1.15
N VAL C 229 -52.49 -2.43 1.08
CA VAL C 229 -51.15 -2.03 1.49
C VAL C 229 -51.12 -1.89 3.01
N PRO C 230 -50.13 -2.45 3.70
CA PRO C 230 -50.07 -2.26 5.15
C PRO C 230 -49.99 -0.78 5.51
N LEU C 231 -50.68 -0.42 6.60
CA LEU C 231 -50.69 0.98 7.02
C LEU C 231 -49.29 1.47 7.37
N ASP C 232 -48.50 0.62 8.02
CA ASP C 232 -47.12 0.94 8.37
C ASP C 232 -46.13 0.48 7.30
N GLY C 233 -46.60 0.24 6.09
CA GLY C 233 -45.75 -0.24 5.01
C GLY C 233 -45.59 0.81 3.93
N ILE C 234 -44.37 0.89 3.40
CA ILE C 234 -44.05 1.77 2.27
C ILE C 234 -43.31 0.94 1.23
N ALA C 235 -43.47 1.32 -0.03
CA ALA C 235 -42.81 0.59 -1.10
C ALA C 235 -41.30 0.62 -0.92
N PHE C 236 -40.66 -0.55 -1.02
CA PHE C 236 -39.22 -0.61 -0.88
C PHE C 236 -38.55 0.30 -1.91
N HIS C 237 -38.88 0.14 -3.17
CA HIS C 237 -38.54 1.17 -4.13
C HIS C 237 -39.68 2.18 -4.19
N PRO C 238 -39.41 3.49 -4.12
CA PRO C 238 -38.11 4.18 -4.11
C PRO C 238 -37.58 4.55 -2.72
N TYR C 239 -38.41 4.47 -1.67
CA TYR C 239 -38.05 5.07 -0.40
C TYR C 239 -36.84 4.40 0.23
N TYR C 240 -36.89 3.08 0.37
CA TYR C 240 -35.75 2.37 0.94
C TYR C 240 -34.61 2.22 -0.05
N THR C 241 -34.88 2.31 -1.35
CA THR C 241 -33.77 2.35 -2.30
C THR C 241 -32.95 3.63 -2.13
N VAL C 242 -33.60 4.77 -1.95
CA VAL C 242 -32.86 6.01 -1.72
C VAL C 242 -32.22 6.01 -0.34
N LYS C 243 -32.91 5.48 0.66
CA LYS C 243 -32.29 5.35 1.98
C LYS C 243 -31.03 4.49 1.91
N ASP C 244 -31.10 3.36 1.21
CA ASP C 244 -29.95 2.50 1.06
C ASP C 244 -28.86 3.14 0.21
N ILE C 245 -29.24 4.02 -0.74
CA ILE C 245 -28.23 4.76 -1.48
C ILE C 245 -27.46 5.68 -0.54
N VAL C 246 -28.16 6.37 0.36
CA VAL C 246 -27.47 7.22 1.33
C VAL C 246 -26.55 6.37 2.21
N GLY C 247 -27.07 5.23 2.69
CA GLY C 247 -26.26 4.35 3.50
C GLY C 247 -25.04 3.84 2.75
N VAL C 248 -25.21 3.54 1.46
CA VAL C 248 -24.11 3.06 0.64
C VAL C 248 -23.06 4.15 0.47
N VAL C 249 -23.50 5.40 0.30
CA VAL C 249 -22.53 6.49 0.18
C VAL C 249 -21.75 6.65 1.47
N VAL C 250 -22.42 6.58 2.61
CA VAL C 250 -21.71 6.70 3.89
C VAL C 250 -20.72 5.55 4.06
N PHE C 251 -21.16 4.33 3.75
CA PHE C 251 -20.28 3.18 3.85
C PHE C 251 -19.10 3.33 2.92
N LEU C 252 -19.33 3.85 1.71
CA LEU C 252 -18.23 4.03 0.76
C LEU C 252 -17.27 5.10 1.26
N PHE C 253 -17.77 6.13 1.92
CA PHE C 253 -16.88 7.12 2.51
C PHE C 253 -15.94 6.45 3.51
N ILE C 254 -16.49 5.65 4.42
CA ILE C 254 -15.64 4.96 5.39
C ILE C 254 -14.70 3.99 4.68
N PHE C 255 -15.23 3.24 3.71
CA PHE C 255 -14.48 2.22 3.01
C PHE C 255 -13.30 2.82 2.26
N CYS C 256 -13.52 3.94 1.57
CA CYS C 256 -12.45 4.58 0.82
C CYS C 256 -11.46 5.27 1.75
N THR C 257 -11.95 5.82 2.87
CA THR C 257 -11.02 6.35 3.86
C THR C 257 -10.04 5.26 4.30
N VAL C 258 -10.56 4.09 4.64
CA VAL C 258 -9.70 2.98 5.03
C VAL C 258 -8.77 2.60 3.88
N ILE C 259 -9.32 2.50 2.67
CA ILE C 259 -8.54 2.03 1.53
C ILE C 259 -7.34 2.94 1.28
N PHE C 260 -7.58 4.25 1.26
CA PHE C 260 -6.59 5.20 0.79
C PHE C 260 -5.77 5.84 1.91
N PHE C 261 -6.13 5.64 3.16
CA PHE C 261 -5.38 6.28 4.25
C PHE C 261 -4.93 5.31 5.32
N PHE C 262 -5.73 4.29 5.63
CA PHE C 262 -5.38 3.32 6.67
C PHE C 262 -5.73 1.91 6.18
N PRO C 263 -5.17 1.49 5.04
CA PRO C 263 -5.52 0.15 4.52
C PRO C 263 -5.20 -0.97 5.48
N GLU C 264 -4.11 -0.84 6.26
CA GLU C 264 -3.79 -1.87 7.25
C GLU C 264 -4.71 -1.79 8.47
N MET C 265 -5.25 -0.62 8.77
CA MET C 265 -6.11 -0.43 9.93
C MET C 265 -5.42 -0.89 11.20
N GLY C 266 -4.22 -0.35 11.44
CA GLY C 266 -3.47 -0.72 12.62
C GLY C 266 -3.05 -2.16 12.64
N GLY C 267 -2.93 -2.79 11.47
CA GLY C 267 -2.52 -4.18 11.40
C GLY C 267 -3.64 -5.19 11.56
N TYR C 268 -4.90 -4.75 11.55
CA TYR C 268 -6.04 -5.65 11.70
C TYR C 268 -6.67 -6.02 10.36
N PHE C 269 -6.77 -5.06 9.43
CA PHE C 269 -7.27 -5.39 8.09
C PHE C 269 -6.19 -6.07 7.26
N LEU C 270 -4.94 -5.62 7.39
CA LEU C 270 -3.78 -6.28 6.78
C LEU C 270 -2.75 -6.47 7.89
N GLU C 271 -2.61 -7.71 8.34
CA GLU C 271 -1.73 -7.99 9.47
C GLU C 271 -0.27 -7.80 9.07
N LYS C 272 0.50 -7.19 9.98
CA LYS C 272 1.90 -6.91 9.70
C LYS C 272 2.70 -8.17 9.39
N PRO C 273 2.63 -9.24 10.19
CA PRO C 273 3.44 -10.43 9.88
C PRO C 273 3.07 -11.07 8.55
N ASN C 274 1.88 -10.79 8.01
CA ASN C 274 1.51 -11.33 6.72
C ASN C 274 2.23 -10.64 5.57
N PHE C 275 2.94 -9.54 5.83
CA PHE C 275 3.79 -8.92 4.82
C PHE C 275 5.15 -9.59 4.72
N GLU C 276 5.40 -10.60 5.52
CA GLU C 276 6.59 -11.45 5.38
C GLU C 276 6.18 -12.76 4.72
N MET C 277 7.03 -13.25 3.82
CA MET C 277 6.69 -14.45 3.07
C MET C 277 6.57 -15.64 4.01
N ALA C 278 5.67 -16.56 3.65
CA ALA C 278 5.46 -17.75 4.46
C ALA C 278 6.76 -18.52 4.62
N ASN C 279 7.04 -18.92 5.87
CA ASN C 279 8.23 -19.68 6.20
C ASN C 279 7.78 -20.94 6.93
N GLN C 280 7.92 -22.09 6.28
CA GLN C 280 7.46 -23.35 6.87
C GLN C 280 8.24 -23.71 8.13
N PHE C 281 9.43 -23.12 8.33
CA PHE C 281 10.32 -23.54 9.39
C PHE C 281 10.43 -22.53 10.53
N LYS C 282 10.01 -21.29 10.32
CA LYS C 282 9.96 -20.28 11.38
C LYS C 282 8.52 -19.86 11.56
N THR C 283 7.98 -20.04 12.77
CA THR C 283 6.62 -19.60 13.02
C THR C 283 6.64 -18.27 13.78
N PRO C 284 5.64 -17.41 13.59
CA PRO C 284 5.64 -16.13 14.28
C PRO C 284 5.64 -16.30 15.78
N GLU C 285 6.23 -15.33 16.49
CA GLU C 285 6.26 -15.38 17.94
C GLU C 285 4.87 -15.61 18.51
N HIS C 286 3.87 -14.90 17.97
CA HIS C 286 2.48 -15.09 18.34
C HIS C 286 1.65 -15.09 17.07
N ILE C 287 0.98 -16.20 16.79
CA ILE C 287 0.11 -16.32 15.63
C ILE C 287 -1.33 -16.14 16.09
N ALA C 288 -2.04 -15.21 15.46
CA ALA C 288 -3.42 -14.91 15.80
C ALA C 288 -4.27 -14.86 14.54
N PRO C 289 -5.56 -15.13 14.65
CA PRO C 289 -6.44 -15.06 13.49
C PRO C 289 -6.74 -13.62 13.10
N VAL C 290 -7.30 -13.47 11.90
CA VAL C 290 -7.88 -12.20 11.49
C VAL C 290 -8.94 -11.84 12.53
N TRP C 291 -9.19 -10.54 12.70
CA TRP C 291 -10.00 -10.09 13.82
C TRP C 291 -11.39 -10.74 13.79
N TYR C 292 -11.98 -10.90 12.60
CA TYR C 292 -13.35 -11.38 12.52
C TYR C 292 -13.48 -12.87 12.85
N PHE C 293 -12.37 -13.60 12.98
CA PHE C 293 -12.40 -14.95 13.52
C PHE C 293 -11.94 -15.00 14.97
N THR C 294 -11.46 -13.88 15.53
CA THR C 294 -10.88 -13.91 16.86
C THR C 294 -11.82 -14.43 17.94
N PRO C 295 -13.10 -14.03 17.98
CA PRO C 295 -13.95 -14.52 19.09
C PRO C 295 -13.97 -16.03 19.19
N PHE C 296 -14.29 -16.72 18.10
CA PHE C 296 -14.35 -18.18 18.14
C PHE C 296 -12.99 -18.76 18.52
N TYR C 297 -11.91 -18.19 17.98
CA TYR C 297 -10.58 -18.58 18.42
C TYR C 297 -10.47 -18.55 19.93
N ALA C 298 -10.86 -17.43 20.54
CA ALA C 298 -10.80 -17.33 21.99
C ALA C 298 -11.54 -18.49 22.63
N ILE C 299 -12.74 -18.79 22.13
CA ILE C 299 -13.49 -19.91 22.68
C ILE C 299 -12.67 -21.19 22.58
N LEU C 300 -12.11 -21.44 21.40
CA LEU C 300 -11.28 -22.63 21.23
C LEU C 300 -10.09 -22.60 22.17
N ARG C 301 -9.52 -21.42 22.39
CA ARG C 301 -8.39 -21.29 23.30
C ARG C 301 -8.82 -21.35 24.76
N ALA C 302 -10.10 -21.09 25.05
CA ALA C 302 -10.57 -21.13 26.43
C ALA C 302 -10.72 -22.54 26.95
N VAL C 303 -10.87 -23.53 26.07
CA VAL C 303 -11.07 -24.92 26.47
C VAL C 303 -9.70 -25.57 26.58
N PRO C 304 -9.30 -26.07 27.76
CA PRO C 304 -8.00 -26.73 27.87
C PRO C 304 -7.85 -27.93 26.94
N ASP C 305 -8.91 -28.69 26.72
CA ASP C 305 -8.84 -29.86 25.86
C ASP C 305 -8.93 -29.45 24.39
N LYS C 306 -8.20 -30.18 23.55
CA LYS C 306 -8.12 -29.84 22.13
C LYS C 306 -9.40 -30.21 21.40
N LEU C 307 -9.82 -31.48 21.51
CA LEU C 307 -11.04 -31.91 20.82
C LEU C 307 -12.25 -31.16 21.35
N MET C 308 -12.34 -30.99 22.67
CA MET C 308 -13.47 -30.25 23.23
C MET C 308 -13.40 -28.79 22.84
N GLY C 309 -12.18 -28.25 22.69
CA GLY C 309 -12.06 -26.89 22.19
C GLY C 309 -12.60 -26.74 20.78
N VAL C 310 -12.25 -27.68 19.90
CA VAL C 310 -12.76 -27.64 18.54
C VAL C 310 -14.28 -27.78 18.54
N VAL C 311 -14.80 -28.69 19.37
CA VAL C 311 -16.24 -28.90 19.43
C VAL C 311 -16.94 -27.64 19.92
N ALA C 312 -16.37 -26.99 20.94
CA ALA C 312 -16.97 -25.76 21.46
C ALA C 312 -16.92 -24.64 20.44
N MET C 313 -15.82 -24.53 19.69
CA MET C 313 -15.75 -23.52 18.64
C MET C 313 -16.81 -23.77 17.57
N GLY C 314 -16.99 -25.03 17.17
CA GLY C 314 -18.02 -25.34 16.20
C GLY C 314 -19.41 -25.06 16.72
N ALA C 315 -19.66 -25.40 17.98
CA ALA C 315 -20.98 -25.17 18.57
C ALA C 315 -21.26 -23.68 18.74
N ALA C 316 -20.22 -22.88 18.97
CA ALA C 316 -20.41 -21.44 19.07
C ALA C 316 -21.09 -20.89 17.83
N ILE C 317 -20.82 -21.47 16.67
CA ILE C 317 -21.45 -21.05 15.42
C ILE C 317 -22.74 -21.83 15.18
N ALA C 318 -22.77 -23.11 15.57
CA ALA C 318 -23.94 -23.93 15.30
C ALA C 318 -25.15 -23.53 16.14
N VAL C 319 -24.92 -22.98 17.34
CA VAL C 319 -26.04 -22.60 18.20
C VAL C 319 -26.84 -21.46 17.59
N LEU C 320 -26.18 -20.58 16.83
CA LEU C 320 -26.90 -19.52 16.14
C LEU C 320 -27.89 -20.08 15.13
N PHE C 321 -27.62 -21.28 14.59
CA PHE C 321 -28.60 -21.91 13.71
C PHE C 321 -29.90 -22.21 14.43
N VAL C 322 -29.81 -22.77 15.65
CA VAL C 322 -31.01 -23.14 16.39
C VAL C 322 -31.59 -21.98 17.18
N LEU C 323 -30.91 -20.84 17.21
CA LEU C 323 -31.45 -19.62 17.81
C LEU C 323 -32.95 -19.42 17.58
N PRO C 324 -33.50 -19.60 16.38
CA PRO C 324 -34.94 -19.35 16.20
C PRO C 324 -35.82 -20.19 17.11
N TRP C 325 -35.36 -21.38 17.51
CA TRP C 325 -36.11 -22.24 18.40
C TRP C 325 -35.71 -22.06 19.86
N LEU C 326 -34.59 -21.40 20.14
CA LEU C 326 -34.21 -21.08 21.51
C LEU C 326 -35.03 -19.92 22.05
N ASP C 327 -35.40 -18.96 21.19
CA ASP C 327 -36.13 -17.79 21.61
C ASP C 327 -37.61 -18.15 21.78
N ARG C 328 -38.09 -18.12 23.03
CA ARG C 328 -39.48 -18.39 23.34
C ARG C 328 -40.22 -17.13 23.75
N SER C 329 -39.69 -15.97 23.40
CA SER C 329 -40.35 -14.72 23.77
C SER C 329 -41.65 -14.56 23.01
N PRO C 330 -42.71 -14.06 23.66
CA PRO C 330 -43.93 -13.72 22.92
C PRO C 330 -43.79 -12.51 22.01
N VAL C 331 -42.73 -11.72 22.19
CA VAL C 331 -42.48 -10.54 21.37
C VAL C 331 -41.15 -10.72 20.66
N ARG C 332 -40.99 -9.98 19.56
CA ARG C 332 -39.79 -10.06 18.74
C ARG C 332 -38.75 -9.01 19.17
N SER C 333 -39.14 -7.75 19.18
CA SER C 333 -38.19 -6.68 19.39
C SER C 333 -37.69 -6.66 20.83
N ILE C 334 -36.39 -6.37 21.00
CA ILE C 334 -35.82 -6.17 22.32
C ILE C 334 -36.45 -4.98 23.01
N ARG C 335 -37.08 -4.08 22.25
CA ARG C 335 -37.72 -2.92 22.86
C ARG C 335 -38.85 -3.34 23.80
N TYR C 336 -39.50 -4.46 23.52
CA TYR C 336 -40.63 -4.92 24.31
C TYR C 336 -40.36 -6.25 25.02
N LYS C 337 -39.13 -6.75 24.96
CA LYS C 337 -38.76 -7.91 25.76
C LYS C 337 -38.46 -7.47 27.19
N GLY C 338 -38.50 -8.44 28.10
CA GLY C 338 -38.27 -8.15 29.49
C GLY C 338 -36.82 -7.76 29.76
N TRP C 339 -36.59 -7.32 31.01
CA TRP C 339 -35.25 -6.89 31.40
C TRP C 339 -34.23 -8.00 31.23
N LEU C 340 -34.64 -9.25 31.42
CA LEU C 340 -33.69 -10.37 31.30
C LEU C 340 -33.15 -10.47 29.88
N SER C 341 -34.02 -10.33 28.87
CA SER C 341 -33.57 -10.42 27.49
C SER C 341 -32.61 -9.28 27.14
N LYS C 342 -32.92 -8.06 27.58
CA LYS C 342 -32.03 -6.93 27.32
C LYS C 342 -30.68 -7.17 27.99
N LEU C 343 -30.70 -7.62 29.25
CA LEU C 343 -29.45 -7.88 29.96
C LEU C 343 -28.63 -8.95 29.26
N TRP C 344 -29.29 -10.01 28.79
CA TRP C 344 -28.53 -11.10 28.18
C TRP C 344 -28.04 -10.73 26.79
N LEU C 345 -28.76 -9.89 26.05
CA LEU C 345 -28.23 -9.39 24.79
C LEU C 345 -27.01 -8.50 25.03
N VAL C 346 -27.06 -7.65 26.06
CA VAL C 346 -25.89 -6.85 26.41
C VAL C 346 -24.72 -7.76 26.77
N ILE C 347 -24.99 -8.79 27.57
CA ILE C 347 -23.94 -9.71 27.98
C ILE C 347 -23.36 -10.43 26.78
N PHE C 348 -24.21 -10.87 25.85
CA PHE C 348 -23.71 -11.58 24.67
C PHE C 348 -22.85 -10.68 23.80
N ALA C 349 -23.29 -9.44 23.57
CA ALA C 349 -22.49 -8.52 22.76
C ALA C 349 -21.14 -8.25 23.43
N VAL C 350 -21.15 -8.00 24.74
CA VAL C 350 -19.92 -7.71 25.45
C VAL C 350 -19.00 -8.92 25.43
N SER C 351 -19.55 -10.12 25.63
CA SER C 351 -18.74 -11.33 25.61
C SER C 351 -18.16 -11.58 24.24
N PHE C 352 -18.94 -11.37 23.17
CA PHE C 352 -18.43 -11.53 21.83
C PHE C 352 -17.27 -10.57 21.57
N VAL C 353 -17.44 -9.30 21.96
CA VAL C 353 -16.39 -8.31 21.73
C VAL C 353 -15.15 -8.66 22.54
N ILE C 354 -15.33 -9.09 23.79
CA ILE C 354 -14.19 -9.42 24.64
C ILE C 354 -13.47 -10.66 24.12
N LEU C 355 -14.22 -11.64 23.64
CA LEU C 355 -13.62 -12.82 23.06
C LEU C 355 -12.80 -12.45 21.83
N GLY C 356 -13.34 -11.60 20.97
CA GLY C 356 -12.56 -11.14 19.83
C GLY C 356 -11.32 -10.37 20.25
N TYR C 357 -11.44 -9.53 21.28
CA TYR C 357 -10.33 -8.71 21.72
C TYR C 357 -9.21 -9.55 22.32
N TYR C 358 -9.55 -10.59 23.08
CA TYR C 358 -8.55 -11.41 23.75
C TYR C 358 -8.07 -12.57 22.90
N GLY C 359 -8.82 -12.95 21.85
CA GLY C 359 -8.32 -13.91 20.89
C GLY C 359 -7.36 -13.32 19.88
N ALA C 360 -7.24 -12.00 19.84
CA ALA C 360 -6.32 -11.31 18.95
C ALA C 360 -4.93 -11.14 19.56
N GLN C 361 -4.72 -11.56 20.80
CA GLN C 361 -3.45 -11.38 21.49
C GLN C 361 -2.93 -12.72 22.00
N ALA C 362 -1.66 -12.71 22.39
CA ALA C 362 -1.06 -13.89 22.98
C ALA C 362 -1.73 -14.19 24.33
N PRO C 363 -1.74 -15.45 24.76
CA PRO C 363 -2.45 -15.78 25.99
C PRO C 363 -1.88 -15.05 27.19
N SER C 364 -2.77 -14.64 28.09
CA SER C 364 -2.43 -13.93 29.31
C SER C 364 -3.32 -14.44 30.43
N PRO C 365 -2.90 -14.29 31.69
CA PRO C 365 -3.71 -14.80 32.80
C PRO C 365 -5.09 -14.15 32.84
N LEU C 366 -5.12 -12.82 32.91
CA LEU C 366 -6.40 -12.11 32.86
C LEU C 366 -7.10 -12.38 31.54
N GLY C 367 -6.35 -12.39 30.44
CA GLY C 367 -6.95 -12.69 29.15
C GLY C 367 -7.62 -14.05 29.13
N THR C 368 -6.92 -15.06 29.65
CA THR C 368 -7.48 -16.41 29.66
C THR C 368 -8.70 -16.50 30.57
N THR C 369 -8.64 -15.89 31.77
CA THR C 369 -9.77 -15.94 32.67
C THR C 369 -10.99 -15.27 32.05
N LEU C 370 -10.81 -14.08 31.47
CA LEU C 370 -11.93 -13.40 30.85
C LEU C 370 -12.41 -14.13 29.61
N SER C 371 -11.52 -14.78 28.86
CA SER C 371 -11.96 -15.55 27.71
C SER C 371 -12.83 -16.72 28.14
N ARG C 372 -12.44 -17.41 29.21
CA ARG C 372 -13.27 -18.51 29.70
C ARG C 372 -14.62 -18.00 30.21
N VAL C 373 -14.61 -16.89 30.97
CA VAL C 373 -15.87 -16.33 31.46
C VAL C 373 -16.76 -15.94 30.29
N CYS C 374 -16.19 -15.32 29.26
CA CYS C 374 -16.96 -14.87 28.12
C CYS C 374 -17.44 -16.04 27.26
N THR C 375 -16.68 -17.14 27.20
CA THR C 375 -17.17 -18.34 26.54
C THR C 375 -18.40 -18.87 27.28
N VAL C 376 -18.33 -18.92 28.61
CA VAL C 376 -19.48 -19.36 29.40
C VAL C 376 -20.68 -18.47 29.11
N LEU C 377 -20.47 -17.16 29.13
CA LEU C 377 -21.58 -16.22 28.91
C LEU C 377 -22.12 -16.32 27.49
N TYR C 378 -21.24 -16.49 26.51
CA TYR C 378 -21.67 -16.61 25.12
C TYR C 378 -22.55 -17.82 24.95
N PHE C 379 -22.18 -18.96 25.54
CA PHE C 379 -23.01 -20.14 25.42
C PHE C 379 -24.26 -20.05 26.28
N ALA C 380 -24.20 -19.32 27.39
CA ALA C 380 -25.37 -19.18 28.24
C ALA C 380 -26.42 -18.27 27.62
N PHE C 381 -26.00 -17.31 26.80
CA PHE C 381 -26.96 -16.46 26.11
C PHE C 381 -27.92 -17.29 25.27
N PHE C 382 -27.44 -18.39 24.70
CA PHE C 382 -28.26 -19.28 23.89
C PHE C 382 -28.92 -20.36 24.73
N ILE C 383 -28.14 -21.00 25.61
CA ILE C 383 -28.65 -22.14 26.38
C ILE C 383 -29.77 -21.69 27.31
N LEU C 384 -29.62 -20.52 27.93
CA LEU C 384 -30.63 -20.01 28.85
C LEU C 384 -31.74 -19.24 28.16
N MET C 385 -31.61 -18.95 26.86
CA MET C 385 -32.65 -18.22 26.15
C MET C 385 -34.03 -18.85 26.29
N PRO C 386 -34.21 -20.16 26.12
CA PRO C 386 -35.55 -20.73 26.24
C PRO C 386 -36.16 -20.54 27.61
N PHE C 387 -35.35 -20.26 28.63
CA PHE C 387 -35.84 -20.05 29.98
C PHE C 387 -36.07 -18.57 30.27
N TYR C 388 -35.04 -17.73 30.11
CA TYR C 388 -35.19 -16.34 30.47
C TYR C 388 -36.07 -15.58 29.48
N THR C 389 -36.37 -16.15 28.31
CA THR C 389 -37.38 -15.55 27.45
C THR C 389 -38.79 -15.81 27.95
N ARG C 390 -38.97 -16.80 28.83
CA ARG C 390 -40.27 -17.09 29.44
C ARG C 390 -40.41 -16.48 30.83
N MET C 391 -39.33 -16.47 31.62
CA MET C 391 -39.41 -15.92 32.97
C MET C 391 -39.70 -14.42 32.95
N GLU C 392 -39.14 -13.71 31.96
CA GLU C 392 -39.29 -12.27 31.92
C GLU C 392 -40.72 -11.86 31.59
N LYS C 393 -41.05 -10.62 31.93
CA LYS C 393 -42.32 -10.01 31.56
C LYS C 393 -42.09 -9.05 30.40
N THR C 394 -42.85 -9.23 29.33
CA THR C 394 -42.67 -8.45 28.10
C THR C 394 -43.70 -7.34 28.01
N LYS C 395 -43.30 -6.24 27.38
CA LYS C 395 -44.21 -5.13 27.17
C LYS C 395 -45.18 -5.45 26.03
N PRO C 396 -46.36 -4.82 26.03
CA PRO C 396 -47.31 -5.06 24.92
C PRO C 396 -46.80 -4.42 23.63
N VAL C 397 -46.78 -5.21 22.58
CA VAL C 397 -46.30 -4.70 21.28
C VAL C 397 -47.35 -3.76 20.70
N PRO C 398 -46.98 -2.55 20.28
CA PRO C 398 -47.98 -1.63 19.72
C PRO C 398 -48.56 -2.17 18.42
N GLU C 399 -49.82 -1.82 18.17
CA GLU C 399 -50.46 -2.20 16.91
C GLU C 399 -49.77 -1.55 15.72
N ARG C 400 -49.38 -0.28 15.85
CA ARG C 400 -48.72 0.46 14.80
C ARG C 400 -47.28 0.76 15.18
N VAL C 401 -46.39 0.72 14.20
CA VAL C 401 -44.98 1.00 14.47
C VAL C 401 -44.83 2.41 15.02
N THR C 402 -43.86 2.58 15.91
CA THR C 402 -43.57 3.87 16.51
C THR C 402 -42.59 4.66 15.64
N GLY C 403 -42.56 5.96 15.86
CA GLY C 403 -41.66 6.83 15.11
C GLY C 403 -42.25 8.22 14.92
N GLN D 2 11.88 -1.14 24.24
CA GLN D 2 11.64 0.28 24.09
C GLN D 2 12.21 0.76 22.76
N LEU D 3 11.33 1.19 21.86
CA LEU D 3 11.73 1.69 20.56
C LEU D 3 11.88 3.21 20.58
N ASP D 4 12.66 3.71 19.64
CA ASP D 4 12.88 5.14 19.48
C ASP D 4 12.06 5.63 18.28
N HIS D 5 11.36 6.74 18.46
CA HIS D 5 10.53 7.29 17.40
C HIS D 5 11.38 8.01 16.37
N VAL D 6 11.00 7.87 15.11
CA VAL D 6 11.66 8.56 14.00
C VAL D 6 10.58 9.15 13.11
N ASP D 7 10.71 10.43 12.79
CA ASP D 7 9.75 11.14 11.94
C ASP D 7 10.22 11.00 10.50
N ILE D 8 9.56 10.15 9.74
CA ILE D 8 9.99 9.78 8.40
C ILE D 8 9.16 10.55 7.40
N ASP D 9 9.83 11.39 6.60
CA ASP D 9 9.19 12.22 5.59
C ASP D 9 9.34 11.54 4.23
N LEU D 10 8.26 10.91 3.76
CA LEU D 10 8.31 10.22 2.47
C LEU D 10 8.36 11.18 1.29
N THR D 11 8.08 12.46 1.50
CA THR D 11 8.18 13.47 0.46
C THR D 11 9.59 14.02 0.30
N ASP D 12 10.53 13.58 1.14
CA ASP D 12 11.92 14.04 1.08
C ASP D 12 12.66 13.17 0.07
N LYS D 13 12.87 13.70 -1.13
CA LYS D 13 13.56 12.92 -2.16
C LYS D 13 15.03 12.73 -1.83
N ALA D 14 15.68 13.76 -1.28
CA ALA D 14 17.10 13.64 -0.95
C ALA D 14 17.33 12.58 0.11
N ALA D 15 16.51 12.57 1.16
CA ALA D 15 16.64 11.56 2.20
C ALA D 15 16.42 10.17 1.65
N MET D 16 15.40 9.99 0.81
CA MET D 16 15.14 8.69 0.22
C MET D 16 16.28 8.27 -0.70
N GLN D 17 16.89 9.23 -1.40
CA GLN D 17 18.03 8.91 -2.27
C GLN D 17 19.22 8.43 -1.43
N ASP D 18 19.50 9.12 -0.33
CA ASP D 18 20.59 8.68 0.53
C ASP D 18 20.29 7.30 1.12
N GLY D 19 19.03 7.07 1.50
CA GLY D 19 18.66 5.76 2.01
C GLY D 19 18.81 4.67 0.96
N ALA D 20 18.45 4.97 -0.29
CA ALA D 20 18.60 4.00 -1.37
C ALA D 20 20.07 3.70 -1.61
N ARG D 21 20.92 4.72 -1.57
CA ARG D 21 22.36 4.50 -1.71
C ARG D 21 22.89 3.62 -0.58
N THR D 22 22.47 3.90 0.65
CA THR D 22 22.89 3.08 1.78
C THR D 22 22.41 1.64 1.61
N PHE D 23 21.17 1.45 1.18
CA PHE D 23 20.64 0.10 0.99
C PHE D 23 21.41 -0.63 -0.10
N ALA D 24 21.71 0.06 -1.22
CA ALA D 24 22.37 -0.59 -2.33
C ALA D 24 23.81 -0.95 -2.00
N ASN D 25 24.45 -0.19 -1.11
CA ASN D 25 25.86 -0.44 -0.81
C ASN D 25 26.05 -1.36 0.40
N TYR D 26 25.39 -1.06 1.51
CA TYR D 26 25.60 -1.77 2.76
C TYR D 26 24.60 -2.89 3.01
N CYS D 27 23.52 -2.97 2.26
CA CYS D 27 22.44 -3.90 2.56
C CYS D 27 22.20 -4.93 1.48
N MET D 28 22.30 -4.54 0.21
CA MET D 28 22.03 -5.49 -0.86
C MET D 28 23.09 -6.56 -1.00
N GLY D 29 24.14 -6.50 -0.16
CA GLY D 29 25.08 -7.62 -0.13
C GLY D 29 24.42 -8.91 0.34
N CYS D 30 23.55 -8.82 1.34
CA CYS D 30 22.83 -9.97 1.84
C CYS D 30 21.31 -9.88 1.65
N HIS D 31 20.75 -8.69 1.65
CA HIS D 31 19.30 -8.50 1.60
C HIS D 31 18.86 -8.13 0.19
N SER D 32 17.83 -8.82 -0.28
CA SER D 32 17.20 -8.43 -1.53
C SER D 32 16.07 -7.44 -1.26
N ALA D 33 15.66 -6.76 -2.31
CA ALA D 33 14.42 -5.98 -2.36
C ALA D 33 13.62 -6.41 -3.58
N LYS D 34 13.50 -7.73 -3.74
CA LYS D 34 13.12 -8.34 -5.00
C LYS D 34 11.68 -8.04 -5.43
N PHE D 35 10.85 -7.53 -4.53
CA PHE D 35 9.49 -7.14 -4.90
C PHE D 35 9.42 -5.72 -5.41
N GLN D 36 10.58 -5.12 -5.71
CA GLN D 36 10.68 -3.72 -6.06
C GLN D 36 11.66 -3.59 -7.21
N ARG D 37 11.29 -2.80 -8.22
CA ARG D 37 12.09 -2.64 -9.42
C ARG D 37 12.95 -1.38 -9.34
N TYR D 38 14.15 -1.45 -9.94
CA TYR D 38 15.01 -0.27 -9.99
C TYR D 38 14.32 0.87 -10.72
N GLU D 39 13.57 0.56 -11.78
CA GLU D 39 12.91 1.59 -12.56
C GLU D 39 11.91 2.36 -11.70
N ARG D 40 11.08 1.65 -10.94
CA ARG D 40 10.09 2.32 -10.10
C ARG D 40 10.78 3.12 -8.98
N VAL D 41 11.84 2.56 -8.40
CA VAL D 41 12.56 3.27 -7.35
C VAL D 41 13.12 4.57 -7.89
N ALA D 42 13.72 4.53 -9.09
CA ALA D 42 14.25 5.74 -9.70
C ALA D 42 13.15 6.74 -10.00
N THR D 43 12.03 6.26 -10.55
CA THR D 43 10.93 7.16 -10.89
C THR D 43 10.38 7.85 -9.64
N ASP D 44 10.19 7.11 -8.57
CA ASP D 44 9.59 7.68 -7.36
C ASP D 44 10.57 8.54 -6.58
N LEU D 45 11.85 8.19 -6.57
CA LEU D 45 12.86 8.98 -5.88
C LEU D 45 13.36 10.16 -6.72
N GLY D 46 12.92 10.26 -7.97
CA GLY D 46 13.38 11.33 -8.84
C GLY D 46 14.78 11.15 -9.35
N ILE D 47 15.30 9.93 -9.35
CA ILE D 47 16.65 9.65 -9.83
C ILE D 47 16.59 9.41 -11.34
N PRO D 48 17.41 10.11 -12.14
CA PRO D 48 17.44 9.80 -13.57
C PRO D 48 17.82 8.35 -13.83
N ALA D 49 17.22 7.78 -14.89
CA ALA D 49 17.42 6.36 -15.15
C ALA D 49 18.89 6.03 -15.36
N ASP D 50 19.61 6.86 -16.10
CA ASP D 50 21.04 6.63 -16.28
C ASP D 50 21.78 6.71 -14.95
N LEU D 51 21.41 7.69 -14.11
CA LEU D 51 22.03 7.80 -12.80
C LEU D 51 21.73 6.59 -11.92
N MET D 52 20.48 6.11 -11.96
CA MET D 52 20.13 4.90 -11.22
C MET D 52 20.96 3.72 -11.70
N MET D 53 21.09 3.58 -13.03
CA MET D 53 21.90 2.49 -13.57
C MET D 53 23.33 2.58 -13.08
N GLU D 54 23.92 3.78 -13.11
CA GLU D 54 25.34 3.92 -12.81
C GLU D 54 25.64 3.82 -11.32
N LYS D 55 24.71 4.24 -10.46
CA LYS D 55 25.01 4.46 -9.06
C LYS D 55 24.41 3.42 -8.11
N LEU D 56 23.24 2.86 -8.43
CA LEU D 56 22.55 1.98 -7.50
C LEU D 56 22.41 0.55 -7.99
N VAL D 57 22.54 0.28 -9.29
CA VAL D 57 22.41 -1.06 -9.83
C VAL D 57 23.83 -1.63 -9.94
N PHE D 58 24.19 -2.52 -9.03
CA PHE D 58 25.51 -3.14 -9.02
C PHE D 58 25.50 -4.56 -9.56
N THR D 59 24.33 -5.16 -9.75
CA THR D 59 24.23 -6.58 -10.06
C THR D 59 24.14 -6.87 -11.55
N GLY D 60 24.30 -5.87 -12.40
CA GLY D 60 24.16 -6.07 -13.83
C GLY D 60 22.73 -6.20 -14.29
N ALA D 61 21.76 -6.00 -13.41
CA ALA D 61 20.36 -6.07 -13.78
C ALA D 61 19.97 -4.86 -14.63
N LYS D 62 18.86 -4.99 -15.34
CA LYS D 62 18.33 -3.87 -16.10
C LYS D 62 17.58 -2.92 -15.18
N ILE D 63 17.18 -1.77 -15.74
CA ILE D 63 16.47 -0.77 -14.94
C ILE D 63 15.13 -1.31 -14.50
N GLY D 64 14.45 -2.04 -15.37
CA GLY D 64 13.15 -2.61 -15.04
C GLY D 64 13.20 -3.89 -14.24
N ASP D 65 14.39 -4.39 -13.94
CA ASP D 65 14.53 -5.63 -13.19
C ASP D 65 14.26 -5.41 -11.70
N HIS D 66 13.89 -6.49 -11.03
CA HIS D 66 13.70 -6.45 -9.59
C HIS D 66 15.06 -6.34 -8.88
N MET D 67 15.03 -5.76 -7.68
CA MET D 67 16.25 -5.60 -6.89
C MET D 67 16.67 -6.93 -6.26
N ASP D 68 17.01 -7.87 -7.14
CA ASP D 68 17.51 -9.17 -6.73
C ASP D 68 19.00 -9.09 -6.44
N ILE D 69 19.48 -10.04 -5.63
CA ILE D 69 20.89 -10.11 -5.27
C ILE D 69 21.37 -11.53 -5.51
N GLY D 70 22.70 -11.69 -5.55
CA GLY D 70 23.29 -12.99 -5.80
C GLY D 70 23.22 -13.95 -4.64
N MET D 71 23.06 -13.45 -3.42
CA MET D 71 23.06 -14.31 -2.25
C MET D 71 21.72 -15.03 -2.15
N LYS D 72 21.76 -16.36 -2.27
CA LYS D 72 20.54 -17.15 -2.20
C LYS D 72 20.09 -17.29 -0.74
N PRO D 73 18.76 -17.34 -0.50
CA PRO D 73 18.30 -17.47 0.89
C PRO D 73 18.82 -18.71 1.60
N ALA D 74 18.92 -19.85 0.91
CA ALA D 74 19.41 -21.06 1.56
C ALA D 74 20.89 -20.95 1.91
N ASP D 75 21.69 -20.44 0.98
CA ASP D 75 23.11 -20.23 1.25
C ASP D 75 23.29 -19.31 2.45
N ALA D 76 22.57 -18.19 2.47
CA ALA D 76 22.73 -17.24 3.56
C ALA D 76 22.20 -17.80 4.88
N LYS D 77 21.15 -18.63 4.83
CA LYS D 77 20.68 -19.27 6.06
C LYS D 77 21.75 -20.21 6.60
N THR D 78 22.40 -20.96 5.72
CA THR D 78 23.50 -21.81 6.16
C THR D 78 24.64 -20.98 6.76
N TRP D 79 24.98 -19.86 6.12
CA TRP D 79 26.15 -19.11 6.52
C TRP D 79 25.92 -18.33 7.82
N PHE D 80 24.76 -17.69 7.96
CA PHE D 80 24.49 -16.80 9.07
C PHE D 80 23.68 -17.45 10.19
N GLY D 81 23.13 -18.64 9.95
CA GLY D 81 22.21 -19.25 10.88
C GLY D 81 20.76 -18.82 10.70
N ALA D 82 20.52 -17.77 9.91
CA ALA D 82 19.17 -17.33 9.60
C ALA D 82 19.21 -16.61 8.26
N ALA D 83 18.21 -16.86 7.43
CA ALA D 83 18.17 -16.25 6.11
C ALA D 83 17.90 -14.76 6.24
N PRO D 84 18.72 -13.90 5.63
CA PRO D 84 18.40 -12.47 5.61
C PRO D 84 17.11 -12.22 4.85
N PRO D 85 16.05 -11.79 5.52
CA PRO D 85 14.76 -11.64 4.83
C PRO D 85 14.81 -10.56 3.76
N ASP D 86 13.97 -10.72 2.75
CA ASP D 86 13.75 -9.65 1.80
C ASP D 86 13.27 -8.40 2.53
N LEU D 87 13.84 -7.26 2.15
CA LEU D 87 13.64 -6.01 2.88
C LEU D 87 12.71 -5.04 2.18
N THR D 88 12.04 -5.48 1.10
CA THR D 88 11.10 -4.59 0.43
C THR D 88 9.96 -4.18 1.36
N LEU D 89 9.41 -5.13 2.12
CA LEU D 89 8.27 -4.88 2.98
C LEU D 89 8.63 -4.86 4.45
N VAL D 90 9.93 -4.84 4.79
CA VAL D 90 10.32 -4.93 6.20
C VAL D 90 9.78 -3.74 6.98
N ALA D 91 9.64 -2.59 6.34
CA ALA D 91 9.05 -1.44 7.04
C ALA D 91 7.62 -1.72 7.45
N ARG D 92 6.87 -2.44 6.61
CA ARG D 92 5.51 -2.82 6.98
C ARG D 92 5.50 -3.97 7.98
N VAL D 93 6.43 -4.91 7.85
CA VAL D 93 6.46 -6.06 8.75
C VAL D 93 6.79 -5.62 10.17
N ARG D 94 7.82 -4.78 10.33
CA ARG D 94 8.31 -4.38 11.64
C ARG D 94 7.94 -2.96 12.04
N GLY D 95 7.64 -2.09 11.07
CA GLY D 95 7.44 -0.69 11.36
C GLY D 95 8.74 0.09 11.29
N THR D 96 8.60 1.40 11.06
CA THR D 96 9.78 2.24 10.89
C THR D 96 10.49 2.48 12.22
N ASP D 97 9.74 2.60 13.32
CA ASP D 97 10.37 2.80 14.61
C ASP D 97 11.21 1.59 15.00
N TRP D 98 10.69 0.39 14.77
CA TRP D 98 11.45 -0.81 15.07
C TRP D 98 12.74 -0.86 14.25
N LEU D 99 12.67 -0.54 12.96
CA LEU D 99 13.86 -0.55 12.13
C LEU D 99 14.87 0.49 12.59
N TYR D 100 14.39 1.69 12.91
CA TYR D 100 15.27 2.75 13.38
C TYR D 100 15.99 2.35 14.65
N SER D 101 15.27 1.74 15.60
CA SER D 101 15.89 1.30 16.85
C SER D 101 16.81 0.10 16.63
N TYR D 102 16.46 -0.78 15.68
CA TYR D 102 17.23 -2.00 15.46
C TYR D 102 18.56 -1.70 14.81
N LEU D 103 18.58 -0.81 13.81
CA LEU D 103 19.82 -0.50 13.11
C LEU D 103 20.77 0.35 13.93
N ARG D 104 20.31 0.88 15.07
CA ARG D 104 21.15 1.67 15.97
C ARG D 104 21.39 0.97 17.30
N SER D 105 20.95 -0.28 17.44
CA SER D 105 21.03 -1.00 18.71
C SER D 105 22.07 -2.12 18.70
N PHE D 106 22.86 -2.22 17.64
CA PHE D 106 23.92 -3.22 17.60
C PHE D 106 25.03 -2.84 18.57
N TYR D 107 25.45 -3.80 19.41
CA TYR D 107 26.55 -3.58 20.34
C TYR D 107 27.40 -4.83 20.42
N GLU D 108 28.70 -4.63 20.67
CA GLU D 108 29.63 -5.74 20.70
C GLU D 108 29.24 -6.75 21.77
N ASP D 109 29.27 -8.04 21.40
CA ASP D 109 28.90 -9.12 22.31
C ASP D 109 29.72 -10.34 21.95
N PRO D 110 30.88 -10.53 22.60
CA PRO D 110 31.77 -11.63 22.19
C PRO D 110 31.12 -12.99 22.26
N LYS D 111 30.11 -13.18 23.11
CA LYS D 111 29.43 -14.46 23.23
C LYS D 111 28.67 -14.86 21.98
N ARG D 112 28.46 -13.93 21.05
CA ARG D 112 27.60 -14.17 19.89
C ARG D 112 28.41 -14.63 18.69
N PRO D 113 27.78 -15.31 17.74
CA PRO D 113 28.55 -15.83 16.58
C PRO D 113 29.27 -14.75 15.81
N TRP D 114 28.65 -13.58 15.63
CA TRP D 114 29.27 -12.48 14.89
C TRP D 114 29.78 -11.38 15.81
N GLY D 115 29.94 -11.66 17.09
CA GLY D 115 30.53 -10.71 18.01
C GLY D 115 29.66 -9.54 18.38
N VAL D 116 28.38 -9.54 17.98
CA VAL D 116 27.48 -8.45 18.27
C VAL D 116 26.12 -9.02 18.66
N ASN D 117 25.36 -8.20 19.39
CA ASN D 117 23.98 -8.47 19.73
C ASN D 117 23.18 -7.20 19.47
N ASN D 118 21.86 -7.30 19.60
CA ASN D 118 20.97 -6.18 19.35
C ASN D 118 19.98 -6.04 20.49
N VAL D 119 19.81 -4.82 20.98
CA VAL D 119 18.83 -4.57 22.03
C VAL D 119 17.43 -4.86 21.53
N ILE D 120 17.12 -4.39 20.32
CA ILE D 120 15.78 -4.56 19.77
C ILE D 120 15.54 -6.01 19.37
N PHE D 121 16.54 -6.66 18.79
CA PHE D 121 16.42 -8.02 18.25
C PHE D 121 17.50 -8.85 18.94
N PRO D 122 17.26 -9.27 20.18
CA PRO D 122 18.29 -10.02 20.90
C PRO D 122 18.66 -11.30 20.17
N ASN D 123 19.96 -11.61 20.18
CA ASN D 123 20.49 -12.82 19.55
C ASN D 123 20.18 -12.85 18.05
N VAL D 124 20.08 -11.67 17.42
CA VAL D 124 19.87 -11.63 15.98
C VAL D 124 21.09 -12.22 15.27
N GLY D 125 20.83 -12.87 14.15
CA GLY D 125 21.88 -13.47 13.35
C GLY D 125 22.56 -12.53 12.39
N MET D 126 22.23 -11.26 12.42
CA MET D 126 22.77 -10.28 11.49
C MET D 126 24.10 -9.72 12.00
N PRO D 127 25.16 -9.72 11.20
CA PRO D 127 26.37 -9.00 11.61
C PRO D 127 26.16 -7.50 11.58
N ASN D 128 26.93 -6.80 12.42
CA ASN D 128 26.85 -5.35 12.47
C ASN D 128 27.56 -4.75 11.27
N VAL D 129 26.83 -4.63 10.15
CA VAL D 129 27.45 -4.20 8.89
C VAL D 129 27.63 -2.70 8.80
N LEU D 130 27.01 -1.93 9.69
CA LEU D 130 27.19 -0.48 9.74
C LEU D 130 28.18 -0.06 10.83
N ALA D 131 28.91 -1.01 11.39
CA ALA D 131 29.94 -0.66 12.37
C ALA D 131 30.94 0.35 11.83
N PRO D 132 31.42 0.25 10.59
CA PRO D 132 32.36 1.27 10.09
C PRO D 132 31.79 2.68 10.17
N LEU D 133 30.48 2.85 9.98
CA LEU D 133 29.87 4.17 10.06
C LEU D 133 29.60 4.57 11.50
N GLN D 134 28.84 3.74 12.22
CA GLN D 134 28.52 4.06 13.62
C GLN D 134 29.78 4.05 14.48
N GLY D 135 30.67 3.09 14.26
CA GLY D 135 31.77 2.85 15.16
C GLY D 135 31.41 1.78 16.18
N ARG D 136 32.38 1.45 17.01
CA ARG D 136 32.20 0.41 18.01
C ARG D 136 31.18 0.86 19.05
N GLN D 137 30.09 0.12 19.20
CA GLN D 137 29.06 0.39 20.19
C GLN D 137 29.06 -0.73 21.22
N VAL D 138 28.99 -0.36 22.49
CA VAL D 138 29.13 -1.31 23.60
C VAL D 138 28.08 -1.01 24.67
N ILE D 139 27.84 -2.00 25.52
CA ILE D 139 26.93 -1.86 26.65
C ILE D 139 27.80 -1.40 27.82
N GLY D 140 27.87 -0.08 28.01
CA GLY D 140 28.73 0.49 29.03
C GLY D 140 28.07 1.58 29.85
N CYS D 141 28.90 2.44 30.44
CA CYS D 141 28.44 3.57 31.25
C CYS D 141 28.54 4.83 30.42
N LYS D 142 27.47 5.63 30.42
CA LYS D 142 27.49 6.92 29.76
C LYS D 142 26.46 7.81 30.43
N GLN D 143 26.46 9.08 30.04
CA GLN D 143 25.55 10.05 30.63
C GLN D 143 24.18 9.96 29.96
N VAL D 144 23.14 9.82 30.77
CA VAL D 144 21.77 9.75 30.30
C VAL D 144 20.95 10.77 31.06
N GLN D 145 19.99 11.40 30.38
CA GLN D 145 19.18 12.42 31.00
C GLN D 145 18.46 11.86 32.23
N VAL D 146 18.45 12.63 33.30
CA VAL D 146 17.83 12.20 34.55
C VAL D 146 16.31 12.34 34.42
N VAL D 147 15.60 11.28 34.79
CA VAL D 147 14.13 11.25 34.72
C VAL D 147 13.60 10.66 36.02
N GLU D 148 12.59 11.30 36.58
CA GLU D 148 11.97 10.87 37.84
C GLU D 148 10.46 10.83 37.62
N ASP D 149 9.91 9.64 37.39
CA ASP D 149 8.47 9.48 37.14
C ASP D 149 8.03 10.35 35.97
N GLY D 150 8.84 10.38 34.92
CA GLY D 150 8.57 11.22 33.77
C GLY D 150 9.03 12.65 33.93
N LYS D 151 9.56 13.03 35.09
CA LYS D 151 10.07 14.39 35.31
C LYS D 151 11.42 14.49 34.61
N LYS D 152 11.39 14.94 33.36
CA LYS D 152 12.59 15.02 32.53
C LYS D 152 13.22 16.40 32.70
N GLN D 153 14.49 16.41 33.09
CA GLN D 153 15.21 17.64 33.41
C GLN D 153 16.09 18.04 32.23
N PHE D 154 15.83 19.22 31.67
CA PHE D 154 16.73 19.87 30.75
C PHE D 154 17.42 21.04 31.45
N ASP D 155 18.46 21.56 30.81
CA ASP D 155 19.12 22.75 31.34
C ASP D 155 18.30 23.97 30.96
N PRO D 156 17.73 24.70 31.93
CA PRO D 156 16.90 25.87 31.56
C PRO D 156 17.64 26.86 30.67
N LEU D 157 18.93 27.08 30.91
CA LEU D 157 19.66 28.11 30.18
C LEU D 157 20.11 27.61 28.82
N THR D 158 20.94 26.57 28.79
CA THR D 158 21.45 26.04 27.54
C THR D 158 20.44 25.17 26.81
N GLY D 159 19.41 24.68 27.48
CA GLY D 159 18.44 23.82 26.85
C GLY D 159 18.89 22.41 26.62
N THR D 160 20.07 22.03 27.13
CA THR D 160 20.57 20.68 26.99
C THR D 160 20.19 19.83 28.19
N PRO D 161 20.13 18.51 28.04
CA PRO D 161 19.65 17.67 29.14
C PRO D 161 20.58 17.72 30.35
N LEU D 162 19.97 17.55 31.52
CA LEU D 162 20.72 17.31 32.75
C LEU D 162 20.88 15.80 32.92
N THR D 163 22.11 15.35 33.02
CA THR D 163 22.44 13.94 32.87
C THR D 163 23.09 13.37 34.11
N HIS D 164 22.86 12.08 34.32
CA HIS D 164 23.56 11.30 35.34
C HIS D 164 24.10 10.03 34.68
N GLU D 165 25.09 9.43 35.31
CA GLU D 165 25.78 8.28 34.73
C GLU D 165 24.93 7.01 34.89
N ALA D 166 24.87 6.21 33.81
CA ALA D 166 24.20 4.91 33.83
C ALA D 166 25.04 3.87 33.11
N CYS D 167 25.17 2.68 33.72
CA CYS D 167 26.05 1.62 33.23
C CYS D 167 25.32 0.45 32.60
N ASP D 168 24.26 0.70 31.85
CA ASP D 168 23.69 -0.33 30.98
C ASP D 168 23.21 0.31 29.68
N GLN D 169 24.03 1.19 29.12
CA GLN D 169 23.61 2.01 27.99
C GLN D 169 24.49 1.74 26.77
N LEU D 170 23.90 1.95 25.59
CA LEU D 170 24.64 1.84 24.35
C LEU D 170 25.54 3.07 24.19
N THR D 171 26.85 2.85 24.19
CA THR D 171 27.83 3.93 24.05
C THR D 171 28.75 3.61 22.88
N VAL D 172 28.94 4.59 22.00
CA VAL D 172 29.85 4.44 20.87
C VAL D 172 31.25 4.81 21.31
N VAL D 173 32.20 3.91 21.10
CA VAL D 173 33.58 4.19 21.49
C VAL D 173 34.09 5.37 20.66
N PRO D 174 34.70 6.39 21.27
CA PRO D 174 35.08 7.58 20.49
C PRO D 174 36.08 7.26 19.40
N LYS D 175 35.96 8.01 18.30
CA LYS D 175 36.91 7.92 17.18
C LYS D 175 37.03 6.50 16.66
N THR D 176 35.89 5.81 16.54
CA THR D 176 35.85 4.46 15.99
C THR D 176 35.00 4.33 14.74
N GLY D 177 34.25 5.36 14.37
CA GLY D 177 33.41 5.30 13.19
C GLY D 177 33.46 6.61 12.42
N GLU D 178 33.11 6.52 11.13
CA GLU D 178 33.16 7.70 10.28
C GLU D 178 32.18 8.76 10.76
N LEU D 179 30.99 8.35 11.18
CA LEU D 179 29.91 9.27 11.53
C LEU D 179 29.75 9.38 13.03
N ASN D 180 29.45 10.57 13.51
CA ASN D 180 29.10 10.77 14.91
C ASN D 180 27.67 10.30 15.15
N GLU D 181 27.19 10.49 16.37
CA GLU D 181 25.86 10.00 16.72
C GLU D 181 24.78 10.64 15.85
N ALA D 182 24.85 11.96 15.66
CA ALA D 182 23.84 12.63 14.84
C ALA D 182 23.95 12.23 13.37
N GLN D 183 25.17 12.13 12.86
CA GLN D 183 25.34 11.75 11.45
C GLN D 183 24.87 10.32 11.20
N PHE D 184 25.19 9.40 12.11
CA PHE D 184 24.69 8.03 11.96
C PHE D 184 23.18 7.98 12.14
N ASP D 185 22.64 8.82 13.03
CA ASP D 185 21.19 8.91 13.18
C ASP D 185 20.54 9.33 11.86
N GLU D 186 21.12 10.32 11.19
CA GLU D 186 20.58 10.77 9.92
C GLU D 186 20.73 9.69 8.85
N LYS D 187 21.86 8.98 8.84
CA LYS D 187 22.06 7.90 7.89
C LYS D 187 21.01 6.82 8.06
N VAL D 188 20.78 6.40 9.31
CA VAL D 188 19.79 5.37 9.58
C VAL D 188 18.39 5.90 9.28
N LYS D 189 18.15 7.18 9.54
CA LYS D 189 16.85 7.75 9.21
C LYS D 189 16.58 7.74 7.72
N ASN D 190 17.59 8.09 6.92
CA ASN D 190 17.43 8.04 5.47
C ASN D 190 17.21 6.61 4.99
N LEU D 191 17.96 5.67 5.55
CA LEU D 191 17.78 4.27 5.17
C LEU D 191 16.39 3.77 5.52
N VAL D 192 15.90 4.10 6.72
CA VAL D 192 14.57 3.65 7.12
C VAL D 192 13.50 4.38 6.32
N THR D 193 13.76 5.63 5.91
CA THR D 193 12.83 6.33 5.04
C THR D 193 12.73 5.63 3.68
N PHE D 194 13.87 5.22 3.13
CA PHE D 194 13.84 4.48 1.87
C PHE D 194 13.12 3.15 2.03
N LEU D 195 13.34 2.46 3.15
CA LEU D 195 12.65 1.19 3.39
C LEU D 195 11.15 1.41 3.55
N ALA D 196 10.76 2.50 4.22
CA ALA D 196 9.35 2.83 4.36
C ALA D 196 8.72 3.10 3.00
N TYR D 197 9.43 3.82 2.13
CA TYR D 197 8.94 4.01 0.77
C TYR D 197 8.80 2.68 0.05
N SER D 198 9.80 1.80 0.19
CA SER D 198 9.79 0.54 -0.54
C SER D 198 8.63 -0.33 -0.09
N ALA D 199 8.34 -0.35 1.21
CA ALA D 199 7.23 -1.15 1.70
C ALA D 199 5.89 -0.66 1.18
N ASN D 200 5.73 0.66 1.09
CA ASN D 200 4.46 1.27 0.66
C ASN D 200 4.76 2.36 -0.38
N PRO D 201 5.08 1.96 -1.61
CA PRO D 201 5.39 2.96 -2.64
C PRO D 201 4.20 3.75 -3.13
N ASN D 202 2.98 3.34 -2.80
CA ASN D 202 1.77 4.02 -3.26
C ASN D 202 1.22 4.99 -2.22
N LYS D 203 1.99 5.30 -1.17
CA LYS D 203 1.44 6.06 -0.05
C LYS D 203 1.01 7.45 -0.47
N LEU D 204 1.91 8.20 -1.12
CA LEU D 204 1.60 9.59 -1.48
C LEU D 204 0.48 9.65 -2.50
N ALA D 205 0.57 8.83 -3.55
CA ALA D 205 -0.51 8.75 -4.52
C ALA D 205 -1.79 8.28 -3.86
N SER D 206 -1.68 7.35 -2.91
CA SER D 206 -2.87 6.89 -2.20
C SER D 206 -3.54 8.05 -1.46
N GLU D 207 -2.76 8.88 -0.78
CA GLU D 207 -3.35 10.00 -0.05
C GLU D 207 -4.01 10.98 -1.00
N ARG D 208 -3.35 11.29 -2.13
CA ARG D 208 -3.94 12.23 -3.08
C ARG D 208 -5.25 11.69 -3.65
N ILE D 209 -5.22 10.45 -4.14
CA ILE D 209 -6.41 9.85 -4.73
C ILE D 209 -7.52 9.74 -3.70
N GLY D 210 -7.17 9.38 -2.46
CA GLY D 210 -8.17 9.27 -1.42
C GLY D 210 -8.79 10.59 -1.05
N THR D 211 -7.99 11.67 -1.05
CA THR D 211 -8.55 12.98 -0.83
C THR D 211 -9.58 13.32 -1.89
N TYR D 212 -9.25 13.08 -3.15
CA TYR D 212 -10.21 13.37 -4.22
C TYR D 212 -11.45 12.47 -4.10
N VAL D 213 -11.24 11.20 -3.75
CA VAL D 213 -12.36 10.27 -3.60
C VAL D 213 -13.28 10.72 -2.48
N LEU D 214 -12.71 11.17 -1.37
CA LEU D 214 -13.51 11.59 -0.23
C LEU D 214 -14.27 12.88 -0.54
N LEU D 215 -13.64 13.80 -1.28
CA LEU D 215 -14.37 14.98 -1.71
C LEU D 215 -15.55 14.61 -2.59
N TYR D 216 -15.32 13.73 -3.56
CA TYR D 216 -16.42 13.29 -4.41
C TYR D 216 -17.52 12.62 -3.59
N LEU D 217 -17.12 11.80 -2.62
CA LEU D 217 -18.11 11.07 -1.83
C LEU D 217 -18.90 12.01 -0.93
N ALA D 218 -18.28 13.09 -0.43
CA ALA D 218 -19.04 14.09 0.30
C ALA D 218 -20.06 14.79 -0.59
N PHE D 219 -19.64 15.15 -1.81
CA PHE D 219 -20.57 15.72 -2.78
C PHE D 219 -21.74 14.78 -3.05
N PHE D 220 -21.43 13.53 -3.37
CA PHE D 220 -22.46 12.54 -3.65
C PHE D 220 -23.34 12.31 -2.44
N PHE D 221 -22.77 12.35 -1.24
CA PHE D 221 -23.57 12.20 -0.03
C PHE D 221 -24.55 13.34 0.12
N VAL D 222 -24.11 14.57 -0.16
CA VAL D 222 -25.04 15.70 -0.10
C VAL D 222 -26.22 15.44 -1.03
N PHE D 223 -25.94 15.05 -2.26
CA PHE D 223 -27.03 14.82 -3.22
C PHE D 223 -27.91 13.64 -2.80
N ALA D 224 -27.33 12.55 -2.34
CA ALA D 224 -28.12 11.40 -1.94
C ALA D 224 -28.96 11.70 -0.70
N TYR D 225 -28.40 12.44 0.25
CA TYR D 225 -29.14 12.83 1.44
C TYR D 225 -30.32 13.71 1.07
N LEU D 226 -30.13 14.66 0.15
CA LEU D 226 -31.25 15.48 -0.28
C LEU D 226 -32.30 14.63 -1.00
N LEU D 227 -31.87 13.73 -1.88
CA LEU D 227 -32.79 12.86 -2.57
C LEU D 227 -33.51 11.91 -1.62
N LYS D 228 -32.94 11.65 -0.45
CA LYS D 228 -33.59 10.78 0.53
C LYS D 228 -34.57 11.57 1.40
N ARG D 229 -34.09 12.62 2.06
CA ARG D 229 -34.95 13.36 2.97
C ARG D 229 -36.14 13.94 2.21
N GLU D 230 -35.88 14.59 1.07
CA GLU D 230 -36.88 14.73 0.04
C GLU D 230 -37.16 13.35 -0.54
N TYR D 231 -38.41 13.09 -0.90
CA TYR D 231 -38.90 11.79 -1.30
C TYR D 231 -39.22 10.93 -0.08
N TRP D 232 -38.93 11.39 1.14
CA TRP D 232 -39.40 10.76 2.36
C TRP D 232 -40.39 11.65 3.10
N LYS D 233 -40.95 12.65 2.42
CA LYS D 233 -41.94 13.53 3.01
C LYS D 233 -43.34 13.02 2.71
N ALA E 1 41.38 -9.62 25.45
CA ALA E 1 41.86 -8.82 24.32
C ALA E 1 43.37 -8.64 24.40
N GLY E 2 44.01 -8.59 23.23
CA GLY E 2 45.45 -8.44 23.18
C GLY E 2 45.90 -7.00 23.42
N ASP E 3 47.21 -6.85 23.60
CA ASP E 3 47.82 -5.55 23.85
C ASP E 3 48.65 -5.20 22.62
N ALA E 4 48.25 -4.14 21.91
CA ALA E 4 48.97 -3.73 20.72
C ALA E 4 50.39 -3.29 21.05
N ALA E 5 50.57 -2.62 22.20
CA ALA E 5 51.90 -2.13 22.57
C ALA E 5 52.89 -3.28 22.69
N ALA E 6 52.49 -4.36 23.35
CA ALA E 6 53.37 -5.53 23.47
C ALA E 6 53.39 -6.33 22.17
N GLY E 7 52.28 -6.34 21.43
CA GLY E 7 52.25 -7.04 20.16
C GLY E 7 53.25 -6.49 19.17
N GLN E 8 53.48 -5.18 19.19
CA GLN E 8 54.48 -4.60 18.30
C GLN E 8 55.83 -5.27 18.51
N ALA E 9 56.27 -5.39 19.77
CA ALA E 9 57.52 -6.09 20.04
C ALA E 9 57.42 -7.55 19.65
N LYS E 10 56.30 -8.20 19.96
CA LYS E 10 56.15 -9.61 19.64
C LYS E 10 55.99 -9.86 18.15
N ALA E 11 55.62 -8.83 17.37
CA ALA E 11 55.38 -8.97 15.95
C ALA E 11 56.60 -8.65 15.09
N ALA E 12 57.75 -8.39 15.71
CA ALA E 12 58.95 -8.07 14.95
C ALA E 12 59.36 -9.23 14.05
N VAL E 13 59.29 -10.46 14.56
CA VAL E 13 59.64 -11.62 13.75
C VAL E 13 58.75 -11.70 12.52
N CYS E 14 57.47 -11.40 12.68
CA CYS E 14 56.54 -11.46 11.56
C CYS E 14 56.88 -10.42 10.50
N GLY E 15 57.29 -9.22 10.92
CA GLY E 15 57.56 -8.13 9.99
C GLY E 15 58.54 -8.48 8.89
N ALA E 16 59.29 -9.57 9.03
CA ALA E 16 60.19 -9.98 7.97
C ALA E 16 59.43 -10.26 6.68
N CYS E 17 58.28 -10.93 6.79
CA CYS E 17 57.47 -11.27 5.63
C CYS E 17 56.29 -10.33 5.44
N HIS E 18 55.62 -9.94 6.53
CA HIS E 18 54.44 -9.09 6.45
C HIS E 18 54.74 -7.61 6.57
N GLY E 19 56.00 -7.23 6.75
CA GLY E 19 56.32 -5.83 6.97
C GLY E 19 56.20 -5.44 8.43
N ALA E 20 56.98 -4.43 8.81
CA ALA E 20 57.05 -4.05 10.22
C ALA E 20 55.68 -3.66 10.75
N ASP E 21 54.93 -2.88 9.99
CA ASP E 21 53.59 -2.45 10.38
C ASP E 21 52.49 -3.37 9.85
N GLY E 22 52.85 -4.45 9.16
CA GLY E 22 51.88 -5.36 8.59
C GLY E 22 51.53 -5.09 7.15
N ASN E 23 52.14 -4.08 6.53
CA ASN E 23 51.93 -3.80 5.11
C ASN E 23 53.06 -4.46 4.33
N SER E 24 52.84 -5.71 3.94
CA SER E 24 53.88 -6.48 3.28
C SER E 24 54.23 -5.83 1.94
N PRO E 25 55.52 -5.79 1.57
CA PRO E 25 55.87 -5.24 0.25
C PRO E 25 55.72 -6.25 -0.88
N ALA E 26 55.87 -7.54 -0.57
CA ALA E 26 55.81 -8.57 -1.60
C ALA E 26 54.37 -9.04 -1.79
N PRO E 27 53.91 -9.20 -3.03
CA PRO E 27 52.50 -9.56 -3.25
C PRO E 27 52.08 -10.86 -2.61
N ASN E 28 52.97 -11.85 -2.51
CA ASN E 28 52.56 -13.16 -2.03
C ASN E 28 52.35 -13.19 -0.52
N PHE E 29 52.89 -12.22 0.20
CA PHE E 29 52.66 -12.13 1.64
C PHE E 29 51.46 -11.24 1.91
N PRO E 30 50.44 -11.71 2.63
CA PRO E 30 49.29 -10.85 2.91
C PRO E 30 49.64 -9.70 3.84
N LYS E 31 48.93 -8.60 3.68
CA LYS E 31 49.04 -7.47 4.60
C LYS E 31 48.23 -7.78 5.85
N LEU E 32 48.88 -7.76 7.00
CA LEU E 32 48.20 -7.93 8.28
C LEU E 32 47.77 -6.61 8.89
N ALA E 33 48.30 -5.49 8.40
CA ALA E 33 47.92 -4.19 8.93
C ALA E 33 46.44 -3.93 8.71
N GLY E 34 45.77 -3.47 9.76
CA GLY E 34 44.36 -3.12 9.66
C GLY E 34 43.42 -4.29 9.56
N GLN E 35 43.93 -5.52 9.57
CA GLN E 35 43.05 -6.68 9.52
C GLN E 35 42.34 -6.86 10.86
N GLY E 36 41.12 -7.37 10.80
CA GLY E 36 40.34 -7.58 12.00
C GLY E 36 41.06 -8.43 13.02
N GLU E 37 41.06 -7.98 14.28
CA GLU E 37 41.78 -8.71 15.32
C GLU E 37 41.22 -10.12 15.49
N ARG E 38 39.89 -10.25 15.46
CA ARG E 38 39.28 -11.56 15.56
C ARG E 38 39.73 -12.47 14.42
N TYR E 39 39.69 -11.94 13.19
CA TYR E 39 40.11 -12.75 12.04
C TYR E 39 41.59 -13.10 12.11
N LEU E 40 42.44 -12.14 12.49
CA LEU E 40 43.86 -12.42 12.61
C LEU E 40 44.12 -13.51 13.63
N LEU E 41 43.47 -13.41 14.79
CA LEU E 41 43.65 -14.41 15.82
C LEU E 41 43.16 -15.77 15.36
N LYS E 42 42.02 -15.81 14.68
CA LYS E 42 41.52 -17.09 14.16
C LYS E 42 42.49 -17.70 13.17
N GLN E 43 43.03 -16.88 12.26
CA GLN E 43 43.97 -17.41 11.28
C GLN E 43 45.24 -17.94 11.95
N MET E 44 45.76 -17.19 12.93
CA MET E 44 46.96 -17.64 13.61
C MET E 44 46.73 -18.92 14.39
N HIS E 45 45.58 -19.04 15.05
CA HIS E 45 45.24 -20.29 15.73
C HIS E 45 45.08 -21.44 14.74
N ASP E 46 44.44 -21.18 13.60
CA ASP E 46 44.27 -22.22 12.60
C ASP E 46 45.62 -22.70 12.08
N ILE E 47 46.54 -21.77 11.85
CA ILE E 47 47.86 -22.16 11.35
C ILE E 47 48.64 -22.90 12.43
N LYS E 48 48.48 -22.50 13.70
CA LYS E 48 49.09 -23.25 14.79
C LYS E 48 48.58 -24.69 14.82
N ASP E 49 47.27 -24.86 14.68
CA ASP E 49 46.63 -26.16 14.82
C ASP E 49 46.56 -26.93 13.51
N GLY E 50 47.10 -26.38 12.42
CA GLY E 50 47.06 -27.05 11.14
C GLY E 50 45.74 -26.95 10.40
N LYS E 51 44.77 -26.22 10.95
CA LYS E 51 43.52 -26.02 10.24
C LYS E 51 43.73 -25.24 8.95
N ARG E 52 44.72 -24.35 8.93
CA ARG E 52 45.15 -23.67 7.72
C ARG E 52 46.64 -23.92 7.55
N THR E 53 47.04 -24.33 6.34
CA THR E 53 48.41 -24.74 6.07
C THR E 53 49.16 -23.59 5.40
N VAL E 54 50.09 -22.99 6.12
CA VAL E 54 51.01 -21.99 5.58
C VAL E 54 52.41 -22.56 5.79
N LEU E 55 53.00 -23.10 4.72
CA LEU E 55 54.32 -23.71 4.84
C LEU E 55 55.37 -22.71 5.26
N GLU E 56 55.23 -21.45 4.85
CA GLU E 56 56.20 -20.43 5.20
C GLU E 56 56.19 -20.10 6.69
N MET E 57 55.17 -20.55 7.43
CA MET E 57 55.04 -20.28 8.85
C MET E 57 55.25 -21.53 9.69
N THR E 58 55.86 -22.58 9.13
CA THR E 58 56.05 -23.83 9.86
C THR E 58 56.84 -23.59 11.14
N GLY E 59 56.19 -23.77 12.29
CA GLY E 59 56.87 -23.66 13.58
C GLY E 59 57.05 -22.25 14.10
N LEU E 60 56.57 -21.24 13.37
CA LEU E 60 56.74 -19.87 13.86
C LEU E 60 55.77 -19.54 14.98
N LEU E 61 54.57 -20.10 14.97
CA LEU E 61 53.57 -19.84 15.98
C LEU E 61 53.55 -20.89 17.09
N THR E 62 54.34 -21.96 16.97
CA THR E 62 54.30 -23.03 17.97
C THR E 62 54.74 -22.53 19.33
N ASN E 63 55.75 -21.65 19.36
CA ASN E 63 56.30 -21.17 20.62
C ASN E 63 55.58 -19.94 21.16
N LEU E 64 54.62 -19.39 20.43
CA LEU E 64 53.87 -18.23 20.89
C LEU E 64 52.61 -18.68 21.60
N SER E 65 52.40 -18.16 22.81
CA SER E 65 51.24 -18.52 23.61
C SER E 65 50.00 -17.83 23.08
N ASP E 66 48.85 -18.13 23.69
CA ASP E 66 47.60 -17.51 23.26
C ASP E 66 47.64 -16.01 23.47
N GLN E 67 48.20 -15.55 24.60
CA GLN E 67 48.26 -14.12 24.85
C GLN E 67 49.22 -13.43 23.88
N ASP E 68 50.32 -14.09 23.53
CA ASP E 68 51.22 -13.52 22.54
C ASP E 68 50.52 -13.36 21.20
N LEU E 69 49.75 -14.38 20.79
CA LEU E 69 49.00 -14.28 19.55
C LEU E 69 47.96 -13.16 19.62
N ALA E 70 47.28 -13.03 20.75
CA ALA E 70 46.31 -11.95 20.91
C ALA E 70 46.99 -10.59 20.80
N ASP E 71 48.16 -10.44 21.42
CA ASP E 71 48.87 -9.17 21.36
C ASP E 71 49.30 -8.86 19.93
N ILE E 72 49.81 -9.86 19.21
CA ILE E 72 50.24 -9.62 17.83
C ILE E 72 49.05 -9.25 16.96
N ALA E 73 47.92 -9.95 17.14
CA ALA E 73 46.73 -9.65 16.37
C ALA E 73 46.22 -8.25 16.67
N ALA E 74 46.26 -7.84 17.94
CA ALA E 74 45.85 -6.49 18.29
C ALA E 74 46.78 -5.46 17.67
N TYR E 75 48.09 -5.72 17.69
CA TYR E 75 49.03 -4.77 17.09
C TYR E 75 48.79 -4.62 15.60
N PHE E 76 48.57 -5.73 14.89
CA PHE E 76 48.33 -5.63 13.46
C PHE E 76 46.98 -5.00 13.16
N ALA E 77 45.98 -5.28 13.98
CA ALA E 77 44.66 -4.67 13.81
C ALA E 77 44.69 -3.18 14.10
N SER E 78 45.69 -2.70 14.84
CA SER E 78 45.81 -1.29 15.16
C SER E 78 46.45 -0.47 14.04
N GLN E 79 46.90 -1.13 12.97
CA GLN E 79 47.53 -0.45 11.84
C GLN E 79 46.51 -0.21 10.75
N LYS E 80 46.96 0.34 9.63
CA LYS E 80 46.12 0.66 8.49
C LYS E 80 46.67 -0.02 7.25
N MET E 81 45.85 -0.86 6.62
CA MET E 81 46.27 -1.53 5.40
C MET E 81 46.44 -0.51 4.27
N SER E 82 47.62 -0.49 3.68
CA SER E 82 47.85 0.35 2.51
C SER E 82 47.01 -0.16 1.34
N VAL E 83 46.60 0.76 0.49
CA VAL E 83 45.73 0.45 -0.65
C VAL E 83 46.58 0.35 -1.90
N GLY E 84 46.43 -0.75 -2.63
CA GLY E 84 47.14 -0.95 -3.87
C GLY E 84 46.41 -0.30 -5.03
N MET E 85 46.68 -0.81 -6.23
CA MET E 85 46.14 -0.26 -7.45
C MET E 85 45.53 -1.39 -8.27
N ALA E 86 44.34 -1.14 -8.81
CA ALA E 86 43.65 -2.13 -9.63
C ALA E 86 44.07 -2.01 -11.08
N ASP E 87 44.05 -3.13 -11.78
CA ASP E 87 44.37 -3.15 -13.21
C ASP E 87 43.22 -2.53 -13.98
N PRO E 88 43.46 -1.48 -14.77
CA PRO E 88 42.32 -0.84 -15.48
C PRO E 88 41.56 -1.79 -16.38
N ASN E 89 42.25 -2.75 -17.01
CA ASN E 89 41.57 -3.69 -17.88
C ASN E 89 40.70 -4.68 -17.12
N LEU E 90 40.92 -4.82 -15.81
CA LEU E 90 40.19 -5.76 -14.99
C LEU E 90 39.27 -5.10 -13.96
N VAL E 91 39.41 -3.79 -13.75
CA VAL E 91 38.71 -3.16 -12.64
C VAL E 91 37.20 -3.21 -12.84
N ALA E 92 36.73 -3.10 -14.09
CA ALA E 92 35.30 -3.10 -14.33
C ALA E 92 34.67 -4.43 -13.94
N GLN E 93 35.22 -5.54 -14.45
CA GLN E 93 34.67 -6.85 -14.13
C GLN E 93 34.80 -7.17 -12.65
N GLY E 94 35.96 -6.85 -12.06
CA GLY E 94 36.14 -7.11 -10.65
C GLY E 94 35.17 -6.31 -9.79
N GLU E 95 34.95 -5.05 -10.14
CA GLU E 95 34.00 -4.23 -9.41
C GLU E 95 32.58 -4.78 -9.56
N ALA E 96 32.20 -5.19 -10.76
CA ALA E 96 30.87 -5.75 -10.95
C ALA E 96 30.68 -7.00 -10.09
N LEU E 97 31.69 -7.88 -10.09
CA LEU E 97 31.58 -9.09 -9.28
C LEU E 97 31.53 -8.76 -7.79
N PHE E 98 32.37 -7.83 -7.33
CA PHE E 98 32.44 -7.52 -5.91
C PHE E 98 31.14 -6.90 -5.42
N ARG E 99 30.61 -5.92 -6.17
CA ARG E 99 29.45 -5.18 -5.71
C ARG E 99 28.13 -5.90 -5.99
N GLY E 100 28.06 -6.70 -7.05
CA GLY E 100 26.81 -7.30 -7.46
C GLY E 100 26.76 -8.80 -7.31
N GLY E 101 27.92 -9.46 -7.35
CA GLY E 101 27.92 -10.91 -7.33
C GLY E 101 27.48 -11.47 -8.67
N LYS E 102 26.72 -12.56 -8.62
CA LYS E 102 26.14 -13.17 -9.81
C LYS E 102 24.72 -13.61 -9.48
N ILE E 103 23.73 -12.87 -9.98
CA ILE E 103 22.34 -13.25 -9.74
C ILE E 103 22.05 -14.60 -10.40
N ALA E 104 22.50 -14.78 -11.64
CA ALA E 104 22.18 -16.01 -12.37
C ALA E 104 22.80 -17.23 -11.70
N GLU E 105 24.10 -17.14 -11.36
CA GLU E 105 24.78 -18.26 -10.71
C GLU E 105 24.53 -18.31 -9.22
N GLY E 106 23.84 -17.32 -8.65
CA GLY E 106 23.61 -17.30 -7.22
C GLY E 106 24.86 -17.09 -6.39
N MET E 107 25.81 -16.30 -6.89
CA MET E 107 26.99 -15.98 -6.10
C MET E 107 26.77 -14.66 -5.37
N PRO E 108 26.97 -14.60 -4.06
CA PRO E 108 26.74 -13.33 -3.35
C PRO E 108 27.73 -12.28 -3.77
N ALA E 109 27.31 -11.02 -3.63
CA ALA E 109 28.27 -9.92 -3.69
C ALA E 109 29.16 -9.97 -2.47
N CYS E 110 30.39 -9.50 -2.63
CA CYS E 110 31.33 -9.46 -1.52
C CYS E 110 31.06 -8.30 -0.57
N THR E 111 30.23 -7.34 -0.97
CA THR E 111 29.99 -6.13 -0.18
C THR E 111 29.18 -6.40 1.07
N GLY E 112 28.51 -7.55 1.18
CA GLY E 112 27.74 -7.84 2.37
C GLY E 112 28.61 -8.21 3.55
N CYS E 113 29.30 -9.34 3.46
CA CYS E 113 30.14 -9.78 4.56
C CYS E 113 31.41 -8.94 4.66
N HIS E 114 32.04 -8.67 3.53
CA HIS E 114 33.10 -7.68 3.46
C HIS E 114 32.47 -6.36 3.02
N SER E 115 32.80 -5.28 3.72
CA SER E 115 32.08 -4.04 3.52
C SER E 115 32.13 -3.62 2.06
N PRO E 116 31.27 -2.67 1.66
CA PRO E 116 31.40 -2.11 0.31
C PRO E 116 32.77 -1.52 0.05
N SER E 117 33.42 -0.99 1.09
CA SER E 117 34.78 -0.49 0.99
C SER E 117 35.82 -1.57 1.26
N GLY E 118 35.39 -2.81 1.52
CA GLY E 118 36.30 -3.91 1.72
C GLY E 118 36.96 -3.98 3.07
N VAL E 119 36.45 -3.24 4.06
CA VAL E 119 37.05 -3.25 5.40
C VAL E 119 36.66 -4.47 6.20
N GLY E 120 35.75 -5.30 5.71
CA GLY E 120 35.29 -6.44 6.47
C GLY E 120 34.45 -6.01 7.67
N ILE E 121 34.15 -6.99 8.50
CA ILE E 121 33.44 -6.78 9.76
C ILE E 121 34.33 -7.36 10.85
N ALA E 122 34.99 -6.50 11.61
CA ALA E 122 35.98 -6.97 12.58
C ALA E 122 35.34 -7.85 13.64
N THR E 123 34.18 -7.44 14.17
CA THR E 123 33.54 -8.22 15.21
C THR E 123 33.09 -9.58 14.70
N ALA E 124 32.55 -9.63 13.49
CA ALA E 124 32.07 -10.89 12.92
C ALA E 124 33.19 -11.79 12.42
N GLY E 125 34.42 -11.29 12.35
CA GLY E 125 35.52 -12.07 11.82
C GLY E 125 35.62 -12.07 10.31
N PHE E 126 34.81 -11.27 9.63
CA PHE E 126 34.92 -11.18 8.18
C PHE E 126 36.15 -10.34 7.84
N PRO E 127 37.13 -10.91 7.13
CA PRO E 127 38.42 -10.21 6.98
C PRO E 127 38.33 -8.93 6.17
N HIS E 128 39.15 -7.98 6.55
CA HIS E 128 39.44 -6.83 5.69
C HIS E 128 40.03 -7.32 4.38
N LEU E 129 39.51 -6.81 3.27
CA LEU E 129 39.98 -7.19 1.94
C LEU E 129 40.57 -6.03 1.17
N GLY E 130 39.96 -4.84 1.26
CA GLY E 130 40.41 -3.70 0.48
C GLY E 130 41.88 -3.39 0.70
N GLY E 131 42.62 -3.27 -0.39
CA GLY E 131 44.05 -3.02 -0.33
C GLY E 131 44.90 -4.28 -0.26
N GLN E 132 44.30 -5.43 0.03
CA GLN E 132 45.06 -6.67 0.09
C GLN E 132 45.67 -6.97 -1.27
N HIS E 133 46.87 -7.56 -1.25
CA HIS E 133 47.58 -7.84 -2.49
C HIS E 133 46.73 -8.69 -3.43
N ALA E 134 46.72 -8.30 -4.71
CA ALA E 134 45.93 -9.05 -5.69
C ALA E 134 46.39 -10.49 -5.78
N THR E 135 47.71 -10.72 -5.74
CA THR E 135 48.22 -12.08 -5.81
C THR E 135 47.73 -12.92 -4.64
N TYR E 136 47.82 -12.38 -3.42
CA TYR E 136 47.37 -13.13 -2.26
C TYR E 136 45.87 -13.37 -2.30
N VAL E 137 45.09 -12.37 -2.68
CA VAL E 137 43.64 -12.53 -2.72
C VAL E 137 43.26 -13.58 -3.75
N ALA E 138 43.90 -13.55 -4.92
CA ALA E 138 43.64 -14.56 -5.93
C ALA E 138 44.02 -15.94 -5.44
N LYS E 139 45.15 -16.05 -4.75
CA LYS E 139 45.57 -17.35 -4.21
C LYS E 139 44.55 -17.87 -3.20
N GLN E 140 44.07 -17.00 -2.32
CA GLN E 140 43.08 -17.43 -1.32
C GLN E 140 41.77 -17.83 -1.98
N LEU E 141 41.34 -17.08 -2.99
CA LEU E 141 40.11 -17.44 -3.68
C LEU E 141 40.25 -18.78 -4.39
N THR E 142 41.40 -19.01 -5.04
CA THR E 142 41.65 -20.30 -5.67
C THR E 142 41.66 -21.42 -4.64
N ASP E 143 42.33 -21.19 -3.49
CA ASP E 143 42.41 -22.22 -2.46
C ASP E 143 41.03 -22.56 -1.91
N PHE E 144 40.19 -21.54 -1.71
CA PHE E 144 38.81 -21.79 -1.29
C PHE E 144 38.06 -22.57 -2.36
N ARG E 145 38.25 -22.21 -3.63
CA ARG E 145 37.53 -22.88 -4.71
C ARG E 145 37.89 -24.35 -4.78
N GLU E 146 39.18 -24.68 -4.67
CA GLU E 146 39.65 -26.06 -4.75
C GLU E 146 39.61 -26.77 -3.41
N GLY E 147 39.19 -26.11 -2.35
CA GLY E 147 39.16 -26.74 -1.04
C GLY E 147 40.50 -26.82 -0.35
N THR E 148 41.55 -26.22 -0.92
CA THR E 148 42.85 -26.23 -0.25
C THR E 148 42.76 -25.54 1.10
N ARG E 149 42.08 -24.41 1.17
CA ARG E 149 41.81 -23.72 2.42
C ARG E 149 40.39 -24.04 2.86
N THR E 150 40.25 -24.59 4.06
CA THR E 150 38.95 -25.03 4.57
C THR E 150 38.68 -24.51 5.97
N ASN E 151 39.52 -23.62 6.49
CA ASN E 151 39.35 -23.10 7.85
C ASN E 151 38.25 -22.04 7.93
N ASP E 152 37.44 -21.88 6.90
CA ASP E 152 36.28 -20.98 6.96
C ASP E 152 35.11 -21.61 7.70
N GLY E 153 35.28 -22.81 8.25
CA GLY E 153 34.27 -23.44 9.09
C GLY E 153 33.50 -24.51 8.36
N ASP E 154 32.61 -25.16 9.12
CA ASP E 154 31.76 -26.20 8.55
C ASP E 154 30.78 -25.61 7.54
N THR E 155 30.32 -24.37 7.75
CA THR E 155 29.40 -23.76 6.81
C THR E 155 30.02 -23.57 5.43
N LYS E 156 31.35 -23.58 5.34
CA LYS E 156 32.04 -23.49 4.05
C LYS E 156 31.60 -22.25 3.28
N ILE E 157 31.54 -21.12 3.98
CA ILE E 157 31.10 -19.88 3.36
C ILE E 157 31.93 -19.60 2.11
N MET E 158 33.24 -19.42 2.30
CA MET E 158 34.08 -19.00 1.19
C MET E 158 34.37 -20.12 0.21
N GLN E 159 34.38 -21.37 0.65
CA GLN E 159 34.50 -22.46 -0.31
C GLN E 159 33.33 -22.44 -1.28
N SER E 160 32.12 -22.31 -0.75
CA SER E 160 30.93 -22.24 -1.60
C SER E 160 30.97 -21.01 -2.49
N ILE E 161 31.36 -19.86 -1.94
CA ILE E 161 31.36 -18.64 -2.73
C ILE E 161 32.40 -18.71 -3.85
N ALA E 162 33.60 -19.20 -3.54
CA ALA E 162 34.66 -19.28 -4.54
C ALA E 162 34.42 -20.39 -5.55
N ALA E 163 33.60 -21.39 -5.22
CA ALA E 163 33.23 -22.40 -6.21
C ALA E 163 32.58 -21.77 -7.43
N LYS E 164 31.98 -20.59 -7.30
CA LYS E 164 31.26 -19.94 -8.38
C LYS E 164 32.11 -18.93 -9.13
N LEU E 165 33.39 -18.80 -8.79
CA LEU E 165 34.28 -17.84 -9.44
C LEU E 165 35.19 -18.57 -10.43
N SER E 166 35.22 -18.09 -11.66
CA SER E 166 36.17 -18.59 -12.64
C SER E 166 37.56 -17.97 -12.39
N ASN E 167 38.55 -18.47 -13.11
CA ASN E 167 39.90 -17.93 -12.97
C ASN E 167 39.94 -16.46 -13.39
N LYS E 168 39.27 -16.13 -14.49
CA LYS E 168 39.19 -14.73 -14.90
C LYS E 168 38.45 -13.89 -13.86
N ASP E 169 37.36 -14.43 -13.31
CA ASP E 169 36.66 -13.73 -12.24
C ASP E 169 37.56 -13.54 -11.03
N ILE E 170 38.33 -14.56 -10.67
CA ILE E 170 39.21 -14.45 -9.50
C ILE E 170 40.25 -13.36 -9.74
N ALA E 171 40.86 -13.37 -10.93
CA ALA E 171 41.87 -12.36 -11.22
C ALA E 171 41.28 -10.96 -11.20
N ALA E 172 40.12 -10.77 -11.84
CA ALA E 172 39.52 -9.46 -11.90
C ALA E 172 39.14 -8.96 -10.51
N ILE E 173 38.52 -9.82 -9.71
CA ILE E 173 38.07 -9.39 -8.39
C ILE E 173 39.26 -9.13 -7.47
N SER E 174 40.32 -9.93 -7.60
CA SER E 174 41.53 -9.66 -6.83
C SER E 174 42.14 -8.32 -7.21
N SER E 175 42.19 -8.02 -8.51
CA SER E 175 42.71 -6.73 -8.94
C SER E 175 41.87 -5.59 -8.41
N TYR E 176 40.54 -5.74 -8.45
CA TYR E 176 39.66 -4.70 -7.91
C TYR E 176 39.87 -4.53 -6.41
N ILE E 177 40.01 -5.63 -5.69
CA ILE E 177 40.19 -5.57 -4.23
C ILE E 177 41.50 -4.89 -3.89
N GLN E 178 42.53 -5.13 -4.71
CA GLN E 178 43.84 -4.52 -4.45
C GLN E 178 43.73 -3.00 -4.37
N GLY E 179 42.88 -2.40 -5.19
CA GLY E 179 42.66 -0.98 -5.18
C GLY E 179 41.46 -0.50 -4.39
N LEU E 180 40.70 -1.41 -3.79
CA LEU E 180 39.48 -1.03 -3.09
C LEU E 180 39.80 -0.34 -1.77
N HIS E 181 39.06 0.73 -1.49
CA HIS E 181 39.16 1.41 -0.20
C HIS E 181 37.87 2.16 0.10
N ALA F 24 23.75 16.88 -7.95
CA ALA F 24 23.28 16.79 -6.57
C ALA F 24 22.84 15.38 -6.24
N ILE F 25 22.00 14.80 -7.10
CA ILE F 25 21.60 13.41 -6.92
C ILE F 25 22.80 12.49 -7.10
N ALA F 26 23.65 12.77 -8.09
CA ALA F 26 24.80 11.91 -8.35
C ALA F 26 25.74 11.87 -7.14
N LYS F 27 26.00 13.04 -6.54
CA LYS F 27 26.81 13.06 -5.32
C LYS F 27 26.12 12.30 -4.21
N ARG F 28 24.79 12.46 -4.09
CA ARG F 28 24.04 11.75 -3.07
C ARG F 28 24.12 10.24 -3.24
N LEU F 29 24.25 9.77 -4.49
CA LEU F 29 24.15 8.37 -4.82
C LEU F 29 25.51 7.71 -5.04
N GLU F 30 26.60 8.39 -4.70
CA GLU F 30 27.93 7.87 -4.98
C GLU F 30 28.11 6.51 -4.31
N PRO F 31 28.61 5.49 -5.01
CA PRO F 31 28.85 4.20 -4.34
C PRO F 31 29.88 4.33 -3.23
N VAL F 32 29.69 3.52 -2.19
CA VAL F 32 30.58 3.57 -1.04
C VAL F 32 31.99 3.13 -1.41
N GLY F 33 32.10 2.00 -2.10
CA GLY F 33 33.39 1.43 -2.42
C GLY F 33 34.12 2.27 -3.45
N LYS F 34 35.30 2.77 -3.11
CA LYS F 34 36.17 3.50 -4.02
C LYS F 34 37.36 2.62 -4.38
N VAL F 35 37.65 2.53 -5.67
CA VAL F 35 38.73 1.70 -6.18
C VAL F 35 39.79 2.60 -6.79
N CYS F 36 41.04 2.43 -6.36
CA CYS F 36 42.16 3.17 -6.91
C CYS F 36 42.76 2.37 -8.05
N VAL F 37 42.83 2.98 -9.23
CA VAL F 37 43.19 2.28 -10.47
C VAL F 37 44.50 2.84 -10.98
N GLN F 38 45.26 1.98 -11.67
CA GLN F 38 46.50 2.42 -12.31
C GLN F 38 46.19 3.45 -13.39
N GLY F 39 46.92 4.57 -13.34
CA GLY F 39 46.71 5.65 -14.28
C GLY F 39 45.40 6.39 -14.05
N ASN G 1 -48.08 11.82 2.90
CA ASN G 1 -47.57 12.62 1.79
C ASN G 1 -48.59 13.67 1.37
N ASP G 2 -48.14 14.91 1.26
CA ASP G 2 -49.00 16.04 0.91
C ASP G 2 -48.30 16.86 -0.17
N GLY G 3 -48.77 16.71 -1.42
CA GLY G 3 -48.26 17.52 -2.51
C GLY G 3 -46.77 17.39 -2.75
N VAL G 4 -46.34 16.22 -3.23
CA VAL G 4 -44.92 16.03 -3.51
C VAL G 4 -44.46 17.09 -4.52
N ASN G 5 -43.29 17.67 -4.25
CA ASN G 5 -42.73 18.70 -5.11
C ASN G 5 -42.02 18.02 -6.28
N ALA G 6 -42.72 17.87 -7.39
CA ALA G 6 -42.09 17.39 -8.61
C ALA G 6 -41.13 18.43 -9.15
N GLY G 7 -40.27 18.01 -10.07
CA GLY G 7 -39.22 18.89 -10.54
C GLY G 7 -38.07 18.92 -9.56
N ARG G 8 -38.36 19.27 -8.31
CA ARG G 8 -37.38 19.11 -7.25
C ARG G 8 -37.03 17.63 -7.08
N ARG G 9 -38.04 16.77 -7.05
CA ARG G 9 -37.76 15.33 -7.04
C ARG G 9 -37.05 14.91 -8.32
N ARG G 10 -37.52 15.39 -9.46
CA ARG G 10 -36.87 15.06 -10.73
C ARG G 10 -35.45 15.58 -10.77
N PHE G 11 -35.24 16.82 -10.33
CA PHE G 11 -33.89 17.37 -10.33
C PHE G 11 -32.97 16.58 -9.40
N LEU G 12 -33.45 16.25 -8.20
CA LEU G 12 -32.62 15.50 -7.27
C LEU G 12 -32.30 14.11 -7.80
N VAL G 13 -33.28 13.44 -8.41
CA VAL G 13 -33.03 12.12 -8.98
C VAL G 13 -31.99 12.22 -10.09
N ALA G 14 -32.14 13.21 -10.97
CA ALA G 14 -31.20 13.36 -12.08
C ALA G 14 -29.80 13.69 -11.58
N ALA G 15 -29.70 14.61 -10.63
CA ALA G 15 -28.39 15.00 -10.11
C ALA G 15 -27.71 13.85 -9.38
N THR G 16 -28.46 13.12 -8.56
CA THR G 16 -27.90 11.97 -7.88
C THR G 16 -27.48 10.90 -8.88
N SER G 17 -28.28 10.70 -9.92
CA SER G 17 -27.93 9.71 -10.94
C SER G 17 -26.64 10.11 -11.68
N VAL G 18 -26.51 11.40 -12.03
CA VAL G 18 -25.33 11.84 -12.75
C VAL G 18 -24.09 11.73 -11.86
N VAL G 19 -24.21 12.14 -10.59
CA VAL G 19 -23.08 12.04 -9.69
C VAL G 19 -22.71 10.59 -9.44
N GLY G 20 -23.70 9.72 -9.31
CA GLY G 20 -23.41 8.30 -9.14
C GLY G 20 -22.78 7.69 -10.37
N ALA G 21 -23.18 8.14 -11.55
CA ALA G 21 -22.53 7.68 -12.78
C ALA G 21 -21.08 8.13 -12.85
N ALA G 22 -20.81 9.36 -12.43
CA ALA G 22 -19.43 9.83 -12.37
C ALA G 22 -18.62 8.98 -11.39
N GLY G 23 -19.21 8.67 -10.22
CA GLY G 23 -18.53 7.80 -9.28
C GLY G 23 -18.32 6.41 -9.83
N ALA G 24 -19.28 5.90 -10.61
CA ALA G 24 -19.12 4.60 -11.24
C ALA G 24 -17.98 4.60 -12.23
N VAL G 25 -17.85 5.67 -13.02
CA VAL G 25 -16.73 5.80 -13.93
C VAL G 25 -15.42 5.82 -13.15
N GLY G 26 -15.38 6.60 -12.06
CA GLY G 26 -14.18 6.65 -11.24
C GLY G 26 -13.80 5.31 -10.66
N ALA G 27 -14.80 4.58 -10.13
CA ALA G 27 -14.56 3.26 -9.58
C ALA G 27 -14.19 2.25 -10.66
N ALA G 28 -14.61 2.49 -11.91
CA ALA G 28 -14.16 1.66 -13.02
C ALA G 28 -12.72 1.97 -13.41
N VAL G 29 -12.26 3.20 -13.15
CA VAL G 29 -10.91 3.58 -13.55
C VAL G 29 -9.86 2.59 -13.06
N PRO G 30 -9.86 2.16 -11.80
CA PRO G 30 -8.88 1.14 -11.40
C PRO G 30 -8.96 -0.13 -12.24
N PHE G 31 -10.16 -0.61 -12.52
CA PHE G 31 -10.31 -1.89 -13.19
C PHE G 31 -9.91 -1.80 -14.66
N VAL G 32 -10.31 -0.72 -15.34
CA VAL G 32 -9.92 -0.55 -16.74
C VAL G 32 -8.43 -0.23 -16.83
N GLY G 33 -7.91 0.59 -15.91
CA GLY G 33 -6.51 0.95 -15.94
C GLY G 33 -5.57 -0.20 -15.67
N SER G 34 -5.97 -1.13 -14.80
CA SER G 34 -5.13 -2.26 -14.49
C SER G 34 -4.91 -3.18 -15.69
N TRP G 35 -5.70 -3.03 -16.75
CA TRP G 35 -5.55 -3.85 -17.93
C TRP G 35 -4.52 -3.31 -18.92
N PHE G 36 -4.04 -2.08 -18.73
CA PHE G 36 -2.98 -1.57 -19.58
C PHE G 36 -1.67 -2.26 -19.21
N PRO G 37 -0.69 -2.27 -20.12
CA PRO G 37 0.56 -2.98 -19.84
C PRO G 37 1.18 -2.53 -18.54
N SER G 38 1.52 -3.50 -17.69
CA SER G 38 2.06 -3.23 -16.37
C SER G 38 3.57 -3.03 -16.45
N ALA G 39 4.20 -2.86 -15.28
CA ALA G 39 5.65 -2.74 -15.24
C ALA G 39 6.34 -4.04 -15.67
N LYS G 40 5.70 -5.18 -15.41
CA LYS G 40 6.22 -6.44 -15.93
C LYS G 40 6.24 -6.43 -17.46
N ALA G 41 5.16 -5.96 -18.07
CA ALA G 41 5.08 -5.94 -19.54
C ALA G 41 6.09 -4.97 -20.13
N LYS G 42 6.30 -3.83 -19.47
CA LYS G 42 7.11 -2.75 -20.02
C LYS G 42 8.62 -3.01 -19.91
N ALA G 43 9.03 -4.24 -19.63
CA ALA G 43 10.46 -4.53 -19.56
C ALA G 43 11.18 -4.24 -20.87
N ALA G 44 10.47 -4.27 -21.99
CA ALA G 44 11.06 -3.94 -23.28
C ALA G 44 12.13 -4.94 -23.66
N GLY G 45 12.93 -4.60 -24.67
CA GLY G 45 13.98 -5.50 -25.13
C GLY G 45 15.14 -4.72 -25.73
N ALA G 46 16.30 -5.35 -25.74
CA ALA G 46 17.52 -4.75 -26.24
C ALA G 46 17.88 -5.33 -27.60
N PRO G 47 18.69 -4.62 -28.39
CA PRO G 47 19.06 -5.13 -29.72
C PRO G 47 19.79 -6.45 -29.61
N VAL G 48 19.56 -7.31 -30.61
CA VAL G 48 20.11 -8.66 -30.65
C VAL G 48 21.11 -8.74 -31.79
N GLN G 49 22.31 -9.24 -31.49
CA GLN G 49 23.38 -9.39 -32.48
C GLN G 49 23.35 -10.82 -33.00
N VAL G 50 23.24 -10.96 -34.32
CA VAL G 50 23.07 -12.25 -34.97
C VAL G 50 24.19 -12.44 -35.98
N ASN G 51 24.85 -13.59 -35.93
CA ASN G 51 25.89 -13.96 -36.87
C ASN G 51 25.23 -14.61 -38.08
N VAL G 52 25.31 -13.96 -39.24
CA VAL G 52 24.59 -14.40 -40.43
C VAL G 52 25.52 -14.99 -41.48
N GLY G 53 26.80 -15.17 -41.15
CA GLY G 53 27.73 -15.75 -42.12
C GLY G 53 27.55 -17.24 -42.31
N LYS G 54 26.89 -17.91 -41.37
CA LYS G 54 26.75 -19.37 -41.41
C LYS G 54 25.44 -19.82 -42.03
N ILE G 55 24.62 -18.89 -42.52
CA ILE G 55 23.35 -19.26 -43.14
C ILE G 55 23.62 -19.81 -44.53
N ASP G 56 23.19 -21.04 -44.77
CA ASP G 56 23.39 -21.67 -46.06
C ASP G 56 22.50 -21.02 -47.11
N PRO G 57 22.86 -21.13 -48.39
CA PRO G 57 22.05 -20.50 -49.43
C PRO G 57 20.61 -20.99 -49.39
N GLY G 58 19.68 -20.06 -49.58
CA GLY G 58 18.27 -20.40 -49.61
C GLY G 58 17.72 -20.87 -48.29
N GLN G 59 18.34 -20.50 -47.18
CA GLN G 59 17.91 -20.91 -45.85
C GLN G 59 17.69 -19.67 -44.98
N GLN G 60 16.95 -19.86 -43.89
CA GLN G 60 16.62 -18.77 -42.98
C GLN G 60 16.84 -19.23 -41.55
N ILE G 61 17.12 -18.25 -40.69
CA ILE G 61 17.24 -18.48 -39.25
C ILE G 61 16.31 -17.53 -38.52
N ILE G 62 15.88 -17.94 -37.34
CA ILE G 62 14.98 -17.15 -36.50
C ILE G 62 15.83 -16.45 -35.45
N ALA G 63 15.66 -15.14 -35.35
CA ALA G 63 16.31 -14.35 -34.30
C ALA G 63 15.23 -13.79 -33.37
N GLU G 64 15.42 -13.97 -32.07
CA GLU G 64 14.46 -13.47 -31.09
C GLU G 64 14.76 -12.00 -30.81
N TRP G 65 13.89 -11.11 -31.28
CA TRP G 65 14.07 -9.67 -31.10
C TRP G 65 12.81 -9.10 -30.47
N ARG G 66 12.93 -8.60 -29.25
CA ARG G 66 11.82 -7.94 -28.56
C ARG G 66 10.59 -8.84 -28.49
N GLY G 67 10.82 -10.13 -28.27
CA GLY G 67 9.75 -11.09 -28.16
C GLY G 67 9.16 -11.55 -29.48
N LYS G 68 9.70 -11.09 -30.61
CA LYS G 68 9.18 -11.44 -31.91
C LYS G 68 10.22 -12.24 -32.70
N PRO G 69 9.77 -13.09 -33.64
CA PRO G 69 10.72 -13.80 -34.49
C PRO G 69 11.10 -12.97 -35.72
N VAL G 70 12.41 -12.88 -35.99
CA VAL G 70 12.92 -12.17 -37.15
C VAL G 70 13.51 -13.22 -38.08
N PHE G 71 12.96 -13.28 -39.30
CA PHE G 71 13.49 -14.16 -40.34
C PHE G 71 14.70 -13.49 -40.95
N ILE G 72 15.87 -14.10 -40.77
CA ILE G 72 17.10 -13.67 -41.43
C ILE G 72 17.41 -14.74 -42.47
N VAL G 73 17.16 -14.44 -43.73
CA VAL G 73 17.26 -15.40 -44.81
C VAL G 73 18.39 -14.98 -45.75
N HIS G 74 19.31 -15.90 -46.00
CA HIS G 74 20.40 -15.69 -46.96
C HIS G 74 19.83 -16.01 -48.34
N ARG G 75 19.59 -14.97 -49.13
CA ARG G 75 18.88 -15.14 -50.39
C ARG G 75 19.85 -15.51 -51.50
N THR G 76 19.60 -16.64 -52.15
CA THR G 76 20.36 -17.02 -53.33
C THR G 76 19.98 -16.13 -54.50
N LYS G 77 20.78 -16.20 -55.56
CA LYS G 77 20.57 -15.31 -56.70
C LYS G 77 19.22 -15.60 -57.36
N GLU G 78 18.95 -16.87 -57.67
CA GLU G 78 17.78 -17.20 -58.49
C GLU G 78 16.51 -16.56 -57.93
N MET G 79 16.35 -16.57 -56.61
CA MET G 79 15.15 -15.95 -56.03
C MET G 79 15.24 -14.42 -56.11
N LEU G 80 16.43 -13.86 -56.08
CA LEU G 80 16.57 -12.43 -56.29
C LEU G 80 16.13 -12.03 -57.69
N ASP G 81 16.48 -12.83 -58.71
CA ASP G 81 15.99 -12.54 -60.06
C ASP G 81 14.49 -12.78 -60.16
N ALA G 82 13.98 -13.78 -59.44
CA ALA G 82 12.54 -14.06 -59.48
C ALA G 82 11.73 -12.95 -58.83
N LEU G 83 12.28 -12.29 -57.81
CA LEU G 83 11.51 -11.30 -57.07
C LEU G 83 10.97 -10.19 -57.96
N PRO G 84 11.74 -9.56 -58.84
CA PRO G 84 11.16 -8.55 -59.73
C PRO G 84 10.06 -9.11 -60.62
N SER G 85 10.08 -10.41 -60.91
CA SER G 85 9.04 -11.01 -61.74
C SER G 85 7.70 -11.11 -61.02
N LEU G 86 7.65 -10.85 -59.72
CA LEU G 86 6.44 -10.98 -58.93
C LEU G 86 5.74 -9.64 -58.67
N GLU G 87 6.27 -8.53 -59.19
CA GLU G 87 5.73 -7.23 -58.83
C GLU G 87 4.27 -7.09 -59.22
N GLY G 88 3.82 -7.87 -60.20
CA GLY G 88 2.43 -7.81 -60.62
C GLY G 88 1.45 -8.50 -59.70
N GLN G 89 1.93 -9.30 -58.75
CA GLN G 89 1.08 -10.02 -57.81
C GLN G 89 1.21 -9.50 -56.39
N LEU G 90 1.86 -8.35 -56.18
CA LEU G 90 2.13 -7.82 -54.86
C LEU G 90 1.33 -6.55 -54.65
N ALA G 91 0.68 -6.45 -53.47
CA ALA G 91 -0.13 -5.27 -53.18
C ALA G 91 0.73 -4.02 -53.11
N ASP G 92 1.90 -4.11 -52.46
CA ASP G 92 2.78 -2.96 -52.26
C ASP G 92 4.19 -3.35 -52.67
N PRO G 93 4.43 -3.48 -53.98
CA PRO G 93 5.78 -3.88 -54.44
C PRO G 93 6.86 -2.89 -54.03
N ASP G 94 6.55 -1.60 -53.97
CA ASP G 94 7.53 -0.59 -53.61
C ASP G 94 7.53 -0.27 -52.11
N SER G 95 6.76 -1.01 -51.31
CA SER G 95 6.75 -0.83 -49.86
C SER G 95 6.35 0.59 -49.48
N LYS G 96 5.43 1.18 -50.25
CA LYS G 96 4.99 2.54 -49.96
C LYS G 96 4.15 2.60 -48.68
N ALA G 97 3.42 1.54 -48.36
CA ALA G 97 2.52 1.53 -47.22
C ALA G 97 3.00 0.65 -46.07
N SER G 98 4.11 -0.05 -46.23
CA SER G 98 4.59 -0.95 -45.19
C SER G 98 5.54 -0.21 -44.24
N GLU G 99 5.97 -0.90 -43.20
CA GLU G 99 6.90 -0.35 -42.21
C GLU G 99 8.26 -0.99 -42.40
N GLN G 100 9.25 -0.17 -42.74
CA GLN G 100 10.61 -0.63 -42.97
C GLN G 100 11.56 0.53 -42.76
N PRO G 101 12.83 0.27 -42.45
CA PRO G 101 13.79 1.37 -42.29
C PRO G 101 13.93 2.18 -43.57
N GLU G 102 14.14 3.47 -43.40
CA GLU G 102 14.28 4.36 -44.55
C GLU G 102 15.47 3.99 -45.43
N TYR G 103 16.43 3.24 -44.91
CA TYR G 103 17.68 2.98 -45.61
C TYR G 103 17.70 1.63 -46.32
N VAL G 104 16.63 0.86 -46.28
CA VAL G 104 16.59 -0.43 -46.96
C VAL G 104 16.04 -0.22 -48.37
N ASP G 105 16.34 -1.18 -49.25
CA ASP G 105 15.89 -1.08 -50.63
C ASP G 105 14.37 -1.14 -50.68
N PRO G 106 13.70 -0.23 -51.40
CA PRO G 106 12.23 -0.28 -51.43
C PRO G 106 11.67 -1.60 -51.93
N LYS G 107 12.36 -2.26 -52.86
CA LYS G 107 11.86 -3.50 -53.44
C LYS G 107 12.39 -4.72 -52.70
N LEU G 108 13.70 -4.81 -52.52
CA LEU G 108 14.28 -5.94 -51.78
C LEU G 108 14.04 -5.82 -50.28
N ARG G 109 13.78 -4.61 -49.78
CA ARG G 109 13.48 -4.40 -48.37
C ARG G 109 14.58 -4.94 -47.46
N SER G 110 15.83 -4.72 -47.87
CA SER G 110 16.98 -5.13 -47.09
C SER G 110 18.15 -4.21 -47.40
N ILE G 111 19.10 -4.14 -46.47
CA ILE G 111 20.30 -3.34 -46.70
C ILE G 111 21.11 -3.91 -47.85
N LYS G 112 21.29 -5.22 -47.89
CA LYS G 112 21.97 -5.89 -48.99
C LYS G 112 21.08 -6.96 -49.60
N PRO G 113 21.07 -7.09 -50.94
CA PRO G 113 20.12 -8.02 -51.56
C PRO G 113 20.27 -9.46 -51.08
N GLU G 114 21.50 -9.93 -50.88
CA GLU G 114 21.69 -11.35 -50.61
C GLU G 114 21.19 -11.78 -49.24
N LEU G 115 20.87 -10.83 -48.35
CA LEU G 115 20.33 -11.16 -47.04
C LEU G 115 19.09 -10.31 -46.78
N ALA G 116 18.03 -10.95 -46.28
CA ALA G 116 16.80 -10.27 -45.95
C ALA G 116 16.49 -10.48 -44.47
N VAL G 117 16.29 -9.38 -43.75
CA VAL G 117 15.92 -9.40 -42.34
C VAL G 117 14.50 -8.86 -42.26
N ILE G 118 13.56 -9.71 -41.87
CA ILE G 118 12.14 -9.38 -41.89
C ILE G 118 11.54 -9.70 -40.52
N VAL G 119 10.76 -8.77 -39.98
CA VAL G 119 10.04 -9.07 -38.75
C VAL G 119 9.01 -10.15 -39.08
N GLY G 120 9.26 -11.37 -38.62
CA GLY G 120 8.46 -12.50 -39.02
C GLY G 120 7.13 -12.58 -38.30
N ILE G 121 6.28 -11.58 -38.50
CA ILE G 121 4.92 -11.58 -37.96
C ILE G 121 3.98 -11.14 -39.06
N CYS G 122 2.99 -11.97 -39.37
CA CYS G 122 2.04 -11.67 -40.44
C CYS G 122 1.30 -10.39 -40.14
N THR G 123 1.13 -9.55 -41.16
CA THR G 123 0.49 -8.25 -40.98
C THR G 123 -1.03 -8.35 -40.81
N HIS G 124 -1.61 -9.54 -40.99
CA HIS G 124 -3.02 -9.78 -40.71
C HIS G 124 -3.10 -10.73 -39.52
N LEU G 125 -3.49 -10.19 -38.37
CA LEU G 125 -3.72 -10.92 -37.13
C LEU G 125 -2.44 -11.47 -36.50
N GLY G 126 -1.28 -11.26 -37.12
CA GLY G 126 -0.02 -11.36 -36.40
C GLY G 126 0.47 -12.74 -35.96
N CYS G 127 0.90 -13.59 -36.90
CA CYS G 127 1.67 -14.77 -36.58
C CYS G 127 2.89 -14.82 -37.46
N SER G 128 3.84 -15.67 -37.09
CA SER G 128 5.00 -15.88 -37.95
C SER G 128 4.61 -16.76 -39.12
N PRO G 129 4.74 -16.29 -40.37
CA PRO G 129 4.46 -17.16 -41.51
C PRO G 129 5.49 -18.26 -41.65
N THR G 130 5.09 -19.34 -42.33
CA THR G 130 5.98 -20.45 -42.59
C THR G 130 6.87 -20.14 -43.78
N PHE G 131 8.16 -20.41 -43.65
CA PHE G 131 9.12 -20.16 -44.73
C PHE G 131 9.03 -21.28 -45.76
N ARG G 132 8.73 -20.92 -47.01
CA ARG G 132 8.54 -21.88 -48.09
C ARG G 132 9.43 -21.45 -49.26
N PRO G 133 10.73 -21.72 -49.19
CA PRO G 133 11.63 -21.29 -50.28
C PRO G 133 11.48 -22.11 -51.56
N GLU G 134 10.77 -23.24 -51.52
CA GLU G 134 10.64 -24.06 -52.71
C GLU G 134 10.03 -23.25 -53.85
N VAL G 135 10.27 -23.72 -55.08
CA VAL G 135 9.85 -22.96 -56.25
C VAL G 135 8.36 -23.15 -56.51
N ALA G 136 7.94 -24.39 -56.81
CA ALA G 136 6.57 -24.68 -57.21
C ALA G 136 6.03 -25.84 -56.39
N PRO G 137 5.71 -25.62 -55.12
CA PRO G 137 5.03 -26.65 -54.35
C PRO G 137 3.64 -26.94 -54.90
N ALA G 138 3.20 -28.18 -54.70
CA ALA G 138 1.86 -28.56 -55.14
C ALA G 138 0.79 -27.75 -54.40
N ASP G 139 0.96 -27.55 -53.09
CA ASP G 139 -0.05 -26.83 -52.33
C ASP G 139 -0.03 -25.33 -52.61
N LEU G 140 1.15 -24.77 -52.85
CA LEU G 140 1.29 -23.33 -53.07
C LEU G 140 1.12 -22.93 -54.53
N GLY G 141 0.87 -23.88 -55.42
CA GLY G 141 0.58 -23.56 -56.80
C GLY G 141 1.83 -23.46 -57.66
N PRO G 142 1.64 -23.48 -58.98
CA PRO G 142 2.81 -23.38 -59.89
C PRO G 142 3.40 -22.00 -59.99
N ASP G 143 2.61 -20.94 -59.83
CA ASP G 143 3.12 -19.58 -59.89
C ASP G 143 4.02 -19.23 -58.73
N TRP G 144 4.06 -20.06 -57.69
CA TRP G 144 4.92 -19.82 -56.55
C TRP G 144 6.39 -19.75 -57.00
N LYS G 145 7.16 -18.90 -56.31
CA LYS G 145 8.60 -18.77 -56.57
C LYS G 145 9.39 -18.70 -55.27
N GLY G 146 8.84 -19.21 -54.19
CA GLY G 146 9.47 -19.09 -52.88
C GLY G 146 8.98 -17.87 -52.13
N GLY G 147 8.95 -17.99 -50.80
CA GLY G 147 8.48 -16.90 -49.97
C GLY G 147 7.97 -17.34 -48.62
N TYR G 148 6.85 -16.78 -48.21
CA TYR G 148 6.26 -17.07 -46.91
C TYR G 148 4.77 -17.33 -47.05
N PHE G 149 4.31 -18.35 -46.32
CA PHE G 149 2.91 -18.78 -46.38
C PHE G 149 2.39 -18.81 -44.96
N CYS G 150 1.45 -17.92 -44.65
CA CYS G 150 0.90 -17.85 -43.31
C CYS G 150 0.01 -19.07 -43.06
N PRO G 151 0.23 -19.81 -41.97
CA PRO G 151 -0.55 -21.05 -41.76
C PRO G 151 -1.91 -20.85 -41.13
N CYS G 152 -2.26 -19.64 -40.67
CA CYS G 152 -3.60 -19.42 -40.14
C CYS G 152 -4.62 -19.22 -41.27
N HIS G 153 -4.39 -18.22 -42.12
CA HIS G 153 -5.34 -17.86 -43.17
C HIS G 153 -4.65 -17.75 -44.53
N GLY G 154 -3.48 -18.36 -44.69
CA GLY G 154 -2.86 -18.47 -45.99
C GLY G 154 -2.46 -17.16 -46.64
N SER G 155 -2.04 -16.18 -45.85
CA SER G 155 -1.42 -14.99 -46.44
C SER G 155 -0.11 -15.38 -47.10
N HIS G 156 0.13 -14.86 -48.29
CA HIS G 156 1.32 -15.18 -49.07
C HIS G 156 2.21 -13.94 -49.16
N TYR G 157 3.49 -14.13 -48.89
CA TYR G 157 4.50 -13.09 -49.09
C TYR G 157 5.62 -13.66 -49.94
N ASP G 158 6.26 -12.77 -50.71
CA ASP G 158 7.46 -13.14 -51.44
C ASP G 158 8.66 -13.11 -50.51
N LEU G 159 9.82 -13.53 -51.02
CA LEU G 159 11.00 -13.63 -50.18
C LEU G 159 11.49 -12.29 -49.67
N ALA G 160 11.02 -11.18 -50.24
CA ALA G 160 11.34 -9.85 -49.75
C ALA G 160 10.41 -9.42 -48.61
N GLY G 161 9.47 -10.27 -48.21
CA GLY G 161 8.50 -9.92 -47.21
C GLY G 161 7.31 -9.15 -47.73
N ARG G 162 7.22 -8.95 -49.04
CA ARG G 162 6.10 -8.21 -49.62
C ARG G 162 4.89 -9.12 -49.78
N VAL G 163 3.74 -8.64 -49.31
CA VAL G 163 2.52 -9.44 -49.36
C VAL G 163 1.97 -9.47 -50.78
N TYR G 164 1.32 -10.58 -51.12
CA TYR G 164 0.65 -10.69 -52.41
C TYR G 164 -0.68 -9.93 -52.38
N LYS G 165 -1.25 -9.73 -53.56
CA LYS G 165 -2.49 -8.99 -53.70
C LYS G 165 -3.67 -9.80 -53.17
N GLY G 166 -4.61 -9.11 -52.55
CA GLY G 166 -5.82 -9.74 -52.07
C GLY G 166 -5.60 -10.87 -51.09
N GLN G 167 -4.65 -10.71 -50.19
CA GLN G 167 -4.47 -11.62 -49.07
C GLN G 167 -5.10 -11.03 -47.81
N PRO G 168 -5.38 -11.86 -46.81
CA PRO G 168 -5.78 -11.28 -45.51
C PRO G 168 -4.76 -10.27 -45.01
N ALA G 169 -3.48 -10.52 -45.23
CA ALA G 169 -2.43 -9.58 -44.88
C ALA G 169 -2.51 -8.36 -45.79
N PRO G 170 -2.68 -7.15 -45.26
CA PRO G 170 -2.76 -5.97 -46.13
C PRO G 170 -1.41 -5.33 -46.39
N LEU G 171 -0.42 -5.64 -45.57
CA LEU G 171 0.86 -4.95 -45.60
C LEU G 171 2.00 -5.95 -45.73
N ASN G 172 3.12 -5.46 -46.24
CA ASN G 172 4.33 -6.26 -46.28
C ASN G 172 4.85 -6.50 -44.87
N LEU G 173 5.53 -7.63 -44.70
CA LEU G 173 6.06 -7.97 -43.38
C LEU G 173 7.01 -6.87 -42.93
N PRO G 174 6.90 -6.38 -41.70
CA PRO G 174 7.77 -5.28 -41.26
C PRO G 174 9.24 -5.67 -41.32
N ILE G 175 10.07 -4.71 -41.71
CA ILE G 175 11.52 -4.85 -41.68
C ILE G 175 12.02 -4.19 -40.41
N PRO G 176 12.71 -4.90 -39.53
CA PRO G 176 13.17 -4.30 -38.28
C PRO G 176 14.32 -3.34 -38.54
N PRO G 177 14.55 -2.38 -37.65
CA PRO G 177 15.75 -1.54 -37.78
C PRO G 177 17.01 -2.31 -37.44
N TYR G 178 17.82 -2.61 -38.44
CA TYR G 178 19.02 -3.41 -38.25
C TYR G 178 20.16 -2.83 -39.07
N THR G 179 21.37 -3.20 -38.67
CA THR G 179 22.60 -2.78 -39.35
C THR G 179 23.48 -4.01 -39.58
N PHE G 180 24.60 -3.77 -40.24
CA PHE G 180 25.63 -4.79 -40.45
C PHE G 180 26.88 -4.37 -39.68
N ASP G 181 26.99 -4.82 -38.43
CA ASP G 181 28.20 -4.54 -37.66
C ASP G 181 29.43 -5.08 -38.37
N ALA G 182 29.29 -6.19 -39.09
CA ALA G 182 30.36 -6.75 -39.89
C ALA G 182 29.76 -7.35 -41.15
N ASP G 183 30.64 -7.86 -42.01
CA ASP G 183 30.17 -8.45 -43.27
C ASP G 183 29.28 -9.67 -43.00
N ASP G 184 29.43 -10.31 -41.84
CA ASP G 184 28.70 -11.53 -41.52
C ASP G 184 27.93 -11.42 -40.21
N VAL G 185 27.86 -10.24 -39.60
CA VAL G 185 27.17 -10.04 -38.33
C VAL G 185 26.25 -8.83 -38.47
N ILE G 186 25.00 -8.99 -38.07
CA ILE G 186 24.03 -7.92 -38.05
C ILE G 186 23.58 -7.68 -36.62
N THR G 187 22.96 -6.53 -36.40
CA THR G 187 22.32 -6.21 -35.12
C THR G 187 20.92 -5.70 -35.40
N ILE G 188 19.94 -6.30 -34.73
CA ILE G 188 18.53 -5.94 -34.90
C ILE G 188 18.12 -5.12 -33.70
N GLY G 189 17.63 -3.90 -33.95
CA GLY G 189 17.20 -3.02 -32.88
C GLY G 189 17.82 -1.63 -32.96
N VAL G 190 18.86 -1.47 -33.75
CA VAL G 190 19.57 -0.21 -33.89
C VAL G 190 19.61 0.16 -35.38
N ASP G 191 19.32 1.43 -35.67
CA ASP G 191 19.31 1.90 -37.04
C ASP G 191 20.72 1.93 -37.62
N GLN G 192 20.79 1.87 -38.95
CA GLN G 192 22.06 1.96 -39.64
C GLN G 192 22.45 3.42 -39.86
N GLU G 193 23.75 3.69 -39.79
CA GLU G 193 24.24 5.06 -39.93
C GLU G 193 23.97 5.58 -41.33
N LYS G 194 23.67 6.87 -41.41
CA LYS G 194 23.39 7.52 -42.69
C LYS G 194 24.68 7.82 -43.44
N MET H 1 -41.36 -34.97 3.69
CA MET H 1 -42.44 -35.16 4.71
C MET H 1 -43.54 -34.12 4.52
N ASN H 2 -44.76 -34.47 4.92
CA ASN H 2 -45.88 -33.55 4.78
C ASN H 2 -45.74 -32.36 5.73
N LYS H 3 -45.44 -32.63 7.00
CA LYS H 3 -45.29 -31.54 7.98
C LYS H 3 -44.10 -30.66 7.63
N PHE H 4 -42.98 -31.28 7.24
CA PHE H 4 -41.79 -30.50 6.88
C PHE H 4 -42.07 -29.63 5.66
N MET H 5 -42.76 -30.16 4.65
CA MET H 5 -43.06 -29.36 3.47
C MET H 5 -44.07 -28.26 3.79
N ALA H 6 -45.01 -28.53 4.70
CA ALA H 6 -45.91 -27.47 5.14
C ALA H 6 -45.13 -26.35 5.84
N TRP H 7 -44.17 -26.72 6.67
CA TRP H 7 -43.34 -25.72 7.33
C TRP H 7 -42.53 -24.90 6.32
N VAL H 8 -41.92 -25.59 5.34
CA VAL H 8 -41.11 -24.90 4.35
C VAL H 8 -41.98 -23.98 3.49
N ASP H 9 -43.16 -24.45 3.08
CA ASP H 9 -43.96 -23.71 2.12
C ASP H 9 -44.49 -22.40 2.72
N ALA H 10 -44.70 -22.37 4.03
CA ALA H 10 -45.10 -21.12 4.67
C ALA H 10 -43.95 -20.12 4.74
N ARG H 11 -42.71 -20.58 4.53
CA ARG H 11 -41.54 -19.73 4.61
C ARG H 11 -40.76 -19.63 3.32
N PHE H 12 -40.97 -20.55 2.37
CA PHE H 12 -40.26 -20.56 1.11
C PHE H 12 -41.24 -20.87 -0.01
N PRO H 13 -41.02 -20.33 -1.22
CA PRO H 13 -41.82 -20.72 -2.38
C PRO H 13 -41.40 -22.06 -2.98
N ALA H 14 -41.22 -23.07 -2.12
CA ALA H 14 -40.70 -24.35 -2.58
C ALA H 14 -41.72 -25.08 -3.44
N THR H 15 -42.87 -25.43 -2.86
CA THR H 15 -43.87 -26.17 -3.62
C THR H 15 -44.42 -25.33 -4.77
N LYS H 16 -44.60 -24.03 -4.56
CA LYS H 16 -45.14 -23.20 -5.63
C LYS H 16 -44.19 -23.15 -6.82
N MET H 17 -42.89 -22.99 -6.55
CA MET H 17 -41.92 -22.99 -7.65
C MET H 17 -41.89 -24.36 -8.33
N TRP H 18 -41.89 -25.43 -7.54
CA TRP H 18 -41.88 -26.77 -8.12
C TRP H 18 -43.08 -26.99 -9.02
N GLU H 19 -44.25 -26.51 -8.62
CA GLU H 19 -45.48 -26.70 -9.39
C GLU H 19 -45.66 -25.67 -10.49
N ASP H 20 -44.87 -24.60 -10.49
CA ASP H 20 -44.91 -23.64 -11.59
C ASP H 20 -43.90 -23.95 -12.68
N HIS H 21 -42.80 -24.60 -12.33
CA HIS H 21 -41.71 -24.82 -13.28
C HIS H 21 -41.59 -26.26 -13.75
N LEU H 22 -41.69 -27.25 -12.85
CA LEU H 22 -41.46 -28.64 -13.22
C LEU H 22 -42.74 -29.46 -13.17
N SER H 23 -43.40 -29.54 -12.02
CA SER H 23 -44.71 -30.14 -11.93
C SER H 23 -45.77 -29.12 -12.30
N LYS H 24 -46.89 -29.60 -12.81
CA LYS H 24 -47.99 -28.75 -13.23
C LYS H 24 -47.58 -27.72 -14.28
N TYR H 25 -46.38 -27.86 -14.86
CA TYR H 25 -45.94 -27.05 -15.99
C TYR H 25 -46.06 -27.92 -17.23
N TYR H 26 -47.03 -27.60 -18.07
CA TYR H 26 -47.48 -28.50 -19.13
C TYR H 26 -46.78 -28.14 -20.43
N ALA H 27 -45.79 -28.94 -20.80
CA ALA H 27 -45.08 -28.78 -22.05
C ALA H 27 -45.74 -29.62 -23.14
N PRO H 28 -45.53 -29.29 -24.41
CA PRO H 28 -46.08 -30.12 -25.48
C PRO H 28 -45.59 -31.55 -25.35
N LYS H 29 -46.48 -32.49 -25.64
CA LYS H 29 -46.19 -33.91 -25.45
C LYS H 29 -45.42 -34.51 -26.61
N ASN H 30 -45.18 -33.77 -27.69
CA ASN H 30 -44.56 -34.29 -28.89
C ASN H 30 -43.09 -33.88 -29.03
N PHE H 31 -42.41 -33.57 -27.93
CA PHE H 31 -40.98 -33.35 -28.00
C PHE H 31 -40.29 -34.59 -28.56
N ASN H 32 -39.35 -34.38 -29.46
CA ASN H 32 -38.60 -35.45 -30.09
C ASN H 32 -37.11 -35.30 -29.76
N PHE H 33 -36.29 -36.12 -30.42
CA PHE H 33 -34.85 -36.14 -30.24
C PHE H 33 -34.26 -34.74 -30.07
N TRP H 34 -34.78 -33.77 -30.82
CA TRP H 34 -34.18 -32.44 -30.83
C TRP H 34 -34.44 -31.64 -29.57
N TYR H 35 -35.31 -32.11 -28.67
CA TYR H 35 -35.61 -31.39 -27.44
C TYR H 35 -34.88 -31.95 -26.23
N PHE H 36 -33.93 -32.87 -26.44
CA PHE H 36 -33.09 -33.35 -25.36
C PHE H 36 -31.98 -32.38 -24.99
N PHE H 37 -31.67 -31.43 -25.88
CA PHE H 37 -30.39 -30.74 -25.82
C PHE H 37 -30.36 -29.55 -24.89
N GLY H 38 -31.51 -29.03 -24.44
CA GLY H 38 -31.49 -28.03 -23.40
C GLY H 38 -31.05 -28.62 -22.06
N SER H 39 -31.64 -29.76 -21.70
CA SER H 39 -31.21 -30.44 -20.47
C SER H 39 -29.77 -30.92 -20.59
N LEU H 40 -29.38 -31.40 -21.77
CA LEU H 40 -28.00 -31.83 -21.96
C LEU H 40 -27.04 -30.66 -21.88
N ALA H 41 -27.43 -29.50 -22.40
CA ALA H 41 -26.60 -28.31 -22.25
C ALA H 41 -26.46 -27.92 -20.79
N LEU H 42 -27.56 -28.03 -20.02
CA LEU H 42 -27.49 -27.78 -18.60
C LEU H 42 -26.51 -28.73 -17.92
N LEU H 43 -26.60 -30.02 -18.27
CA LEU H 43 -25.70 -31.02 -17.68
C LEU H 43 -24.25 -30.73 -18.05
N VAL H 44 -23.99 -30.37 -19.31
CA VAL H 44 -22.62 -30.08 -19.72
C VAL H 44 -22.10 -28.84 -19.05
N LEU H 45 -22.96 -27.84 -18.83
CA LEU H 45 -22.54 -26.66 -18.09
C LEU H 45 -22.16 -27.02 -16.66
N VAL H 46 -22.97 -27.87 -16.01
CA VAL H 46 -22.65 -28.30 -14.65
C VAL H 46 -21.33 -29.06 -14.64
N ASN H 47 -21.14 -29.95 -15.62
CA ASN H 47 -19.89 -30.70 -15.72
C ASN H 47 -18.70 -29.76 -15.91
N GLN H 48 -18.86 -28.77 -16.79
CA GLN H 48 -17.78 -27.82 -17.01
C GLN H 48 -17.45 -27.07 -15.73
N ILE H 49 -18.47 -26.62 -14.99
CA ILE H 49 -18.22 -25.89 -13.76
C ILE H 49 -17.47 -26.76 -12.76
N LEU H 50 -17.95 -27.99 -12.55
CA LEU H 50 -17.35 -28.86 -11.55
C LEU H 50 -15.93 -29.25 -11.92
N THR H 51 -15.74 -29.75 -13.15
CA THR H 51 -14.42 -30.17 -13.59
C THR H 51 -13.46 -28.98 -13.63
N GLY H 52 -13.94 -27.80 -14.02
CA GLY H 52 -13.09 -26.63 -14.03
C GLY H 52 -12.71 -26.18 -12.63
N ILE H 53 -13.62 -26.30 -11.67
CA ILE H 53 -13.27 -26.02 -10.29
C ILE H 53 -12.17 -26.95 -9.83
N TRP H 54 -12.28 -28.24 -10.17
CA TRP H 54 -11.25 -29.17 -9.73
C TRP H 54 -9.94 -28.97 -10.47
N LEU H 55 -10.00 -28.54 -11.73
CA LEU H 55 -8.77 -28.23 -12.46
C LEU H 55 -8.09 -26.99 -11.90
N THR H 56 -8.89 -26.01 -11.47
CA THR H 56 -8.34 -24.78 -10.90
C THR H 56 -7.57 -25.04 -9.62
N MET H 57 -7.88 -26.14 -8.93
CA MET H 57 -7.13 -26.51 -7.72
C MET H 57 -5.72 -26.97 -8.02
N SER H 58 -5.41 -27.27 -9.29
CA SER H 58 -4.10 -27.76 -9.66
C SER H 58 -3.49 -27.00 -10.83
N PHE H 59 -4.22 -26.07 -11.42
CA PHE H 59 -3.72 -25.29 -12.55
C PHE H 59 -2.96 -24.07 -12.06
N THR H 60 -1.91 -23.72 -12.78
CA THR H 60 -1.10 -22.54 -12.47
C THR H 60 -1.21 -21.56 -13.64
N PRO H 61 -2.02 -20.51 -13.53
CA PRO H 61 -2.18 -19.58 -14.65
C PRO H 61 -0.99 -18.65 -14.85
N SER H 62 0.18 -19.22 -15.09
CA SER H 62 1.37 -18.47 -15.44
C SER H 62 2.00 -19.10 -16.67
N ALA H 63 2.60 -18.25 -17.51
CA ALA H 63 3.23 -18.76 -18.73
C ALA H 63 4.31 -19.77 -18.41
N GLU H 64 4.92 -19.67 -17.24
CA GLU H 64 5.98 -20.60 -16.87
C GLU H 64 5.45 -21.97 -16.44
N GLU H 65 4.23 -22.01 -15.89
CA GLU H 65 3.74 -23.22 -15.25
C GLU H 65 2.39 -23.70 -15.76
N ALA H 66 1.74 -22.99 -16.68
CA ALA H 66 0.42 -23.42 -17.14
C ALA H 66 0.48 -24.79 -17.79
N PHE H 67 1.36 -24.95 -18.78
CA PHE H 67 1.52 -26.26 -19.43
C PHE H 67 1.99 -27.31 -18.44
N ALA H 68 2.97 -26.95 -17.60
CA ALA H 68 3.46 -27.87 -16.60
C ALA H 68 2.38 -28.24 -15.61
N SER H 69 1.54 -27.29 -15.22
CA SER H 69 0.45 -27.60 -14.30
C SER H 69 -0.60 -28.49 -14.95
N VAL H 70 -0.86 -28.31 -16.25
CA VAL H 70 -1.77 -29.21 -16.94
C VAL H 70 -1.22 -30.63 -16.94
N GLU H 71 0.08 -30.78 -17.23
CA GLU H 71 0.68 -32.12 -17.18
C GLU H 71 0.68 -32.66 -15.75
N TYR H 72 0.84 -31.79 -14.75
CA TYR H 72 0.74 -32.21 -13.36
C TYR H 72 -0.65 -32.76 -13.06
N ILE H 73 -1.68 -32.12 -13.59
CA ILE H 73 -3.04 -32.66 -13.46
C ILE H 73 -3.13 -34.02 -14.14
N MET H 74 -2.55 -34.14 -15.33
CA MET H 74 -2.64 -35.37 -16.09
C MET H 74 -1.90 -36.54 -15.45
N ARG H 75 -0.85 -36.26 -14.68
CA ARG H 75 0.06 -37.32 -14.25
C ARG H 75 0.19 -37.46 -12.74
N ASP H 76 0.27 -36.37 -12.00
CA ASP H 76 0.53 -36.44 -10.57
C ASP H 76 -0.75 -36.44 -9.74
N VAL H 77 -1.76 -35.69 -10.17
CA VAL H 77 -3.02 -35.63 -9.43
C VAL H 77 -3.80 -36.92 -9.64
N ASP H 78 -4.19 -37.56 -8.55
CA ASP H 78 -4.99 -38.78 -8.65
C ASP H 78 -6.28 -38.49 -9.39
N TYR H 79 -6.52 -39.24 -10.46
CA TYR H 79 -7.69 -39.07 -11.33
C TYR H 79 -7.75 -37.69 -11.96
N GLY H 80 -6.69 -36.88 -11.84
CA GLY H 80 -6.68 -35.59 -12.48
C GLY H 80 -6.83 -35.67 -13.99
N TRP H 81 -6.27 -36.72 -14.58
CA TRP H 81 -6.45 -36.93 -16.01
C TRP H 81 -7.92 -37.12 -16.35
N ILE H 82 -8.64 -37.86 -15.51
CA ILE H 82 -10.08 -38.02 -15.73
C ILE H 82 -10.76 -36.66 -15.75
N ILE H 83 -10.48 -35.83 -14.75
CA ILE H 83 -11.16 -34.54 -14.66
C ILE H 83 -10.81 -33.66 -15.84
N ARG H 84 -9.54 -33.65 -16.25
CA ARG H 84 -9.16 -32.84 -17.40
C ARG H 84 -9.85 -33.31 -18.68
N TYR H 85 -9.94 -34.63 -18.88
CA TYR H 85 -10.62 -35.13 -20.06
C TYR H 85 -12.11 -34.84 -20.01
N MET H 86 -12.74 -35.00 -18.84
CA MET H 86 -14.12 -34.56 -18.68
C MET H 86 -14.27 -33.11 -19.10
N HIS H 87 -13.32 -32.26 -18.71
CA HIS H 87 -13.45 -30.84 -19.01
C HIS H 87 -13.30 -30.56 -20.51
N SER H 88 -12.29 -31.12 -21.15
CA SER H 88 -12.06 -30.83 -22.56
C SER H 88 -13.15 -31.45 -23.43
N THR H 89 -13.42 -32.74 -23.23
CA THR H 89 -14.51 -33.38 -23.95
C THR H 89 -15.84 -32.72 -23.62
N GLY H 90 -15.95 -32.12 -22.43
CA GLY H 90 -17.17 -31.42 -22.08
C GLY H 90 -17.32 -30.10 -22.78
N ALA H 91 -16.22 -29.40 -23.05
CA ALA H 91 -16.29 -28.23 -23.90
C ALA H 91 -16.73 -28.61 -25.30
N SER H 92 -16.12 -29.67 -25.85
CA SER H 92 -16.52 -30.11 -27.19
C SER H 92 -17.98 -30.55 -27.20
N ALA H 93 -18.41 -31.30 -26.19
CA ALA H 93 -19.80 -31.73 -26.09
C ALA H 93 -20.74 -30.57 -25.84
N PHE H 94 -20.28 -29.55 -25.12
CA PHE H 94 -21.07 -28.35 -24.93
C PHE H 94 -21.39 -27.71 -26.27
N PHE H 95 -20.39 -27.60 -27.12
CA PHE H 95 -20.65 -26.99 -28.43
C PHE H 95 -21.45 -27.91 -29.32
N ILE H 96 -21.24 -29.22 -29.25
CA ILE H 96 -22.07 -30.16 -30.00
C ILE H 96 -23.53 -29.98 -29.61
N VAL H 97 -23.81 -30.03 -28.31
CA VAL H 97 -25.17 -29.98 -27.80
C VAL H 97 -25.79 -28.61 -28.09
N VAL H 98 -25.01 -27.54 -27.95
CA VAL H 98 -25.53 -26.20 -28.18
C VAL H 98 -25.84 -26.01 -29.66
N TYR H 99 -24.99 -26.52 -30.54
CA TYR H 99 -25.27 -26.41 -31.97
C TYR H 99 -26.52 -27.19 -32.34
N LEU H 100 -26.70 -28.38 -31.78
CA LEU H 100 -27.93 -29.12 -32.05
C LEU H 100 -29.14 -28.40 -31.46
N HIS H 101 -28.97 -27.73 -30.34
CA HIS H 101 -30.04 -26.94 -29.73
C HIS H 101 -30.45 -25.79 -30.63
N MET H 102 -29.46 -25.03 -31.11
CA MET H 102 -29.73 -23.94 -32.04
C MET H 102 -30.37 -24.44 -33.32
N PHE H 103 -29.92 -25.61 -33.80
CA PHE H 103 -30.52 -26.15 -35.02
C PHE H 103 -31.95 -26.61 -34.80
N ARG H 104 -32.27 -27.14 -33.61
CA ARG H 104 -33.67 -27.38 -33.27
C ARG H 104 -34.46 -26.08 -33.36
N GLY H 105 -33.92 -25.01 -32.78
CA GLY H 105 -34.57 -23.72 -32.88
C GLY H 105 -34.83 -23.32 -34.32
N LEU H 106 -33.83 -23.54 -35.19
CA LEU H 106 -34.00 -23.22 -36.61
C LEU H 106 -35.08 -24.10 -37.24
N LEU H 107 -35.06 -25.39 -36.93
CA LEU H 107 -35.99 -26.33 -37.56
C LEU H 107 -37.44 -25.98 -37.21
N TYR H 108 -37.70 -25.72 -35.93
CA TYR H 108 -39.08 -25.58 -35.46
C TYR H 108 -39.46 -24.13 -35.18
N GLY H 109 -38.68 -23.17 -35.65
CA GLY H 109 -39.04 -21.77 -35.47
C GLY H 109 -39.21 -21.39 -34.02
N SER H 110 -38.42 -21.99 -33.13
CA SER H 110 -38.53 -21.67 -31.71
C SER H 110 -38.04 -20.28 -31.39
N TYR H 111 -37.38 -19.60 -32.33
CA TYR H 111 -37.02 -18.21 -32.16
C TYR H 111 -38.19 -17.26 -32.45
N GLN H 112 -39.19 -17.72 -33.19
CA GLN H 112 -40.28 -16.86 -33.59
C GLN H 112 -41.10 -16.42 -32.36
N LYS H 113 -42.00 -15.48 -32.61
CA LYS H 113 -42.86 -14.98 -31.54
C LYS H 113 -43.63 -16.14 -30.92
N PRO H 114 -43.77 -16.18 -29.58
CA PRO H 114 -43.35 -15.21 -28.57
C PRO H 114 -41.96 -15.46 -27.99
N ARG H 115 -41.14 -16.30 -28.63
CA ARG H 115 -39.88 -16.75 -28.04
C ARG H 115 -38.68 -15.95 -28.54
N GLU H 116 -38.87 -14.70 -28.93
CA GLU H 116 -37.74 -13.89 -29.39
C GLU H 116 -36.75 -13.64 -28.26
N LEU H 117 -37.25 -13.36 -27.05
CA LEU H 117 -36.34 -13.17 -25.93
C LEU H 117 -35.62 -14.46 -25.57
N VAL H 118 -36.32 -15.59 -25.64
CA VAL H 118 -35.65 -16.88 -25.41
C VAL H 118 -34.47 -17.02 -26.38
N TRP H 119 -34.71 -16.73 -27.65
CA TRP H 119 -33.65 -16.86 -28.64
C TRP H 119 -32.52 -15.86 -28.39
N ILE H 120 -32.85 -14.64 -28.00
CA ILE H 120 -31.81 -13.63 -27.78
C ILE H 120 -30.95 -14.00 -26.57
N PHE H 121 -31.59 -14.48 -25.50
CA PHE H 121 -30.82 -14.95 -24.36
C PHE H 121 -29.98 -16.17 -24.73
N GLY H 122 -30.50 -17.03 -25.61
CA GLY H 122 -29.71 -18.14 -26.10
C GLY H 122 -28.49 -17.69 -26.88
N MET H 123 -28.65 -16.67 -27.72
CA MET H 123 -27.52 -16.13 -28.46
C MET H 123 -26.52 -15.45 -27.54
N LEU H 124 -26.98 -14.76 -26.50
CA LEU H 124 -26.05 -14.20 -25.52
C LEU H 124 -25.30 -15.33 -24.82
N ILE H 125 -26.00 -16.42 -24.51
CA ILE H 125 -25.35 -17.59 -23.95
C ILE H 125 -24.30 -18.13 -24.91
N TYR H 126 -24.62 -18.15 -26.21
CA TYR H 126 -23.68 -18.68 -27.19
C TYR H 126 -22.45 -17.81 -27.31
N LEU H 127 -22.63 -16.49 -27.28
CA LEU H 127 -21.48 -15.58 -27.29
C LEU H 127 -20.62 -15.78 -26.05
N ALA H 128 -21.26 -15.90 -24.88
CA ALA H 128 -20.51 -16.15 -23.66
C ALA H 128 -19.78 -17.49 -23.73
N LEU H 129 -20.40 -18.49 -24.36
CA LEU H 129 -19.75 -19.78 -24.51
C LEU H 129 -18.55 -19.70 -25.45
N MET H 130 -18.69 -18.97 -26.55
CA MET H 130 -17.55 -18.80 -27.45
C MET H 130 -16.39 -18.14 -26.72
N ALA H 131 -16.67 -17.05 -26.01
CA ALA H 131 -15.60 -16.37 -25.27
C ALA H 131 -15.01 -17.27 -24.20
N GLU H 132 -15.86 -17.99 -23.47
CA GLU H 132 -15.40 -18.88 -22.41
C GLU H 132 -14.50 -19.98 -22.98
N ALA H 133 -14.95 -20.61 -24.07
CA ALA H 133 -14.16 -21.69 -24.66
C ALA H 133 -12.83 -21.18 -25.20
N PHE H 134 -12.84 -19.99 -25.83
CA PHE H 134 -11.59 -19.44 -26.34
C PHE H 134 -10.61 -19.15 -25.21
N MET H 135 -11.09 -18.52 -24.14
CA MET H 135 -10.19 -18.20 -23.04
C MET H 135 -9.72 -19.45 -22.32
N GLY H 136 -10.59 -20.47 -22.22
CA GLY H 136 -10.14 -21.74 -21.67
C GLY H 136 -9.10 -22.42 -22.53
N TYR H 137 -9.29 -22.38 -23.84
CA TYR H 137 -8.32 -22.98 -24.75
C TYR H 137 -6.98 -22.27 -24.70
N LEU H 138 -6.97 -20.97 -24.37
CA LEU H 138 -5.68 -20.32 -24.15
C LEU H 138 -4.97 -20.88 -22.93
N LEU H 139 -5.71 -21.38 -21.95
CA LEU H 139 -5.10 -21.71 -20.66
C LEU H 139 -4.04 -22.79 -20.72
N PRO H 140 -4.21 -23.91 -21.43
CA PRO H 140 -3.15 -24.92 -21.48
C PRO H 140 -1.81 -24.35 -21.92
N TRP H 141 -1.81 -23.22 -22.63
CA TRP H 141 -0.57 -22.56 -23.05
C TRP H 141 0.26 -23.44 -23.98
N GLY H 142 -0.42 -24.25 -24.79
CA GLY H 142 0.22 -24.94 -25.87
C GLY H 142 0.42 -24.04 -27.07
N GLN H 143 0.95 -24.62 -28.14
CA GLN H 143 1.16 -23.85 -29.36
C GLN H 143 -0.17 -23.39 -29.94
N MET H 144 -1.12 -24.31 -30.06
CA MET H 144 -2.48 -23.95 -30.46
C MET H 144 -3.02 -22.84 -29.59
N SER H 145 -2.90 -22.99 -28.27
CA SER H 145 -3.43 -21.99 -27.35
C SER H 145 -2.82 -20.61 -27.63
N TYR H 146 -1.49 -20.54 -27.64
CA TYR H 146 -0.83 -19.25 -27.78
C TYR H 146 -1.17 -18.59 -29.10
N TRP H 147 -1.09 -19.35 -30.19
CA TRP H 147 -1.26 -18.71 -31.50
C TRP H 147 -2.72 -18.41 -31.81
N GLY H 148 -3.66 -19.22 -31.30
CA GLY H 148 -5.06 -18.85 -31.39
C GLY H 148 -5.36 -17.58 -30.62
N ALA H 149 -4.81 -17.47 -29.40
CA ALA H 149 -4.98 -16.24 -28.64
C ALA H 149 -4.39 -15.05 -29.40
N GLN H 150 -3.21 -15.23 -29.99
CA GLN H 150 -2.58 -14.16 -30.74
C GLN H 150 -3.48 -13.69 -31.88
N VAL H 151 -3.95 -14.64 -32.69
CA VAL H 151 -4.79 -14.29 -33.84
C VAL H 151 -6.07 -13.60 -33.38
N ILE H 152 -6.75 -14.19 -32.40
CA ILE H 152 -8.07 -13.70 -32.02
C ILE H 152 -7.97 -12.33 -31.35
N ILE H 153 -6.92 -12.10 -30.57
CA ILE H 153 -6.75 -10.80 -29.95
C ILE H 153 -6.34 -9.77 -30.99
N SER H 154 -5.56 -10.19 -31.99
CA SER H 154 -5.21 -9.27 -33.07
C SER H 154 -6.42 -8.95 -33.94
N LEU H 155 -7.47 -9.79 -33.90
CA LEU H 155 -8.71 -9.43 -34.58
C LEU H 155 -9.15 -8.02 -34.19
N PHE H 156 -9.07 -7.70 -32.90
CA PHE H 156 -9.38 -6.34 -32.46
C PHE H 156 -8.43 -5.31 -33.05
N GLY H 157 -7.23 -5.73 -33.46
CA GLY H 157 -6.34 -4.84 -34.19
C GLY H 157 -6.84 -4.43 -35.54
N ALA H 158 -7.87 -5.12 -36.07
CA ALA H 158 -8.40 -4.77 -37.37
C ALA H 158 -9.21 -3.48 -37.35
N ILE H 159 -9.71 -3.07 -36.19
CA ILE H 159 -10.49 -1.82 -36.13
C ILE H 159 -9.61 -0.67 -36.60
N PRO H 160 -10.08 0.17 -37.54
CA PRO H 160 -9.16 1.08 -38.23
C PRO H 160 -8.38 2.01 -37.32
N VAL H 161 -8.98 2.53 -36.27
CA VAL H 161 -8.38 3.58 -35.44
C VAL H 161 -7.95 3.03 -34.08
N VAL H 162 -8.90 2.57 -33.28
CA VAL H 162 -8.63 2.17 -31.91
C VAL H 162 -8.27 0.69 -31.84
N GLY H 163 -8.06 0.07 -33.01
CA GLY H 163 -7.86 -1.36 -33.05
C GLY H 163 -6.59 -1.80 -32.34
N GLU H 164 -5.46 -1.18 -32.67
CA GLU H 164 -4.19 -1.61 -32.08
C GLU H 164 -4.16 -1.31 -30.57
N ASP H 165 -4.63 -0.13 -30.18
CA ASP H 165 -4.68 0.20 -28.76
C ASP H 165 -5.61 -0.74 -28.01
N LEU H 166 -6.75 -1.05 -28.60
CA LEU H 166 -7.68 -1.98 -27.96
C LEU H 166 -7.07 -3.37 -27.81
N ALA H 167 -6.37 -3.84 -28.86
CA ALA H 167 -5.74 -5.15 -28.78
C ALA H 167 -4.65 -5.18 -27.71
N GLN H 168 -3.87 -4.11 -27.62
CA GLN H 168 -2.84 -4.02 -26.58
C GLN H 168 -3.48 -4.01 -25.19
N TRP H 169 -4.59 -3.29 -25.04
CA TRP H 169 -5.25 -3.21 -23.74
C TRP H 169 -5.86 -4.55 -23.36
N ILE H 170 -6.38 -5.30 -24.33
CA ILE H 170 -6.93 -6.62 -24.05
C ILE H 170 -5.80 -7.59 -23.70
N ARG H 171 -4.67 -7.50 -24.41
CA ARG H 171 -3.53 -8.35 -24.08
C ARG H 171 -3.01 -8.06 -22.69
N GLY H 172 -2.98 -6.78 -22.29
CA GLY H 172 -2.25 -6.39 -21.11
C GLY H 172 -0.75 -6.37 -21.33
N ASP H 173 -0.30 -6.51 -22.58
CA ASP H 173 1.11 -6.60 -22.90
C ASP H 173 1.26 -6.32 -24.38
N PHE H 174 2.49 -6.09 -24.80
CA PHE H 174 2.79 -5.84 -26.21
C PHE H 174 2.72 -7.12 -27.04
N LEU H 175 2.61 -8.28 -26.40
CA LEU H 175 2.38 -9.54 -27.11
C LEU H 175 1.66 -10.48 -26.15
N ILE H 176 1.16 -11.58 -26.69
CA ILE H 176 0.53 -12.59 -25.84
C ILE H 176 1.58 -13.13 -24.88
N SER H 177 1.30 -13.04 -23.59
CA SER H 177 2.28 -13.40 -22.57
C SER H 177 1.54 -13.94 -21.35
N GLY H 178 2.27 -14.14 -20.26
CA GLY H 178 1.66 -14.61 -19.03
C GLY H 178 0.61 -13.66 -18.50
N ILE H 179 0.72 -12.37 -18.83
CA ILE H 179 -0.31 -11.41 -18.45
C ILE H 179 -1.63 -11.78 -19.12
N THR H 180 -1.59 -12.01 -20.44
CA THR H 180 -2.79 -12.40 -21.15
C THR H 180 -3.32 -13.73 -20.64
N LEU H 181 -2.43 -14.69 -20.39
CA LEU H 181 -2.85 -15.99 -19.90
C LEU H 181 -3.58 -15.85 -18.55
N ASN H 182 -2.98 -15.11 -17.62
CA ASN H 182 -3.57 -14.94 -16.30
C ASN H 182 -4.90 -14.19 -16.38
N ARG H 183 -4.96 -13.15 -17.21
CA ARG H 183 -6.19 -12.36 -17.33
C ARG H 183 -7.31 -13.21 -17.90
N PHE H 184 -7.02 -13.96 -18.96
CA PHE H 184 -8.03 -14.82 -19.55
C PHE H 184 -8.40 -15.95 -18.60
N PHE H 185 -7.46 -16.42 -17.78
CA PHE H 185 -7.80 -17.40 -16.76
C PHE H 185 -8.81 -16.83 -15.78
N ALA H 186 -8.59 -15.60 -15.31
CA ALA H 186 -9.54 -14.98 -14.41
C ALA H 186 -10.91 -14.87 -15.06
N LEU H 187 -10.95 -14.37 -16.30
CA LEU H 187 -12.23 -14.22 -16.98
C LEU H 187 -12.91 -15.57 -17.20
N HIS H 188 -12.14 -16.59 -17.56
CA HIS H 188 -12.68 -17.90 -17.88
C HIS H 188 -13.19 -18.62 -16.65
N VAL H 189 -12.55 -18.41 -15.50
CA VAL H 189 -12.82 -19.24 -14.34
C VAL H 189 -13.91 -18.65 -13.45
N ILE H 190 -14.10 -17.33 -13.48
CA ILE H 190 -15.11 -16.69 -12.63
C ILE H 190 -16.08 -15.87 -13.47
N ALA H 191 -15.56 -14.85 -14.16
CA ALA H 191 -16.41 -13.82 -14.74
C ALA H 191 -17.39 -14.42 -15.74
N LEU H 192 -16.89 -15.17 -16.71
CA LEU H 192 -17.77 -15.68 -17.75
C LEU H 192 -18.61 -16.83 -17.22
N PRO H 193 -18.10 -17.69 -16.33
CA PRO H 193 -19.01 -18.66 -15.69
C PRO H 193 -20.17 -18.01 -14.97
N ILE H 194 -19.94 -16.91 -14.25
CA ILE H 194 -21.03 -16.21 -13.58
C ILE H 194 -21.99 -15.63 -14.61
N VAL H 195 -21.44 -15.01 -15.66
CA VAL H 195 -22.28 -14.45 -16.70
C VAL H 195 -23.11 -15.53 -17.37
N LEU H 196 -22.49 -16.69 -17.63
CA LEU H 196 -23.19 -17.80 -18.27
C LEU H 196 -24.29 -18.34 -17.38
N LEU H 197 -24.04 -18.47 -16.08
CA LEU H 197 -25.08 -18.92 -15.17
C LEU H 197 -26.26 -17.95 -15.17
N GLY H 198 -25.96 -16.64 -15.10
CA GLY H 198 -27.02 -15.66 -15.15
C GLY H 198 -27.79 -15.71 -16.45
N LEU H 199 -27.09 -15.85 -17.57
CA LEU H 199 -27.75 -15.87 -18.87
C LEU H 199 -28.58 -17.13 -19.05
N VAL H 200 -28.11 -18.27 -18.53
CA VAL H 200 -28.90 -19.49 -18.57
C VAL H 200 -30.16 -19.33 -17.74
N VAL H 201 -30.05 -18.70 -16.56
CA VAL H 201 -31.21 -18.47 -15.73
C VAL H 201 -32.22 -17.59 -16.46
N LEU H 202 -31.74 -16.51 -17.07
CA LEU H 202 -32.63 -15.62 -17.83
C LEU H 202 -33.27 -16.35 -19.00
N HIS H 203 -32.47 -17.17 -19.69
CA HIS H 203 -32.96 -17.93 -20.83
C HIS H 203 -34.10 -18.85 -20.42
N ILE H 204 -33.90 -19.63 -19.36
CA ILE H 204 -34.91 -20.56 -18.91
C ILE H 204 -36.13 -19.82 -18.37
N LEU H 205 -35.92 -18.68 -17.69
CA LEU H 205 -37.04 -17.91 -17.17
C LEU H 205 -37.89 -17.37 -18.31
N ALA H 206 -37.25 -16.86 -19.37
CA ALA H 206 -38.00 -16.39 -20.54
C ALA H 206 -38.77 -17.55 -21.16
N LEU H 207 -38.12 -18.71 -21.30
CA LEU H 207 -38.80 -19.86 -21.88
C LEU H 207 -40.03 -20.23 -21.07
N HIS H 208 -39.91 -20.25 -19.74
CA HIS H 208 -41.03 -20.62 -18.90
C HIS H 208 -42.11 -19.54 -18.91
N GLU H 209 -41.73 -18.28 -19.16
CA GLU H 209 -42.74 -17.23 -19.27
C GLU H 209 -43.55 -17.40 -20.55
N VAL H 210 -42.89 -17.67 -21.68
CA VAL H 210 -43.62 -17.75 -22.95
C VAL H 210 -44.05 -19.16 -23.31
N GLY H 211 -43.48 -20.18 -22.67
CA GLY H 211 -43.81 -21.54 -22.99
C GLY H 211 -42.96 -22.10 -24.13
N SER H 212 -42.89 -23.43 -24.16
CA SER H 212 -41.99 -24.12 -25.09
C SER H 212 -42.69 -24.42 -26.41
N ASN H 213 -41.95 -24.25 -27.51
CA ASN H 213 -42.41 -24.70 -28.82
C ASN H 213 -42.35 -26.22 -28.89
N ASN H 214 -42.82 -26.76 -30.01
CA ASN H 214 -42.80 -28.19 -30.26
C ASN H 214 -42.50 -28.44 -31.72
N PRO H 215 -42.15 -29.68 -32.08
CA PRO H 215 -41.75 -29.93 -33.48
C PRO H 215 -42.80 -29.54 -34.50
N ASP H 216 -44.08 -29.72 -34.19
CA ASP H 216 -45.13 -29.34 -35.12
C ASP H 216 -45.37 -27.83 -35.17
N GLY H 217 -44.78 -27.07 -34.25
CA GLY H 217 -45.03 -25.65 -34.21
C GLY H 217 -46.44 -25.29 -33.79
N VAL H 218 -47.16 -26.22 -33.19
CA VAL H 218 -48.54 -25.99 -32.77
C VAL H 218 -48.53 -25.30 -31.41
N ASP H 219 -49.25 -24.19 -31.32
CA ASP H 219 -49.41 -23.48 -30.04
C ASP H 219 -50.43 -24.27 -29.22
N ILE H 220 -49.92 -25.13 -28.35
CA ILE H 220 -50.78 -26.01 -27.57
C ILE H 220 -51.65 -25.25 -26.59
N LYS H 221 -51.29 -24.00 -26.27
CA LYS H 221 -52.09 -23.21 -25.34
C LYS H 221 -53.46 -22.85 -25.90
N LYS H 222 -53.62 -22.87 -27.23
CA LYS H 222 -54.90 -22.49 -27.80
C LYS H 222 -56.01 -23.45 -27.40
N LYS H 223 -55.71 -24.74 -27.36
CA LYS H 223 -56.68 -25.77 -26.99
C LYS H 223 -56.36 -26.26 -25.58
N LYS H 224 -57.33 -26.13 -24.69
CA LYS H 224 -57.17 -26.50 -23.29
C LYS H 224 -58.36 -27.32 -22.82
N ASP H 225 -58.14 -28.14 -21.81
CA ASP H 225 -59.22 -28.90 -21.19
C ASP H 225 -59.98 -28.02 -20.21
N GLU H 226 -61.01 -28.59 -19.59
CA GLU H 226 -61.79 -27.84 -18.61
C GLU H 226 -60.95 -27.41 -17.42
N ASN H 227 -59.87 -28.11 -17.13
CA ASN H 227 -58.99 -27.77 -16.02
C ASN H 227 -57.95 -26.72 -16.37
N GLY H 228 -57.95 -26.22 -17.61
CA GLY H 228 -56.95 -25.28 -18.05
C GLY H 228 -55.65 -25.91 -18.52
N VAL H 229 -55.54 -27.25 -18.48
CA VAL H 229 -54.35 -27.95 -18.94
C VAL H 229 -54.45 -28.13 -20.45
N PRO H 230 -53.42 -27.77 -21.23
CA PRO H 230 -53.51 -27.96 -22.68
C PRO H 230 -53.78 -29.41 -23.04
N LEU H 231 -54.58 -29.60 -24.09
CA LEU H 231 -54.92 -30.96 -24.52
C LEU H 231 -53.68 -31.73 -24.93
N ASP H 232 -52.76 -31.08 -25.64
CA ASP H 232 -51.50 -31.68 -26.03
C ASP H 232 -50.39 -31.48 -25.01
N GLY H 233 -50.74 -31.01 -23.81
CA GLY H 233 -49.75 -30.72 -22.78
C GLY H 233 -49.64 -31.85 -21.78
N ILE H 234 -48.41 -32.10 -21.33
CA ILE H 234 -48.13 -33.04 -20.25
C ILE H 234 -47.21 -32.35 -19.26
N ALA H 235 -47.39 -32.66 -17.99
CA ALA H 235 -46.54 -32.09 -16.95
C ALA H 235 -45.08 -32.42 -17.25
N PHE H 236 -44.22 -31.39 -17.18
CA PHE H 236 -42.81 -31.63 -17.47
C PHE H 236 -42.23 -32.65 -16.51
N HIS H 237 -42.53 -32.51 -15.23
CA HIS H 237 -42.25 -33.59 -14.29
C HIS H 237 -43.50 -34.44 -14.14
N PRO H 238 -43.42 -35.77 -14.20
CA PRO H 238 -42.24 -36.62 -14.32
C PRO H 238 -41.88 -37.04 -15.76
N TYR H 239 -42.74 -36.78 -16.74
CA TYR H 239 -42.58 -37.42 -18.05
C TYR H 239 -41.31 -36.93 -18.76
N TYR H 240 -41.16 -35.62 -18.90
CA TYR H 240 -39.97 -35.11 -19.55
C TYR H 240 -38.75 -35.15 -18.65
N THR H 241 -38.92 -35.20 -17.34
CA THR H 241 -37.77 -35.44 -16.47
C THR H 241 -37.18 -36.82 -16.72
N VAL H 242 -38.04 -37.84 -16.84
CA VAL H 242 -37.53 -39.19 -17.10
C VAL H 242 -36.99 -39.29 -18.53
N LYS H 243 -37.66 -38.65 -19.49
CA LYS H 243 -37.13 -38.64 -20.84
C LYS H 243 -35.75 -37.99 -20.89
N ASP H 244 -35.59 -36.87 -20.17
CA ASP H 244 -34.29 -36.21 -20.10
C ASP H 244 -33.28 -37.04 -19.33
N ILE H 245 -33.72 -37.84 -18.37
CA ILE H 245 -32.81 -38.77 -17.70
C ILE H 245 -32.27 -39.78 -18.70
N VAL H 246 -33.14 -40.32 -19.54
CA VAL H 246 -32.69 -41.26 -20.57
C VAL H 246 -31.72 -40.58 -21.53
N GLY H 247 -32.05 -39.36 -21.96
CA GLY H 247 -31.15 -38.63 -22.82
C GLY H 247 -29.81 -38.34 -22.16
N VAL H 248 -29.84 -38.02 -20.86
CA VAL H 248 -28.62 -37.75 -20.12
C VAL H 248 -27.77 -39.01 -20.02
N VAL H 249 -28.41 -40.17 -19.84
CA VAL H 249 -27.64 -41.41 -19.76
C VAL H 249 -26.99 -41.73 -21.10
N VAL H 250 -27.72 -41.54 -22.21
CA VAL H 250 -27.13 -41.78 -23.51
C VAL H 250 -25.97 -40.82 -23.76
N PHE H 251 -26.17 -39.54 -23.43
CA PHE H 251 -25.10 -38.56 -23.57
C PHE H 251 -23.90 -38.95 -22.73
N LEU H 252 -24.14 -39.42 -21.50
CA LEU H 252 -23.04 -39.81 -20.62
C LEU H 252 -22.30 -41.02 -21.19
N PHE H 253 -23.03 -41.95 -21.80
CA PHE H 253 -22.37 -43.09 -22.43
C PHE H 253 -21.41 -42.61 -23.51
N ILE H 254 -21.88 -41.75 -24.41
CA ILE H 254 -21.01 -41.23 -25.46
C ILE H 254 -19.86 -40.43 -24.85
N PHE H 255 -20.17 -39.60 -23.87
CA PHE H 255 -19.20 -38.72 -23.23
C PHE H 255 -18.07 -39.53 -22.59
N CYS H 256 -18.43 -40.58 -21.85
CA CYS H 256 -17.43 -41.40 -21.18
C CYS H 256 -16.67 -42.27 -22.17
N THR H 257 -17.32 -42.73 -23.24
CA THR H 257 -16.59 -43.42 -24.29
C THR H 257 -15.48 -42.53 -24.83
N VAL H 258 -15.81 -41.27 -25.13
CA VAL H 258 -14.80 -40.34 -25.62
C VAL H 258 -13.73 -40.11 -24.56
N ILE H 259 -14.15 -39.93 -23.30
CA ILE H 259 -13.19 -39.60 -22.25
C ILE H 259 -12.17 -40.70 -22.08
N PHE H 260 -12.64 -41.95 -22.00
CA PHE H 260 -11.80 -43.06 -21.60
C PHE H 260 -11.21 -43.86 -22.77
N PHE H 261 -11.62 -43.56 -24.00
CA PHE H 261 -11.08 -44.32 -25.13
C PHE H 261 -10.57 -43.41 -26.25
N PHE H 262 -11.17 -42.24 -26.41
CA PHE H 262 -10.80 -41.34 -27.49
C PHE H 262 -10.80 -39.89 -27.01
N PRO H 263 -10.11 -39.57 -25.92
CA PRO H 263 -10.17 -38.19 -25.40
C PRO H 263 -9.71 -37.16 -26.42
N GLU H 264 -8.76 -37.49 -27.29
CA GLU H 264 -8.34 -36.57 -28.33
C GLU H 264 -9.33 -36.48 -29.47
N MET H 265 -10.05 -37.57 -29.76
CA MET H 265 -10.95 -37.64 -30.90
C MET H 265 -10.22 -37.29 -32.20
N GLY H 266 -9.15 -38.03 -32.45
CA GLY H 266 -8.35 -37.80 -33.64
C GLY H 266 -7.72 -36.43 -33.71
N GLY H 267 -7.50 -35.79 -32.56
CA GLY H 267 -6.93 -34.47 -32.52
C GLY H 267 -7.92 -33.34 -32.69
N TYR H 268 -9.22 -33.62 -32.62
CA TYR H 268 -10.23 -32.59 -32.76
C TYR H 268 -10.80 -32.10 -31.43
N PHE H 269 -10.71 -32.91 -30.38
CA PHE H 269 -11.07 -32.46 -29.05
C PHE H 269 -9.85 -31.93 -28.29
N LEU H 270 -8.76 -32.68 -28.29
CA LEU H 270 -7.46 -32.22 -27.80
C LEU H 270 -6.52 -32.17 -28.99
N GLU H 271 -6.18 -30.96 -29.43
CA GLU H 271 -5.40 -30.81 -30.65
C GLU H 271 -3.95 -31.23 -30.42
N LYS H 272 -3.38 -31.90 -31.42
CA LYS H 272 -2.02 -32.41 -31.28
C LYS H 272 -1.00 -31.32 -31.04
N PRO H 273 -0.95 -30.23 -31.80
CA PRO H 273 0.07 -29.20 -31.57
C PRO H 273 -0.09 -28.49 -30.24
N ASN H 274 -1.26 -28.58 -29.60
CA ASN H 274 -1.42 -28.01 -28.26
C ASN H 274 -0.74 -28.85 -27.19
N PHE H 275 -0.22 -30.01 -27.54
CA PHE H 275 0.60 -30.79 -26.63
C PHE H 275 2.06 -30.33 -26.63
N GLU H 276 2.39 -29.32 -27.43
CA GLU H 276 3.69 -28.68 -27.39
C GLU H 276 3.57 -27.35 -26.66
N MET H 277 4.58 -27.02 -25.86
CA MET H 277 4.56 -25.76 -25.13
C MET H 277 4.51 -24.59 -26.10
N ALA H 278 3.80 -23.54 -25.68
CA ALA H 278 3.68 -22.35 -26.50
C ALA H 278 5.05 -21.78 -26.83
N ASN H 279 5.26 -21.46 -28.11
CA ASN H 279 6.51 -20.90 -28.59
C ASN H 279 6.21 -19.60 -29.30
N GLN H 280 6.73 -18.49 -28.75
CA GLN H 280 6.45 -17.18 -29.33
C GLN H 280 7.07 -17.02 -30.71
N PHE H 281 8.07 -17.84 -31.05
CA PHE H 281 8.84 -17.65 -32.27
C PHE H 281 8.62 -18.72 -33.32
N LYS H 282 7.86 -19.77 -33.00
CA LYS H 282 7.58 -20.86 -33.92
C LYS H 282 6.07 -21.04 -34.01
N THR H 283 5.48 -20.59 -35.12
CA THR H 283 4.06 -20.80 -35.35
C THR H 283 3.83 -22.17 -35.99
N PRO H 284 2.96 -23.01 -35.44
CA PRO H 284 2.76 -24.34 -36.05
C PRO H 284 2.35 -24.24 -37.50
N GLU H 285 2.86 -25.16 -38.31
CA GLU H 285 2.55 -25.17 -39.73
C GLU H 285 1.07 -25.37 -39.99
N HIS H 286 0.34 -26.00 -39.07
CA HIS H 286 -1.10 -26.15 -39.14
C HIS H 286 -1.70 -25.51 -37.90
N ILE H 287 -1.92 -24.20 -37.99
CA ILE H 287 -2.50 -23.41 -36.91
C ILE H 287 -3.97 -23.22 -37.26
N ALA H 288 -4.81 -24.12 -36.77
CA ALA H 288 -6.23 -24.11 -37.04
C ALA H 288 -7.02 -24.09 -35.73
N PRO H 289 -8.24 -23.55 -35.73
CA PRO H 289 -9.00 -23.44 -34.49
C PRO H 289 -9.57 -24.78 -34.06
N VAL H 290 -10.09 -24.78 -32.83
CA VAL H 290 -10.89 -25.93 -32.39
C VAL H 290 -12.07 -26.08 -33.35
N TRP H 291 -12.57 -27.30 -33.47
CA TRP H 291 -13.55 -27.59 -34.50
C TRP H 291 -14.77 -26.67 -34.41
N TYR H 292 -15.27 -26.43 -33.20
CA TYR H 292 -16.50 -25.66 -33.06
C TYR H 292 -16.33 -24.18 -33.39
N PHE H 293 -15.09 -23.70 -33.56
CA PHE H 293 -14.82 -22.36 -34.05
C PHE H 293 -14.44 -22.33 -35.52
N THR H 294 -14.29 -23.49 -36.16
CA THR H 294 -13.84 -23.54 -37.55
C THR H 294 -14.79 -22.84 -38.50
N PRO H 295 -16.12 -23.02 -38.37
CA PRO H 295 -17.01 -22.42 -39.38
C PRO H 295 -16.85 -20.92 -39.51
N PHE H 296 -16.67 -20.22 -38.40
CA PHE H 296 -16.48 -18.77 -38.45
C PHE H 296 -15.08 -18.43 -38.94
N TYR H 297 -14.06 -19.14 -38.45
CA TYR H 297 -12.71 -18.96 -38.94
C TYR H 297 -12.68 -19.09 -40.46
N ALA H 298 -13.30 -20.15 -40.99
CA ALA H 298 -13.40 -20.30 -42.43
C ALA H 298 -13.94 -19.03 -43.07
N ILE H 299 -15.04 -18.50 -42.53
CA ILE H 299 -15.60 -17.28 -43.07
C ILE H 299 -14.55 -16.18 -43.10
N LEU H 300 -13.84 -15.99 -41.98
CA LEU H 300 -12.82 -14.95 -41.95
C LEU H 300 -11.73 -15.25 -42.96
N ARG H 301 -11.38 -16.52 -43.14
CA ARG H 301 -10.40 -16.89 -44.15
C ARG H 301 -10.91 -16.67 -45.56
N ALA H 302 -12.23 -16.72 -45.76
CA ALA H 302 -12.78 -16.57 -47.11
C ALA H 302 -12.62 -15.14 -47.61
N VAL H 303 -12.76 -14.17 -46.73
CA VAL H 303 -12.71 -12.75 -47.11
C VAL H 303 -11.25 -12.35 -47.32
N PRO H 304 -10.88 -11.83 -48.49
CA PRO H 304 -9.47 -11.47 -48.73
C PRO H 304 -9.02 -10.18 -48.05
N ASP H 305 -9.91 -9.48 -47.35
CA ASP H 305 -9.56 -8.25 -46.65
C ASP H 305 -9.62 -8.49 -45.14
N LYS H 306 -8.69 -7.86 -44.41
CA LYS H 306 -8.57 -8.10 -42.98
C LYS H 306 -9.79 -7.60 -42.22
N LEU H 307 -10.05 -6.29 -42.31
CA LEU H 307 -11.20 -5.72 -41.59
C LEU H 307 -12.50 -6.31 -42.09
N MET H 308 -12.63 -6.49 -43.41
CA MET H 308 -13.86 -7.06 -43.94
C MET H 308 -14.05 -8.49 -43.47
N GLY H 309 -12.97 -9.25 -43.36
CA GLY H 309 -13.09 -10.61 -42.83
C GLY H 309 -13.52 -10.62 -41.37
N VAL H 310 -12.93 -9.74 -40.56
CA VAL H 310 -13.33 -9.65 -39.16
C VAL H 310 -14.81 -9.29 -39.05
N VAL H 311 -15.25 -8.30 -39.84
CA VAL H 311 -16.64 -7.90 -39.82
C VAL H 311 -17.53 -9.03 -40.31
N ALA H 312 -17.05 -9.80 -41.28
CA ALA H 312 -17.83 -10.92 -41.80
C ALA H 312 -18.06 -11.97 -40.73
N MET H 313 -17.01 -12.31 -39.96
CA MET H 313 -17.20 -13.25 -38.87
C MET H 313 -18.15 -12.69 -37.83
N GLY H 314 -17.94 -11.43 -37.44
CA GLY H 314 -18.81 -10.81 -36.45
C GLY H 314 -20.26 -10.84 -36.88
N ALA H 315 -20.53 -10.54 -38.16
CA ALA H 315 -21.89 -10.54 -38.66
C ALA H 315 -22.42 -11.97 -38.81
N ALA H 316 -21.57 -12.93 -39.13
CA ALA H 316 -22.01 -14.32 -39.19
C ALA H 316 -22.54 -14.76 -37.83
N ILE H 317 -21.92 -14.31 -36.75
CA ILE H 317 -22.46 -14.58 -35.43
C ILE H 317 -23.67 -13.70 -35.12
N ALA H 318 -23.64 -12.43 -35.52
CA ALA H 318 -24.66 -11.48 -35.06
C ALA H 318 -25.99 -11.65 -35.79
N VAL H 319 -25.97 -12.20 -37.01
CA VAL H 319 -27.21 -12.33 -37.77
C VAL H 319 -28.19 -13.27 -37.06
N LEU H 320 -27.66 -14.28 -36.35
CA LEU H 320 -28.52 -15.17 -35.59
C LEU H 320 -29.29 -14.41 -34.52
N PHE H 321 -28.76 -13.27 -34.05
CA PHE H 321 -29.51 -12.46 -33.09
C PHE H 321 -30.80 -11.92 -33.69
N VAL H 322 -30.73 -11.46 -34.94
CA VAL H 322 -31.88 -10.81 -35.57
C VAL H 322 -32.73 -11.85 -36.29
N LEU H 323 -32.25 -13.08 -36.34
CA LEU H 323 -33.05 -14.16 -36.90
C LEU H 323 -34.53 -14.10 -36.53
N PRO H 324 -34.93 -13.81 -35.28
CA PRO H 324 -36.37 -13.80 -34.97
C PRO H 324 -37.17 -12.83 -35.81
N TRP H 325 -36.55 -11.79 -36.36
CA TRP H 325 -37.24 -10.82 -37.20
C TRP H 325 -36.98 -11.04 -38.69
N LEU H 326 -36.02 -11.90 -39.05
CA LEU H 326 -35.82 -12.24 -40.45
C LEU H 326 -36.86 -13.25 -40.93
N ASP H 327 -37.32 -14.13 -40.06
CA ASP H 327 -38.28 -15.17 -40.43
C ASP H 327 -39.68 -14.56 -40.42
N ARG H 328 -40.25 -14.37 -41.60
CA ARG H 328 -41.60 -13.84 -41.76
C ARG H 328 -42.59 -14.94 -42.12
N SER H 329 -42.24 -16.19 -41.89
CA SER H 329 -43.12 -17.30 -42.24
C SER H 329 -44.38 -17.25 -41.38
N PRO H 330 -45.54 -17.62 -41.92
CA PRO H 330 -46.75 -17.69 -41.09
C PRO H 330 -46.79 -18.90 -40.18
N VAL H 331 -45.87 -19.86 -40.34
CA VAL H 331 -45.82 -21.06 -39.52
C VAL H 331 -44.44 -21.17 -38.89
N ARG H 332 -44.39 -21.82 -37.73
CA ARG H 332 -43.13 -21.96 -37.01
C ARG H 332 -42.29 -23.11 -37.57
N SER H 333 -42.87 -24.30 -37.65
CA SER H 333 -42.11 -25.50 -37.90
C SER H 333 -41.73 -25.64 -39.37
N ILE H 334 -40.54 -26.22 -39.61
CA ILE H 334 -40.11 -26.53 -40.96
C ILE H 334 -41.00 -27.60 -41.58
N ARG H 335 -41.71 -28.37 -40.75
CA ARG H 335 -42.59 -29.41 -41.27
C ARG H 335 -43.70 -28.82 -42.13
N TYR H 336 -44.13 -27.59 -41.82
CA TYR H 336 -45.25 -26.96 -42.52
C TYR H 336 -44.82 -25.70 -43.26
N LYS H 337 -43.52 -25.47 -43.43
CA LYS H 337 -43.03 -24.39 -44.25
C LYS H 337 -42.91 -24.85 -45.70
N GLY H 338 -42.75 -23.88 -46.60
CA GLY H 338 -42.67 -24.19 -48.01
C GLY H 338 -41.35 -24.83 -48.39
N TRP H 339 -41.31 -25.32 -49.64
CA TRP H 339 -40.10 -25.98 -50.12
C TRP H 339 -38.89 -25.06 -50.05
N LEU H 340 -39.08 -23.76 -50.22
CA LEU H 340 -37.96 -22.82 -50.16
C LEU H 340 -37.31 -22.83 -48.78
N SER H 341 -38.13 -22.84 -47.72
CA SER H 341 -37.58 -22.84 -46.37
C SER H 341 -36.80 -24.12 -46.09
N LYS H 342 -37.35 -25.27 -46.49
CA LYS H 342 -36.65 -26.54 -46.27
C LYS H 342 -35.33 -26.56 -47.05
N LEU H 343 -35.37 -26.14 -48.31
CA LEU H 343 -34.16 -26.12 -49.12
C LEU H 343 -33.11 -25.20 -48.51
N TRP H 344 -33.53 -24.04 -48.02
CA TRP H 344 -32.57 -23.08 -47.49
C TRP H 344 -32.04 -23.52 -46.13
N LEU H 345 -32.84 -24.22 -45.33
CA LEU H 345 -32.31 -24.78 -44.09
C LEU H 345 -31.29 -25.87 -44.37
N VAL H 346 -31.58 -26.72 -45.37
CA VAL H 346 -30.58 -27.71 -45.78
C VAL H 346 -29.31 -27.02 -46.27
N ILE H 347 -29.47 -25.96 -47.05
CA ILE H 347 -28.33 -25.23 -47.57
C ILE H 347 -27.51 -24.64 -46.41
N PHE H 348 -28.19 -24.05 -45.43
CA PHE H 348 -27.49 -23.47 -44.29
C PHE H 348 -26.74 -24.52 -43.50
N ALA H 349 -27.37 -25.67 -43.24
CA ALA H 349 -26.70 -26.73 -42.50
C ALA H 349 -25.47 -27.22 -43.27
N VAL H 350 -25.62 -27.45 -44.57
CA VAL H 350 -24.51 -27.94 -45.37
C VAL H 350 -23.39 -26.90 -45.42
N SER H 351 -23.75 -25.62 -45.56
CA SER H 351 -22.74 -24.56 -45.61
C SER H 351 -22.00 -24.45 -44.28
N PHE H 352 -22.71 -24.53 -43.17
CA PHE H 352 -22.06 -24.47 -41.87
C PHE H 352 -21.10 -25.64 -41.70
N VAL H 353 -21.53 -26.84 -42.08
CA VAL H 353 -20.68 -28.01 -41.91
C VAL H 353 -19.48 -27.94 -42.83
N ILE H 354 -19.66 -27.45 -44.06
CA ILE H 354 -18.55 -27.35 -45.01
C ILE H 354 -17.56 -26.29 -44.56
N LEU H 355 -18.05 -25.17 -44.04
CA LEU H 355 -17.16 -24.14 -43.50
C LEU H 355 -16.36 -24.70 -42.34
N GLY H 356 -17.01 -25.43 -41.43
CA GLY H 356 -16.28 -26.04 -40.33
C GLY H 356 -15.25 -27.05 -40.80
N TYR H 357 -15.60 -27.84 -41.80
CA TYR H 357 -14.69 -28.87 -42.29
C TYR H 357 -13.47 -28.26 -42.98
N TYR H 358 -13.68 -27.23 -43.81
CA TYR H 358 -12.56 -26.59 -44.49
C TYR H 358 -11.85 -25.59 -43.60
N GLY H 359 -12.54 -25.04 -42.59
CA GLY H 359 -11.86 -24.28 -41.57
C GLY H 359 -10.99 -25.11 -40.65
N ALA H 360 -11.10 -26.43 -40.73
CA ALA H 360 -10.32 -27.35 -39.91
C ALA H 360 -9.06 -27.83 -40.61
N GLN H 361 -8.74 -27.32 -41.79
CA GLN H 361 -7.57 -27.75 -42.53
C GLN H 361 -6.92 -26.53 -43.18
N ALA H 362 -5.68 -26.74 -43.65
CA ALA H 362 -4.90 -25.65 -44.22
C ALA H 362 -5.54 -25.16 -45.52
N PRO H 363 -5.26 -23.92 -45.91
CA PRO H 363 -5.90 -23.38 -47.13
C PRO H 363 -5.59 -24.22 -48.34
N SER H 364 -6.58 -24.39 -49.20
CA SER H 364 -6.47 -25.13 -50.45
C SER H 364 -7.32 -24.43 -51.49
N PRO H 365 -7.06 -24.69 -52.78
CA PRO H 365 -7.83 -24.00 -53.83
C PRO H 365 -9.30 -24.38 -53.79
N LEU H 366 -9.59 -25.69 -53.83
CA LEU H 366 -10.97 -26.13 -53.67
C LEU H 366 -11.50 -25.74 -52.30
N GLY H 367 -10.67 -25.88 -51.26
CA GLY H 367 -11.09 -25.47 -49.94
C GLY H 367 -11.47 -24.00 -49.90
N THR H 368 -10.65 -23.14 -50.51
CA THR H 368 -10.95 -21.72 -50.53
C THR H 368 -12.23 -21.43 -51.29
N THR H 369 -12.40 -22.05 -52.47
CA THR H 369 -13.58 -21.79 -53.28
C THR H 369 -14.84 -22.22 -52.54
N LEU H 370 -14.82 -23.41 -51.93
CA LEU H 370 -15.98 -23.88 -51.20
C LEU H 370 -16.22 -23.05 -49.95
N SER H 371 -15.16 -22.58 -49.28
CA SER H 371 -15.35 -21.71 -48.14
C SER H 371 -16.06 -20.42 -48.55
N ARG H 372 -15.64 -19.82 -49.67
CA ARG H 372 -16.29 -18.61 -50.13
C ARG H 372 -17.75 -18.86 -50.51
N VAL H 373 -18.01 -19.93 -51.26
CA VAL H 373 -19.38 -20.25 -51.65
C VAL H 373 -20.25 -20.48 -50.42
N CYS H 374 -19.73 -21.22 -49.45
CA CYS H 374 -20.51 -21.53 -48.26
C CYS H 374 -20.68 -20.31 -47.37
N THR H 375 -19.72 -19.38 -47.36
CA THR H 375 -19.92 -18.12 -46.66
C THR H 375 -21.07 -17.34 -47.30
N VAL H 376 -21.10 -17.26 -48.62
CA VAL H 376 -22.19 -16.57 -49.30
C VAL H 376 -23.51 -17.25 -48.97
N LEU H 377 -23.55 -18.58 -49.00
CA LEU H 377 -24.78 -19.30 -48.72
C LEU H 377 -25.22 -19.14 -47.26
N TYR H 378 -24.27 -19.17 -46.34
CA TYR H 378 -24.58 -18.96 -44.93
C TYR H 378 -25.23 -17.60 -44.72
N PHE H 379 -24.66 -16.56 -45.33
CA PHE H 379 -25.25 -15.23 -45.16
C PHE H 379 -26.55 -15.06 -45.92
N ALA H 380 -26.70 -15.72 -47.07
CA ALA H 380 -27.94 -15.64 -47.84
C ALA H 380 -29.09 -16.34 -47.11
N PHE H 381 -28.78 -17.39 -46.35
CA PHE H 381 -29.82 -18.05 -45.57
C PHE H 381 -30.55 -17.05 -44.68
N PHE H 382 -29.84 -16.05 -44.18
CA PHE H 382 -30.43 -15.03 -43.32
C PHE H 382 -30.95 -13.84 -44.10
N ILE H 383 -30.14 -13.33 -45.04
CA ILE H 383 -30.52 -12.13 -45.77
C ILE H 383 -31.76 -12.38 -46.61
N LEU H 384 -31.90 -13.58 -47.17
CA LEU H 384 -33.02 -13.91 -48.03
C LEU H 384 -34.22 -14.47 -47.26
N MET H 385 -34.07 -14.77 -45.97
CA MET H 385 -35.19 -15.30 -45.21
C MET H 385 -36.40 -14.40 -45.25
N PRO H 386 -36.28 -13.08 -45.04
CA PRO H 386 -37.48 -12.22 -45.08
C PRO H 386 -38.20 -12.29 -46.40
N PHE H 387 -37.53 -12.71 -47.47
CA PHE H 387 -38.15 -12.83 -48.78
C PHE H 387 -38.71 -14.24 -49.01
N TYR H 388 -37.85 -15.27 -48.94
CA TYR H 388 -38.31 -16.60 -49.30
C TYR H 388 -39.24 -17.20 -48.25
N THR H 389 -39.34 -16.61 -47.05
CA THR H 389 -40.39 -17.03 -46.13
C THR H 389 -41.76 -16.49 -46.51
N ARG H 390 -41.79 -15.49 -47.40
CA ARG H 390 -43.05 -14.95 -47.93
C ARG H 390 -43.37 -15.49 -49.32
N MET H 391 -42.34 -15.72 -50.16
CA MET H 391 -42.59 -16.28 -51.47
C MET H 391 -43.15 -17.70 -51.38
N GLU H 392 -42.65 -18.48 -50.43
CA GLU H 392 -43.05 -19.88 -50.34
C GLU H 392 -44.51 -20.00 -49.89
N LYS H 393 -45.09 -21.16 -50.20
CA LYS H 393 -46.43 -21.51 -49.76
C LYS H 393 -46.34 -22.54 -48.65
N THR H 394 -46.96 -22.23 -47.51
CA THR H 394 -46.84 -23.05 -46.31
C THR H 394 -48.06 -23.95 -46.16
N LYS H 395 -47.83 -25.17 -45.67
CA LYS H 395 -48.92 -26.07 -45.38
C LYS H 395 -49.66 -25.62 -44.13
N PRO H 396 -50.95 -25.96 -44.00
CA PRO H 396 -51.69 -25.55 -42.80
C PRO H 396 -51.15 -26.24 -41.55
N VAL H 397 -51.11 -25.49 -40.45
CA VAL H 397 -50.62 -26.03 -39.18
C VAL H 397 -51.76 -26.76 -38.48
N PRO H 398 -51.59 -28.02 -38.08
CA PRO H 398 -52.69 -28.73 -37.45
C PRO H 398 -53.05 -28.13 -36.10
N GLU H 399 -54.32 -28.30 -35.72
CA GLU H 399 -54.79 -27.79 -34.44
C GLU H 399 -54.28 -28.63 -33.27
N ARG H 400 -53.80 -29.84 -33.53
CA ARG H 400 -53.27 -30.72 -32.49
C ARG H 400 -51.91 -31.26 -32.93
N VAL H 401 -51.06 -31.54 -31.94
CA VAL H 401 -49.73 -32.06 -32.24
C VAL H 401 -49.85 -33.45 -32.85
N THR H 402 -49.10 -33.69 -33.93
CA THR H 402 -49.13 -34.98 -34.58
C THR H 402 -48.19 -35.95 -33.87
N GLY H 403 -48.49 -37.24 -34.01
CA GLY H 403 -47.68 -38.28 -33.39
C GLY H 403 -48.44 -39.56 -33.15
N PRO I 1 5.44 -36.38 -45.72
CA PRO I 1 6.11 -37.59 -46.23
C PRO I 1 5.38 -38.87 -45.85
N GLN I 2 5.74 -39.98 -46.49
CA GLN I 2 5.10 -41.25 -46.21
C GLN I 2 5.70 -41.88 -44.97
N LEU I 3 4.86 -42.21 -44.00
CA LEU I 3 5.29 -42.76 -42.73
C LEU I 3 5.18 -44.29 -42.74
N ASP I 4 6.00 -44.92 -41.91
CA ASP I 4 5.97 -46.36 -41.71
C ASP I 4 5.13 -46.68 -40.49
N HIS I 5 4.16 -47.57 -40.66
CA HIS I 5 3.29 -47.95 -39.54
C HIS I 5 4.04 -48.85 -38.58
N VAL I 6 3.81 -48.62 -37.29
CA VAL I 6 4.38 -49.44 -36.22
C VAL I 6 3.27 -49.77 -35.24
N ASP I 7 3.16 -51.04 -34.87
CA ASP I 7 2.17 -51.49 -33.90
C ASP I 7 2.77 -51.33 -32.51
N ILE I 8 2.33 -50.31 -31.78
CA ILE I 8 2.84 -50.02 -30.45
C ILE I 8 2.00 -50.77 -29.43
N ASP I 9 2.66 -51.58 -28.61
CA ASP I 9 2.00 -52.36 -27.56
C ASP I 9 2.41 -51.77 -26.21
N LEU I 10 1.45 -51.12 -25.55
CA LEU I 10 1.73 -50.49 -24.26
C LEU I 10 1.62 -51.44 -23.09
N THR I 11 1.25 -52.70 -23.33
CA THR I 11 1.27 -53.72 -22.29
C THR I 11 2.60 -54.47 -22.22
N ASP I 12 3.49 -54.26 -23.18
CA ASP I 12 4.78 -54.95 -23.24
C ASP I 12 5.74 -54.24 -22.29
N LYS I 13 5.83 -54.75 -21.06
CA LYS I 13 6.71 -54.15 -20.07
C LYS I 13 8.17 -54.24 -20.50
N ALA I 14 8.57 -55.37 -21.08
CA ALA I 14 9.96 -55.51 -21.52
C ALA I 14 10.30 -54.51 -22.62
N ALA I 15 9.41 -54.35 -23.60
CA ALA I 15 9.66 -53.39 -24.67
C ALA I 15 9.73 -51.97 -24.14
N MET I 16 8.81 -51.62 -23.23
CA MET I 16 8.85 -50.28 -22.65
C MET I 16 10.09 -50.07 -21.80
N GLN I 17 10.58 -51.11 -21.12
CA GLN I 17 11.81 -50.99 -20.34
C GLN I 17 13.01 -50.77 -21.25
N ASP I 18 13.07 -51.50 -22.37
CA ASP I 18 14.15 -51.28 -23.33
C ASP I 18 14.06 -49.87 -23.91
N GLY I 19 12.85 -49.41 -24.21
CA GLY I 19 12.70 -48.05 -24.71
C GLY I 19 13.10 -47.00 -23.69
N ALA I 20 12.78 -47.23 -22.41
CA ALA I 20 13.21 -46.32 -21.36
C ALA I 20 14.72 -46.29 -21.25
N ARG I 21 15.36 -47.47 -21.35
CA ARG I 21 16.82 -47.51 -21.33
C ARG I 21 17.40 -46.71 -22.49
N THR I 22 16.86 -46.90 -23.70
CA THR I 22 17.35 -46.17 -24.85
C THR I 22 17.13 -44.66 -24.69
N PHE I 23 15.98 -44.27 -24.15
CA PHE I 23 15.69 -42.86 -23.95
C PHE I 23 16.64 -42.25 -22.92
N ALA I 24 16.92 -42.98 -21.84
CA ALA I 24 17.79 -42.45 -20.79
C ALA I 24 19.22 -42.34 -21.28
N ASN I 25 19.67 -43.27 -22.12
CA ASN I 25 21.07 -43.28 -22.55
C ASN I 25 21.33 -42.39 -23.75
N TYR I 26 20.47 -42.45 -24.76
CA TYR I 26 20.73 -41.79 -26.04
C TYR I 26 19.95 -40.50 -26.24
N CYS I 27 18.89 -40.28 -25.47
CA CYS I 27 17.98 -39.16 -25.72
C CYS I 27 17.96 -38.12 -24.62
N MET I 28 18.18 -38.52 -23.37
CA MET I 28 18.15 -37.55 -22.28
C MET I 28 19.38 -36.67 -22.25
N GLY I 29 20.36 -36.92 -23.12
CA GLY I 29 21.48 -36.00 -23.23
C GLY I 29 21.06 -34.62 -23.66
N CYS I 30 20.13 -34.53 -24.62
CA CYS I 30 19.62 -33.26 -25.11
C CYS I 30 18.14 -33.03 -24.82
N HIS I 31 17.35 -34.08 -24.68
CA HIS I 31 15.91 -33.95 -24.48
C HIS I 31 15.55 -34.22 -23.03
N SER I 32 14.66 -33.40 -22.48
CA SER I 32 14.05 -33.70 -21.20
C SER I 32 12.77 -34.49 -21.40
N ALA I 33 12.38 -35.20 -20.35
CA ALA I 33 11.04 -35.77 -20.25
C ALA I 33 10.43 -35.19 -18.98
N LYS I 34 10.56 -33.87 -18.83
CA LYS I 34 10.39 -33.19 -17.54
C LYS I 34 8.97 -33.25 -17.01
N PHE I 35 7.99 -33.67 -17.82
CA PHE I 35 6.61 -33.73 -17.35
C PHE I 35 6.23 -35.08 -16.77
N GLN I 36 7.16 -36.03 -16.72
CA GLN I 36 6.93 -37.30 -16.03
C GLN I 36 8.05 -37.51 -15.01
N ARG I 37 7.74 -38.32 -14.00
CA ARG I 37 8.65 -38.59 -12.91
C ARG I 37 9.26 -39.98 -13.06
N TYR I 38 10.50 -40.12 -12.57
CA TYR I 38 11.15 -41.43 -12.62
C TYR I 38 10.33 -42.47 -11.85
N GLU I 39 9.72 -42.06 -10.73
CA GLU I 39 8.94 -42.98 -9.92
C GLU I 39 7.78 -43.56 -10.70
N ARG I 40 7.03 -42.71 -11.41
CA ARG I 40 5.88 -43.20 -12.15
C ARG I 40 6.30 -44.06 -13.33
N VAL I 41 7.38 -43.69 -14.01
CA VAL I 41 7.88 -44.53 -15.10
C VAL I 41 8.25 -45.90 -14.56
N ALA I 42 8.94 -45.94 -13.42
CA ALA I 42 9.29 -47.23 -12.82
C ALA I 42 8.05 -48.03 -12.47
N THR I 43 7.06 -47.39 -11.86
CA THR I 43 5.86 -48.10 -11.45
C THR I 43 5.11 -48.66 -12.66
N ASP I 44 4.96 -47.87 -13.72
CA ASP I 44 4.19 -48.30 -14.87
C ASP I 44 4.94 -49.31 -15.72
N LEU I 45 6.28 -49.27 -15.71
CA LEU I 45 7.08 -50.20 -16.48
C LEU I 45 7.47 -51.44 -15.69
N GLY I 46 7.05 -51.55 -14.43
CA GLY I 46 7.42 -52.68 -13.61
C GLY I 46 8.87 -52.69 -13.18
N ILE I 47 9.51 -51.52 -13.12
CA ILE I 47 10.92 -51.42 -12.76
C ILE I 47 11.01 -51.14 -11.26
N PRO I 48 11.75 -51.95 -10.48
CA PRO I 48 11.91 -51.62 -9.07
C PRO I 48 12.57 -50.26 -8.87
N ALA I 49 12.21 -49.59 -7.78
CA ALA I 49 12.69 -48.24 -7.53
C ALA I 49 14.21 -48.20 -7.45
N ASP I 50 14.81 -49.15 -6.72
CA ASP I 50 16.27 -49.20 -6.66
C ASP I 50 16.88 -49.45 -8.03
N LEU I 51 16.28 -50.37 -8.79
CA LEU I 51 16.77 -50.63 -10.14
C LEU I 51 16.61 -49.40 -11.03
N MET I 52 15.49 -48.70 -10.92
CA MET I 52 15.29 -47.48 -11.69
C MET I 52 16.35 -46.44 -11.35
N MET I 53 16.64 -46.26 -10.05
CA MET I 53 17.63 -45.27 -9.65
C MET I 53 19.02 -45.66 -10.14
N GLU I 54 19.34 -46.96 -10.12
CA GLU I 54 20.67 -47.40 -10.51
C GLU I 54 20.87 -47.34 -12.02
N LYS I 55 19.83 -47.67 -12.78
CA LYS I 55 19.98 -47.96 -14.20
C LYS I 55 19.51 -46.83 -15.11
N LEU I 56 18.58 -45.98 -14.67
CA LEU I 56 17.98 -44.98 -15.54
C LEU I 56 18.08 -43.55 -15.03
N VAL I 57 18.39 -43.35 -13.76
CA VAL I 57 18.55 -42.01 -13.20
C VAL I 57 20.06 -41.71 -13.20
N PHE I 58 20.49 -40.89 -14.15
CA PHE I 58 21.90 -40.52 -14.29
C PHE I 58 22.18 -39.10 -13.81
N THR I 59 21.15 -38.29 -13.60
CA THR I 59 21.32 -36.88 -13.27
C THR I 59 21.53 -36.64 -11.78
N GLY I 60 21.49 -37.69 -10.96
CA GLY I 60 21.55 -37.52 -9.52
C GLY I 60 20.24 -37.16 -8.88
N ALA I 61 19.14 -37.17 -9.65
CA ALA I 61 17.84 -36.81 -9.13
C ALA I 61 17.24 -37.94 -8.30
N LYS I 62 16.23 -37.61 -7.51
CA LYS I 62 15.51 -38.59 -6.72
C LYS I 62 14.53 -39.35 -7.61
N ILE I 63 14.03 -40.47 -7.08
CA ILE I 63 13.08 -41.29 -7.84
C ILE I 63 11.83 -40.50 -8.15
N GLY I 64 11.39 -39.65 -7.23
CA GLY I 64 10.18 -38.87 -7.41
C GLY I 64 10.35 -37.60 -8.21
N ASP I 65 11.53 -37.35 -8.77
CA ASP I 65 11.80 -36.13 -9.51
C ASP I 65 11.39 -36.27 -10.97
N HIS I 66 11.12 -35.14 -11.59
CA HIS I 66 10.90 -35.10 -13.03
C HIS I 66 12.18 -35.45 -13.76
N MET I 67 12.02 -36.07 -14.93
CA MET I 67 13.17 -36.50 -15.73
C MET I 67 13.78 -35.29 -16.45
N ASP I 68 14.32 -34.38 -15.65
CA ASP I 68 14.98 -33.18 -16.15
C ASP I 68 16.40 -33.51 -16.60
N ILE I 69 16.98 -32.60 -17.39
CA ILE I 69 18.33 -32.75 -17.90
C ILE I 69 19.08 -31.45 -17.71
N GLY I 70 20.41 -31.55 -17.78
CA GLY I 70 21.25 -30.39 -17.59
C GLY I 70 21.20 -29.41 -18.74
N MET I 71 21.04 -29.91 -19.97
CA MET I 71 21.05 -29.06 -21.15
C MET I 71 19.84 -28.14 -21.12
N LYS I 72 20.07 -26.85 -20.90
CA LYS I 72 18.98 -25.90 -20.87
C LYS I 72 18.47 -25.64 -22.28
N PRO I 73 17.16 -25.35 -22.43
CA PRO I 73 16.63 -25.10 -23.78
C PRO I 73 17.32 -23.97 -24.52
N ALA I 74 17.69 -22.89 -23.84
CA ALA I 74 18.32 -21.77 -24.53
C ALA I 74 19.69 -22.14 -25.06
N ASP I 75 20.50 -22.80 -24.22
CA ASP I 75 21.82 -23.24 -24.66
C ASP I 75 21.72 -24.21 -25.83
N ALA I 76 20.78 -25.15 -25.75
CA ALA I 76 20.62 -26.11 -26.83
C ALA I 76 20.15 -25.44 -28.11
N LYS I 77 19.25 -24.46 -28.00
CA LYS I 77 18.82 -23.73 -29.17
C LYS I 77 19.98 -22.99 -29.82
N THR I 78 20.84 -22.39 -29.00
CA THR I 78 22.03 -21.74 -29.54
C THR I 78 22.94 -22.76 -30.24
N TRP I 79 23.17 -23.90 -29.59
CA TRP I 79 24.17 -24.84 -30.08
C TRP I 79 23.71 -25.54 -31.36
N PHE I 80 22.50 -26.06 -31.35
CA PHE I 80 21.99 -26.85 -32.47
C PHE I 80 21.25 -26.02 -33.51
N GLY I 81 20.97 -24.74 -33.22
CA GLY I 81 20.10 -23.96 -34.06
C GLY I 81 18.64 -24.15 -33.80
N ALA I 82 18.27 -25.16 -33.01
CA ALA I 82 16.89 -25.41 -32.62
C ALA I 82 16.90 -26.10 -31.26
N ALA I 83 15.94 -25.76 -30.43
CA ALA I 83 15.88 -26.37 -29.10
C ALA I 83 15.37 -27.81 -29.20
N PRO I 84 16.04 -28.78 -28.61
CA PRO I 84 15.48 -30.12 -28.53
C PRO I 84 14.23 -30.11 -27.66
N PRO I 85 13.05 -30.31 -28.25
CA PRO I 85 11.82 -30.20 -27.46
C PRO I 85 11.72 -31.30 -26.43
N ASP I 86 11.00 -31.00 -25.34
CA ASP I 86 10.69 -32.03 -24.37
C ASP I 86 9.91 -33.14 -25.05
N LEU I 87 10.31 -34.39 -24.79
CA LEU I 87 9.79 -35.54 -25.51
C LEU I 87 8.73 -36.30 -24.71
N THR I 88 8.29 -35.77 -23.57
CA THR I 88 7.26 -36.46 -22.80
C THR I 88 5.98 -36.61 -23.62
N LEU I 89 5.58 -35.56 -24.34
CA LEU I 89 4.34 -35.56 -25.10
C LEU I 89 4.57 -35.63 -26.60
N VAL I 90 5.79 -35.95 -27.04
CA VAL I 90 6.07 -35.96 -28.48
C VAL I 90 5.27 -37.05 -29.18
N ALA I 91 5.01 -38.17 -28.51
CA ALA I 91 4.21 -39.22 -29.12
C ALA I 91 2.77 -38.77 -29.37
N ARG I 92 2.30 -37.76 -28.64
CA ARG I 92 0.99 -37.17 -28.93
C ARG I 92 1.09 -36.01 -29.90
N VAL I 93 2.21 -35.28 -29.89
CA VAL I 93 2.38 -34.17 -30.82
C VAL I 93 2.58 -34.68 -32.24
N ARG I 94 3.32 -35.77 -32.40
CA ARG I 94 3.65 -36.30 -33.71
C ARG I 94 3.00 -37.64 -34.02
N GLY I 95 2.69 -38.44 -33.02
CA GLY I 95 2.20 -39.79 -33.26
C GLY I 95 3.34 -40.80 -33.32
N THR I 96 3.00 -42.05 -33.00
CA THR I 96 4.03 -43.08 -32.94
C THR I 96 4.56 -43.43 -34.32
N ASP I 97 3.69 -43.41 -35.35
CA ASP I 97 4.15 -43.69 -36.70
C ASP I 97 5.15 -42.64 -37.16
N TRP I 98 4.87 -41.37 -36.90
CA TRP I 98 5.80 -40.31 -37.29
C TRP I 98 7.14 -40.47 -36.58
N LEU I 99 7.11 -40.77 -35.27
CA LEU I 99 8.36 -40.97 -34.54
C LEU I 99 9.13 -42.15 -35.09
N TYR I 100 8.44 -43.26 -35.35
CA TYR I 100 9.08 -44.47 -35.86
C TYR I 100 9.74 -44.21 -37.21
N SER I 101 9.05 -43.49 -38.10
CA SER I 101 9.64 -43.17 -39.39
C SER I 101 10.76 -42.15 -39.28
N TYR I 102 10.66 -41.23 -38.31
CA TYR I 102 11.65 -40.15 -38.18
C TYR I 102 12.96 -40.68 -37.63
N LEU I 103 12.90 -41.51 -36.58
CA LEU I 103 14.13 -42.01 -35.97
C LEU I 103 14.85 -43.01 -36.86
N ARG I 104 14.20 -43.51 -37.92
CA ARG I 104 14.83 -44.42 -38.86
C ARG I 104 15.13 -43.77 -40.20
N SER I 105 14.86 -42.47 -40.35
CA SER I 105 14.99 -41.79 -41.63
C SER I 105 16.19 -40.85 -41.68
N PHE I 106 17.09 -40.93 -40.71
CA PHE I 106 18.31 -40.12 -40.77
C PHE I 106 19.26 -40.69 -41.81
N TYR I 107 19.73 -39.84 -42.70
CA TYR I 107 20.72 -40.22 -43.71
C TYR I 107 21.80 -39.15 -43.78
N GLU I 108 22.92 -39.51 -44.38
CA GLU I 108 24.07 -38.62 -44.43
C GLU I 108 23.86 -37.55 -45.49
N ASP I 109 24.06 -36.29 -45.10
CA ASP I 109 23.84 -35.15 -45.97
C ASP I 109 24.91 -34.10 -45.65
N PRO I 110 26.04 -34.11 -46.36
CA PRO I 110 27.15 -33.22 -45.99
C PRO I 110 26.78 -31.75 -46.01
N LYS I 111 25.82 -31.33 -46.82
CA LYS I 111 25.44 -29.93 -46.87
C LYS I 111 24.82 -29.44 -45.57
N ARG I 112 24.42 -30.35 -44.67
CA ARG I 112 23.74 -29.96 -43.44
C ARG I 112 24.74 -29.69 -42.33
N PRO I 113 24.37 -28.86 -41.34
CA PRO I 113 25.33 -28.52 -40.28
C PRO I 113 25.87 -29.73 -39.54
N TRP I 114 25.04 -30.73 -39.29
CA TRP I 114 25.45 -31.92 -38.56
C TRP I 114 25.72 -33.10 -39.49
N GLY I 115 25.84 -32.86 -40.79
CA GLY I 115 26.18 -33.90 -41.73
C GLY I 115 25.07 -34.89 -42.00
N VAL I 116 23.85 -34.62 -41.55
CA VAL I 116 22.73 -35.53 -41.75
C VAL I 116 21.49 -34.73 -42.09
N ASN I 117 20.56 -35.41 -42.77
CA ASN I 117 19.22 -34.92 -43.01
C ASN I 117 18.24 -36.03 -42.67
N ASN I 118 16.96 -35.69 -42.65
CA ASN I 118 15.91 -36.65 -42.32
C ASN I 118 14.82 -36.59 -43.37
N VAL I 119 14.40 -37.78 -43.83
CA VAL I 119 13.31 -37.83 -44.81
C VAL I 119 12.01 -37.33 -44.20
N ILE I 120 11.71 -37.75 -42.98
CA ILE I 120 10.47 -37.33 -42.33
C ILE I 120 10.55 -35.86 -41.93
N PHE I 121 11.71 -35.41 -41.47
CA PHE I 121 11.90 -34.07 -40.94
C PHE I 121 13.04 -33.41 -41.70
N PRO I 122 12.78 -32.93 -42.91
CA PRO I 122 13.85 -32.33 -43.71
C PRO I 122 14.50 -31.15 -42.99
N ASN I 123 15.82 -31.05 -43.12
CA ASN I 123 16.60 -29.98 -42.52
C ASN I 123 16.43 -29.92 -41.01
N VAL I 124 16.22 -31.08 -40.38
CA VAL I 124 16.08 -31.12 -38.93
C VAL I 124 17.44 -30.83 -38.29
N GLY I 125 17.39 -30.22 -37.10
CA GLY I 125 18.59 -29.89 -36.36
C GLY I 125 19.12 -30.99 -35.46
N MET I 126 18.49 -32.16 -35.46
CA MET I 126 18.99 -33.28 -34.68
C MET I 126 20.23 -33.87 -35.34
N PRO I 127 21.33 -34.03 -34.61
CA PRO I 127 22.37 -34.94 -35.07
C PRO I 127 21.86 -36.37 -35.06
N ASN I 128 22.41 -37.19 -35.96
CA ASN I 128 22.03 -38.59 -35.99
C ASN I 128 22.67 -39.32 -34.81
N VAL I 129 21.99 -39.29 -33.65
CA VAL I 129 22.58 -39.80 -32.43
C VAL I 129 22.53 -41.32 -32.34
N LEU I 130 21.70 -41.98 -33.15
CA LEU I 130 21.61 -43.43 -33.18
C LEU I 130 22.44 -44.03 -34.29
N ALA I 131 23.30 -43.24 -34.94
CA ALA I 131 24.19 -43.76 -35.97
C ALA I 131 25.01 -44.95 -35.49
N PRO I 132 25.55 -44.96 -34.27
CA PRO I 132 26.31 -46.16 -33.84
C PRO I 132 25.51 -47.44 -33.94
N LEU I 133 24.20 -47.39 -33.68
CA LEU I 133 23.39 -48.60 -33.69
C LEU I 133 22.93 -48.95 -35.10
N GLN I 134 22.26 -48.01 -35.77
CA GLN I 134 21.79 -48.26 -37.12
C GLN I 134 22.97 -48.43 -38.08
N GLY I 135 24.02 -47.64 -37.90
CA GLY I 135 25.10 -47.56 -38.85
C GLY I 135 24.95 -46.37 -39.76
N ARG I 136 25.79 -46.35 -40.79
CA ARG I 136 25.78 -45.26 -41.76
C ARG I 136 24.66 -45.48 -42.76
N GLN I 137 23.63 -44.64 -42.71
CA GLN I 137 22.49 -44.71 -43.62
C GLN I 137 22.61 -43.61 -44.65
N VAL I 138 22.50 -43.98 -45.93
CA VAL I 138 22.69 -43.06 -47.04
C VAL I 138 21.54 -43.20 -48.01
N ILE I 139 21.35 -42.17 -48.84
CA ILE I 139 20.35 -42.20 -49.88
C ILE I 139 20.90 -42.92 -51.10
N GLN I 169 15.88 -43.49 -51.76
CA GLN I 169 15.75 -44.66 -50.90
C GLN I 169 16.90 -44.73 -49.90
N LEU I 170 16.56 -45.02 -48.65
CA LEU I 170 17.54 -45.11 -47.58
C LEU I 170 18.15 -46.50 -47.52
N THR I 171 19.48 -46.56 -47.49
CA THR I 171 20.20 -47.82 -47.36
C THR I 171 21.30 -47.66 -46.32
N VAL I 172 21.47 -48.68 -45.49
CA VAL I 172 22.51 -48.67 -44.46
C VAL I 172 23.77 -49.28 -45.02
N VAL I 173 24.89 -48.57 -44.88
CA VAL I 173 26.16 -49.11 -45.36
C VAL I 173 26.49 -50.37 -44.58
N PRO I 174 26.83 -51.48 -45.24
CA PRO I 174 27.07 -52.72 -44.47
C PRO I 174 28.22 -52.58 -43.49
N LYS I 175 28.09 -53.26 -42.36
CA LYS I 175 29.13 -53.32 -41.34
C LYS I 175 29.52 -51.91 -40.86
N THR I 176 28.51 -51.11 -40.52
CA THR I 176 28.74 -49.77 -39.98
C THR I 176 27.98 -49.51 -38.69
N GLY I 177 27.10 -50.41 -38.25
CA GLY I 177 26.38 -50.22 -37.00
C GLY I 177 26.33 -51.52 -36.22
N GLU I 178 26.08 -51.36 -34.91
CA GLU I 178 26.01 -52.53 -34.04
C GLU I 178 24.84 -53.43 -34.42
N LEU I 179 23.72 -52.84 -34.81
CA LEU I 179 22.49 -53.58 -35.07
C LEU I 179 22.20 -53.64 -36.56
N ASN I 180 21.51 -54.69 -36.97
CA ASN I 180 21.04 -54.83 -38.34
C ASN I 180 19.72 -54.08 -38.49
N GLU I 181 19.09 -54.17 -39.66
CA GLU I 181 17.85 -53.44 -39.89
C GLU I 181 16.75 -53.90 -38.94
N ALA I 182 16.62 -55.21 -38.75
CA ALA I 182 15.58 -55.72 -37.86
C ALA I 182 15.86 -55.36 -36.41
N GLN I 183 17.10 -55.50 -35.97
CA GLN I 183 17.44 -55.17 -34.59
C GLN I 183 17.27 -53.68 -34.32
N PHE I 184 17.68 -52.83 -35.25
CA PHE I 184 17.49 -51.39 -35.06
C PHE I 184 16.02 -51.03 -35.12
N ASP I 185 15.25 -51.71 -35.96
CA ASP I 185 13.80 -51.47 -36.00
C ASP I 185 13.17 -51.84 -34.66
N GLU I 186 13.60 -52.95 -34.07
CA GLU I 186 13.10 -53.32 -32.75
C GLU I 186 13.49 -52.30 -31.70
N LYS I 187 14.73 -51.81 -31.76
CA LYS I 187 15.17 -50.79 -30.81
C LYS I 187 14.33 -49.53 -30.93
N VAL I 188 14.12 -49.06 -32.16
CA VAL I 188 13.32 -47.86 -32.37
C VAL I 188 11.87 -48.10 -31.97
N LYS I 189 11.36 -49.31 -32.21
CA LYS I 189 10.00 -49.63 -31.81
C LYS I 189 9.84 -49.59 -30.29
N ASN I 190 10.82 -50.15 -29.57
CA ASN I 190 10.75 -50.10 -28.11
C ASN I 190 10.85 -48.66 -27.61
N LEU I 191 11.74 -47.87 -28.21
CA LEU I 191 11.87 -46.47 -27.81
C LEU I 191 10.57 -45.71 -28.08
N VAL I 192 9.96 -45.94 -29.24
CA VAL I 192 8.72 -45.26 -29.58
C VAL I 192 7.58 -45.74 -28.69
N THR I 193 7.61 -47.00 -28.28
CA THR I 193 6.62 -47.51 -27.35
C THR I 193 6.75 -46.81 -25.99
N PHE I 194 7.99 -46.64 -25.52
CA PHE I 194 8.19 -45.91 -24.28
C PHE I 194 7.73 -44.46 -24.42
N LEU I 195 8.01 -43.84 -25.56
CA LEU I 195 7.55 -42.46 -25.79
C LEU I 195 6.02 -42.40 -25.80
N ALA I 196 5.38 -43.39 -26.43
CA ALA I 196 3.92 -43.43 -26.46
C ALA I 196 3.35 -43.56 -25.06
N TYR I 197 3.96 -44.42 -24.23
CA TYR I 197 3.54 -44.51 -22.84
C TYR I 197 3.73 -43.19 -22.13
N SER I 198 4.88 -42.53 -22.35
CA SER I 198 5.16 -41.27 -21.67
C SER I 198 4.14 -40.21 -22.02
N ALA I 199 3.76 -40.14 -23.30
CA ALA I 199 2.75 -39.16 -23.71
C ALA I 199 1.41 -39.44 -23.04
N ASN I 200 1.04 -40.71 -22.92
CA ASN I 200 -0.24 -41.12 -22.35
C ASN I 200 0.01 -42.22 -21.33
N PRO I 201 0.43 -41.87 -20.12
CA PRO I 201 0.62 -42.89 -19.08
C PRO I 201 -0.67 -43.47 -18.52
N ASN I 202 -1.82 -42.84 -18.81
CA ASN I 202 -3.10 -43.28 -18.26
C ASN I 202 -3.88 -44.18 -19.21
N LYS I 203 -3.31 -44.53 -20.36
CA LYS I 203 -4.09 -45.20 -21.40
C LYS I 203 -4.63 -46.54 -20.92
N LEU I 204 -3.79 -47.35 -20.27
CA LEU I 204 -4.24 -48.66 -19.84
C LEU I 204 -5.27 -48.53 -18.71
N ALA I 205 -4.96 -47.73 -17.70
CA ALA I 205 -5.95 -47.46 -16.67
C ALA I 205 -7.18 -46.80 -17.25
N SER I 206 -7.01 -45.97 -18.28
CA SER I 206 -8.17 -45.32 -18.90
C SER I 206 -9.09 -46.35 -19.53
N GLU I 207 -8.54 -47.30 -20.28
CA GLU I 207 -9.37 -48.35 -20.86
C GLU I 207 -10.02 -49.21 -19.78
N ARG I 208 -9.26 -49.57 -18.75
CA ARG I 208 -9.81 -50.41 -17.69
C ARG I 208 -10.99 -49.72 -17.00
N ILE I 209 -10.83 -48.44 -16.68
CA ILE I 209 -11.89 -47.70 -16.00
C ILE I 209 -13.07 -47.46 -16.94
N GLY I 210 -12.79 -47.16 -18.21
CA GLY I 210 -13.86 -46.89 -19.15
C GLY I 210 -14.72 -48.10 -19.41
N THR I 211 -14.12 -49.29 -19.41
CA THR I 211 -14.93 -50.50 -19.57
C THR I 211 -16.00 -50.58 -18.49
N TYR I 212 -15.60 -50.39 -17.23
CA TYR I 212 -16.56 -50.47 -16.13
C TYR I 212 -17.54 -49.31 -16.16
N VAL I 213 -17.08 -48.11 -16.54
CA VAL I 213 -17.98 -46.97 -16.61
C VAL I 213 -19.05 -47.21 -17.67
N LEU I 214 -18.66 -47.75 -18.82
CA LEU I 214 -19.62 -48.01 -19.88
C LEU I 214 -20.56 -49.16 -19.50
N LEU I 215 -20.05 -50.18 -18.81
CA LEU I 215 -20.93 -51.24 -18.34
C LEU I 215 -21.97 -50.67 -17.37
N TYR I 216 -21.54 -49.85 -16.42
CA TYR I 216 -22.49 -49.26 -15.49
C TYR I 216 -23.48 -48.35 -16.23
N LEU I 217 -23.02 -47.64 -17.25
CA LEU I 217 -23.90 -46.72 -17.95
C LEU I 217 -24.94 -47.47 -18.78
N ALA I 218 -24.56 -48.61 -19.36
CA ALA I 218 -25.56 -49.46 -20.03
C ALA I 218 -26.55 -50.01 -19.02
N PHE I 219 -26.04 -50.46 -17.86
CA PHE I 219 -26.92 -50.96 -16.81
C PHE I 219 -27.92 -49.89 -16.38
N PHE I 220 -27.44 -48.66 -16.18
CA PHE I 220 -28.31 -47.56 -15.77
C PHE I 220 -29.22 -47.13 -16.90
N PHE I 221 -28.77 -47.24 -18.15
CA PHE I 221 -29.63 -46.91 -19.29
C PHE I 221 -30.81 -47.85 -19.36
N VAL I 222 -30.60 -49.13 -19.09
CA VAL I 222 -31.72 -50.07 -19.11
C VAL I 222 -32.80 -49.62 -18.13
N PHE I 223 -32.39 -49.26 -16.92
CA PHE I 223 -33.35 -48.85 -15.90
C PHE I 223 -34.01 -47.52 -16.27
N ALA I 224 -33.23 -46.56 -16.77
CA ALA I 224 -33.80 -45.26 -17.14
C ALA I 224 -34.79 -45.42 -18.28
N TYR I 225 -34.45 -46.24 -19.28
CA TYR I 225 -35.35 -46.48 -20.40
C TYR I 225 -36.62 -47.18 -19.94
N LEU I 226 -36.50 -48.16 -19.06
CA LEU I 226 -37.69 -48.83 -18.54
C LEU I 226 -38.56 -47.87 -17.76
N LEU I 227 -37.95 -47.01 -16.95
CA LEU I 227 -38.71 -46.02 -16.19
C LEU I 227 -39.45 -45.07 -17.13
N LYS I 228 -38.75 -44.57 -18.16
CA LYS I 228 -39.38 -43.68 -19.12
C LYS I 228 -40.54 -44.37 -19.83
N ARG I 229 -40.33 -45.63 -20.24
CA ARG I 229 -41.38 -46.37 -20.91
C ARG I 229 -42.58 -46.56 -20.00
N GLU I 230 -42.34 -46.86 -18.72
CA GLU I 230 -43.43 -47.03 -17.78
C GLU I 230 -44.22 -45.74 -17.60
N TYR I 231 -43.52 -44.61 -17.45
CA TYR I 231 -44.23 -43.36 -17.22
C TYR I 231 -44.97 -42.87 -18.46
N TRP I 232 -44.41 -43.11 -19.64
CA TRP I 232 -44.99 -42.59 -20.88
C TRP I 232 -46.11 -43.46 -21.43
N LYS I 233 -46.68 -44.34 -20.61
CA LYS I 233 -47.85 -45.11 -21.02
C LYS I 233 -49.10 -44.25 -20.93
N ALA J 1 36.26 -36.83 -50.11
CA ALA J 1 36.64 -37.59 -48.94
C ALA J 1 38.07 -38.09 -49.05
N GLY J 2 38.69 -38.42 -47.91
CA GLY J 2 40.05 -38.88 -47.90
C GLY J 2 40.17 -40.38 -48.17
N ASP J 3 41.41 -40.79 -48.44
CA ASP J 3 41.73 -42.20 -48.69
C ASP J 3 42.58 -42.71 -47.54
N ALA J 4 42.06 -43.71 -46.82
CA ALA J 4 42.78 -44.24 -45.67
C ALA J 4 44.10 -44.88 -46.09
N ALA J 5 44.11 -45.56 -47.24
CA ALA J 5 45.32 -46.24 -47.68
C ALA J 5 46.46 -45.27 -47.87
N ALA J 6 46.23 -44.18 -48.62
CA ALA J 6 47.26 -43.16 -48.78
C ALA J 6 47.51 -42.42 -47.47
N GLY J 7 46.46 -42.21 -46.68
CA GLY J 7 46.63 -41.51 -45.42
C GLY J 7 47.61 -42.21 -44.49
N GLN J 8 47.60 -43.54 -44.50
CA GLN J 8 48.53 -44.29 -43.65
C GLN J 8 49.97 -43.89 -43.95
N ALA J 9 50.33 -43.83 -45.23
CA ALA J 9 51.66 -43.38 -45.61
C ALA J 9 51.86 -41.91 -45.24
N LYS J 10 50.85 -41.08 -45.49
CA LYS J 10 50.96 -39.66 -45.17
C LYS J 10 50.97 -39.40 -43.67
N ALA J 11 50.42 -40.31 -42.86
CA ALA J 11 50.30 -40.11 -41.43
C ALA J 11 51.47 -40.69 -40.65
N ALA J 12 52.51 -41.18 -41.33
CA ALA J 12 53.64 -41.77 -40.63
C ALA J 12 54.35 -40.75 -39.76
N VAL J 13 54.54 -39.53 -40.26
CA VAL J 13 55.22 -38.50 -39.48
C VAL J 13 54.45 -38.21 -38.20
N CYS J 14 53.13 -38.22 -38.27
CA CYS J 14 52.32 -37.99 -37.07
C CYS J 14 52.50 -39.09 -36.04
N GLY J 15 52.71 -40.32 -36.51
CA GLY J 15 52.80 -41.45 -35.60
C GLY J 15 53.91 -41.32 -34.58
N ALA J 16 54.86 -40.42 -34.80
CA ALA J 16 55.90 -40.18 -33.80
C ALA J 16 55.29 -39.74 -32.47
N CYS J 17 54.28 -38.87 -32.52
CA CYS J 17 53.62 -38.38 -31.32
C CYS J 17 52.31 -39.08 -31.03
N HIS J 18 51.49 -39.32 -32.06
CA HIS J 18 50.17 -39.91 -31.88
C HIS J 18 50.15 -41.41 -32.03
N GLY J 19 51.28 -42.04 -32.32
CA GLY J 19 51.30 -43.48 -32.54
C GLY J 19 51.04 -43.84 -33.98
N ALA J 20 51.60 -44.97 -34.39
CA ALA J 20 51.49 -45.39 -35.79
C ALA J 20 50.03 -45.56 -36.20
N ASP J 21 49.22 -46.18 -35.33
CA ASP J 21 47.81 -46.38 -35.58
C ASP J 21 46.94 -45.27 -35.01
N GLY J 22 47.54 -44.21 -34.45
CA GLY J 22 46.80 -43.14 -33.84
C GLY J 22 46.50 -43.32 -32.37
N ASN J 23 46.93 -44.43 -31.77
CA ASN J 23 46.77 -44.65 -30.34
C ASN J 23 48.06 -44.22 -29.66
N SER J 24 48.11 -42.94 -29.26
CA SER J 24 49.34 -42.38 -28.72
C SER J 24 49.71 -43.08 -27.43
N PRO J 25 51.01 -43.29 -27.16
CA PRO J 25 51.41 -43.88 -25.88
C PRO J 25 51.44 -42.86 -24.75
N ALA J 26 51.82 -41.62 -25.07
CA ALA J 26 51.98 -40.61 -24.03
C ALA J 26 50.64 -39.93 -23.73
N PRO J 27 50.31 -39.71 -22.45
CA PRO J 27 49.01 -39.09 -22.14
C PRO J 27 48.83 -37.72 -22.75
N ASN J 28 49.88 -36.91 -22.85
CA ASN J 28 49.72 -35.54 -23.33
C ASN J 28 49.38 -35.48 -24.80
N PHE J 29 49.70 -36.51 -25.58
CA PHE J 29 49.35 -36.53 -26.99
C PHE J 29 47.99 -37.19 -27.18
N PRO J 30 47.03 -36.53 -27.82
CA PRO J 30 45.72 -37.16 -28.03
C PRO J 30 45.81 -38.37 -28.94
N LYS J 31 44.94 -39.34 -28.69
CA LYS J 31 44.76 -40.45 -29.62
C LYS J 31 43.93 -39.98 -30.80
N LEU J 32 44.39 -40.30 -32.01
CA LEU J 32 43.65 -39.99 -33.22
C LEU J 32 42.94 -41.22 -33.79
N ALA J 33 43.24 -42.41 -33.30
CA ALA J 33 42.60 -43.61 -33.81
C ALA J 33 41.11 -43.59 -33.52
N GLY J 34 40.31 -43.94 -34.53
CA GLY J 34 38.88 -44.02 -34.36
C GLY J 34 38.19 -42.69 -34.16
N GLN J 35 38.91 -41.58 -34.27
CA GLN J 35 38.30 -40.27 -34.14
C GLN J 35 37.49 -39.95 -35.40
N GLY J 36 36.43 -39.18 -35.21
CA GLY J 36 35.58 -38.81 -36.33
C GLY J 36 36.37 -38.11 -37.43
N GLU J 37 36.16 -38.54 -38.68
CA GLU J 37 36.91 -37.97 -39.79
C GLU J 37 36.62 -36.47 -39.91
N ARG J 38 35.36 -36.07 -39.79
CA ARG J 38 35.03 -34.66 -39.88
C ARG J 38 35.73 -33.87 -38.78
N TYR J 39 35.69 -34.38 -37.54
CA TYR J 39 36.34 -33.68 -36.44
C TYR J 39 37.85 -33.63 -36.64
N LEU J 40 38.45 -34.73 -37.08
CA LEU J 40 39.90 -34.73 -37.31
C LEU J 40 40.28 -33.71 -38.38
N LEU J 41 39.53 -33.66 -39.47
CA LEU J 41 39.83 -32.69 -40.52
C LEU J 41 39.64 -31.27 -40.03
N LYS J 42 38.58 -31.03 -39.24
CA LYS J 42 38.36 -29.69 -38.71
C LYS J 42 39.51 -29.28 -37.80
N GLN J 43 39.98 -30.18 -36.93
CA GLN J 43 41.09 -29.85 -36.06
C GLN J 43 42.37 -29.62 -36.86
N MET J 44 42.60 -30.42 -37.89
CA MET J 44 43.78 -30.22 -38.72
C MET J 44 43.75 -28.84 -39.37
N HIS J 45 42.60 -28.45 -39.92
CA HIS J 45 42.50 -27.15 -40.57
C HIS J 45 42.60 -26.02 -39.56
N ASP J 46 42.02 -26.20 -38.37
CA ASP J 46 42.12 -25.16 -37.34
C ASP J 46 43.56 -24.97 -36.89
N ILE J 47 44.32 -26.06 -36.78
CA ILE J 47 45.72 -25.95 -36.42
C ILE J 47 46.51 -25.31 -37.55
N LYS J 48 46.17 -25.63 -38.80
CA LYS J 48 46.84 -25.01 -39.93
C LYS J 48 46.62 -23.50 -39.94
N ASP J 49 45.37 -23.07 -39.78
CA ASP J 49 45.01 -21.67 -39.91
C ASP J 49 45.16 -20.89 -38.61
N GLY J 50 45.61 -21.53 -37.54
CA GLY J 50 45.78 -20.85 -36.27
C GLY J 50 44.53 -20.74 -35.42
N LYS J 51 43.40 -21.29 -35.88
CA LYS J 51 42.20 -21.28 -35.05
C LYS J 51 42.40 -22.09 -33.77
N ARG J 52 43.25 -23.12 -33.83
CA ARG J 52 43.67 -23.86 -32.66
C ARG J 52 45.18 -23.85 -32.60
N THR J 53 45.72 -23.53 -31.43
CA THR J 53 47.17 -23.40 -31.25
C THR J 53 47.72 -24.68 -30.64
N VAL J 54 48.56 -25.38 -31.39
CA VAL J 54 49.29 -26.54 -30.90
C VAL J 54 50.76 -26.27 -31.20
N LEU J 55 51.50 -25.86 -30.17
CA LEU J 55 52.90 -25.49 -30.38
C LEU J 55 53.72 -26.67 -30.90
N GLU J 56 53.46 -27.87 -30.37
CA GLU J 56 54.19 -29.04 -30.82
C GLU J 56 53.94 -29.36 -32.29
N MET J 57 52.85 -28.86 -32.86
CA MET J 57 52.51 -29.09 -34.25
C MET J 57 52.92 -27.94 -35.17
N THR J 58 53.67 -26.97 -34.64
CA THR J 58 54.00 -25.77 -35.42
C THR J 58 54.66 -26.13 -36.75
N GLY J 59 53.96 -25.82 -37.84
CA GLY J 59 54.51 -26.01 -39.17
C GLY J 59 54.38 -27.41 -39.73
N LEU J 60 53.85 -28.35 -38.97
CA LEU J 60 53.77 -29.74 -39.45
C LEU J 60 52.70 -29.89 -40.53
N LEU J 61 51.65 -29.06 -40.49
CA LEU J 61 50.56 -29.14 -41.46
C LEU J 61 50.64 -28.09 -42.55
N THR J 62 51.65 -27.21 -42.50
CA THR J 62 51.72 -26.13 -43.50
C THR J 62 51.91 -26.68 -44.90
N ASN J 63 52.75 -27.71 -45.06
CA ASN J 63 53.03 -28.27 -46.37
C ASN J 63 51.97 -29.28 -46.82
N LEU J 64 51.09 -29.72 -45.94
CA LEU J 64 50.08 -30.71 -46.28
C LEU J 64 48.87 -30.01 -46.89
N SER J 65 48.44 -30.47 -48.05
CA SER J 65 47.30 -29.88 -48.74
C SER J 65 46.00 -30.39 -48.15
N ASP J 66 44.88 -29.91 -48.69
CA ASP J 66 43.58 -30.35 -48.20
C ASP J 66 43.39 -31.85 -48.41
N GLN J 67 43.82 -32.36 -49.57
CA GLN J 67 43.67 -33.79 -49.82
C GLN J 67 44.55 -34.62 -48.90
N ASP J 68 45.77 -34.16 -48.62
CA ASP J 68 46.63 -34.90 -47.70
C ASP J 68 46.03 -34.94 -46.30
N LEU J 69 45.50 -33.80 -45.83
CA LEU J 69 44.85 -33.78 -44.53
C LEU J 69 43.63 -34.69 -44.51
N ALA J 70 42.85 -34.69 -45.58
CA ALA J 70 41.69 -35.57 -45.66
C ALA J 70 42.12 -37.03 -45.62
N ASP J 71 43.20 -37.38 -46.32
CA ASP J 71 43.68 -38.75 -46.30
C ASP J 71 44.15 -39.15 -44.90
N ILE J 72 44.88 -38.27 -44.22
CA ILE J 72 45.34 -38.60 -42.88
C ILE J 72 44.16 -38.77 -41.93
N ALA J 73 43.17 -37.87 -42.03
CA ALA J 73 41.99 -37.97 -41.17
C ALA J 73 41.23 -39.26 -41.45
N ALA J 74 41.07 -39.61 -42.73
CA ALA J 74 40.36 -40.85 -43.07
C ALA J 74 41.11 -42.07 -42.56
N TYR J 75 42.44 -42.05 -42.65
CA TYR J 75 43.23 -43.16 -42.14
C TYR J 75 43.05 -43.30 -40.63
N PHE J 76 43.13 -42.20 -39.90
CA PHE J 76 43.00 -42.28 -38.46
C PHE J 76 41.58 -42.67 -38.04
N ALA J 77 40.57 -42.25 -38.82
CA ALA J 77 39.20 -42.61 -38.50
C ALA J 77 38.95 -44.09 -38.67
N SER J 78 39.64 -44.74 -39.62
CA SER J 78 39.47 -46.17 -39.83
C SER J 78 40.00 -46.99 -38.67
N GLN J 79 40.85 -46.41 -37.83
CA GLN J 79 41.43 -47.14 -36.71
C GLN J 79 40.43 -47.20 -35.55
N LYS J 80 40.82 -47.89 -34.48
CA LYS J 80 39.99 -48.05 -33.30
C LYS J 80 40.74 -47.49 -32.10
N MET J 81 40.15 -46.48 -31.46
CA MET J 81 40.76 -45.89 -30.27
C MET J 81 40.90 -46.94 -29.18
N SER J 82 42.08 -47.01 -28.58
CA SER J 82 42.29 -47.88 -27.43
C SER J 82 41.62 -47.29 -26.20
N VAL J 83 41.30 -48.16 -25.25
CA VAL J 83 40.58 -47.78 -24.04
C VAL J 83 41.53 -47.92 -22.85
N GLY J 84 41.64 -46.85 -22.07
CA GLY J 84 42.41 -46.85 -20.85
C GLY J 84 41.56 -47.27 -19.66
N MET J 85 42.03 -46.91 -18.47
CA MET J 85 41.35 -47.24 -17.23
C MET J 85 41.03 -45.96 -16.47
N ALA J 86 39.90 -45.98 -15.76
CA ALA J 86 39.49 -44.85 -14.94
C ALA J 86 39.97 -45.06 -13.50
N ASP J 87 40.29 -43.96 -12.84
CA ASP J 87 40.71 -44.02 -11.45
C ASP J 87 39.52 -44.43 -10.58
N PRO J 88 39.65 -45.49 -9.78
CA PRO J 88 38.50 -45.91 -8.96
C PRO J 88 37.96 -44.82 -8.05
N ASN J 89 38.83 -43.96 -7.51
CA ASN J 89 38.37 -42.91 -6.63
C ASN J 89 37.68 -41.77 -7.37
N LEU J 90 37.78 -41.74 -8.70
CA LEU J 90 37.18 -40.68 -9.51
C LEU J 90 36.08 -41.17 -10.44
N VAL J 91 35.93 -42.48 -10.63
CA VAL J 91 35.05 -42.98 -11.67
C VAL J 91 33.59 -42.64 -11.34
N ALA J 92 33.22 -42.67 -10.06
CA ALA J 92 31.83 -42.39 -9.71
C ALA J 92 31.44 -40.96 -10.07
N GLN J 93 32.24 -39.99 -9.63
CA GLN J 93 31.93 -38.58 -9.91
C GLN J 93 32.01 -38.30 -11.41
N GLY J 94 33.03 -38.82 -12.07
CA GLY J 94 33.16 -38.60 -13.50
C GLY J 94 32.00 -39.19 -14.28
N GLU J 95 31.58 -40.40 -13.91
CA GLU J 95 30.44 -41.04 -14.56
C GLU J 95 29.17 -40.23 -14.33
N ALA J 96 28.96 -39.76 -13.10
CA ALA J 96 27.79 -38.94 -12.81
C ALA J 96 27.76 -37.71 -13.69
N LEU J 97 28.89 -37.00 -13.77
CA LEU J 97 28.94 -35.79 -14.59
C LEU J 97 28.74 -36.10 -16.07
N PHE J 98 29.38 -37.16 -16.56
CA PHE J 98 29.30 -37.48 -17.97
C PHE J 98 27.90 -37.86 -18.39
N ARG J 99 27.21 -38.65 -17.55
CA ARG J 99 25.89 -39.16 -17.94
C ARG J 99 24.75 -38.21 -17.59
N GLY J 100 24.92 -37.38 -16.57
CA GLY J 100 23.82 -36.56 -16.10
C GLY J 100 24.09 -35.07 -16.11
N GLY J 101 25.33 -34.67 -16.34
CA GLY J 101 25.65 -33.25 -16.30
C GLY J 101 25.36 -32.68 -14.93
N LYS J 102 24.87 -31.45 -14.91
CA LYS J 102 24.46 -30.79 -13.66
C LYS J 102 23.10 -30.16 -13.88
N ILE J 103 22.08 -30.71 -13.23
CA ILE J 103 20.74 -30.14 -13.34
C ILE J 103 20.70 -28.73 -12.76
N ALA J 104 21.22 -28.58 -11.54
CA ALA J 104 21.14 -27.29 -10.85
C ALA J 104 21.94 -26.22 -11.59
N GLU J 105 23.16 -26.55 -12.00
CA GLU J 105 24.02 -25.58 -12.67
C GLU J 105 23.71 -25.44 -14.14
N GLY J 106 22.83 -26.27 -14.69
CA GLY J 106 22.49 -26.18 -16.10
C GLY J 106 23.56 -26.70 -17.03
N MET J 107 24.49 -27.52 -16.54
CA MET J 107 25.53 -28.08 -17.39
C MET J 107 25.02 -29.34 -18.08
N PRO J 108 25.10 -29.43 -19.40
CA PRO J 108 24.55 -30.62 -20.08
C PRO J 108 25.34 -31.87 -19.74
N ALA J 109 24.66 -33.00 -19.84
CA ALA J 109 25.35 -34.28 -19.86
C ALA J 109 26.10 -34.41 -21.19
N CYS J 110 27.23 -35.10 -21.14
CA CYS J 110 28.05 -35.29 -22.34
C CYS J 110 27.53 -36.40 -23.24
N THR J 111 26.58 -37.20 -22.76
CA THR J 111 26.12 -38.36 -23.53
C THR J 111 25.31 -37.96 -24.76
N GLY J 112 24.84 -36.72 -24.84
CA GLY J 112 24.10 -36.28 -26.00
C GLY J 112 24.96 -36.09 -27.24
N CYS J 113 25.81 -35.06 -27.23
CA CYS J 113 26.68 -34.82 -28.38
C CYS J 113 27.71 -35.91 -28.54
N HIS J 114 28.33 -36.32 -27.44
CA HIS J 114 29.18 -37.51 -27.43
C HIS J 114 28.33 -38.69 -26.98
N SER J 115 28.34 -39.75 -27.78
CA SER J 115 27.46 -40.88 -27.54
C SER J 115 27.53 -41.33 -26.09
N PRO J 116 26.51 -42.02 -25.56
CA PRO J 116 26.62 -42.56 -24.20
C PRO J 116 27.89 -43.38 -23.99
N SER J 117 28.43 -43.98 -25.03
CA SER J 117 29.68 -44.73 -24.94
C SER J 117 30.90 -43.89 -25.30
N GLY J 118 30.72 -42.60 -25.59
CA GLY J 118 31.83 -41.73 -25.89
C GLY J 118 32.36 -41.79 -27.31
N VAL J 119 31.65 -42.48 -28.22
CA VAL J 119 32.12 -42.58 -29.60
C VAL J 119 31.89 -41.30 -30.39
N GLY J 120 31.31 -40.27 -29.79
CA GLY J 120 31.03 -39.06 -30.51
C GLY J 120 29.98 -39.29 -31.58
N ILE J 121 29.82 -38.28 -32.43
CA ILE J 121 28.96 -38.34 -33.60
C ILE J 121 29.82 -37.94 -34.78
N ALA J 122 30.21 -38.93 -35.59
CA ALA J 122 31.17 -38.67 -36.65
C ALA J 122 30.64 -37.66 -37.67
N THR J 123 29.38 -37.81 -38.08
CA THR J 123 28.83 -36.92 -39.10
C THR J 123 28.72 -35.49 -38.59
N ALA J 124 28.31 -35.32 -37.33
CA ALA J 124 28.09 -34.00 -36.78
C ALA J 124 29.39 -33.29 -36.40
N GLY J 125 30.52 -34.00 -36.41
CA GLY J 125 31.76 -33.41 -35.97
C GLY J 125 31.97 -33.42 -34.48
N PHE J 126 31.13 -34.12 -33.73
CA PHE J 126 31.31 -34.23 -32.29
C PHE J 126 32.38 -35.28 -32.01
N PRO J 127 33.50 -34.92 -31.37
CA PRO J 127 34.63 -35.84 -31.31
C PRO J 127 34.35 -37.09 -30.49
N HIS J 128 35.00 -38.18 -30.90
CA HIS J 128 35.06 -39.39 -30.10
C HIS J 128 35.86 -39.13 -28.82
N LEU J 129 35.26 -39.39 -27.67
CA LEU J 129 35.88 -39.12 -26.38
C LEU J 129 36.33 -40.38 -25.66
N GLY J 130 35.52 -41.44 -25.67
CA GLY J 130 35.82 -42.63 -24.90
C GLY J 130 37.17 -43.23 -25.21
N GLY J 131 37.97 -43.46 -24.18
CA GLY J 131 39.30 -44.01 -24.33
C GLY J 131 40.39 -42.98 -24.55
N GLN J 132 40.04 -41.72 -24.75
CA GLN J 132 41.04 -40.67 -24.90
C GLN J 132 41.80 -40.51 -23.60
N HIS J 133 43.07 -40.11 -23.72
CA HIS J 133 43.91 -39.95 -22.54
C HIS J 133 43.27 -38.97 -21.57
N ALA J 134 43.25 -39.36 -20.29
CA ALA J 134 42.64 -38.51 -19.28
C ALA J 134 43.35 -37.16 -19.19
N THR J 135 44.68 -37.16 -19.29
CA THR J 135 45.42 -35.91 -19.24
C THR J 135 45.04 -34.99 -20.39
N TYR J 136 44.95 -35.54 -21.60
CA TYR J 136 44.59 -34.71 -22.75
C TYR J 136 43.17 -34.18 -22.62
N VAL J 137 42.24 -35.02 -22.19
CA VAL J 137 40.85 -34.57 -22.04
C VAL J 137 40.76 -33.49 -20.98
N ALA J 138 41.50 -33.65 -19.89
CA ALA J 138 41.52 -32.62 -18.85
C ALA J 138 42.09 -31.32 -19.39
N LYS J 139 43.16 -31.39 -20.18
CA LYS J 139 43.73 -30.18 -20.75
C LYS J 139 42.75 -29.51 -21.71
N GLN J 140 42.04 -30.29 -22.52
CA GLN J 140 41.07 -29.71 -23.44
C GLN J 140 39.93 -29.06 -22.69
N LEU J 141 39.42 -29.71 -21.64
CA LEU J 141 38.35 -29.10 -20.87
C LEU J 141 38.83 -27.83 -20.18
N THR J 142 40.06 -27.85 -19.66
CA THR J 142 40.60 -26.65 -19.02
C THR J 142 40.76 -25.51 -20.03
N ASP J 143 41.24 -25.82 -21.23
CA ASP J 143 41.40 -24.80 -22.26
C ASP J 143 40.05 -24.23 -22.67
N PHE J 144 39.04 -25.10 -22.83
CA PHE J 144 37.71 -24.61 -23.15
C PHE J 144 37.17 -23.72 -22.03
N ARG J 145 37.36 -24.13 -20.78
CA ARG J 145 36.87 -23.33 -19.66
C ARG J 145 37.56 -21.98 -19.59
N GLU J 146 38.87 -21.95 -19.84
CA GLU J 146 39.66 -20.73 -19.75
C GLU J 146 39.64 -19.92 -21.03
N GLY J 147 39.01 -20.42 -22.09
CA GLY J 147 39.01 -19.73 -23.36
C GLY J 147 40.28 -19.89 -24.16
N THR J 148 41.22 -20.71 -23.69
CA THR J 148 42.45 -20.93 -24.46
C THR J 148 42.12 -21.60 -25.79
N ARG J 149 41.24 -22.57 -25.80
CA ARG J 149 40.77 -23.22 -27.02
C ARG J 149 39.41 -22.61 -27.38
N THR J 150 39.32 -22.03 -28.57
CA THR J 150 38.10 -21.37 -29.01
C THR J 150 37.65 -21.81 -30.39
N ASN J 151 38.21 -22.91 -30.91
CA ASN J 151 37.86 -23.39 -32.25
C ASN J 151 36.59 -24.23 -32.25
N ASP J 152 35.81 -24.20 -31.17
CA ASP J 152 34.53 -24.89 -31.14
C ASP J 152 33.43 -24.14 -31.87
N GLY J 153 33.68 -22.90 -32.30
CA GLY J 153 32.77 -22.15 -33.12
C GLY J 153 32.23 -20.92 -32.41
N ASP J 154 31.38 -20.20 -33.14
CA ASP J 154 30.77 -19.00 -32.58
C ASP J 154 29.77 -19.35 -31.48
N THR J 155 29.10 -20.49 -31.59
CA THR J 155 28.18 -20.92 -30.54
C THR J 155 28.88 -21.21 -29.22
N LYS J 156 30.21 -21.35 -29.23
CA LYS J 156 30.98 -21.57 -28.01
C LYS J 156 30.42 -22.75 -27.21
N ILE J 157 30.12 -23.82 -27.93
CA ILE J 157 29.52 -25.00 -27.30
C ILE J 157 30.37 -25.44 -26.12
N MET J 158 31.61 -25.84 -26.39
CA MET J 158 32.43 -26.44 -25.35
C MET J 158 32.97 -25.40 -24.37
N GLN J 159 33.19 -24.17 -24.81
CA GLN J 159 33.56 -23.13 -23.85
C GLN J 159 32.45 -22.94 -22.82
N SER J 160 31.20 -22.86 -23.29
CA SER J 160 30.08 -22.71 -22.38
C SER J 160 29.95 -23.92 -21.47
N ILE J 161 30.09 -25.12 -22.02
CA ILE J 161 29.91 -26.33 -21.21
C ILE J 161 31.02 -26.44 -20.16
N ALA J 162 32.26 -26.20 -20.56
CA ALA J 162 33.39 -26.32 -19.64
C ALA J 162 33.46 -25.18 -18.65
N ALA J 163 32.78 -24.06 -18.92
CA ALA J 163 32.72 -22.99 -17.93
C ALA J 163 32.13 -23.48 -16.61
N LYS J 164 31.31 -24.53 -16.66
CA LYS J 164 30.61 -25.03 -15.49
C LYS J 164 31.33 -26.18 -14.80
N LEU J 165 32.48 -26.63 -15.33
CA LEU J 165 33.22 -27.73 -14.75
C LEU J 165 34.31 -27.19 -13.84
N SER J 166 34.36 -27.69 -12.61
CA SER J 166 35.44 -27.36 -11.70
C SER J 166 36.69 -28.17 -12.04
N ASN J 167 37.80 -27.88 -11.36
CA ASN J 167 39.00 -28.67 -11.56
C ASN J 167 38.79 -30.12 -11.14
N LYS J 168 38.12 -30.33 -10.01
CA LYS J 168 37.81 -31.68 -9.58
C LYS J 168 36.86 -32.36 -10.55
N ASP J 169 35.83 -31.63 -11.01
CA ASP J 169 34.93 -32.18 -12.00
C ASP J 169 35.69 -32.56 -13.26
N ILE J 170 36.59 -31.68 -13.71
CA ILE J 170 37.37 -31.97 -14.92
C ILE J 170 38.20 -33.22 -14.73
N ALA J 171 38.86 -33.34 -13.57
CA ALA J 171 39.70 -34.52 -13.31
C ALA J 171 38.86 -35.79 -13.33
N ALA J 172 37.74 -35.80 -12.61
CA ALA J 172 36.92 -37.00 -12.53
C ALA J 172 36.35 -37.38 -13.89
N ILE J 173 35.85 -36.39 -14.64
CA ILE J 173 35.25 -36.68 -15.93
C ILE J 173 36.33 -37.15 -16.92
N SER J 174 37.53 -36.59 -16.83
CA SER J 174 38.61 -37.04 -17.70
C SER J 174 38.99 -38.48 -17.39
N SER J 175 39.07 -38.83 -16.11
CA SER J 175 39.37 -40.22 -15.76
C SER J 175 38.29 -41.16 -16.28
N TYR J 176 37.02 -40.79 -16.08
CA TYR J 176 35.93 -41.63 -16.56
C TYR J 176 35.97 -41.78 -18.07
N ILE J 177 36.23 -40.68 -18.79
CA ILE J 177 36.32 -40.72 -20.24
C ILE J 177 37.45 -41.64 -20.68
N GLN J 178 38.59 -41.57 -19.97
CA GLN J 178 39.69 -42.47 -20.29
C GLN J 178 39.27 -43.92 -20.12
N GLY J 179 38.54 -44.23 -19.06
CA GLY J 179 38.04 -45.58 -18.88
C GLY J 179 36.83 -45.94 -19.72
N LEU J 180 36.18 -44.94 -20.33
CA LEU J 180 34.91 -45.16 -21.01
C LEU J 180 35.10 -45.89 -22.32
N HIS J 181 34.11 -46.70 -22.67
CA HIS J 181 34.07 -47.38 -23.97
C HIS J 181 32.65 -47.83 -24.29
N ALA K 24 16.73 -60.03 -15.13
CA ALA K 24 16.05 -59.83 -16.40
C ALA K 24 15.86 -58.34 -16.67
N ILE K 25 15.16 -57.65 -15.77
CA ILE K 25 14.97 -56.21 -15.93
C ILE K 25 16.31 -55.49 -15.77
N ALA K 26 17.15 -55.96 -14.85
CA ALA K 26 18.45 -55.33 -14.65
C ALA K 26 19.28 -55.39 -15.92
N LYS K 27 19.30 -56.54 -16.58
CA LYS K 27 20.01 -56.65 -17.86
C LYS K 27 19.35 -55.78 -18.92
N ARG K 28 18.01 -55.74 -18.92
CA ARG K 28 17.29 -54.95 -19.92
C ARG K 28 17.57 -53.46 -19.78
N LEU K 29 17.95 -53.01 -18.57
CA LEU K 29 18.16 -51.59 -18.29
C LEU K 29 19.63 -51.22 -18.16
N GLU K 30 20.54 -52.10 -18.56
CA GLU K 30 21.97 -51.84 -18.38
C GLU K 30 22.36 -50.55 -19.10
N PRO K 31 23.07 -49.63 -18.44
CA PRO K 31 23.49 -48.41 -19.14
C PRO K 31 24.41 -48.72 -20.31
N VAL K 32 24.29 -47.91 -21.35
CA VAL K 32 25.10 -48.12 -22.56
C VAL K 32 26.57 -47.90 -22.26
N GLY K 33 26.89 -46.84 -21.55
CA GLY K 33 28.28 -46.47 -21.32
C GLY K 33 28.95 -47.42 -20.35
N LYS K 34 29.96 -48.14 -20.81
CA LYS K 34 30.78 -49.01 -19.97
C LYS K 34 32.14 -48.38 -19.76
N VAL K 35 32.62 -48.44 -18.52
CA VAL K 35 33.86 -47.77 -18.13
C VAL K 35 34.81 -48.81 -17.56
N CYS K 36 36.05 -48.81 -18.06
CA CYS K 36 37.11 -49.62 -17.47
C CYS K 36 37.72 -48.89 -16.29
N VAL K 37 37.95 -49.61 -15.20
CA VAL K 37 38.48 -49.03 -13.97
C VAL K 37 39.68 -49.86 -13.52
N GLN K 38 40.69 -49.17 -12.99
CA GLN K 38 41.89 -49.85 -12.52
C GLN K 38 41.54 -50.87 -11.45
N GLY K 39 42.09 -52.07 -11.58
CA GLY K 39 41.82 -53.14 -10.63
C GLY K 39 40.36 -53.57 -10.65
N MET L 1 -40.12 61.74 3.11
CA MET L 1 -39.64 60.86 4.20
C MET L 1 -40.27 59.48 4.11
N LYS L 2 -41.35 59.38 3.34
CA LYS L 2 -42.03 58.09 3.15
C LYS L 2 -41.40 57.24 2.07
N ASN L 3 -40.46 57.80 1.29
CA ASN L 3 -39.81 57.01 0.25
C ASN L 3 -39.10 55.79 0.82
N HIS L 4 -38.69 55.84 2.09
CA HIS L 4 -38.07 54.68 2.71
C HIS L 4 -38.97 53.45 2.61
N GLU L 5 -40.29 53.66 2.58
CA GLU L 5 -41.21 52.53 2.50
C GLU L 5 -40.88 51.63 1.31
N ILE L 6 -40.34 52.20 0.24
CA ILE L 6 -39.99 51.39 -0.92
C ILE L 6 -39.02 50.29 -0.51
N LEU L 7 -37.94 50.66 0.18
CA LEU L 7 -36.96 49.67 0.58
C LEU L 7 -37.56 48.62 1.50
N GLU L 8 -38.69 48.94 2.14
CA GLU L 8 -39.36 47.98 2.99
C GLU L 8 -40.09 46.92 2.18
N LYS L 9 -40.68 47.32 1.04
CA LYS L 9 -41.49 46.42 0.25
C LYS L 9 -40.66 45.55 -0.69
N ASN L 10 -39.39 45.87 -0.90
CA ASN L 10 -38.51 45.13 -1.80
C ASN L 10 -37.31 44.63 -1.02
N VAL L 11 -37.10 43.32 -1.02
CA VAL L 11 -35.92 42.75 -0.37
C VAL L 11 -34.67 43.08 -1.16
N GLY L 12 -34.77 43.05 -2.49
CA GLY L 12 -33.60 43.31 -3.31
C GLY L 12 -33.07 44.72 -3.14
N LEU L 13 -33.95 45.72 -3.13
CA LEU L 13 -33.50 47.09 -2.97
C LEU L 13 -32.86 47.31 -1.61
N LEU L 14 -33.46 46.76 -0.55
CA LEU L 14 -32.86 46.89 0.78
C LEU L 14 -31.50 46.20 0.82
N ALA L 15 -31.38 45.02 0.22
CA ALA L 15 -30.10 44.33 0.20
C ALA L 15 -29.04 45.14 -0.54
N ILE L 16 -29.41 45.72 -1.68
CA ILE L 16 -28.46 46.53 -2.43
C ILE L 16 -28.03 47.74 -1.62
N PHE L 17 -28.99 48.42 -0.99
CA PHE L 17 -28.65 49.59 -0.20
C PHE L 17 -27.73 49.24 0.96
N MET L 18 -28.03 48.14 1.66
CA MET L 18 -27.16 47.72 2.76
C MET L 18 -25.77 47.37 2.26
N VAL L 19 -25.69 46.66 1.13
CA VAL L 19 -24.39 46.28 0.60
C VAL L 19 -23.57 47.53 0.28
N ILE L 20 -24.20 48.51 -0.37
CA ILE L 20 -23.48 49.74 -0.71
C ILE L 20 -23.05 50.47 0.55
N ALA L 21 -23.94 50.57 1.54
CA ALA L 21 -23.61 51.32 2.75
C ALA L 21 -22.44 50.69 3.49
N VAL L 22 -22.45 49.36 3.64
CA VAL L 22 -21.34 48.70 4.30
C VAL L 22 -20.07 48.76 3.46
N SER L 23 -20.20 48.78 2.13
CA SER L 23 -19.01 48.80 1.29
C SER L 23 -18.33 50.16 1.28
N ILE L 24 -19.09 51.24 1.47
CA ILE L 24 -18.50 52.57 1.37
C ILE L 24 -17.36 52.73 2.38
N GLY L 25 -17.60 52.33 3.62
CA GLY L 25 -16.57 52.47 4.64
C GLY L 25 -15.35 51.62 4.36
N GLY L 26 -15.58 50.36 3.97
CA GLY L 26 -14.46 49.46 3.75
C GLY L 26 -13.59 49.88 2.59
N LEU L 27 -14.21 50.34 1.50
CA LEU L 27 -13.44 50.71 0.31
C LEU L 27 -12.59 51.97 0.49
N THR L 28 -12.78 52.71 1.58
CA THR L 28 -12.05 53.94 1.80
C THR L 28 -10.84 53.79 2.71
N GLN L 29 -10.79 52.73 3.52
CA GLN L 29 -9.72 52.56 4.50
C GLN L 29 -8.79 51.39 4.20
N ILE L 30 -9.21 50.43 3.40
CA ILE L 30 -8.37 49.26 3.08
C ILE L 30 -7.77 49.37 1.69
N VAL L 31 -8.60 49.68 0.68
CA VAL L 31 -8.10 49.80 -0.68
C VAL L 31 -6.93 50.78 -0.77
N PRO L 32 -6.98 51.96 -0.16
CA PRO L 32 -5.88 52.91 -0.31
C PRO L 32 -4.62 52.53 0.45
N LEU L 33 -4.72 51.66 1.45
CA LEU L 33 -3.52 51.17 2.11
C LEU L 33 -2.62 50.43 1.13
N PHE L 34 -3.22 49.79 0.13
CA PHE L 34 -2.47 49.37 -1.04
C PHE L 34 -2.09 50.59 -1.87
N PHE L 35 -1.03 50.45 -2.66
CA PHE L 35 -0.50 51.51 -3.50
C PHE L 35 0.05 52.69 -2.69
N GLN L 36 0.16 52.57 -1.38
CA GLN L 36 0.71 53.61 -0.53
C GLN L 36 2.11 53.22 -0.11
N ASP L 37 3.07 54.11 -0.38
CA ASP L 37 4.48 53.75 -0.22
C ASP L 37 4.87 53.56 1.24
N VAL L 38 4.28 54.35 2.15
CA VAL L 38 4.70 54.28 3.55
C VAL L 38 4.40 52.91 4.13
N THR L 39 3.28 52.30 3.76
CA THR L 39 2.86 51.01 4.30
C THR L 39 3.38 49.83 3.50
N ASN L 40 4.19 50.06 2.46
CA ASN L 40 4.68 48.99 1.62
C ASN L 40 6.18 49.01 1.40
N THR L 41 6.88 50.11 1.70
CA THR L 41 8.32 50.19 1.46
C THR L 41 9.06 49.69 2.70
N PRO L 42 9.83 48.61 2.61
CA PRO L 42 10.56 48.14 3.79
C PRO L 42 11.60 49.16 4.25
N VAL L 43 11.81 49.21 5.56
CA VAL L 43 12.89 50.03 6.10
C VAL L 43 14.21 49.56 5.52
N GLU L 44 15.06 50.50 5.15
CA GLU L 44 16.37 50.16 4.61
C GLU L 44 17.15 49.35 5.63
N GLY L 45 17.75 48.26 5.17
CA GLY L 45 18.55 47.40 6.02
C GLY L 45 17.88 46.13 6.48
N MET L 46 16.57 46.00 6.30
CA MET L 46 15.88 44.78 6.70
C MET L 46 16.00 43.71 5.63
N LYS L 47 15.95 42.47 6.06
CA LYS L 47 15.93 41.30 5.19
C LYS L 47 14.80 40.38 5.63
N PRO L 48 14.27 39.55 4.74
CA PRO L 48 13.27 38.58 5.16
C PRO L 48 13.83 37.67 6.24
N ARG L 49 12.96 37.31 7.18
CA ARG L 49 13.38 36.45 8.28
C ARG L 49 13.92 35.13 7.75
N THR L 50 15.00 34.66 8.37
CA THR L 50 15.60 33.40 7.96
C THR L 50 14.60 32.26 8.11
N ALA L 51 14.95 31.10 7.56
CA ALA L 51 14.08 29.94 7.66
C ALA L 51 13.82 29.60 9.12
N LEU L 52 14.87 29.59 9.95
CA LEU L 52 14.68 29.33 11.37
C LEU L 52 13.89 30.45 12.02
N GLU L 53 14.13 31.70 11.64
CA GLU L 53 13.33 32.80 12.16
C GLU L 53 11.87 32.66 11.76
N LEU L 54 11.61 32.22 10.52
CA LEU L 54 10.25 31.99 10.08
C LEU L 54 9.58 30.89 10.89
N GLU L 55 10.30 29.79 11.14
CA GLU L 55 9.75 28.72 11.95
C GLU L 55 9.48 29.20 13.38
N GLY L 56 10.39 30.01 13.93
CA GLY L 56 10.17 30.54 15.26
C GLY L 56 8.95 31.45 15.33
N ARG L 57 8.75 32.27 14.29
CA ARG L 57 7.56 33.09 14.23
C ARG L 57 6.30 32.23 14.12
N ASP L 58 6.39 31.13 13.37
CA ASP L 58 5.25 30.21 13.27
C ASP L 58 4.93 29.60 14.62
N ILE L 59 5.96 29.23 15.39
CA ILE L 59 5.73 28.70 16.74
C ILE L 59 5.14 29.78 17.65
N TYR L 60 5.69 30.99 17.59
CA TYR L 60 5.13 32.11 18.32
C TYR L 60 3.65 32.29 18.00
N ILE L 61 3.28 32.05 16.75
CA ILE L 61 1.88 32.08 16.35
C ILE L 61 1.11 30.92 16.96
N ARG L 62 1.71 29.72 16.94
CA ARG L 62 1.02 28.53 17.43
C ARG L 62 0.70 28.64 18.91
N GLU L 63 1.65 29.12 19.72
CA GLU L 63 1.46 29.20 21.15
C GLU L 63 0.62 30.41 21.58
N GLY L 64 0.09 31.17 20.62
CA GLY L 64 -0.85 32.22 20.95
C GLY L 64 -0.30 33.28 21.88
N CYS L 65 0.93 33.73 21.65
CA CYS L 65 1.51 34.79 22.45
C CYS L 65 1.04 36.18 22.02
N VAL L 66 0.27 36.26 20.93
CA VAL L 66 -0.27 37.55 20.51
C VAL L 66 -1.28 38.05 21.53
N GLY L 67 -2.04 37.15 22.14
CA GLY L 67 -3.07 37.54 23.10
C GLY L 67 -2.52 38.15 24.38
N CYS L 68 -1.23 38.03 24.62
CA CYS L 68 -0.58 38.58 25.80
C CYS L 68 0.43 39.66 25.48
N HIS L 69 1.18 39.51 24.39
CA HIS L 69 2.28 40.39 24.05
C HIS L 69 1.93 41.19 22.80
N SER L 70 2.54 42.36 22.69
CA SER L 70 2.34 43.25 21.55
C SER L 70 3.68 43.60 20.93
N GLN L 71 3.68 43.81 19.61
CA GLN L 71 4.87 44.13 18.84
C GLN L 71 4.69 45.45 18.11
N MET L 72 4.18 46.45 18.83
CA MET L 72 3.95 47.76 18.25
C MET L 72 4.19 48.80 19.35
N VAL L 73 5.38 49.37 19.36
CA VAL L 73 5.75 50.38 20.35
C VAL L 73 5.21 51.73 19.88
N ARG L 74 4.26 52.28 20.63
CA ARG L 74 3.67 53.56 20.28
C ARG L 74 4.69 54.68 20.48
N PRO L 75 4.48 55.83 19.83
CA PRO L 75 5.45 56.94 19.92
C PRO L 75 5.20 57.82 21.14
N PHE L 76 5.25 57.21 22.32
CA PHE L 76 5.13 57.91 23.59
C PHE L 76 6.45 57.81 24.33
N ARG L 77 6.87 58.92 24.94
CA ARG L 77 8.19 58.95 25.57
C ARG L 77 8.34 57.86 26.61
N ALA L 78 7.32 57.65 27.45
CA ALA L 78 7.36 56.53 28.37
C ALA L 78 7.45 55.21 27.61
N GLU L 79 6.65 55.07 26.55
CA GLU L 79 6.64 53.85 25.77
C GLU L 79 8.01 53.59 25.15
N THR L 80 8.58 54.59 24.49
CA THR L 80 9.86 54.39 23.80
C THR L 80 10.99 54.18 24.81
N GLU L 81 10.97 54.89 25.93
CA GLU L 81 11.99 54.68 26.95
C GLU L 81 11.91 53.27 27.50
N ARG L 82 10.70 52.76 27.75
CA ARG L 82 10.56 51.40 28.25
C ARG L 82 11.00 50.38 27.21
N TYR L 83 10.67 50.60 25.94
CA TYR L 83 10.84 49.59 24.91
C TYR L 83 11.84 49.96 23.82
N GLY L 84 12.01 51.24 23.50
CA GLY L 84 12.95 51.65 22.49
C GLY L 84 12.31 52.47 21.39
N HIS L 85 12.95 52.55 20.24
CA HIS L 85 12.42 53.36 19.14
C HIS L 85 11.05 52.83 18.73
N TYR L 86 10.11 53.76 18.51
CA TYR L 86 8.75 53.38 18.20
C TYR L 86 8.69 52.64 16.86
N SER L 87 7.77 51.69 16.77
CA SER L 87 7.63 50.88 15.57
C SER L 87 7.13 51.75 14.41
N VAL L 88 7.46 51.31 13.20
CA VAL L 88 7.08 52.01 11.97
C VAL L 88 6.47 51.00 11.01
N ALA L 89 5.76 51.53 10.01
CA ALA L 89 5.07 50.67 9.06
C ALA L 89 6.04 49.80 8.27
N GLY L 90 7.15 50.37 7.82
CA GLY L 90 8.09 49.62 7.01
C GLY L 90 8.62 48.37 7.68
N GLU L 91 8.63 48.33 9.01
CA GLU L 91 9.11 47.17 9.74
C GLU L 91 8.23 45.94 9.53
N SER L 92 6.98 46.12 9.11
CA SER L 92 6.01 45.03 9.08
C SER L 92 5.55 44.69 7.67
N VAL L 93 6.26 45.18 6.64
CA VAL L 93 5.81 44.97 5.27
C VAL L 93 5.83 43.50 4.87
N TRP L 94 6.66 42.68 5.51
CA TRP L 94 6.77 41.26 5.20
C TRP L 94 6.28 40.40 6.36
N ASP L 95 5.22 40.84 7.03
CA ASP L 95 4.65 40.15 8.19
C ASP L 95 3.26 39.66 7.83
N HIS L 96 3.17 38.41 7.40
CA HIS L 96 1.90 37.75 7.12
C HIS L 96 1.68 36.63 8.14
N PRO L 97 0.81 36.81 9.15
CA PRO L 97 0.00 37.98 9.50
C PRO L 97 0.75 38.95 10.42
N PHE L 98 0.25 40.17 10.58
CA PHE L 98 0.84 41.09 11.53
C PHE L 98 0.57 40.62 12.95
N LEU L 99 1.55 40.85 13.84
CA LEU L 99 1.47 40.43 15.23
C LEU L 99 1.63 41.62 16.17
N TRP L 100 1.02 42.76 15.81
CA TRP L 100 1.11 43.93 16.67
C TRP L 100 0.45 43.69 18.01
N GLY L 101 -0.70 43.03 18.01
CA GLY L 101 -1.42 42.74 19.24
C GLY L 101 -2.25 43.92 19.70
N SER L 102 -3.12 43.63 20.68
CA SER L 102 -3.99 44.64 21.25
C SER L 102 -4.06 44.57 22.78
N LYS L 103 -3.30 43.66 23.40
CA LYS L 103 -3.32 43.49 24.84
C LYS L 103 -1.88 43.33 25.33
N ARG L 104 -1.60 43.90 26.50
CA ARG L 104 -0.28 43.75 27.13
C ARG L 104 -0.48 43.12 28.51
N THR L 105 -0.55 41.80 28.53
CA THR L 105 -0.35 41.07 29.77
C THR L 105 1.11 40.96 30.12
N GLY L 106 1.99 41.13 29.13
CA GLY L 106 3.42 41.18 29.34
C GLY L 106 4.05 42.32 28.56
N PRO L 107 5.35 42.52 28.73
CA PRO L 107 6.01 43.66 28.07
C PRO L 107 5.95 43.54 26.56
N ASP L 108 5.96 44.71 25.91
CA ASP L 108 6.04 44.76 24.46
C ASP L 108 7.29 44.04 23.97
N LEU L 109 7.12 43.19 22.95
CA LEU L 109 8.21 42.42 22.38
C LEU L 109 8.74 43.01 21.08
N ALA L 110 8.39 44.26 20.78
CA ALA L 110 8.79 44.85 19.50
C ALA L 110 10.29 45.07 19.41
N ARG L 111 10.99 45.16 20.53
CA ARG L 111 12.42 45.50 20.53
C ARG L 111 13.25 44.54 21.39
N VAL L 112 12.72 43.36 21.72
CA VAL L 112 13.49 42.41 22.52
C VAL L 112 14.69 41.86 21.77
N GLY L 113 14.77 42.09 20.45
CA GLY L 113 15.90 41.61 19.68
C GLY L 113 17.22 42.17 20.17
N GLY L 114 18.04 41.32 20.77
CA GLY L 114 19.34 41.72 21.25
C GLY L 114 19.35 42.36 22.62
N ARG L 115 18.19 42.57 23.23
CA ARG L 115 18.16 43.19 24.56
C ARG L 115 18.62 42.21 25.63
N TYR L 116 18.28 40.93 25.49
CA TYR L 116 18.65 39.91 26.45
C TYR L 116 19.31 38.74 25.73
N SER L 117 20.11 37.99 26.49
CA SER L 117 20.85 36.88 25.92
C SER L 117 19.92 35.73 25.55
N ASP L 118 20.43 34.84 24.71
CA ASP L 118 19.68 33.63 24.36
C ASP L 118 19.45 32.77 25.60
N ASP L 119 20.45 32.70 26.48
CA ASP L 119 20.36 31.92 27.70
C ASP L 119 19.35 32.48 28.69
N TRP L 120 18.85 33.70 28.47
CA TRP L 120 17.73 34.20 29.27
C TRP L 120 16.40 33.76 28.67
N HIS L 121 16.23 33.96 27.36
CA HIS L 121 15.01 33.52 26.70
C HIS L 121 14.78 32.04 26.98
N ARG L 122 15.82 31.22 26.84
CA ARG L 122 15.81 29.93 27.49
C ARG L 122 16.03 30.14 28.99
N ALA L 123 15.37 29.32 29.80
CA ALA L 123 15.25 29.46 31.25
C ALA L 123 14.22 30.52 31.62
N HIS L 124 13.74 31.33 30.68
CA HIS L 124 12.54 32.13 30.88
C HIS L 124 11.35 31.60 30.10
N LEU L 125 11.58 31.08 28.90
CA LEU L 125 10.54 30.43 28.12
C LEU L 125 10.29 29.00 28.57
N TYR L 126 11.21 28.41 29.35
CA TYR L 126 10.99 27.11 29.96
C TYR L 126 10.29 27.19 31.30
N ASN L 127 10.59 28.22 32.09
CA ASN L 127 9.91 28.45 33.37
C ASN L 127 10.01 29.93 33.67
N PRO L 128 9.04 30.73 33.25
CA PRO L 128 9.14 32.18 33.44
C PRO L 128 9.34 32.59 34.88
N ARG L 129 8.78 31.85 35.83
CA ARG L 129 8.91 32.21 37.23
C ARG L 129 10.30 31.92 37.80
N ASN L 130 11.13 31.15 37.09
CA ASN L 130 12.48 30.91 37.55
C ASN L 130 13.30 32.20 37.57
N VAL L 131 13.10 33.06 36.58
CA VAL L 131 13.84 34.29 36.47
C VAL L 131 13.01 35.51 36.87
N VAL L 132 11.69 35.42 36.83
CA VAL L 132 10.81 36.50 37.27
C VAL L 132 9.75 35.91 38.19
N PRO L 133 9.96 35.90 39.51
CA PRO L 133 9.05 35.15 40.39
C PRO L 133 7.59 35.56 40.27
N GLU L 134 7.31 36.81 39.91
CA GLU L 134 5.95 37.30 39.82
C GLU L 134 5.36 37.16 38.42
N SER L 135 6.06 36.49 37.51
CA SER L 135 5.58 36.37 36.14
C SER L 135 4.30 35.54 36.09
N LYS L 136 3.35 36.00 35.28
CA LYS L 136 2.14 35.25 34.98
C LYS L 136 2.24 34.53 33.63
N MET L 137 3.41 34.57 33.00
CA MET L 137 3.61 33.87 31.75
C MET L 137 3.51 32.37 31.97
N PRO L 138 2.79 31.64 31.12
CA PRO L 138 2.76 30.19 31.25
C PRO L 138 4.12 29.58 30.94
N ALA L 139 4.42 28.49 31.62
CA ALA L 139 5.63 27.75 31.31
C ALA L 139 5.46 27.01 29.99
N TYR L 140 6.56 26.87 29.26
CA TYR L 140 6.59 26.15 27.99
C TYR L 140 7.71 25.13 28.01
N PRO L 141 7.64 24.14 28.90
CA PRO L 141 8.68 23.10 28.93
C PRO L 141 8.41 21.98 27.94
N TRP L 142 8.01 22.33 26.72
CA TRP L 142 7.88 21.37 25.63
C TRP L 142 8.52 21.84 24.34
N LEU L 143 8.75 23.14 24.17
CA LEU L 143 9.52 23.61 23.03
C LEU L 143 10.94 23.04 23.07
N VAL L 144 11.42 22.71 24.27
CA VAL L 144 12.75 22.12 24.41
C VAL L 144 12.75 20.68 23.88
N GLU L 145 11.69 19.92 24.16
CA GLU L 145 11.68 18.50 23.83
C GLU L 145 11.47 18.26 22.34
N ASN L 146 10.33 18.67 21.82
CA ASN L 146 10.04 18.46 20.41
C ASN L 146 11.03 19.23 19.53
N LYS L 147 11.35 18.64 18.38
CA LYS L 147 12.32 19.22 17.46
C LYS L 147 11.68 19.42 16.09
N LEU L 148 12.07 20.52 15.44
CA LEU L 148 11.53 20.85 14.12
C LEU L 148 11.97 19.81 13.10
N ASP L 149 11.04 19.37 12.26
CA ASP L 149 11.32 18.40 11.21
C ASP L 149 11.58 19.05 9.86
N GLY L 150 11.29 20.34 9.70
CA GLY L 150 11.52 21.01 8.43
C GLY L 150 10.63 20.53 7.32
N LYS L 151 9.47 19.96 7.65
CA LYS L 151 8.58 19.43 6.61
C LYS L 151 8.07 20.53 5.70
N ASP L 152 7.50 21.58 6.29
CA ASP L 152 6.79 22.62 5.54
C ASP L 152 7.65 23.87 5.32
N THR L 153 8.92 23.84 5.71
CA THR L 153 9.75 25.04 5.61
C THR L 153 9.83 25.52 4.16
N ALA L 154 10.09 24.60 3.22
CA ALA L 154 10.19 24.99 1.82
C ALA L 154 8.86 25.54 1.31
N THR L 155 7.76 24.86 1.63
CA THR L 155 6.45 25.32 1.18
C THR L 155 6.11 26.67 1.79
N LYS L 156 6.41 26.85 3.08
CA LYS L 156 6.14 28.13 3.73
C LYS L 156 6.94 29.26 3.08
N MET L 157 8.22 29.00 2.80
CA MET L 157 9.04 30.02 2.15
C MET L 157 8.50 30.35 0.77
N GLU L 158 8.11 29.32 0.00
CA GLU L 158 7.58 29.56 -1.34
C GLU L 158 6.29 30.37 -1.30
N VAL L 159 5.39 30.04 -0.37
CA VAL L 159 4.13 30.77 -0.26
C VAL L 159 4.39 32.20 0.16
N LEU L 160 5.29 32.41 1.13
CA LEU L 160 5.62 33.77 1.55
C LEU L 160 6.20 34.56 0.38
N ARG L 161 7.02 33.92 -0.45
CA ARG L 161 7.54 34.57 -1.64
C ARG L 161 6.40 34.94 -2.59
N LYS L 162 5.43 34.04 -2.76
CA LYS L 162 4.29 34.35 -3.62
C LYS L 162 3.50 35.54 -3.10
N LEU L 163 3.53 35.78 -1.79
CA LEU L 163 2.83 36.91 -1.19
C LEU L 163 3.63 38.20 -1.26
N GLY L 164 4.83 38.17 -1.81
CA GLY L 164 5.62 39.36 -2.02
C GLY L 164 6.90 39.44 -1.21
N VAL L 165 7.08 38.60 -0.21
CA VAL L 165 8.32 38.63 0.57
C VAL L 165 9.49 38.26 -0.34
N PRO L 166 10.57 39.05 -0.38
CA PRO L 166 11.67 38.75 -1.34
C PRO L 166 12.60 37.63 -0.89
N TYR L 167 12.14 36.40 -1.07
CA TYR L 167 12.96 35.22 -0.85
C TYR L 167 13.62 34.80 -2.16
N THR L 168 14.62 33.94 -2.04
CA THR L 168 15.40 33.48 -3.19
C THR L 168 15.52 31.96 -3.16
N ASP L 169 15.71 31.38 -4.34
CA ASP L 169 15.74 29.92 -4.44
C ASP L 169 16.79 29.31 -3.51
N GLU L 170 17.87 30.05 -3.23
CA GLU L 170 18.86 29.56 -2.29
C GLU L 170 18.25 29.35 -0.91
N ASP L 171 17.44 30.30 -0.45
CA ASP L 171 16.78 30.17 0.84
C ASP L 171 15.79 29.00 0.84
N ILE L 172 15.04 28.85 -0.23
CA ILE L 172 14.09 27.73 -0.31
C ILE L 172 14.84 26.41 -0.22
N ALA L 173 15.95 26.28 -0.95
CA ALA L 173 16.73 25.05 -0.89
C ALA L 173 17.31 24.82 0.50
N GLY L 174 17.84 25.87 1.13
CA GLY L 174 18.55 25.71 2.38
C GLY L 174 17.71 25.70 3.64
N ALA L 175 16.41 25.97 3.54
CA ALA L 175 15.57 25.99 4.73
C ALA L 175 15.58 24.65 5.44
N ARG L 176 15.44 23.56 4.69
CA ARG L 176 15.37 22.23 5.31
C ARG L 176 16.62 21.93 6.11
N GLU L 177 17.79 22.24 5.55
CA GLU L 177 19.03 22.05 6.29
C GLU L 177 19.12 23.01 7.48
N ALA L 178 18.65 24.24 7.31
CA ALA L 178 18.71 25.22 8.39
C ALA L 178 17.86 24.82 9.59
N VAL L 179 16.79 24.05 9.36
CA VAL L 179 15.90 23.65 10.46
C VAL L 179 15.93 22.14 10.64
N LYS L 180 17.09 21.52 10.36
CA LYS L 180 17.16 20.06 10.38
C LYS L 180 17.07 19.52 11.82
N GLY L 181 18.03 19.88 12.66
CA GLY L 181 18.12 19.29 13.99
C GLY L 181 18.09 20.28 15.12
N LYS L 182 17.25 21.31 15.00
CA LYS L 182 17.15 22.37 16.01
C LYS L 182 15.78 22.29 16.68
N THR L 183 15.78 22.31 18.01
CA THR L 183 14.54 22.18 18.75
C THR L 183 13.67 23.43 18.59
N GLU L 184 12.38 23.28 18.91
CA GLU L 184 11.46 24.39 18.71
C GLU L 184 11.83 25.59 19.58
N MET L 185 12.41 25.34 20.75
CA MET L 185 12.87 26.44 21.59
C MET L 185 13.92 27.28 20.87
N ASP L 186 14.85 26.63 20.17
CA ASP L 186 15.86 27.36 19.43
C ASP L 186 15.21 28.24 18.36
N ALA L 187 14.25 27.68 17.62
CA ALA L 187 13.59 28.46 16.58
C ALA L 187 12.85 29.66 17.16
N LEU L 188 12.08 29.45 18.22
CA LEU L 188 11.34 30.55 18.84
C LEU L 188 12.28 31.62 19.37
N VAL L 189 13.37 31.22 20.03
CA VAL L 189 14.33 32.18 20.55
C VAL L 189 15.00 32.95 19.42
N ALA L 190 15.36 32.26 18.33
CA ALA L 190 15.97 32.95 17.19
C ALA L 190 15.01 33.97 16.59
N PHE L 191 13.74 33.61 16.46
CA PHE L 191 12.76 34.56 15.97
C PHE L 191 12.63 35.75 16.91
N LEU L 192 12.65 35.49 18.22
CA LEU L 192 12.58 36.57 19.20
C LEU L 192 13.76 37.52 19.07
N GLN L 193 14.96 36.96 18.89
CA GLN L 193 16.17 37.80 18.82
C GLN L 193 16.16 38.70 17.60
N GLY L 194 15.44 38.30 16.55
CA GLY L 194 15.37 39.08 15.33
C GLY L 194 14.35 40.19 15.34
N LEU L 195 13.55 40.30 16.39
CA LEU L 195 12.49 41.30 16.44
C LEU L 195 13.07 42.69 16.62
N GLY L 196 12.60 43.63 15.79
CA GLY L 196 13.02 45.01 15.92
C GLY L 196 14.49 45.25 15.69
N THR L 197 15.19 44.32 15.03
CA THR L 197 16.61 44.50 14.81
C THR L 197 16.91 45.53 13.73
N SER L 198 15.94 45.83 12.86
CA SER L 198 16.18 46.78 11.78
C SER L 198 16.35 48.20 12.28
N ILE L 199 15.63 48.58 13.34
CA ILE L 199 15.68 49.93 13.89
C ILE L 199 16.32 49.89 15.27
N LYS L 200 17.27 50.78 15.50
CA LYS L 200 17.92 50.93 16.80
C LYS L 200 18.02 52.39 17.18
N MET M 1 1.22 59.47 -0.85
CA MET M 1 -0.19 59.41 -1.29
C MET M 1 -0.41 60.27 -2.54
N THR M 2 -0.90 59.65 -3.61
CA THR M 2 -1.17 60.37 -4.84
C THR M 2 -2.39 61.27 -4.65
N THR M 3 -2.61 62.18 -5.60
CA THR M 3 -3.78 63.05 -5.52
C THR M 3 -5.07 62.29 -5.77
N PHE M 4 -5.04 61.22 -6.55
CA PHE M 4 -6.24 60.40 -6.69
C PHE M 4 -6.66 59.82 -5.36
N TRP M 5 -5.72 59.24 -4.61
CA TRP M 5 -6.08 58.65 -3.32
C TRP M 5 -6.43 59.74 -2.30
N SER M 6 -5.76 60.89 -2.35
CA SER M 6 -6.14 61.99 -1.47
C SER M 6 -7.59 62.41 -1.73
N LEU M 7 -7.93 62.63 -3.00
CA LEU M 7 -9.28 63.03 -3.34
C LEU M 7 -10.28 61.91 -3.06
N TYR M 8 -9.84 60.65 -3.12
CA TYR M 8 -10.73 59.54 -2.81
C TYR M 8 -11.05 59.50 -1.33
N ILE M 9 -10.04 59.66 -0.48
CA ILE M 9 -10.17 59.57 0.97
C ILE M 9 -10.79 60.86 1.49
N THR M 10 -10.89 61.87 0.62
CA THR M 10 -11.62 63.08 0.97
C THR M 10 -13.08 62.96 0.54
N ALA M 11 -13.28 62.55 -0.71
CA ALA M 11 -14.62 62.51 -1.29
C ALA M 11 -15.49 61.49 -0.60
N LEU M 12 -14.98 60.27 -0.39
CA LEU M 12 -15.81 59.24 0.24
C LEU M 12 -16.19 59.64 1.66
N THR M 13 -15.25 60.17 2.44
CA THR M 13 -15.56 60.52 3.82
C THR M 13 -16.53 61.69 3.89
N VAL M 14 -16.28 62.74 3.09
CA VAL M 14 -17.19 63.88 3.09
C VAL M 14 -18.56 63.51 2.53
N GLY M 15 -18.61 62.62 1.55
CA GLY M 15 -19.90 62.14 1.06
C GLY M 15 -20.64 61.32 2.10
N THR M 16 -19.93 60.51 2.87
CA THR M 16 -20.52 59.76 3.95
C THR M 16 -21.07 60.67 5.05
N LEU M 17 -20.35 61.73 5.39
CA LEU M 17 -20.86 62.72 6.34
C LEU M 17 -22.04 63.52 5.81
N ILE M 18 -21.99 63.95 4.55
CA ILE M 18 -23.09 64.71 3.97
C ILE M 18 -24.32 63.82 3.80
N ALA M 19 -24.12 62.56 3.42
CA ALA M 19 -25.24 61.63 3.31
C ALA M 19 -25.80 61.30 4.68
N LEU M 20 -24.95 61.23 5.70
CA LEU M 20 -25.40 60.98 7.05
C LEU M 20 -26.16 62.17 7.63
N LEU M 21 -25.84 63.40 7.18
CA LEU M 21 -26.66 64.57 7.46
C LEU M 21 -27.97 64.56 6.70
N TRP M 22 -27.96 64.20 5.43
CA TRP M 22 -29.19 64.07 4.67
C TRP M 22 -30.12 63.03 5.29
N LEU M 23 -29.55 61.93 5.79
CA LEU M 23 -30.36 60.89 6.40
C LEU M 23 -31.07 61.41 7.65
N VAL M 24 -30.35 62.18 8.49
CA VAL M 24 -30.94 62.63 9.73
C VAL M 24 -31.86 63.83 9.51
N PHE M 25 -31.70 64.53 8.38
CA PHE M 25 -32.58 65.67 8.11
C PHE M 25 -33.85 65.25 7.36
N ALA M 26 -33.74 64.24 6.49
CA ALA M 26 -34.91 63.77 5.77
C ALA M 26 -35.83 62.97 6.69
N THR M 27 -35.25 62.09 7.50
CA THR M 27 -36.05 61.29 8.43
C THR M 27 -36.83 62.16 9.41
N ARG M 28 -36.27 63.31 9.81
CA ARG M 28 -36.96 64.26 10.66
C ARG M 28 -37.77 65.28 9.86
N LYS M 29 -37.87 65.11 8.55
CA LYS M 29 -38.51 66.12 7.71
C LYS M 29 -39.94 66.37 8.14
N GLY M 30 -40.73 65.32 8.31
CA GLY M 30 -42.14 65.46 8.62
C GLY M 30 -42.56 64.88 9.96
N GLU M 31 -41.73 65.09 10.99
CA GLU M 31 -42.06 64.57 12.31
C GLU M 31 -43.34 65.22 12.83
N ALA M 32 -44.13 64.44 13.57
CA ALA M 32 -45.38 64.94 14.11
C ALA M 32 -45.15 65.67 15.42
N LYS M 33 -44.25 66.67 15.40
CA LYS M 33 -43.83 67.44 16.57
C LYS M 33 -44.15 66.76 17.90
N GLY M 34 -45.36 66.94 18.40
CA GLY M 34 -45.72 66.40 19.71
C GLY M 34 -45.66 64.89 19.76
N THR M 35 -45.26 64.34 20.91
CA THR M 35 -45.24 62.89 21.08
C THR M 35 -46.63 62.32 20.85
N THR M 36 -46.71 61.19 20.15
CA THR M 36 -47.98 60.60 19.75
C THR M 36 -48.14 59.20 20.32
N GLU M 37 -49.35 58.90 20.78
CA GLU M 37 -49.74 57.55 21.15
C GLU M 37 -50.27 56.78 19.96
N LYS M 38 -50.54 57.45 18.84
CA LYS M 38 -51.08 56.78 17.66
C LYS M 38 -50.06 55.78 17.14
N THR M 39 -50.52 54.58 16.81
CA THR M 39 -49.64 53.60 16.19
C THR M 39 -49.46 53.93 14.71
N MET M 40 -48.40 53.38 14.13
CA MET M 40 -48.11 53.57 12.72
C MET M 40 -48.92 52.62 11.84
N GLY M 41 -49.82 51.84 12.44
CA GLY M 41 -50.68 50.95 11.67
C GLY M 41 -50.13 49.55 11.49
N HIS M 42 -49.06 49.43 10.71
CA HIS M 42 -48.50 48.13 10.37
C HIS M 42 -48.13 47.32 11.61
N SER M 43 -48.79 46.18 11.80
CA SER M 43 -48.44 45.24 12.86
C SER M 43 -47.84 43.98 12.26
N TYR M 44 -46.72 43.55 12.84
CA TYR M 44 -45.96 42.44 12.27
C TYR M 44 -46.24 41.14 13.02
N ASP M 45 -46.04 41.14 14.34
CA ASP M 45 -46.46 40.05 15.20
C ASP M 45 -47.19 40.53 16.44
N GLY M 46 -47.72 41.75 16.40
CA GLY M 46 -48.23 42.40 17.60
C GLY M 46 -47.32 43.55 17.99
N ILE M 47 -46.16 43.63 17.35
CA ILE M 47 -45.20 44.69 17.59
C ILE M 47 -45.56 45.89 16.74
N GLU M 48 -46.43 46.76 17.25
CA GLU M 48 -46.77 47.98 16.53
C GLU M 48 -45.80 49.08 16.88
N GLU M 49 -45.53 49.96 15.92
CA GLU M 49 -44.53 51.00 16.07
C GLU M 49 -45.21 52.36 16.13
N TYR M 50 -44.83 53.16 17.12
CA TYR M 50 -45.41 54.48 17.29
C TYR M 50 -44.78 55.45 16.30
N ASP M 51 -45.45 56.59 16.11
CA ASP M 51 -44.94 57.65 15.25
C ASP M 51 -44.38 58.81 16.07
N ASN M 52 -43.77 58.50 17.21
CA ASN M 52 -43.14 59.53 18.01
C ASN M 52 -41.95 60.12 17.26
N PRO M 53 -41.67 61.41 17.41
CA PRO M 53 -40.62 62.05 16.60
C PRO M 53 -39.23 61.63 17.04
N LEU M 54 -38.25 62.13 16.31
CA LEU M 54 -36.86 61.93 16.71
C LEU M 54 -36.57 62.78 17.93
N PRO M 55 -36.12 62.19 19.04
CA PRO M 55 -35.88 63.00 20.25
C PRO M 55 -34.88 64.10 19.98
N LYS M 56 -35.14 65.27 20.57
CA LYS M 56 -34.36 66.46 20.25
C LYS M 56 -32.91 66.31 20.67
N TRP M 57 -32.66 65.78 21.87
CA TRP M 57 -31.29 65.69 22.36
C TRP M 57 -30.47 64.74 21.50
N TRP M 58 -31.06 63.62 21.08
CA TRP M 58 -30.36 62.71 20.18
C TRP M 58 -30.05 63.37 18.85
N PHE M 59 -30.98 64.13 18.29
CA PHE M 59 -30.76 64.84 17.04
C PHE M 59 -29.65 65.89 17.15
N MET M 60 -29.60 66.61 18.27
CA MET M 60 -28.54 67.58 18.51
C MET M 60 -27.19 66.92 18.74
N LEU M 61 -27.15 65.79 19.46
CA LEU M 61 -25.91 65.05 19.59
C LEU M 61 -25.42 64.56 18.23
N TYR M 62 -26.36 64.14 17.37
CA TYR M 62 -25.96 63.65 16.06
C TYR M 62 -25.31 64.74 15.22
N ILE M 63 -25.94 65.93 15.14
CA ILE M 63 -25.37 67.01 14.34
C ILE M 63 -24.30 67.77 15.10
N GLY M 64 -24.03 67.42 16.36
CA GLY M 64 -22.94 68.02 17.10
C GLY M 64 -21.68 67.18 17.02
N THR M 65 -21.84 65.88 16.77
CA THR M 65 -20.73 65.00 16.49
C THR M 65 -20.40 64.95 15.00
N ILE M 66 -21.25 65.53 14.15
CA ILE M 66 -20.96 65.71 12.73
C ILE M 66 -20.46 67.11 12.43
N VAL M 67 -20.22 67.92 13.47
CA VAL M 67 -19.46 69.15 13.33
C VAL M 67 -18.12 69.08 14.05
N PHE M 68 -17.99 68.26 15.10
CA PHE M 68 -16.70 67.86 15.64
C PHE M 68 -16.00 66.88 14.72
N SER M 69 -16.74 66.24 13.82
CA SER M 69 -16.20 65.37 12.79
C SER M 69 -15.61 66.14 11.62
N VAL M 70 -16.05 67.38 11.40
CA VAL M 70 -15.36 68.30 10.52
C VAL M 70 -14.52 69.20 11.42
N GLY M 71 -14.19 68.68 12.60
CA GLY M 71 -13.31 69.29 13.57
C GLY M 71 -11.95 68.62 13.51
N TYR M 72 -11.78 67.58 14.34
CA TYR M 72 -10.55 66.79 14.34
C TYR M 72 -10.14 66.39 12.93
N LEU M 73 -11.07 66.43 11.97
CA LEU M 73 -10.76 66.12 10.58
C LEU M 73 -10.43 67.35 9.75
N VAL M 74 -10.40 68.54 10.34
CA VAL M 74 -9.85 69.71 9.68
C VAL M 74 -8.62 70.26 10.39
N LEU M 75 -8.52 70.07 11.71
CA LEU M 75 -7.33 70.49 12.44
C LEU M 75 -6.22 69.44 12.32
N TYR M 76 -6.57 68.20 12.56
CA TYR M 76 -5.66 67.07 12.51
C TYR M 76 -5.75 66.40 11.14
N PRO M 77 -4.73 65.64 10.75
CA PRO M 77 -4.81 64.96 9.44
C PRO M 77 -6.02 64.04 9.36
N GLY M 78 -6.29 63.53 8.16
CA GLY M 78 -7.39 62.60 7.98
C GLY M 78 -8.20 62.78 6.71
N LEU M 79 -8.33 64.02 6.23
CA LEU M 79 -9.10 64.26 5.02
C LEU M 79 -8.19 64.12 3.80
N GLY M 80 -7.70 62.90 3.56
CA GLY M 80 -6.75 62.63 2.51
C GLY M 80 -5.34 62.93 2.96
N ASN M 81 -4.53 63.38 2.00
CA ASN M 81 -3.21 63.89 2.36
C ASN M 81 -3.26 65.30 2.92
N TRP M 82 -4.47 65.82 3.16
CA TRP M 82 -4.61 67.09 3.85
C TRP M 82 -3.88 67.04 5.18
N LYS M 83 -3.09 68.07 5.46
CA LYS M 83 -2.14 68.02 6.55
C LYS M 83 -2.78 68.35 7.89
N GLY M 84 -3.34 69.56 8.00
CA GLY M 84 -3.92 69.99 9.25
C GLY M 84 -3.58 71.44 9.57
N VAL M 85 -4.47 72.13 10.26
CA VAL M 85 -4.27 73.54 10.59
C VAL M 85 -4.29 73.74 12.09
N LEU M 86 -3.92 72.71 12.84
CA LEU M 86 -3.83 72.84 14.29
C LEU M 86 -2.67 73.76 14.64
N PRO M 87 -2.89 74.84 15.39
CA PRO M 87 -1.77 75.72 15.73
C PRO M 87 -0.69 74.97 16.48
N GLY M 88 0.57 75.25 16.14
CA GLY M 88 1.67 74.50 16.69
C GLY M 88 2.41 73.69 15.64
N TYR M 89 2.23 72.37 15.69
CA TYR M 89 2.94 71.46 14.81
C TYR M 89 3.00 71.99 13.37
N GLU M 90 4.19 71.94 12.80
CA GLU M 90 4.41 72.33 11.41
C GLU M 90 4.09 71.13 10.51
N GLY M 91 2.80 70.95 10.22
CA GLY M 91 2.32 69.80 9.50
C GLY M 91 1.19 69.06 10.18
N GLY M 92 0.54 69.67 11.15
CA GLY M 92 -0.55 69.03 11.86
C GLY M 92 -0.06 67.96 12.80
N TRP M 93 -0.91 67.52 13.73
CA TRP M 93 -0.52 66.47 14.65
C TRP M 93 -0.05 65.24 13.89
N THR M 94 1.21 64.89 14.04
CA THR M 94 1.72 63.60 13.59
C THR M 94 2.33 62.86 14.76
N GLN M 95 2.04 61.57 14.84
CA GLN M 95 2.54 60.78 15.96
C GLN M 95 4.04 60.96 16.12
N ASP M 96 4.79 60.94 15.02
CA ASP M 96 6.22 61.17 15.08
C ASP M 96 6.54 62.57 15.58
N LYS M 97 5.80 63.58 15.12
CA LYS M 97 6.09 64.95 15.52
C LYS M 97 5.69 65.21 16.97
N GLN M 98 4.56 64.65 17.41
CA GLN M 98 4.22 64.73 18.83
C GLN M 98 5.31 64.08 19.67
N TRP M 99 5.80 62.92 19.25
CA TRP M 99 6.89 62.28 19.98
C TRP M 99 8.14 63.15 20.00
N GLU M 100 8.45 63.77 18.87
CA GLU M 100 9.64 64.62 18.79
C GLU M 100 9.54 65.80 19.76
N ARG M 101 8.39 66.46 19.80
CA ARG M 101 8.20 67.55 20.75
C ARG M 101 8.27 67.05 22.19
N GLU M 102 7.65 65.89 22.46
CA GLU M 102 7.71 65.33 23.81
C GLU M 102 9.16 65.10 24.23
N MET M 103 9.96 64.48 23.36
CA MET M 103 11.35 64.18 23.71
C MET M 103 12.17 65.45 23.83
N ASN M 104 11.93 66.43 22.96
CA ASN M 104 12.66 67.70 23.04
C ASN M 104 12.38 68.40 24.36
N ILE M 105 11.11 68.44 24.78
CA ILE M 105 10.77 69.02 26.09
C ILE M 105 11.29 68.18 27.24
N ALA M 106 11.45 66.87 27.05
CA ALA M 106 12.00 66.00 28.08
C ALA M 106 13.53 66.04 28.14
N GLN M 107 14.18 66.47 27.07
CA GLN M 107 15.62 66.67 27.08
C GLN M 107 16.02 68.01 27.70
N GLU M 108 15.12 68.99 27.63
CA GLU M 108 15.35 70.26 28.31
C GLU M 108 15.08 70.16 29.81
N LYS M 109 14.14 69.31 30.23
CA LYS M 109 13.70 69.28 31.61
C LYS M 109 14.28 68.09 32.35
N TYR M 110 14.04 66.87 31.84
CA TYR M 110 14.65 65.69 32.45
C TYR M 110 16.11 65.55 32.05
N GLY M 111 16.49 66.02 30.85
CA GLY M 111 17.80 65.81 30.32
C GLY M 111 18.94 66.39 31.13
N PRO M 112 18.86 67.66 31.56
CA PRO M 112 19.99 68.26 32.29
C PRO M 112 20.35 67.54 33.58
N ILE M 113 19.39 66.87 34.23
CA ILE M 113 19.72 66.14 35.45
C ILE M 113 20.66 64.98 35.13
N PHE M 114 20.41 64.28 34.03
CA PHE M 114 21.22 63.11 33.67
C PHE M 114 22.69 63.45 33.47
N ALA M 115 22.99 64.67 33.02
CA ALA M 115 24.37 65.08 32.75
C ALA M 115 25.16 65.46 34.00
N LYS M 116 24.52 66.07 35.00
CA LYS M 116 25.25 66.41 36.22
C LYS M 116 25.86 65.16 36.84
N TYR M 117 25.04 64.13 37.07
CA TYR M 117 25.53 62.88 37.63
C TYR M 117 26.43 62.12 36.66
N ALA M 118 26.37 62.44 35.37
CA ALA M 118 27.24 61.81 34.38
C ALA M 118 28.65 62.38 34.39
N ALA M 119 28.85 63.56 34.98
CA ALA M 119 30.18 64.17 35.02
C ALA M 119 30.96 63.75 36.26
N MET M 120 30.29 63.46 37.36
CA MET M 120 30.97 62.94 38.54
C MET M 120 31.49 61.53 38.26
N PRO M 121 32.50 61.09 39.00
CA PRO M 121 32.91 59.68 38.92
C PRO M 121 31.86 58.78 39.55
N ILE M 122 31.90 57.51 39.15
CA ILE M 122 30.81 56.58 39.43
C ILE M 122 30.63 56.38 40.92
N GLU M 123 31.65 56.71 41.72
CA GLU M 123 31.53 56.59 43.17
C GLU M 123 31.00 57.84 43.85
N GLU M 124 31.26 59.03 43.29
CA GLU M 124 30.66 60.24 43.83
C GLU M 124 29.15 60.24 43.61
N VAL M 125 28.72 59.87 42.41
CA VAL M 125 27.29 59.66 42.16
C VAL M 125 26.75 58.62 43.12
N ALA M 126 27.56 57.59 43.40
CA ALA M 126 27.10 56.45 44.16
C ALA M 126 26.61 56.85 45.55
N LYS M 127 27.29 57.78 46.20
CA LYS M 127 26.86 58.28 47.50
C LYS M 127 25.96 59.51 47.38
N ASP M 128 25.26 59.66 46.27
CA ASP M 128 24.24 60.69 46.10
C ASP M 128 22.88 60.01 46.07
N GLU M 129 22.09 60.24 47.13
CA GLU M 129 20.83 59.52 47.29
C GLU M 129 19.94 59.63 46.06
N HIS M 130 19.88 60.81 45.45
CA HIS M 130 18.98 61.02 44.32
C HIS M 130 19.38 60.16 43.14
N ALA M 131 20.68 60.10 42.84
CA ALA M 131 21.15 59.22 41.77
C ALA M 131 20.89 57.76 42.13
N MET M 132 20.95 57.43 43.42
CA MET M 132 20.63 56.07 43.84
C MET M 132 19.16 55.71 43.61
N LYS M 133 18.23 56.64 43.87
CA LYS M 133 16.84 56.30 43.54
C LYS M 133 16.63 56.24 42.04
N MET M 134 17.25 57.14 41.28
CA MET M 134 17.23 57.00 39.82
C MET M 134 17.70 55.63 39.38
N GLY M 135 18.86 55.19 39.88
CA GLY M 135 19.32 53.84 39.69
C GLY M 135 18.20 52.88 40.01
N SER M 136 17.73 52.87 41.26
CA SER M 136 16.70 51.95 41.71
C SER M 136 15.64 51.77 40.62
N ARG M 137 15.06 52.86 40.11
CA ARG M 137 13.98 52.70 39.13
C ARG M 137 14.51 52.18 37.78
N MET M 138 15.63 52.72 37.32
CA MET M 138 16.14 52.29 36.01
C MET M 138 16.57 50.82 36.03
N PHE M 139 17.20 50.38 37.12
CA PHE M 139 17.52 48.98 37.35
C PHE M 139 16.25 48.14 37.45
N ALA M 140 15.23 48.66 38.13
CA ALA M 140 13.97 47.92 38.27
C ALA M 140 13.36 47.63 36.91
N THR M 141 13.33 48.64 36.04
CA THR M 141 12.75 48.47 34.71
C THR M 141 13.65 47.66 33.79
N TYR M 142 14.86 48.15 33.53
CA TYR M 142 15.73 47.58 32.51
C TYR M 142 16.54 46.39 33.00
N CYS M 143 16.64 46.20 34.32
CA CYS M 143 17.74 45.44 34.90
C CYS M 143 17.28 44.55 36.06
N SER M 144 16.14 43.89 35.90
CA SER M 144 15.63 43.05 36.98
C SER M 144 15.21 41.68 36.48
N ILE M 145 14.96 41.55 35.17
CA ILE M 145 14.57 40.26 34.62
C ILE M 145 15.73 39.29 34.54
N CYS M 146 16.96 39.76 34.76
CA CYS M 146 18.13 38.90 34.83
C CYS M 146 18.71 38.90 36.23
N HIS M 147 19.05 40.09 36.73
CA HIS M 147 19.71 40.25 38.02
C HIS M 147 18.72 40.27 39.18
N GLY M 148 17.49 39.80 38.96
CA GLY M 148 16.50 39.76 40.01
C GLY M 148 16.01 41.13 40.41
N SER M 149 14.83 41.18 41.02
CA SER M 149 14.26 42.43 41.51
C SER M 149 15.01 42.99 42.71
N ASP M 150 15.92 42.21 43.30
CA ASP M 150 16.69 42.64 44.46
C ASP M 150 18.18 42.71 44.17
N ALA M 151 18.59 42.65 42.91
CA ALA M 151 20.01 42.71 42.54
C ALA M 151 20.78 41.51 43.09
N LYS M 152 20.08 40.39 43.27
CA LYS M 152 20.71 39.15 43.72
C LYS M 152 20.73 38.05 42.67
N GLY M 153 19.90 38.12 41.64
CA GLY M 153 19.98 37.19 40.53
C GLY M 153 19.34 35.85 40.81
N ALA M 154 19.40 34.99 39.81
CA ALA M 154 18.86 33.64 39.88
C ALA M 154 19.89 32.70 39.26
N LEU M 155 19.46 31.46 39.00
CA LEU M 155 20.34 30.48 38.39
C LEU M 155 20.85 31.00 37.05
N GLY M 156 22.15 31.26 36.96
CA GLY M 156 22.77 31.69 35.72
C GLY M 156 23.10 33.16 35.64
N PHE M 157 22.64 33.98 36.59
CA PHE M 157 22.81 35.41 36.52
C PHE M 157 23.46 35.94 37.80
N PRO M 158 24.57 36.68 37.70
CA PRO M 158 25.35 37.02 38.90
C PRO M 158 24.56 37.80 39.93
N ASN M 159 24.90 37.57 41.20
CA ASN M 159 24.43 38.39 42.32
C ASN M 159 25.36 39.59 42.45
N LEU M 160 24.99 40.72 41.85
CA LEU M 160 25.81 41.93 41.94
C LEU M 160 25.56 42.69 43.23
N ALA M 161 24.91 42.05 44.20
CA ALA M 161 24.87 42.52 45.59
C ALA M 161 25.95 41.88 46.44
N ASP M 162 26.23 40.59 46.22
CA ASP M 162 27.33 39.91 46.87
C ASP M 162 28.64 40.56 46.43
N ASN M 163 29.64 40.56 47.31
CA ASN M 163 30.86 41.34 47.08
C ASN M 163 31.86 40.64 46.18
N GLU M 164 31.57 39.44 45.70
CA GLU M 164 32.44 38.79 44.73
C GLU M 164 32.10 39.26 43.32
N TRP M 165 33.13 39.64 42.57
CA TRP M 165 32.98 40.15 41.22
C TRP M 165 33.75 39.26 40.26
N ARG M 166 33.05 38.62 39.33
CA ARG M 166 33.71 37.72 38.38
C ARG M 166 34.44 38.51 37.30
N TRP M 167 33.84 39.59 36.82
CA TRP M 167 34.41 40.39 35.74
C TRP M 167 35.18 41.60 36.25
N GLY M 168 35.42 41.68 37.57
CA GLY M 168 36.03 42.84 38.17
C GLY M 168 35.02 43.72 38.87
N GLY M 169 35.47 44.34 39.97
CA GLY M 169 34.58 45.07 40.84
C GLY M 169 34.91 46.55 41.01
N ASP M 170 36.01 47.01 40.46
CA ASP M 170 36.36 48.41 40.58
C ASP M 170 35.36 49.26 39.80
N PRO M 171 35.23 50.55 40.15
CA PRO M 171 34.17 51.38 39.55
C PRO M 171 34.17 51.36 38.02
N GLN M 172 35.35 51.38 37.40
CA GLN M 172 35.40 51.36 35.94
C GLN M 172 34.86 50.04 35.40
N SER M 173 35.33 48.92 35.94
CA SER M 173 34.83 47.62 35.49
C SER M 173 33.33 47.53 35.66
N ILE M 174 32.79 48.22 36.67
CA ILE M 174 31.35 48.21 36.93
C ILE M 174 30.68 49.21 35.99
N GLU M 175 31.46 49.78 35.07
CA GLU M 175 30.88 50.62 34.02
C GLU M 175 31.15 49.98 32.66
N THR M 176 32.34 49.44 32.46
CA THR M 176 32.64 48.72 31.23
C THR M 176 31.83 47.45 31.08
N THR M 177 31.57 46.72 32.17
CA THR M 177 30.67 45.58 32.12
C THR M 177 29.28 46.00 31.69
N ILE M 178 28.81 47.13 32.20
CA ILE M 178 27.43 47.57 32.02
C ILE M 178 27.27 48.25 30.67
N LEU M 179 28.39 48.67 30.07
CA LEU M 179 28.34 49.41 28.81
C LEU M 179 28.73 48.55 27.61
N GLY M 180 29.93 47.97 27.64
CA GLY M 180 30.41 47.23 26.48
C GLY M 180 29.80 45.85 26.36
N GLY M 181 29.21 45.34 27.43
CA GLY M 181 28.70 43.99 27.42
C GLY M 181 29.83 43.00 27.58
N ARG M 182 29.55 41.83 28.17
CA ARG M 182 30.58 40.84 28.45
C ARG M 182 30.07 39.48 28.01
N HIS M 183 30.86 38.78 27.19
CA HIS M 183 30.55 37.43 26.75
C HIS M 183 31.63 36.50 27.30
N ALA M 184 31.40 35.96 28.49
CA ALA M 184 32.35 35.07 29.14
C ALA M 184 32.37 33.72 28.44
N ILE M 185 33.51 33.05 28.52
CA ILE M 185 33.72 31.79 27.83
C ILE M 185 34.24 30.76 28.82
N MET M 186 33.58 29.61 28.88
CA MET M 186 34.09 28.43 29.56
C MET M 186 34.05 27.28 28.56
N ALA M 187 35.22 26.88 28.08
CA ALA M 187 35.29 25.87 27.03
C ALA M 187 34.68 24.56 27.50
N ALA M 188 33.99 23.88 26.58
CA ALA M 188 33.38 22.60 26.90
C ALA M 188 34.46 21.55 27.13
N TRP M 189 34.74 21.22 28.39
CA TRP M 189 35.78 20.27 28.75
C TRP M 189 35.24 18.84 28.81
N GLY M 190 34.14 18.57 28.12
CA GLY M 190 33.52 17.25 28.15
C GLY M 190 34.42 16.15 27.63
N ASP M 191 34.74 16.19 26.33
CA ASP M 191 35.52 15.11 25.73
C ASP M 191 37.00 15.43 25.71
N ILE M 192 37.35 16.71 25.67
CA ILE M 192 38.75 17.13 25.64
C ILE M 192 39.43 16.62 26.90
N LEU M 193 38.64 16.44 27.96
CA LEU M 193 39.16 16.03 29.25
C LEU M 193 38.73 14.63 29.67
N GLY M 194 37.86 13.98 28.92
CA GLY M 194 37.37 12.66 29.27
C GLY M 194 36.08 12.74 30.07
N GLU M 195 35.12 11.91 29.67
CA GLU M 195 33.82 11.83 30.33
C GLU M 195 33.93 11.56 31.82
N ASP M 196 34.98 10.88 32.27
CA ASP M 196 35.20 10.65 33.69
C ASP M 196 36.05 11.72 34.35
N GLY M 197 36.92 12.40 33.58
CA GLY M 197 37.71 13.48 34.16
C GLY M 197 36.86 14.68 34.54
N VAL M 198 35.78 14.90 33.80
CA VAL M 198 34.86 16.00 34.08
C VAL M 198 34.07 15.70 35.36
N LYS M 199 34.13 14.45 35.81
CA LYS M 199 33.53 14.10 37.09
C LYS M 199 34.57 13.83 38.16
N ASN M 200 35.85 14.07 37.91
CA ASN M 200 36.90 13.95 38.92
C ASN M 200 37.36 15.33 39.39
N VAL M 201 37.78 16.17 38.45
CA VAL M 201 38.06 17.57 38.77
C VAL M 201 36.82 18.30 39.26
N ALA M 202 35.64 17.90 38.81
CA ALA M 202 34.40 18.42 39.37
C ALA M 202 34.35 18.18 40.87
N ALA M 203 34.86 17.04 41.32
CA ALA M 203 35.02 16.78 42.75
C ALA M 203 36.42 17.20 43.16
N TYR M 204 36.84 18.37 42.67
CA TYR M 204 38.00 19.05 43.22
C TYR M 204 37.66 20.52 43.43
N VAL M 205 36.66 21.02 42.71
CA VAL M 205 36.15 22.36 42.96
C VAL M 205 35.19 22.35 44.14
N ARG M 206 34.18 21.46 44.10
CA ARG M 206 33.25 21.28 45.21
C ARG M 206 33.95 20.81 46.48
N THR M 207 34.94 19.93 46.34
CA THR M 207 35.87 19.58 47.41
C THR M 207 36.91 20.70 47.51
N GLU M 208 38.11 20.38 47.99
CA GLU M 208 39.02 21.30 48.69
C GLU M 208 38.85 22.77 48.30
N LEU M 209 38.74 23.08 47.01
CA LEU M 209 38.55 24.47 46.60
C LEU M 209 37.34 25.10 47.28
N ALA M 210 36.14 24.58 46.99
CA ALA M 210 34.91 25.16 47.55
C ALA M 210 34.73 24.85 49.03
N GLY M 211 35.50 23.93 49.60
CA GLY M 211 35.36 23.62 51.01
C GLY M 211 34.03 22.99 51.37
N LEU M 212 33.56 22.07 50.52
CA LEU M 212 32.33 21.33 50.76
C LEU M 212 32.64 19.82 50.78
N LYS M 213 31.60 19.01 50.84
CA LYS M 213 31.71 17.56 50.92
C LYS M 213 30.99 16.94 49.73
N LEU M 214 31.66 15.99 49.06
CA LEU M 214 31.03 15.28 47.96
C LEU M 214 29.73 14.65 48.43
N PRO M 215 28.65 14.71 47.63
CA PRO M 215 27.36 14.16 48.08
C PRO M 215 27.53 12.77 48.66
N GLU M 216 27.24 12.61 49.94
CA GLU M 216 27.53 11.36 50.65
C GLU M 216 27.06 10.16 49.83
N GLY M 217 28.01 9.28 49.53
CA GLY M 217 27.76 8.15 48.67
C GLY M 217 28.26 8.29 47.25
N THR M 218 28.89 9.41 46.91
CA THR M 218 29.44 9.62 45.58
C THR M 218 30.91 9.22 45.56
N LYS M 219 31.49 9.13 44.37
CA LYS M 219 32.87 8.71 44.22
C LYS M 219 33.59 9.61 43.23
N ALA M 220 34.87 9.84 43.51
CA ALA M 220 35.74 10.62 42.64
C ALA M 220 37.19 10.44 43.08
N ASP M 221 38.11 11.20 42.46
CA ASP M 221 39.51 11.15 42.86
C ASP M 221 40.00 12.59 42.98
N VAL M 222 40.20 13.03 44.22
CA VAL M 222 40.61 14.42 44.46
C VAL M 222 42.00 14.66 43.89
N GLU M 223 42.88 13.65 43.98
CA GLU M 223 44.24 13.81 43.48
C GLU M 223 44.24 13.99 41.96
N ALA M 224 43.56 13.11 41.23
CA ALA M 224 43.45 13.27 39.79
C ALA M 224 42.72 14.56 39.45
N GLY M 225 41.72 14.93 40.26
CA GLY M 225 41.06 16.20 40.03
C GLY M 225 42.03 17.37 40.07
N LYS M 226 42.91 17.39 41.07
CA LYS M 226 43.89 18.45 41.17
C LYS M 226 44.93 18.39 40.06
N GLN M 227 45.35 17.20 39.65
CA GLN M 227 46.30 17.07 38.56
C GLN M 227 45.72 17.51 37.22
N ILE M 228 44.41 17.37 37.04
CA ILE M 228 43.70 18.02 35.94
C ILE M 228 43.64 19.53 36.11
N PHE M 229 43.31 19.97 37.33
CA PHE M 229 43.13 21.40 37.59
C PHE M 229 44.40 22.16 37.24
N SER M 230 45.54 21.70 37.76
CA SER M 230 46.79 22.41 37.59
C SER M 230 47.29 22.41 36.15
N VAL M 231 46.72 21.57 35.29
CA VAL M 231 47.19 21.47 33.91
C VAL M 231 46.28 22.24 32.97
N ASN M 232 45.01 21.85 32.89
CA ASN M 232 44.12 22.44 31.87
C ASN M 232 43.01 23.29 32.47
N CYS M 233 43.21 23.81 33.67
CA CYS M 233 42.11 24.47 34.39
C CYS M 233 42.56 25.78 35.04
N VAL M 234 43.87 25.93 35.25
CA VAL M 234 44.43 27.06 36.00
C VAL M 234 44.82 28.25 35.13
N ALA M 235 44.87 28.11 33.81
CA ALA M 235 45.35 29.20 32.98
C ALA M 235 44.50 30.46 33.17
N CYS M 236 43.22 30.38 32.81
CA CYS M 236 42.36 31.57 32.90
C CYS M 236 41.55 31.59 34.19
N HIS M 237 41.71 30.56 35.04
CA HIS M 237 41.28 30.66 36.43
C HIS M 237 42.49 31.01 37.29
N GLY M 238 42.34 30.98 38.60
CA GLY M 238 43.43 31.23 39.49
C GLY M 238 44.18 29.95 39.83
N PRO M 239 45.49 30.06 40.14
CA PRO M 239 46.22 28.85 40.55
C PRO M 239 45.67 28.19 41.79
N GLU M 240 45.04 28.95 42.70
CA GLU M 240 44.30 28.38 43.80
C GLU M 240 42.81 28.33 43.51
N GLY M 241 42.42 28.47 42.25
CA GLY M 241 41.01 28.52 41.89
C GLY M 241 40.29 29.73 42.42
N LYS M 242 40.91 30.92 42.36
CA LYS M 242 40.30 32.13 42.89
C LYS M 242 40.14 33.21 41.82
N GLY M 243 40.16 32.81 40.54
CA GLY M 243 39.66 33.66 39.50
C GLY M 243 40.62 34.68 38.90
N THR M 244 40.58 34.79 37.56
CA THR M 244 41.22 35.87 36.84
C THR M 244 40.10 36.82 36.40
N ALA M 245 40.06 38.01 37.00
CA ALA M 245 38.88 38.87 36.87
C ALA M 245 38.71 39.45 35.47
N LEU M 246 39.72 39.35 34.61
CA LEU M 246 39.68 39.98 33.29
C LEU M 246 39.24 39.00 32.20
N VAL M 247 38.98 37.74 32.54
CA VAL M 247 38.27 36.83 31.64
C VAL M 247 36.87 36.54 32.12
N GLY M 248 36.44 37.13 33.24
CA GLY M 248 35.18 36.77 33.85
C GLY M 248 35.23 35.48 34.63
N ALA M 249 36.44 34.99 34.93
CA ALA M 249 36.58 33.74 35.65
C ALA M 249 36.19 33.93 37.11
N PRO M 250 35.20 33.17 37.62
CA PRO M 250 34.76 33.38 39.00
C PRO M 250 35.70 32.82 40.05
N ASN M 251 35.27 32.91 41.30
CA ASN M 251 35.99 32.38 42.45
C ASN M 251 35.50 30.95 42.66
N LEU M 252 36.37 29.97 42.38
CA LEU M 252 35.97 28.58 42.53
C LEU M 252 36.15 28.07 43.95
N THR M 253 36.57 28.92 44.89
CA THR M 253 36.69 28.56 46.29
C THR M 253 35.53 29.07 47.13
N ASN M 254 34.64 29.86 46.53
CA ASN M 254 33.50 30.44 47.24
C ASN M 254 32.21 30.01 46.53
N PRO M 255 31.44 29.06 47.10
CA PRO M 255 30.18 28.63 46.48
C PRO M 255 29.02 29.59 46.71
N GLY M 256 29.31 30.89 46.65
CA GLY M 256 28.28 31.91 46.62
C GLY M 256 28.38 32.74 45.37
N ALA M 257 29.58 32.79 44.77
CA ALA M 257 29.76 33.46 43.49
C ALA M 257 29.33 32.60 42.32
N PHE M 258 29.12 31.29 42.53
CA PHE M 258 28.71 30.40 41.45
C PHE M 258 27.32 30.81 40.96
N ILE M 259 27.24 31.26 39.70
CA ILE M 259 25.96 31.58 39.10
C ILE M 259 25.36 30.38 38.37
N TYR M 260 26.08 29.26 38.31
CA TYR M 260 25.63 28.07 37.59
C TYR M 260 25.54 26.87 38.53
N GLY M 261 25.36 27.13 39.83
CA GLY M 261 25.18 26.07 40.80
C GLY M 261 26.48 25.64 41.45
N SER M 262 26.34 24.84 42.50
CA SER M 262 27.48 24.36 43.28
C SER M 262 27.45 22.87 43.59
N SER M 263 26.33 22.18 43.41
CA SER M 263 26.26 20.76 43.72
C SER M 263 27.12 19.95 42.77
N TYR M 264 27.44 18.73 43.16
CA TYR M 264 28.13 17.78 42.27
C TYR M 264 27.07 17.02 41.49
N ALA M 265 26.11 17.78 40.97
CA ALA M 265 25.29 17.38 39.83
C ALA M 265 25.16 18.56 38.87
N GLN M 266 25.51 19.75 39.35
CA GLN M 266 25.45 20.97 38.55
C GLN M 266 26.83 21.50 38.19
N LEU M 267 27.87 21.12 38.93
CA LEU M 267 29.24 21.52 38.62
C LEU M 267 29.83 20.77 37.45
N GLN M 268 29.44 19.50 37.25
CA GLN M 268 29.85 18.78 36.05
C GLN M 268 29.32 19.43 34.79
N GLN M 269 28.06 19.86 34.78
CA GLN M 269 27.45 20.48 33.61
C GLN M 269 28.26 21.71 33.22
N THR M 270 28.66 22.51 34.21
CA THR M 270 29.57 23.62 33.95
C THR M 270 30.87 23.12 33.34
N ILE M 271 31.34 21.96 33.80
CA ILE M 271 32.63 21.43 33.37
C ILE M 271 32.51 20.44 32.22
N ARG M 272 31.30 20.13 31.77
CA ARG M 272 31.13 19.16 30.69
C ARG M 272 30.68 19.84 29.40
N HIS M 273 29.56 20.55 29.47
CA HIS M 273 28.97 21.10 28.25
C HIS M 273 29.38 22.56 28.06
N GLY M 274 30.07 23.14 29.02
CA GLY M 274 30.53 24.50 28.91
C GLY M 274 29.46 25.50 29.33
N ARG M 275 29.90 26.70 29.67
CA ARG M 275 29.00 27.79 30.03
C ARG M 275 29.54 29.08 29.44
N GLN M 276 28.71 29.76 28.65
CA GLN M 276 29.12 30.96 27.93
C GLN M 276 28.10 32.05 28.23
N GLY M 277 28.28 32.74 29.34
CA GLY M 277 27.33 33.73 29.83
C GLY M 277 27.56 35.08 29.16
N GLN M 278 26.47 35.79 28.90
CA GLN M 278 26.51 37.07 28.19
C GLN M 278 25.92 38.17 29.08
N MET M 279 26.63 39.29 29.17
CA MET M 279 26.08 40.51 29.73
C MET M 279 25.61 41.39 28.57
N PRO M 280 24.31 41.59 28.39
CA PRO M 280 23.85 42.43 27.26
C PRO M 280 24.51 43.81 27.28
N ALA M 281 25.25 44.13 26.22
CA ALA M 281 25.80 45.46 26.09
C ALA M 281 24.68 46.50 26.18
N GLN M 282 24.73 47.30 27.25
CA GLN M 282 23.62 48.19 27.58
C GLN M 282 23.86 49.62 27.13
N GLU M 283 24.73 49.82 26.14
CA GLU M 283 24.92 51.13 25.55
C GLU M 283 23.79 51.47 24.59
N PRO M 284 23.50 50.61 23.61
CA PRO M 284 22.50 50.99 22.60
C PRO M 284 21.10 51.18 23.18
N TYR M 285 20.63 50.24 24.00
CA TYR M 285 19.23 50.27 24.43
C TYR M 285 18.99 51.33 25.49
N LEU M 286 20.04 51.81 26.16
CA LEU M 286 19.90 52.80 27.21
C LEU M 286 20.65 54.09 26.91
N GLY M 287 21.85 53.99 26.36
CA GLY M 287 22.64 55.15 26.00
C GLY M 287 23.99 55.10 26.69
N LYS M 288 24.53 56.28 26.97
CA LYS M 288 25.79 56.41 27.69
C LYS M 288 25.59 57.09 29.04
N GLU M 289 24.51 57.84 29.23
CA GLU M 289 24.28 58.59 30.46
C GLU M 289 23.37 57.87 31.44
N LYS M 290 22.26 57.29 30.97
CA LYS M 290 21.44 56.44 31.81
C LYS M 290 22.19 55.22 32.30
N VAL M 291 23.28 54.86 31.64
CA VAL M 291 24.04 53.66 31.91
C VAL M 291 25.25 53.95 32.79
N HIS M 292 25.52 55.24 33.05
CA HIS M 292 26.58 55.65 33.96
C HIS M 292 26.08 55.78 35.38
N ILE M 293 24.78 55.90 35.60
CA ILE M 293 24.17 55.84 36.92
C ILE M 293 23.80 54.41 37.29
N LEU M 294 23.42 53.60 36.31
CA LEU M 294 23.25 52.17 36.54
C LEU M 294 24.59 51.56 36.91
N ALA M 295 25.68 52.27 36.60
CA ALA M 295 27.02 51.87 37.03
C ALA M 295 27.32 52.33 38.44
N ALA M 296 26.52 53.24 39.00
CA ALA M 296 26.68 53.66 40.39
C ALA M 296 25.72 52.96 41.35
N TYR M 297 24.49 52.63 40.93
CA TYR M 297 23.58 51.89 41.79
C TYR M 297 24.13 50.52 42.16
N ILE M 298 24.98 49.93 41.32
CA ILE M 298 25.64 48.66 41.65
C ILE M 298 26.86 48.88 42.52
N TYR M 299 27.39 50.10 42.60
CA TYR M 299 28.51 50.41 43.47
C TYR M 299 28.05 50.84 44.86
N ASN M 300 26.72 51.00 45.05
CA ASN M 300 26.17 51.22 46.38
C ASN M 300 25.11 50.19 46.76
N LEU M 301 24.93 49.14 45.96
CA LEU M 301 24.16 47.98 46.38
C LEU M 301 25.04 46.94 47.03
N SER M 302 26.31 46.84 46.61
CA SER M 302 27.25 45.89 47.19
C SER M 302 28.44 46.58 47.83
N HIS M 303 29.12 47.47 47.10
CA HIS M 303 30.40 48.00 47.56
C HIS M 303 30.23 48.97 48.72
N ASN M 304 29.07 49.57 48.89
CA ASN M 304 28.83 50.50 49.99
C ASN M 304 27.47 50.23 50.63
#